data_8GWA
#
_entry.id   8GWA
#
_cell.length_a   1.00
_cell.length_b   1.00
_cell.length_c   1.00
_cell.angle_alpha   90.00
_cell.angle_beta   90.00
_cell.angle_gamma   90.00
#
_symmetry.space_group_name_H-M   'P 1'
#
loop_
_entity.id
_entity.type
_entity.pdbx_description
1 polymer 'Bacteriochlorophyll a protein'
2 polymer 'P840 reaction center 17 kDa protein'
3 polymer 'Photosystem P840 reaction center iron-sulfur protein'
4 polymer 'Photosystem P840 reaction center, large subunit'
5 polymer 'unkown protein'
6 polymer 'Ric1 protein'
7 polymer 'Cytochrome c'
8 non-polymer 'BACTERIOCHLOROPHYLL A'
9 non-polymer CARDIOLIPIN
10 non-polymer 'IRON/SULFUR CLUSTER'
11 non-polymer 'Bacteriochlorophyll A isomer'
12 non-polymer 'Chlorophyll A ester'
13 non-polymer '[(2R,3S,4S,5R,6R)-6-[(10E,12E,14E)-2,6,10,14,19,23-hexamethyl-25-(2,3,6-trimethylphenyl)pentacosa-6,8,10,12,14,16,18,20,22,24-decaen-2-yl]oxy-3,4,5-tris(oxidanyl)oxan-2-yl]methyl dodecanoate'
14 non-polymer 1,2-DIPALMITOYL-PHOSPHATIDYL-GLYCEROLE
15 non-polymer 1,2-DISTEAROYL-MONOGALACTOSYL-DIGLYCERIDE
16 non-polymer 'CALCIUM ION'
17 non-polymer 2-[(1E,3E,5E,7E,9E,11E,13E,15E,17E,19E)-3,7,12,16,20,24-hexamethylpentacosa-1,3,5,7,9,11,13,15,17,19,23-undecaenyl]-1,3,4-trimethyl-benzene
#
loop_
_entity_poly.entity_id
_entity_poly.type
_entity_poly.pdbx_seq_one_letter_code
_entity_poly.pdbx_strand_id
1 'polypeptide(L)'
;MALFGSNDVTTAHSDYEIVLEGGSSSWGKVKARAKVNAPPASPLLPADCDVKLNVKPLDPAKGFVRISAVFESIVDSTKN
KLTIEADIANETKERRISVGEGMVSVGDFSHTFSFEGSVVNLFYYRSDAVRRNVPNPIYMQGRQFHDILMKVPLDNNDLI
DTWEGTVKAIGSTGAFNDWIRDFWFIGPAFTALNEGGQRISRIEVNGLNTESGPKGPVGVSRWRFSHGGSGMVDSISRWA
ELFPSDKLNRPAQVEAGFRSDSQGIEVKVDGEFPGVSVDAGGGLRRILNHPLIPLVHHGMVGKFNNFNVDAQLKVVLPKG
YKIRYAAPQYRSQNLEEYRWSGGAYARWVEHVCKGGVGQFEILYAQ
;
1,3,2,4,6,5
2 'polypeptide(L)'
;MQPQLSRPQTASNQVRKAVSGPWSGNAVHKAEKYFITSAKRDRDGKLQIELVPASGRRKLSPTPEMIRRLIDGEIEIYIL
TTQPDIAIDMNKEIIDMENRYVIDFDKRGVKWTMREIPVFYHEGKGLCVELHNKIYTLDQFFK
;
D
3 'polypeptide(L)'
;MAEPVENKNQAPAPGAKVPPKGAPAAPKAGAPAAPKGPVAPKAGAPAAKTGASAAKQAGKPRLASLGVTLGRSGVRQESA
LPYVKPKAVPPPKPAAPAAKGAPAPKGAPAAPAAKAAPGAPVAKAAPKAKKHYFIIENLCVGCGLCLDKCPPKVNAIGYK
FYGDVQEGGFRCYIDQAACISCSACFSGDECPSGALIEVLPDGEVLDFSYTPPERLDFDLRFLHRFHREA
;
B
4 'polypeptide(L)'
;MAEQVKPAGVKPKGTVPPPKGNAPAPKANGAPGGASVIKEQDAAKMRRFLFQRTETRSTKWYQIFDTEKLDDEQVVGGHL
ALLGVLGFIMGIYYISGIQVFPWGAPGFHDNWFYLTIKPRMVSLGIDTYSTKTADLEAAGARLLGWAAFHFLVGSVLIFG
GWRHWTHNLTNPFTGRCGNFRDFRFLGKFGDVVFNGTSAKSYKEALGPHAVYMSLLFLGWGIVMWAILGFAPIPDFQTIN
SETFMSFVFAVIFFALGIYWWNNPPNAAIHLNDDMKAAFSVHLTAIGYINIALGCIAFVAFQQPSFAPYYKELDKLVFYL
YGEPFNRVSFNFVEQGGKVISGAKEFADFPAYAILPKSGEAFGMARVVTNLIVFNHIICGVLYVFAGVYHGGQYLLKIQL
NGMYNQIKSIWITKGRDQEVQVKILGTVMALCFATMLSVYAVIVWNTICELNIFGTNITMSFYWLKPLPIFQWMFADPSI
NDWVMAHVITAGSLFSLIALVRIAFFAHTSPLWDDLGLKKNSYSFPCLGPVYGGTCGVSIQDQLWFAMLWGIKGLSAVCW
YIDGAWIASMMYGVPAADAKAWDSIAHLHHHYTSGIFYYFWTETVTIFSSSHLSTILMIGHLVWFISFAVWFEDRGSRLE
GADIQTRTIRWLGKKFLNRDVNFRFPVLTISDSKLAGTFLYFGGTFMLVFLFLANGFYQTNSPLPPPVSHAAVSGQQMLA
QLVDTLMKMIA
;
A,a
5 'polypeptide(L)'
;(UNK)(UNK)(UNK)(UNK)(UNK)(UNK)(UNK)(UNK)(UNK)(UNK)(UNK)(UNK)(UNK)(UNK)(UNK)(UNK)
(UNK)(UNK)(UNK)(UNK)(UNK)(UNK)(UNK)(UNK)(UNK)(UNK)(UNK)(UNK)(UNK)(UNK)(UNK)(UNK)
(UNK)(UNK)(UNK)(UNK)(UNK)(UNK)(UNK)(UNK)(UNK)(UNK)(UNK)(UNK)(UNK)(UNK)(UNK)(UNK)
(UNK)(UNK)(UNK)(UNK)(UNK)(UNK)(UNK)(UNK)(UNK)(UNK)
;
E
6 'polypeptide(L)' MDIRRLILAFILPPAAVMNKEAGTIMLTGILTLWGWIPGVVAALIMISKEQSGKTAEA F
7 'polypeptide(L)'
;MDKNSNGKLIALAVGGAVLMGALFFSVSFLTGYIPAPNHSAILTPLRSFMGWFLLIFCASIIIMGLGKMSSAISDKWFLS
FPLSIFVIVMVMFLSLRVYWEKGRTTTVDGKYIRTTAELKEFLNKPAATSDVPPAPAGFDFDAAKKLVDVRCNKCHTLDS
VADLFRTKYKKTGQVNLIVKRMQGFPGSGISDDDAKTIGIWLHEKF
;
C,c
#
# COMPACT_ATOMS: atom_id res chain seq x y z
N GLY A 5 -24.33 -49.19 -3.30
CA GLY A 5 -24.10 -48.15 -2.30
C GLY A 5 -24.10 -46.75 -2.89
N SER A 6 -23.11 -45.95 -2.48
CA SER A 6 -22.97 -44.60 -2.96
C SER A 6 -22.00 -44.55 -4.15
N ASN A 7 -21.79 -43.35 -4.66
CA ASN A 7 -20.85 -43.10 -5.75
C ASN A 7 -20.21 -41.74 -5.51
N ASP A 8 -19.47 -41.26 -6.52
CA ASP A 8 -18.93 -39.91 -6.45
C ASP A 8 -20.07 -38.90 -6.51
N VAL A 9 -19.98 -37.88 -5.67
CA VAL A 9 -21.09 -36.94 -5.51
C VAL A 9 -20.99 -35.83 -6.55
N THR A 10 -19.93 -35.03 -6.45
CA THR A 10 -19.66 -33.92 -7.37
C THR A 10 -20.94 -33.10 -7.62
N THR A 11 -21.40 -32.50 -6.53
CA THR A 11 -22.69 -31.83 -6.56
C THR A 11 -22.65 -30.59 -7.44
N ALA A 12 -23.82 -30.23 -7.97
CA ALA A 12 -23.98 -29.03 -8.77
C ALA A 12 -25.25 -28.31 -8.35
N HIS A 13 -25.19 -26.99 -8.28
CA HIS A 13 -26.31 -26.17 -7.85
C HIS A 13 -26.71 -25.22 -8.96
N SER A 14 -28.02 -24.99 -9.09
CA SER A 14 -28.53 -24.13 -10.15
C SER A 14 -29.91 -23.62 -9.79
N ASP A 15 -30.16 -22.35 -10.10
CA ASP A 15 -31.47 -21.72 -9.94
C ASP A 15 -31.92 -21.16 -11.28
N TYR A 16 -33.22 -21.28 -11.55
CA TYR A 16 -33.81 -20.75 -12.77
C TYR A 16 -35.09 -20.01 -12.43
N GLU A 17 -35.30 -18.87 -13.07
CA GLU A 17 -36.50 -18.07 -12.88
C GLU A 17 -37.06 -17.65 -14.22
N ILE A 18 -38.38 -17.75 -14.36
CA ILE A 18 -39.09 -17.28 -15.55
C ILE A 18 -40.20 -16.35 -15.08
N VAL A 19 -40.14 -15.10 -15.54
CA VAL A 19 -41.13 -14.09 -15.19
C VAL A 19 -41.84 -13.69 -16.47
N LEU A 20 -43.05 -14.19 -16.66
CA LEU A 20 -43.78 -14.04 -17.90
C LEU A 20 -44.52 -12.71 -17.95
N GLU A 21 -44.88 -12.29 -19.17
CA GLU A 21 -45.59 -11.05 -19.40
C GLU A 21 -47.06 -11.34 -19.68
N GLY A 22 -47.93 -10.45 -19.22
CA GLY A 22 -49.37 -10.65 -19.32
C GLY A 22 -49.92 -10.37 -20.71
N GLY A 23 -51.23 -10.59 -20.83
CA GLY A 23 -51.91 -10.38 -22.08
C GLY A 23 -51.52 -11.41 -23.13
N SER A 24 -51.49 -10.97 -24.38
CA SER A 24 -51.09 -11.82 -25.50
C SER A 24 -49.60 -11.74 -25.78
N SER A 25 -48.84 -11.00 -24.98
CA SER A 25 -47.41 -10.87 -25.19
C SER A 25 -46.69 -12.19 -24.91
N SER A 26 -45.64 -12.44 -25.69
CA SER A 26 -44.79 -13.60 -25.50
C SER A 26 -43.51 -13.27 -24.74
N TRP A 27 -43.43 -12.08 -24.15
CA TRP A 27 -42.23 -11.66 -23.46
C TRP A 27 -42.09 -12.41 -22.14
N GLY A 28 -40.88 -12.36 -21.59
CA GLY A 28 -40.62 -12.97 -20.31
C GLY A 28 -39.20 -12.81 -19.82
N LYS A 29 -39.04 -12.46 -18.55
CA LYS A 29 -37.71 -12.39 -17.96
C LYS A 29 -37.19 -13.79 -17.69
N VAL A 30 -35.97 -14.06 -18.14
CA VAL A 30 -35.33 -15.35 -17.95
C VAL A 30 -33.96 -15.12 -17.33
N LYS A 31 -33.75 -15.66 -16.14
CA LYS A 31 -32.44 -15.63 -15.51
C LYS A 31 -32.13 -16.99 -14.93
N ALA A 32 -30.85 -17.37 -15.00
CA ALA A 32 -30.42 -18.70 -14.58
C ALA A 32 -29.02 -18.60 -14.00
N ARG A 33 -28.88 -18.97 -12.74
CA ARG A 33 -27.59 -19.08 -12.08
C ARG A 33 -27.27 -20.54 -11.84
N ALA A 34 -25.99 -20.89 -11.96
CA ALA A 34 -25.59 -22.28 -11.83
C ALA A 34 -24.15 -22.35 -11.34
N LYS A 35 -23.85 -23.43 -10.62
CA LYS A 35 -22.49 -23.69 -10.15
C LYS A 35 -22.27 -25.19 -10.15
N VAL A 36 -21.25 -25.65 -10.86
CA VAL A 36 -20.93 -27.06 -11.00
C VAL A 36 -19.55 -27.29 -10.43
N ASN A 37 -19.43 -28.22 -9.50
CA ASN A 37 -18.13 -28.55 -8.90
C ASN A 37 -17.45 -29.69 -9.65
N ALA A 38 -17.32 -29.55 -10.97
CA ALA A 38 -16.70 -30.57 -11.80
C ALA A 38 -15.78 -29.90 -12.82
N PRO A 39 -14.67 -30.55 -13.18
CA PRO A 39 -13.78 -29.97 -14.18
C PRO A 39 -14.44 -29.89 -15.53
N PRO A 40 -14.36 -28.75 -16.20
CA PRO A 40 -14.88 -28.63 -17.57
C PRO A 40 -14.00 -29.36 -18.57
N ALA A 41 -14.60 -29.70 -19.70
CA ALA A 41 -13.86 -30.37 -20.78
C ALA A 41 -13.26 -29.37 -21.75
N SER A 42 -12.51 -28.41 -21.20
CA SER A 42 -11.77 -27.45 -22.00
C SER A 42 -10.28 -27.74 -21.86
N PRO A 43 -9.60 -28.12 -22.94
CA PRO A 43 -8.17 -28.46 -22.81
C PRO A 43 -7.30 -27.28 -22.44
N LEU A 44 -7.81 -26.06 -22.52
CA LEU A 44 -7.13 -24.87 -22.01
C LEU A 44 -7.96 -24.29 -20.88
N LEU A 45 -7.37 -24.21 -19.69
CA LEU A 45 -8.08 -23.72 -18.52
C LEU A 45 -7.19 -22.77 -17.73
N PRO A 46 -7.77 -21.78 -17.04
CA PRO A 46 -9.21 -21.49 -17.01
C PRO A 46 -9.70 -20.79 -18.27
N ALA A 47 -10.98 -20.95 -18.58
CA ALA A 47 -11.59 -20.35 -19.77
C ALA A 47 -12.83 -19.58 -19.34
N ASP A 48 -12.66 -18.28 -19.12
CA ASP A 48 -13.75 -17.43 -18.65
C ASP A 48 -14.33 -16.67 -19.84
N CYS A 49 -15.65 -16.47 -19.81
CA CYS A 49 -16.34 -15.81 -20.91
C CYS A 49 -17.46 -14.94 -20.37
N ASP A 50 -17.65 -13.77 -21.00
CA ASP A 50 -18.74 -12.87 -20.67
C ASP A 50 -19.45 -12.50 -21.97
N VAL A 51 -20.77 -12.62 -21.97
CA VAL A 51 -21.57 -12.50 -23.18
C VAL A 51 -22.66 -11.46 -22.97
N LYS A 52 -22.85 -10.58 -23.95
CA LYS A 52 -23.92 -9.58 -23.92
C LYS A 52 -24.59 -9.54 -25.27
N LEU A 53 -25.88 -9.85 -25.31
CA LEU A 53 -26.70 -9.73 -26.51
C LEU A 53 -27.77 -8.67 -26.29
N ASN A 54 -27.88 -7.73 -27.21
CA ASN A 54 -28.88 -6.68 -27.15
C ASN A 54 -29.54 -6.52 -28.51
N VAL A 55 -30.86 -6.39 -28.52
CA VAL A 55 -31.63 -6.14 -29.73
C VAL A 55 -32.61 -5.01 -29.47
N LYS A 56 -32.70 -4.09 -30.43
CA LYS A 56 -33.70 -3.04 -30.39
C LYS A 56 -34.36 -2.96 -31.77
N PRO A 57 -35.66 -2.63 -31.82
CA PRO A 57 -36.35 -2.56 -33.11
C PRO A 57 -35.98 -1.30 -33.87
N LEU A 58 -35.32 -1.47 -35.03
CA LEU A 58 -35.00 -0.33 -35.87
C LEU A 58 -36.26 0.33 -36.40
N ASP A 59 -37.16 -0.46 -36.98
CA ASP A 59 -38.42 0.04 -37.52
C ASP A 59 -39.39 -1.11 -37.76
N PRO A 60 -40.68 -0.92 -37.46
CA PRO A 60 -41.67 -1.96 -37.74
C PRO A 60 -42.22 -1.94 -39.16
N ALA A 61 -41.72 -1.04 -40.02
CA ALA A 61 -42.21 -0.98 -41.40
C ALA A 61 -41.88 -2.26 -42.16
N LYS A 62 -40.65 -2.75 -42.01
CA LYS A 62 -40.23 -3.96 -42.71
C LYS A 62 -39.42 -4.87 -41.81
N GLY A 63 -39.61 -4.75 -40.50
CA GLY A 63 -39.06 -5.68 -39.53
C GLY A 63 -37.54 -5.79 -39.44
N PHE A 64 -36.83 -4.67 -39.46
CA PHE A 64 -35.42 -4.64 -39.12
C PHE A 64 -35.26 -4.43 -37.62
N VAL A 65 -34.38 -5.23 -37.02
CA VAL A 65 -34.05 -5.11 -35.60
C VAL A 65 -32.54 -4.97 -35.48
N ARG A 66 -32.09 -4.03 -34.66
CA ARG A 66 -30.67 -3.80 -34.45
C ARG A 66 -30.17 -4.74 -33.36
N ILE A 67 -29.37 -5.73 -33.75
CA ILE A 67 -28.90 -6.76 -32.83
C ILE A 67 -27.39 -6.64 -32.68
N SER A 68 -26.92 -6.62 -31.44
CA SER A 68 -25.50 -6.57 -31.12
C SER A 68 -25.16 -7.70 -30.16
N ALA A 69 -23.94 -8.22 -30.29
CA ALA A 69 -23.48 -9.30 -29.43
C ALA A 69 -22.00 -9.10 -29.14
N VAL A 70 -21.66 -9.06 -27.86
CA VAL A 70 -20.28 -8.88 -27.42
C VAL A 70 -19.86 -10.13 -26.66
N PHE A 71 -18.87 -10.84 -27.20
CA PHE A 71 -18.28 -12.01 -26.55
C PHE A 71 -16.87 -11.62 -26.13
N GLU A 72 -16.66 -11.40 -24.84
CA GLU A 72 -15.35 -11.08 -24.29
C GLU A 72 -14.95 -12.22 -23.37
N SER A 73 -13.83 -12.87 -23.68
CA SER A 73 -13.45 -14.10 -23.00
C SER A 73 -11.96 -14.08 -22.71
N ILE A 74 -11.56 -14.88 -21.71
CA ILE A 74 -10.16 -15.14 -21.41
C ILE A 74 -9.97 -16.64 -21.28
N VAL A 75 -9.06 -17.20 -22.06
CA VAL A 75 -8.74 -18.62 -22.02
C VAL A 75 -7.23 -18.76 -21.88
N ASP A 76 -6.78 -19.33 -20.76
CA ASP A 76 -5.36 -19.47 -20.46
C ASP A 76 -4.64 -18.14 -20.56
N SER A 77 -5.22 -17.13 -19.91
CA SER A 77 -4.67 -15.78 -19.83
C SER A 77 -4.58 -15.10 -21.20
N THR A 78 -5.38 -15.56 -22.15
CA THR A 78 -5.47 -14.96 -23.47
C THR A 78 -6.81 -14.24 -23.57
N LYS A 79 -6.78 -12.91 -23.59
CA LYS A 79 -7.99 -12.10 -23.56
C LYS A 79 -8.60 -12.08 -24.95
N ASN A 80 -9.65 -12.86 -25.16
CA ASN A 80 -10.35 -12.94 -26.43
C ASN A 80 -11.58 -12.03 -26.41
N LYS A 81 -11.89 -11.46 -27.57
CA LYS A 81 -13.08 -10.64 -27.69
C LYS A 81 -13.59 -10.69 -29.10
N LEU A 82 -14.91 -10.68 -29.25
CA LEU A 82 -15.55 -10.69 -30.56
C LEU A 82 -16.87 -9.93 -30.45
N THR A 83 -16.90 -8.75 -31.07
CA THR A 83 -18.08 -7.89 -31.07
C THR A 83 -18.70 -7.90 -32.46
N ILE A 84 -20.04 -7.96 -32.51
CA ILE A 84 -20.76 -7.88 -33.78
C ILE A 84 -21.89 -6.88 -33.64
N GLU A 85 -22.25 -6.29 -34.78
CA GLU A 85 -23.43 -5.44 -34.90
C GLU A 85 -24.11 -5.80 -36.21
N ALA A 86 -25.42 -6.00 -36.16
CA ALA A 86 -26.13 -6.49 -37.33
C ALA A 86 -27.54 -5.92 -37.39
N ASP A 87 -28.03 -5.74 -38.60
CA ASP A 87 -29.40 -5.34 -38.87
C ASP A 87 -30.08 -6.47 -39.63
N ILE A 88 -30.93 -7.22 -38.95
CA ILE A 88 -31.52 -8.45 -39.49
C ILE A 88 -33.01 -8.25 -39.68
N ALA A 89 -33.53 -8.71 -40.82
CA ALA A 89 -34.94 -8.57 -41.14
C ALA A 89 -35.41 -9.79 -41.91
N ASN A 90 -36.69 -10.13 -41.74
CA ASN A 90 -37.35 -11.18 -42.51
C ASN A 90 -38.06 -10.54 -43.69
N GLU A 91 -37.42 -10.55 -44.86
CA GLU A 91 -38.07 -10.02 -46.05
C GLU A 91 -39.15 -10.95 -46.58
N THR A 92 -39.18 -12.21 -46.14
CA THR A 92 -40.28 -13.12 -46.41
C THR A 92 -40.27 -14.20 -45.35
N LYS A 93 -41.20 -15.15 -45.48
CA LYS A 93 -41.35 -16.18 -44.45
C LYS A 93 -40.24 -17.23 -44.53
N GLU A 94 -39.53 -17.33 -45.66
CA GLU A 94 -38.48 -18.33 -45.82
C GLU A 94 -37.08 -17.75 -45.89
N ARG A 95 -36.93 -16.46 -46.14
CA ARG A 95 -35.63 -15.84 -46.36
C ARG A 95 -35.38 -14.73 -45.34
N ARG A 96 -34.16 -14.67 -44.83
CA ARG A 96 -33.74 -13.65 -43.89
C ARG A 96 -32.55 -12.91 -44.48
N ILE A 97 -32.51 -11.59 -44.24
CA ILE A 97 -31.43 -10.74 -44.74
C ILE A 97 -30.82 -10.00 -43.56
N SER A 98 -29.49 -9.96 -43.51
CA SER A 98 -28.78 -9.28 -42.43
C SER A 98 -27.60 -8.50 -43.01
N VAL A 99 -27.46 -7.26 -42.56
CA VAL A 99 -26.31 -6.42 -42.91
C VAL A 99 -25.77 -5.82 -41.62
N GLY A 100 -24.46 -5.87 -41.46
CA GLY A 100 -23.87 -5.35 -40.25
C GLY A 100 -22.36 -5.50 -40.25
N GLU A 101 -21.75 -5.13 -39.13
CA GLU A 101 -20.31 -5.13 -39.01
C GLU A 101 -19.91 -5.58 -37.61
N GLY A 102 -18.66 -5.98 -37.47
CA GLY A 102 -18.15 -6.40 -36.18
C GLY A 102 -16.64 -6.47 -36.18
N MET A 103 -16.10 -7.04 -35.11
CA MET A 103 -14.66 -7.20 -34.99
C MET A 103 -14.36 -8.35 -34.03
N VAL A 104 -13.16 -8.91 -34.16
CA VAL A 104 -12.67 -9.96 -33.26
C VAL A 104 -11.25 -9.60 -32.85
N SER A 105 -10.97 -9.70 -31.55
CA SER A 105 -9.64 -9.40 -31.02
C SER A 105 -9.18 -10.52 -30.10
N VAL A 106 -7.93 -10.95 -30.30
CA VAL A 106 -7.32 -12.00 -29.49
C VAL A 106 -5.93 -11.52 -29.11
N GLY A 107 -5.73 -11.25 -27.83
CA GLY A 107 -4.43 -10.74 -27.40
C GLY A 107 -4.13 -9.43 -28.09
N ASP A 108 -2.99 -9.38 -28.78
CA ASP A 108 -2.67 -8.19 -29.56
C ASP A 108 -3.49 -8.11 -30.85
N PHE A 109 -3.71 -9.23 -31.52
CA PHE A 109 -4.35 -9.22 -32.82
C PHE A 109 -5.80 -8.77 -32.72
N SER A 110 -6.26 -8.08 -33.76
CA SER A 110 -7.66 -7.67 -33.88
C SER A 110 -7.93 -7.33 -35.33
N HIS A 111 -9.10 -7.75 -35.82
CA HIS A 111 -9.52 -7.38 -37.16
C HIS A 111 -11.04 -7.21 -37.18
N THR A 112 -11.49 -6.17 -37.88
CA THR A 112 -12.90 -5.87 -38.01
C THR A 112 -13.43 -6.46 -39.31
N PHE A 113 -14.76 -6.56 -39.38
CA PHE A 113 -15.42 -7.11 -40.56
C PHE A 113 -16.79 -6.45 -40.72
N SER A 114 -17.24 -6.40 -41.97
CA SER A 114 -18.58 -5.98 -42.30
C SER A 114 -19.17 -6.99 -43.28
N PHE A 115 -20.38 -7.45 -42.98
CA PHE A 115 -20.94 -8.57 -43.71
C PHE A 115 -22.33 -8.24 -44.24
N GLU A 116 -22.60 -8.67 -45.46
CA GLU A 116 -23.94 -8.69 -46.04
C GLU A 116 -24.37 -10.15 -46.12
N GLY A 117 -25.35 -10.52 -45.30
CA GLY A 117 -25.72 -11.91 -45.16
C GLY A 117 -27.19 -12.13 -45.46
N SER A 118 -27.46 -13.27 -46.09
CA SER A 118 -28.81 -13.69 -46.41
C SER A 118 -28.94 -15.18 -46.11
N VAL A 119 -29.89 -15.52 -45.24
CA VAL A 119 -30.13 -16.90 -44.85
C VAL A 119 -31.51 -17.29 -45.32
N VAL A 120 -31.61 -18.42 -46.02
CA VAL A 120 -32.87 -18.90 -46.56
C VAL A 120 -33.14 -20.27 -45.95
N ASN A 121 -34.30 -20.42 -45.33
CA ASN A 121 -34.67 -21.65 -44.63
C ASN A 121 -35.75 -22.38 -45.42
N LEU A 122 -35.43 -23.59 -45.87
CA LEU A 122 -36.37 -24.43 -46.61
C LEU A 122 -36.60 -25.72 -45.83
N PHE A 123 -37.85 -25.96 -45.47
CA PHE A 123 -38.23 -27.28 -44.97
C PHE A 123 -38.37 -28.24 -46.14
N TYR A 124 -38.08 -29.52 -45.88
CA TYR A 124 -38.17 -30.51 -46.94
C TYR A 124 -39.62 -30.80 -47.32
N TYR A 125 -40.56 -30.49 -46.42
CA TYR A 125 -41.97 -30.73 -46.66
C TYR A 125 -42.78 -29.70 -45.88
N ARG A 126 -44.00 -29.46 -46.34
CA ARG A 126 -44.98 -28.66 -45.59
C ARG A 126 -46.34 -29.35 -45.68
N SER A 127 -46.37 -30.66 -45.43
CA SER A 127 -47.61 -31.41 -45.50
C SER A 127 -48.59 -30.94 -44.43
N ASP A 128 -49.85 -30.78 -44.83
CA ASP A 128 -50.89 -30.37 -43.89
C ASP A 128 -51.32 -31.48 -42.97
N ALA A 129 -51.10 -32.75 -43.35
CA ALA A 129 -51.48 -33.86 -42.49
C ALA A 129 -50.70 -33.83 -41.19
N VAL A 130 -49.41 -33.52 -41.26
CA VAL A 130 -48.59 -33.39 -40.05
C VAL A 130 -49.07 -32.21 -39.21
N ARG A 131 -49.36 -31.08 -39.86
CA ARG A 131 -49.73 -29.87 -39.14
C ARG A 131 -51.05 -30.06 -38.38
N ARG A 132 -52.02 -30.72 -39.00
CA ARG A 132 -53.35 -30.87 -38.41
C ARG A 132 -53.45 -32.06 -37.46
N ASN A 133 -52.39 -32.83 -37.29
CA ASN A 133 -52.42 -34.00 -36.42
C ASN A 133 -51.41 -33.96 -35.28
N VAL A 134 -50.30 -33.23 -35.42
CA VAL A 134 -49.32 -33.12 -34.36
C VAL A 134 -49.44 -31.73 -33.73
N PRO A 135 -50.03 -31.62 -32.54
CA PRO A 135 -50.19 -30.29 -31.92
C PRO A 135 -48.87 -29.61 -31.61
N ASN A 136 -47.81 -30.37 -31.30
CA ASN A 136 -46.51 -29.82 -30.95
C ASN A 136 -45.44 -30.50 -31.79
N PRO A 137 -45.27 -30.06 -33.04
CA PRO A 137 -44.23 -30.66 -33.89
C PRO A 137 -42.85 -30.19 -33.46
N ILE A 138 -42.04 -31.12 -32.95
CA ILE A 138 -40.71 -30.78 -32.46
C ILE A 138 -39.71 -30.91 -33.60
N TYR A 139 -39.57 -32.12 -34.14
CA TYR A 139 -38.64 -32.35 -35.23
C TYR A 139 -39.21 -31.82 -36.53
N MET A 140 -38.37 -31.12 -37.29
CA MET A 140 -38.80 -30.57 -38.58
C MET A 140 -37.58 -30.48 -39.47
N GLN A 141 -37.39 -31.47 -40.33
CA GLN A 141 -36.21 -31.51 -41.19
C GLN A 141 -36.24 -30.40 -42.22
N GLY A 142 -35.07 -29.85 -42.52
CA GLY A 142 -34.99 -28.77 -43.49
C GLY A 142 -33.56 -28.39 -43.75
N ARG A 143 -33.39 -27.44 -44.67
CA ARG A 143 -32.10 -26.90 -45.06
C ARG A 143 -32.06 -25.40 -44.81
N GLN A 144 -30.93 -24.92 -44.32
CA GLN A 144 -30.63 -23.50 -44.24
C GLN A 144 -29.61 -23.15 -45.31
N PHE A 145 -29.89 -22.12 -46.08
CA PHE A 145 -28.99 -21.68 -47.15
C PHE A 145 -28.40 -20.33 -46.76
N HIS A 146 -27.11 -20.33 -46.42
CA HIS A 146 -26.38 -19.13 -46.03
C HIS A 146 -25.69 -18.54 -47.25
N ASP A 147 -25.86 -17.25 -47.46
CA ASP A 147 -25.13 -16.51 -48.50
C ASP A 147 -24.52 -15.29 -47.81
N ILE A 148 -23.20 -15.26 -47.72
CA ILE A 148 -22.49 -14.29 -46.89
C ILE A 148 -21.54 -13.49 -47.77
N LEU A 149 -21.63 -12.17 -47.68
CA LEU A 149 -20.69 -11.25 -48.32
C LEU A 149 -20.02 -10.45 -47.22
N MET A 150 -18.84 -10.91 -46.78
CA MET A 150 -18.13 -10.30 -45.66
C MET A 150 -16.86 -9.62 -46.18
N LYS A 151 -16.61 -8.41 -45.69
CA LYS A 151 -15.45 -7.62 -46.09
C LYS A 151 -14.60 -7.33 -44.86
N VAL A 152 -13.32 -7.64 -44.93
CA VAL A 152 -12.39 -7.49 -43.82
C VAL A 152 -11.23 -6.63 -44.29
N PRO A 153 -11.00 -5.46 -43.69
CA PRO A 153 -9.82 -4.66 -44.06
C PRO A 153 -8.53 -5.38 -43.67
N LEU A 154 -7.66 -5.57 -44.65
CA LEU A 154 -6.39 -6.27 -44.44
C LEU A 154 -5.30 -5.27 -44.09
N ASP A 155 -5.41 -4.72 -42.88
CA ASP A 155 -4.45 -3.72 -42.43
C ASP A 155 -3.28 -4.34 -41.68
N ASN A 156 -3.53 -5.33 -40.83
CA ASN A 156 -2.44 -6.02 -40.15
C ASN A 156 -1.65 -6.87 -41.13
N ASN A 157 -0.37 -7.09 -40.78
CA ASN A 157 0.45 -7.97 -41.58
C ASN A 157 -0.01 -9.42 -41.51
N ASP A 158 -0.70 -9.81 -40.43
CA ASP A 158 -1.24 -11.16 -40.33
C ASP A 158 -2.47 -11.33 -41.21
N LEU A 159 -3.29 -10.28 -41.31
CA LEU A 159 -4.45 -10.34 -42.20
C LEU A 159 -4.04 -10.51 -43.65
N ILE A 160 -3.02 -9.77 -44.08
CA ILE A 160 -2.51 -9.92 -45.44
C ILE A 160 -1.93 -11.31 -45.63
N ASP A 161 -1.25 -11.84 -44.60
CA ASP A 161 -0.74 -13.20 -44.66
C ASP A 161 -1.88 -14.21 -44.75
N THR A 162 -2.96 -13.99 -43.98
CA THR A 162 -4.11 -14.89 -44.07
C THR A 162 -4.71 -14.87 -45.47
N TRP A 163 -4.85 -13.68 -46.05
CA TRP A 163 -5.36 -13.57 -47.42
C TRP A 163 -4.46 -14.29 -48.41
N GLU A 164 -3.14 -14.08 -48.30
CA GLU A 164 -2.22 -14.70 -49.24
C GLU A 164 -2.25 -16.22 -49.11
N GLY A 165 -2.36 -16.73 -47.88
CA GLY A 165 -2.48 -18.16 -47.71
C GLY A 165 -3.78 -18.72 -48.25
N THR A 166 -4.88 -18.00 -48.05
CA THR A 166 -6.19 -18.50 -48.45
C THR A 166 -6.37 -18.50 -49.96
N VAL A 167 -6.01 -17.38 -50.62
CA VAL A 167 -6.21 -17.30 -52.06
C VAL A 167 -5.26 -18.26 -52.78
N LYS A 168 -4.08 -18.49 -52.21
CA LYS A 168 -3.17 -19.47 -52.78
C LYS A 168 -3.65 -20.89 -52.52
N ALA A 169 -4.35 -21.11 -51.39
CA ALA A 169 -4.86 -22.44 -51.08
C ALA A 169 -6.09 -22.80 -51.89
N ILE A 170 -6.97 -21.83 -52.16
CA ILE A 170 -8.18 -22.13 -52.93
C ILE A 170 -7.85 -22.48 -54.37
N GLY A 171 -6.96 -21.74 -55.02
CA GLY A 171 -6.63 -22.00 -56.41
C GLY A 171 -5.75 -23.21 -56.62
N SER A 172 -4.95 -23.56 -55.60
CA SER A 172 -4.03 -24.69 -55.75
C SER A 172 -4.63 -26.02 -55.31
N THR A 173 -5.60 -26.01 -54.41
CA THR A 173 -6.22 -27.23 -53.90
C THR A 173 -7.68 -27.25 -54.31
N GLY A 174 -8.09 -28.31 -55.02
CA GLY A 174 -9.48 -28.49 -55.36
C GLY A 174 -10.36 -29.03 -54.24
N ALA A 175 -9.74 -29.52 -53.17
CA ALA A 175 -10.45 -30.06 -52.02
C ALA A 175 -10.74 -29.01 -50.96
N PHE A 176 -10.42 -27.75 -51.22
CA PHE A 176 -10.72 -26.68 -50.27
C PHE A 176 -12.19 -26.63 -49.89
N ASN A 177 -13.09 -26.87 -50.86
CA ASN A 177 -14.51 -26.64 -50.64
C ASN A 177 -15.06 -27.50 -49.50
N ASP A 178 -14.48 -28.68 -49.28
CA ASP A 178 -14.89 -29.53 -48.17
C ASP A 178 -13.89 -29.60 -47.03
N TRP A 179 -12.59 -29.41 -47.31
CA TRP A 179 -11.60 -29.36 -46.24
C TRP A 179 -11.70 -28.07 -45.43
N ILE A 180 -12.47 -27.08 -45.91
CA ILE A 180 -12.67 -25.87 -45.13
C ILE A 180 -13.50 -26.16 -43.88
N ARG A 181 -14.33 -27.21 -43.94
CA ARG A 181 -15.16 -27.55 -42.79
C ARG A 181 -14.34 -28.10 -41.64
N ASP A 182 -13.15 -28.63 -41.91
CA ASP A 182 -12.31 -29.14 -40.83
C ASP A 182 -11.71 -28.00 -40.02
N PHE A 183 -11.19 -26.96 -40.69
CA PHE A 183 -10.72 -25.78 -39.99
C PHE A 183 -11.89 -25.01 -39.37
N TRP A 184 -13.02 -24.99 -40.08
CA TRP A 184 -14.15 -24.15 -39.69
C TRP A 184 -14.67 -24.53 -38.31
N PHE A 185 -14.80 -25.82 -38.03
CA PHE A 185 -15.37 -26.31 -36.78
C PHE A 185 -14.22 -26.87 -35.95
N ILE A 186 -13.56 -25.98 -35.21
CA ILE A 186 -12.33 -26.33 -34.54
C ILE A 186 -12.60 -27.27 -33.37
N GLY A 187 -11.81 -28.34 -33.28
CA GLY A 187 -11.90 -29.28 -32.19
C GLY A 187 -13.24 -29.99 -32.11
N PRO A 188 -13.86 -29.93 -30.93
CA PRO A 188 -15.15 -30.62 -30.74
C PRO A 188 -16.28 -30.05 -31.58
N ALA A 189 -16.11 -28.87 -32.17
CA ALA A 189 -17.17 -28.29 -32.97
C ALA A 189 -17.52 -29.17 -34.16
N PHE A 190 -16.51 -29.79 -34.78
CA PHE A 190 -16.78 -30.71 -35.88
C PHE A 190 -17.54 -31.95 -35.40
N THR A 191 -17.13 -32.50 -34.26
CA THR A 191 -17.80 -33.69 -33.74
C THR A 191 -19.24 -33.37 -33.33
N ALA A 192 -19.45 -32.19 -32.73
CA ALA A 192 -20.79 -31.78 -32.32
C ALA A 192 -21.72 -31.55 -33.50
N LEU A 193 -21.20 -31.46 -34.72
CA LEU A 193 -22.06 -31.32 -35.89
C LEU A 193 -22.96 -32.53 -36.08
N ASN A 194 -22.41 -33.74 -35.98
CA ASN A 194 -23.15 -34.95 -36.27
C ASN A 194 -24.08 -35.34 -35.12
N GLU A 195 -23.67 -35.09 -33.89
CA GLU A 195 -24.50 -35.42 -32.73
C GLU A 195 -25.58 -34.39 -32.46
N GLY A 196 -25.84 -33.50 -33.42
CA GLY A 196 -26.96 -32.58 -33.33
C GLY A 196 -27.81 -32.65 -34.58
N GLY A 197 -27.44 -33.53 -35.50
CA GLY A 197 -28.13 -33.69 -36.76
C GLY A 197 -27.65 -32.76 -37.86
N GLN A 198 -26.73 -31.85 -37.57
CA GLN A 198 -26.27 -30.89 -38.56
C GLN A 198 -25.45 -31.58 -39.64
N ARG A 199 -25.61 -31.13 -40.88
CA ARG A 199 -24.75 -31.53 -41.99
C ARG A 199 -24.30 -30.27 -42.71
N ILE A 200 -23.01 -30.00 -42.69
CA ILE A 200 -22.44 -28.84 -43.34
C ILE A 200 -22.07 -29.21 -44.77
N SER A 201 -22.71 -28.56 -45.74
CA SER A 201 -22.39 -28.80 -47.13
C SER A 201 -21.11 -28.08 -47.52
N ARG A 202 -20.51 -28.53 -48.61
CA ARG A 202 -19.34 -27.85 -49.17
C ARG A 202 -19.68 -26.39 -49.46
N ILE A 203 -18.81 -25.50 -49.03
CA ILE A 203 -19.01 -24.08 -49.29
C ILE A 203 -18.60 -23.78 -50.73
N GLU A 204 -19.35 -22.89 -51.38
CA GLU A 204 -19.01 -22.41 -52.70
C GLU A 204 -18.41 -21.01 -52.58
N VAL A 205 -17.16 -20.87 -52.99
CA VAL A 205 -16.47 -19.59 -52.98
C VAL A 205 -16.75 -18.90 -54.31
N ASN A 206 -17.60 -17.87 -54.29
CA ASN A 206 -17.93 -17.12 -55.48
C ASN A 206 -16.83 -16.15 -55.90
N GLY A 207 -15.81 -15.96 -55.07
CA GLY A 207 -14.69 -15.12 -55.43
C GLY A 207 -14.06 -14.38 -54.27
N LEU A 208 -12.74 -14.37 -54.21
CA LEU A 208 -12.00 -13.61 -53.20
C LEU A 208 -11.25 -12.51 -53.93
N ASN A 209 -11.84 -11.32 -53.97
CA ASN A 209 -11.22 -10.18 -54.61
C ASN A 209 -10.90 -9.12 -53.55
N THR A 210 -9.72 -8.54 -53.67
CA THR A 210 -9.27 -7.49 -52.75
C THR A 210 -9.24 -6.15 -53.49
N GLU A 211 -9.76 -5.12 -52.84
CA GLU A 211 -9.78 -3.78 -53.40
C GLU A 211 -9.54 -2.77 -52.29
N SER A 212 -9.06 -1.59 -52.67
CA SER A 212 -8.80 -0.54 -51.70
C SER A 212 -10.11 0.05 -51.20
N GLY A 213 -10.24 0.15 -49.88
CA GLY A 213 -11.42 0.72 -49.28
C GLY A 213 -11.18 2.11 -48.75
N PRO A 214 -11.90 2.48 -47.68
CA PRO A 214 -11.69 3.80 -47.07
C PRO A 214 -10.28 4.01 -46.55
N LYS A 215 -9.63 2.95 -46.05
CA LYS A 215 -8.32 3.08 -45.43
C LYS A 215 -7.26 2.18 -46.03
N GLY A 216 -7.61 1.28 -46.95
CA GLY A 216 -6.64 0.40 -47.56
C GLY A 216 -7.29 -0.83 -48.16
N PRO A 217 -6.49 -1.89 -48.35
CA PRO A 217 -7.05 -3.13 -48.91
C PRO A 217 -8.14 -3.70 -48.01
N VAL A 218 -9.19 -4.22 -48.63
CA VAL A 218 -10.34 -4.77 -47.94
C VAL A 218 -10.61 -6.14 -48.56
N GLY A 219 -10.25 -7.20 -47.86
CA GLY A 219 -10.54 -8.54 -48.34
C GLY A 219 -12.04 -8.79 -48.38
N VAL A 220 -12.55 -9.10 -49.57
CA VAL A 220 -13.98 -9.34 -49.78
C VAL A 220 -14.19 -10.83 -50.00
N SER A 221 -15.11 -11.41 -49.24
CA SER A 221 -15.40 -12.83 -49.31
C SER A 221 -16.88 -13.01 -49.64
N ARG A 222 -17.17 -13.43 -50.87
CA ARG A 222 -18.52 -13.79 -51.28
C ARG A 222 -18.61 -15.31 -51.38
N TRP A 223 -19.12 -15.93 -50.33
CA TRP A 223 -19.18 -17.38 -50.27
C TRP A 223 -20.53 -17.80 -49.71
N ARG A 224 -21.02 -18.94 -50.18
CA ARG A 224 -22.27 -19.49 -49.69
C ARG A 224 -22.01 -20.87 -49.12
N PHE A 225 -22.86 -21.26 -48.17
CA PHE A 225 -22.86 -22.62 -47.64
C PHE A 225 -24.28 -22.91 -47.18
N SER A 226 -24.59 -24.21 -47.06
CA SER A 226 -25.91 -24.63 -46.60
C SER A 226 -25.72 -25.75 -45.59
N HIS A 227 -26.33 -25.62 -44.42
CA HIS A 227 -26.28 -26.67 -43.41
C HIS A 227 -27.66 -27.28 -43.28
N GLY A 228 -27.73 -28.61 -43.30
CA GLY A 228 -28.98 -29.33 -43.25
C GLY A 228 -29.21 -29.90 -41.86
N GLY A 229 -30.48 -30.07 -41.53
CA GLY A 229 -30.86 -30.57 -40.21
C GLY A 229 -31.83 -31.72 -40.35
N SER A 230 -31.69 -32.69 -39.45
CA SER A 230 -32.55 -33.85 -39.42
C SER A 230 -33.85 -33.59 -38.67
N GLY A 231 -34.21 -32.31 -38.49
CA GLY A 231 -35.24 -31.90 -37.56
C GLY A 231 -34.71 -31.74 -36.15
N MET A 232 -33.45 -32.12 -35.95
CA MET A 232 -32.85 -32.09 -34.62
C MET A 232 -32.25 -30.71 -34.32
N VAL A 233 -32.12 -29.87 -35.34
CA VAL A 233 -31.45 -28.59 -35.21
C VAL A 233 -32.50 -27.49 -35.02
N ASP A 234 -32.28 -26.64 -34.02
CA ASP A 234 -33.23 -25.56 -33.76
C ASP A 234 -33.11 -24.40 -34.75
N SER A 235 -31.90 -24.13 -35.25
CA SER A 235 -31.72 -23.05 -36.20
C SER A 235 -32.43 -23.32 -37.52
N ILE A 236 -32.85 -24.55 -37.78
CA ILE A 236 -33.59 -24.91 -38.98
C ILE A 236 -35.05 -25.19 -38.68
N SER A 237 -35.32 -26.14 -37.78
CA SER A 237 -36.70 -26.52 -37.48
C SER A 237 -37.48 -25.38 -36.84
N ARG A 238 -36.85 -24.66 -35.92
CA ARG A 238 -37.49 -23.56 -35.20
C ARG A 238 -37.03 -22.20 -35.71
N TRP A 239 -36.81 -22.10 -37.02
CA TRP A 239 -36.24 -20.88 -37.60
C TRP A 239 -37.16 -19.68 -37.41
N ALA A 240 -38.46 -19.86 -37.61
CA ALA A 240 -39.39 -18.74 -37.45
C ALA A 240 -39.51 -18.33 -35.99
N GLU A 241 -39.46 -19.29 -35.07
CA GLU A 241 -39.69 -19.02 -33.66
C GLU A 241 -38.49 -18.39 -32.97
N LEU A 242 -37.29 -18.51 -33.53
CA LEU A 242 -36.09 -17.96 -32.90
C LEU A 242 -35.83 -16.52 -33.28
N PHE A 243 -36.68 -15.91 -34.10
CA PHE A 243 -36.52 -14.52 -34.53
C PHE A 243 -37.85 -13.78 -34.37
N PRO A 244 -38.29 -13.54 -33.14
CA PRO A 244 -39.55 -12.82 -32.93
C PRO A 244 -39.41 -11.32 -33.12
N SER A 245 -39.17 -10.91 -34.37
CA SER A 245 -39.09 -9.49 -34.68
C SER A 245 -40.46 -8.84 -34.66
N ASP A 246 -41.50 -9.59 -35.02
CA ASP A 246 -42.85 -9.05 -35.01
C ASP A 246 -43.32 -8.72 -33.59
N LYS A 247 -42.87 -9.48 -32.61
CA LYS A 247 -43.27 -9.29 -31.22
C LYS A 247 -42.25 -8.49 -30.41
N LEU A 248 -41.26 -7.88 -31.07
CA LEU A 248 -40.26 -7.06 -30.40
C LEU A 248 -40.73 -5.61 -30.42
N ASN A 249 -41.51 -5.22 -29.42
CA ASN A 249 -42.01 -3.86 -29.32
C ASN A 249 -41.16 -2.98 -28.40
N ARG A 250 -40.07 -3.52 -27.85
CA ARG A 250 -39.17 -2.77 -26.98
C ARG A 250 -37.82 -3.49 -26.97
N PRO A 251 -36.74 -2.80 -26.62
CA PRO A 251 -35.43 -3.43 -26.66
C PRO A 251 -35.36 -4.67 -25.78
N ALA A 252 -34.68 -5.69 -26.30
CA ALA A 252 -34.52 -6.97 -25.62
C ALA A 252 -33.03 -7.23 -25.39
N GLN A 253 -32.68 -7.66 -24.18
CA GLN A 253 -31.30 -7.91 -23.82
C GLN A 253 -31.17 -9.29 -23.18
N VAL A 254 -30.04 -9.93 -23.47
CA VAL A 254 -29.66 -11.17 -22.80
C VAL A 254 -28.19 -11.03 -22.43
N GLU A 255 -27.91 -10.90 -21.14
CA GLU A 255 -26.55 -10.82 -20.63
C GLU A 255 -26.23 -12.11 -19.90
N ALA A 256 -25.23 -12.83 -20.39
CA ALA A 256 -24.82 -14.09 -19.80
C ALA A 256 -23.32 -14.07 -19.58
N GLY A 257 -22.81 -15.16 -19.02
CA GLY A 257 -21.39 -15.27 -18.79
C GLY A 257 -21.09 -16.42 -17.85
N PHE A 258 -20.02 -17.16 -18.14
CA PHE A 258 -19.64 -18.29 -17.30
C PHE A 258 -18.20 -18.12 -16.86
N ARG A 259 -17.92 -18.59 -15.65
CA ARG A 259 -16.58 -18.60 -15.08
C ARG A 259 -16.17 -20.06 -15.00
N SER A 260 -15.62 -20.57 -16.10
CA SER A 260 -15.08 -21.92 -16.13
C SER A 260 -13.73 -21.92 -15.42
N ASP A 261 -13.28 -23.10 -15.01
CA ASP A 261 -12.25 -23.16 -13.99
C ASP A 261 -11.50 -24.47 -14.16
N SER A 262 -10.57 -24.74 -13.23
CA SER A 262 -9.91 -26.03 -13.22
C SER A 262 -10.69 -27.07 -12.43
N GLN A 263 -11.54 -26.63 -11.51
CA GLN A 263 -12.36 -27.54 -10.71
C GLN A 263 -13.77 -27.00 -10.55
N GLY A 264 -14.36 -26.45 -11.60
CA GLY A 264 -15.74 -26.03 -11.52
C GLY A 264 -16.15 -25.13 -12.66
N ILE A 265 -17.45 -24.86 -12.71
CA ILE A 265 -18.05 -23.91 -13.65
C ILE A 265 -19.08 -23.08 -12.89
N GLU A 266 -19.02 -21.76 -13.06
CA GLU A 266 -20.01 -20.84 -12.51
C GLU A 266 -20.70 -20.13 -13.66
N VAL A 267 -22.03 -20.09 -13.63
CA VAL A 267 -22.83 -19.60 -14.74
C VAL A 267 -23.76 -18.51 -14.24
N LYS A 268 -23.80 -17.38 -14.96
CA LYS A 268 -24.85 -16.39 -14.81
C LYS A 268 -25.54 -16.19 -16.15
N VAL A 269 -26.87 -16.12 -16.12
CA VAL A 269 -27.66 -15.81 -17.31
C VAL A 269 -28.75 -14.83 -16.91
N ASP A 270 -28.84 -13.71 -17.62
CA ASP A 270 -29.93 -12.75 -17.47
C ASP A 270 -30.52 -12.48 -18.85
N GLY A 271 -31.83 -12.56 -18.95
CA GLY A 271 -32.48 -12.42 -20.24
C GLY A 271 -33.79 -11.67 -20.13
N GLU A 272 -34.15 -11.00 -21.22
CA GLU A 272 -35.42 -10.30 -21.34
C GLU A 272 -35.71 -10.17 -22.83
N PHE A 273 -36.67 -10.95 -23.32
CA PHE A 273 -36.88 -11.08 -24.76
C PHE A 273 -38.27 -11.65 -24.99
N PRO A 274 -38.82 -11.45 -26.18
CA PRO A 274 -40.08 -12.11 -26.53
C PRO A 274 -39.83 -13.57 -26.91
N GLY A 275 -40.93 -14.29 -27.13
CA GLY A 275 -40.85 -15.69 -27.49
C GLY A 275 -40.63 -16.64 -26.34
N VAL A 276 -40.69 -16.16 -25.10
CA VAL A 276 -40.57 -17.05 -23.95
C VAL A 276 -41.75 -18.01 -23.88
N SER A 277 -42.93 -17.54 -24.29
CA SER A 277 -44.13 -18.38 -24.29
C SER A 277 -44.76 -18.37 -25.67
N VAL A 278 -45.36 -19.51 -26.04
CA VAL A 278 -46.08 -19.64 -27.29
C VAL A 278 -47.47 -20.19 -26.99
N ASP A 279 -48.30 -20.25 -28.02
CA ASP A 279 -49.68 -20.68 -27.89
C ASP A 279 -49.79 -22.20 -28.04
N ALA A 280 -50.90 -22.74 -27.52
CA ALA A 280 -51.18 -24.16 -27.67
C ALA A 280 -52.66 -24.43 -27.98
N GLY A 281 -53.48 -23.40 -28.17
CA GLY A 281 -54.86 -23.58 -28.53
C GLY A 281 -55.86 -23.25 -27.44
N GLY A 282 -56.88 -22.48 -27.80
CA GLY A 282 -57.95 -22.15 -26.86
C GLY A 282 -57.50 -21.33 -25.67
N GLY A 283 -56.64 -20.35 -25.88
CA GLY A 283 -56.15 -19.53 -24.79
C GLY A 283 -55.15 -20.20 -23.88
N LEU A 284 -54.68 -21.39 -24.24
CA LEU A 284 -53.72 -22.13 -23.44
C LEU A 284 -52.32 -21.85 -23.98
N ARG A 285 -51.53 -21.12 -23.21
CA ARG A 285 -50.16 -20.76 -23.59
C ARG A 285 -49.17 -21.68 -22.88
N ARG A 286 -48.03 -21.89 -23.52
CA ARG A 286 -47.00 -22.76 -22.98
C ARG A 286 -45.64 -22.09 -23.11
N ILE A 287 -44.75 -22.41 -22.16
CA ILE A 287 -43.35 -22.04 -22.32
C ILE A 287 -42.81 -22.70 -23.58
N LEU A 288 -41.94 -21.99 -24.29
CA LEU A 288 -41.49 -22.47 -25.59
C LEU A 288 -40.79 -23.82 -25.44
N ASN A 289 -40.99 -24.69 -26.42
CA ASN A 289 -40.33 -25.99 -26.41
C ASN A 289 -38.81 -25.79 -26.33
N HIS A 290 -38.17 -26.59 -25.50
CA HIS A 290 -36.76 -26.38 -25.23
C HIS A 290 -35.95 -26.59 -26.49
N PRO A 291 -35.02 -25.70 -26.83
CA PRO A 291 -34.18 -25.91 -28.01
C PRO A 291 -33.37 -27.20 -27.89
N LEU A 292 -33.34 -27.95 -28.98
CA LEU A 292 -32.72 -29.27 -29.04
C LEU A 292 -31.20 -29.20 -29.01
N ILE A 293 -30.63 -28.29 -29.83
CA ILE A 293 -29.19 -28.26 -30.01
C ILE A 293 -28.43 -27.95 -28.71
N PRO A 294 -28.81 -26.95 -27.92
CA PRO A 294 -28.07 -26.73 -26.66
C PRO A 294 -28.08 -27.93 -25.73
N LEU A 295 -29.22 -28.63 -25.63
CA LEU A 295 -29.29 -29.81 -24.77
C LEU A 295 -28.35 -30.90 -25.26
N VAL A 296 -28.45 -31.27 -26.54
CA VAL A 296 -27.63 -32.37 -27.04
C VAL A 296 -26.21 -31.93 -27.37
N HIS A 297 -25.89 -30.66 -27.19
CA HIS A 297 -24.52 -30.19 -27.27
C HIS A 297 -23.84 -30.17 -25.91
N HIS A 298 -24.54 -29.68 -24.89
CA HIS A 298 -24.02 -29.79 -23.53
C HIS A 298 -23.99 -31.24 -23.06
N GLY A 299 -24.82 -32.10 -23.67
CA GLY A 299 -24.80 -33.50 -23.31
C GLY A 299 -23.49 -34.19 -23.62
N MET A 300 -22.88 -33.87 -24.76
CA MET A 300 -21.62 -34.49 -25.12
C MET A 300 -20.45 -33.89 -24.37
N VAL A 301 -20.70 -32.87 -23.56
CA VAL A 301 -19.69 -32.33 -22.65
C VAL A 301 -20.10 -32.46 -21.19
N GLY A 302 -21.37 -32.77 -20.91
CA GLY A 302 -21.83 -32.85 -19.53
C GLY A 302 -22.16 -34.26 -19.07
N LYS A 303 -21.36 -35.24 -19.49
CA LYS A 303 -21.50 -36.62 -19.03
C LYS A 303 -20.15 -37.17 -18.60
N PHE A 304 -19.32 -36.33 -17.99
CA PHE A 304 -17.98 -36.74 -17.59
C PHE A 304 -17.80 -36.88 -16.09
N ASN A 305 -18.69 -36.29 -15.29
CA ASN A 305 -18.63 -36.45 -13.84
C ASN A 305 -20.01 -36.83 -13.34
N ASN A 306 -20.08 -37.88 -12.54
CA ASN A 306 -21.33 -38.24 -11.88
C ASN A 306 -21.72 -37.14 -10.89
N PHE A 307 -22.95 -36.66 -11.01
CA PHE A 307 -23.38 -35.52 -10.22
C PHE A 307 -24.81 -35.73 -9.75
N ASN A 308 -25.10 -35.20 -8.56
CA ASN A 308 -26.46 -35.16 -8.03
C ASN A 308 -26.92 -33.71 -7.93
N VAL A 309 -27.31 -33.15 -9.07
CA VAL A 309 -27.62 -31.73 -9.20
C VAL A 309 -28.90 -31.42 -8.45
N ASP A 310 -28.86 -30.37 -7.62
CA ASP A 310 -30.04 -29.81 -6.98
C ASP A 310 -30.42 -28.51 -7.68
N ALA A 311 -31.54 -28.51 -8.39
CA ALA A 311 -31.95 -27.38 -9.20
C ALA A 311 -33.33 -26.91 -8.76
N GLN A 312 -33.51 -25.60 -8.74
CA GLN A 312 -34.79 -24.98 -8.39
C GLN A 312 -35.23 -24.09 -9.55
N LEU A 313 -36.45 -24.32 -10.04
CA LEU A 313 -37.01 -23.53 -11.12
C LEU A 313 -38.17 -22.70 -10.59
N LYS A 314 -38.26 -21.46 -11.06
CA LYS A 314 -39.27 -20.52 -10.62
C LYS A 314 -39.99 -19.96 -11.84
N VAL A 315 -41.30 -20.11 -11.87
CA VAL A 315 -42.12 -19.61 -12.97
C VAL A 315 -43.16 -18.67 -12.37
N VAL A 316 -43.09 -17.40 -12.72
CA VAL A 316 -43.97 -16.38 -12.18
C VAL A 316 -44.96 -16.02 -13.29
N LEU A 317 -46.15 -16.61 -13.23
CA LEU A 317 -47.17 -16.31 -14.21
C LEU A 317 -47.68 -14.89 -14.03
N PRO A 318 -48.22 -14.28 -15.07
CA PRO A 318 -48.89 -12.98 -14.93
C PRO A 318 -50.21 -13.14 -14.19
N LYS A 319 -50.70 -12.01 -13.68
CA LYS A 319 -51.90 -12.02 -12.85
C LYS A 319 -53.09 -12.61 -13.59
N GLY A 320 -53.79 -13.53 -12.93
CA GLY A 320 -54.95 -14.18 -13.51
C GLY A 320 -54.67 -15.51 -14.19
N TYR A 321 -53.41 -15.89 -14.32
CA TYR A 321 -53.03 -17.12 -15.01
C TYR A 321 -52.73 -18.24 -14.02
N LYS A 322 -53.07 -19.46 -14.40
CA LYS A 322 -52.81 -20.65 -13.59
C LYS A 322 -52.22 -21.73 -14.48
N ILE A 323 -51.22 -22.44 -13.96
CA ILE A 323 -50.55 -23.50 -14.71
C ILE A 323 -51.46 -24.73 -14.80
N ARG A 324 -51.62 -25.26 -16.00
CA ARG A 324 -52.32 -26.53 -16.21
C ARG A 324 -51.37 -27.50 -16.90
N TYR A 325 -51.26 -28.71 -16.34
CA TYR A 325 -50.42 -29.77 -16.89
C TYR A 325 -48.95 -29.32 -16.98
N ALA A 326 -48.37 -29.12 -15.80
CA ALA A 326 -46.92 -29.01 -15.68
C ALA A 326 -46.37 -30.41 -15.44
N ALA A 327 -45.44 -30.84 -16.30
CA ALA A 327 -44.91 -32.20 -16.23
C ALA A 327 -43.41 -32.20 -16.47
N PRO A 328 -42.58 -32.54 -15.47
CA PRO A 328 -42.93 -32.96 -14.11
C PRO A 328 -43.65 -31.92 -13.27
N GLN A 329 -44.45 -32.38 -12.32
CA GLN A 329 -45.34 -31.51 -11.56
C GLN A 329 -44.53 -30.54 -10.71
N TYR A 330 -45.04 -29.31 -10.59
CA TYR A 330 -44.36 -28.32 -9.77
C TYR A 330 -44.42 -28.74 -8.29
N ARG A 331 -43.35 -28.41 -7.57
CA ARG A 331 -43.26 -28.82 -6.16
C ARG A 331 -44.10 -27.92 -5.27
N SER A 332 -44.20 -26.62 -5.59
CA SER A 332 -44.97 -25.70 -4.78
C SER A 332 -45.44 -24.54 -5.64
N GLN A 333 -46.49 -23.87 -5.17
CA GLN A 333 -47.06 -22.71 -5.85
C GLN A 333 -47.46 -21.68 -4.82
N ASN A 334 -46.99 -20.44 -4.97
CA ASN A 334 -47.40 -19.35 -4.08
C ASN A 334 -48.59 -18.57 -4.63
N LEU A 335 -49.61 -19.27 -5.13
CA LEU A 335 -50.89 -18.73 -5.56
C LEU A 335 -50.75 -17.81 -6.77
N GLU A 336 -49.52 -17.44 -7.13
CA GLU A 336 -49.28 -16.69 -8.34
C GLU A 336 -48.03 -17.14 -9.07
N GLU A 337 -47.13 -17.85 -8.39
CA GLU A 337 -45.88 -18.30 -8.98
C GLU A 337 -45.66 -19.75 -8.59
N TYR A 338 -44.95 -20.47 -9.45
CA TYR A 338 -44.78 -21.91 -9.29
C TYR A 338 -43.30 -22.23 -9.16
N ARG A 339 -43.01 -23.31 -8.44
CA ARG A 339 -41.65 -23.62 -8.03
C ARG A 339 -41.39 -25.11 -8.22
N TRP A 340 -40.25 -25.43 -8.84
CA TRP A 340 -39.84 -26.80 -9.08
C TRP A 340 -38.59 -27.07 -8.25
N SER A 341 -38.55 -28.23 -7.61
CA SER A 341 -37.40 -28.63 -6.81
C SER A 341 -37.49 -30.12 -6.51
N GLY A 342 -36.38 -30.83 -6.70
CA GLY A 342 -36.26 -32.24 -6.41
C GLY A 342 -37.33 -33.09 -7.07
N GLY A 343 -37.49 -34.30 -6.54
CA GLY A 343 -38.49 -35.21 -7.09
C GLY A 343 -38.19 -35.54 -8.53
N ALA A 344 -39.23 -35.50 -9.36
CA ALA A 344 -39.07 -35.77 -10.78
C ALA A 344 -38.41 -34.62 -11.54
N TYR A 345 -38.44 -33.40 -10.99
CA TYR A 345 -37.85 -32.27 -11.70
C TYR A 345 -36.33 -32.33 -11.69
N ALA A 346 -35.73 -32.70 -10.55
CA ALA A 346 -34.29 -32.83 -10.50
C ALA A 346 -33.79 -33.95 -11.40
N ARG A 347 -34.58 -35.02 -11.53
CA ARG A 347 -34.26 -36.07 -12.47
C ARG A 347 -34.23 -35.54 -13.90
N TRP A 348 -35.20 -34.72 -14.26
CA TRP A 348 -35.20 -34.11 -15.58
C TRP A 348 -34.06 -33.13 -15.75
N VAL A 349 -33.67 -32.43 -14.69
CA VAL A 349 -32.54 -31.50 -14.76
C VAL A 349 -31.26 -32.27 -15.06
N GLU A 350 -31.05 -33.38 -14.36
CA GLU A 350 -29.90 -34.23 -14.67
C GLU A 350 -30.00 -34.80 -16.07
N HIS A 351 -31.22 -35.16 -16.48
CA HIS A 351 -31.46 -35.69 -17.82
C HIS A 351 -30.99 -34.71 -18.89
N VAL A 352 -31.39 -33.45 -18.76
CA VAL A 352 -31.02 -32.45 -19.76
C VAL A 352 -29.59 -31.95 -19.60
N CYS A 353 -29.02 -32.01 -18.40
CA CYS A 353 -27.61 -31.67 -18.23
C CYS A 353 -26.72 -32.73 -18.87
N LYS A 354 -27.18 -33.98 -18.90
CA LYS A 354 -26.46 -35.05 -19.58
C LYS A 354 -26.83 -35.16 -21.05
N GLY A 355 -27.76 -34.34 -21.53
CA GLY A 355 -28.11 -34.29 -22.93
C GLY A 355 -29.48 -34.83 -23.28
N GLY A 356 -30.27 -35.26 -22.30
CA GLY A 356 -31.59 -35.75 -22.60
C GLY A 356 -32.53 -34.63 -23.04
N VAL A 357 -33.61 -35.03 -23.70
CA VAL A 357 -34.54 -34.06 -24.27
C VAL A 357 -35.93 -34.40 -23.74
N GLY A 358 -35.99 -34.96 -22.54
CA GLY A 358 -37.27 -35.26 -21.92
C GLY A 358 -38.14 -34.04 -21.85
N GLN A 359 -39.36 -34.13 -22.39
CA GLN A 359 -40.21 -32.96 -22.53
C GLN A 359 -40.72 -32.51 -21.16
N PHE A 360 -40.31 -31.32 -20.76
CA PHE A 360 -40.82 -30.66 -19.56
C PHE A 360 -41.56 -29.42 -20.02
N GLU A 361 -42.85 -29.58 -20.28
CA GLU A 361 -43.69 -28.51 -20.82
C GLU A 361 -44.56 -27.94 -19.72
N ILE A 362 -44.75 -26.62 -19.76
CA ILE A 362 -45.57 -25.90 -18.80
C ILE A 362 -46.65 -25.15 -19.57
N LEU A 363 -47.90 -25.51 -19.34
CA LEU A 363 -49.03 -24.87 -20.00
C LEU A 363 -49.84 -24.09 -18.96
N TYR A 364 -50.38 -22.94 -19.37
CA TYR A 364 -51.15 -22.11 -18.46
C TYR A 364 -52.16 -21.30 -19.25
N ALA A 365 -53.19 -20.83 -18.54
CA ALA A 365 -54.24 -20.03 -19.16
C ALA A 365 -54.92 -19.20 -18.08
N GLN A 366 -55.68 -18.21 -18.53
CA GLN A 366 -56.43 -17.34 -17.62
C GLN A 366 -57.92 -17.68 -17.65
N VAL B 9 -33.87 -41.36 -6.71
CA VAL B 9 -33.02 -42.53 -6.58
C VAL B 9 -32.79 -43.17 -7.95
N THR B 10 -33.77 -43.02 -8.84
CA THR B 10 -33.71 -43.51 -10.22
C THR B 10 -33.38 -45.01 -10.24
N THR B 11 -34.31 -45.77 -9.68
CA THR B 11 -34.16 -47.22 -9.66
C THR B 11 -34.81 -47.82 -10.90
N ALA B 12 -34.16 -48.83 -11.47
CA ALA B 12 -34.58 -49.44 -12.74
C ALA B 12 -34.83 -50.92 -12.51
N HIS B 13 -36.09 -51.29 -12.30
CA HIS B 13 -36.48 -52.69 -12.21
C HIS B 13 -36.48 -53.32 -13.60
N SER B 14 -36.02 -54.56 -13.67
CA SER B 14 -36.04 -55.31 -14.92
C SER B 14 -35.84 -56.80 -14.68
N ASP B 15 -36.71 -57.63 -15.27
CA ASP B 15 -36.62 -59.07 -15.17
C ASP B 15 -36.61 -59.67 -16.57
N TYR B 16 -35.80 -60.70 -16.76
CA TYR B 16 -35.64 -61.34 -18.06
C TYR B 16 -35.85 -62.84 -17.92
N GLU B 17 -36.50 -63.44 -18.91
CA GLU B 17 -36.74 -64.87 -18.91
C GLU B 17 -36.58 -65.41 -20.32
N ILE B 18 -35.78 -66.45 -20.48
CA ILE B 18 -35.60 -67.15 -21.75
C ILE B 18 -35.82 -68.63 -21.51
N VAL B 19 -36.78 -69.21 -22.21
CA VAL B 19 -37.07 -70.64 -22.14
C VAL B 19 -36.67 -71.25 -23.48
N LEU B 20 -35.62 -72.06 -23.48
CA LEU B 20 -35.06 -72.62 -24.69
C LEU B 20 -35.70 -73.97 -25.02
N GLU B 21 -35.40 -74.47 -26.22
CA GLU B 21 -35.96 -75.70 -26.72
C GLU B 21 -34.87 -76.73 -26.93
N GLY B 22 -35.25 -78.00 -26.84
CA GLY B 22 -34.30 -79.10 -26.92
C GLY B 22 -33.89 -79.44 -28.33
N GLY B 23 -32.88 -80.31 -28.42
CA GLY B 23 -32.37 -80.77 -29.70
C GLY B 23 -31.71 -79.65 -30.49
N SER B 24 -31.83 -79.74 -31.81
CA SER B 24 -31.32 -78.70 -32.70
C SER B 24 -32.30 -77.54 -32.85
N SER B 25 -33.47 -77.62 -32.24
CA SER B 25 -34.45 -76.53 -32.29
C SER B 25 -33.89 -75.32 -31.56
N SER B 26 -33.65 -74.24 -32.31
CA SER B 26 -33.03 -73.03 -31.78
C SER B 26 -34.06 -72.03 -31.26
N TRP B 27 -35.30 -72.45 -31.05
CA TRP B 27 -36.34 -71.55 -30.61
C TRP B 27 -36.10 -71.10 -29.17
N GLY B 28 -36.93 -70.18 -28.70
CA GLY B 28 -36.84 -69.71 -27.33
C GLY B 28 -37.93 -68.74 -26.93
N LYS B 29 -38.55 -68.98 -25.78
CA LYS B 29 -39.55 -68.06 -25.25
C LYS B 29 -38.87 -66.95 -24.48
N VAL B 30 -38.92 -65.73 -25.03
CA VAL B 30 -38.28 -64.57 -24.42
C VAL B 30 -39.36 -63.62 -23.93
N LYS B 31 -39.33 -63.32 -22.64
CA LYS B 31 -40.17 -62.28 -22.06
C LYS B 31 -39.30 -61.38 -21.17
N ALA B 32 -39.66 -60.11 -21.13
CA ALA B 32 -38.89 -59.15 -20.35
C ALA B 32 -39.80 -58.00 -19.93
N ARG B 33 -39.75 -57.66 -18.65
CA ARG B 33 -40.45 -56.50 -18.10
C ARG B 33 -39.43 -55.56 -17.50
N ALA B 34 -39.58 -54.27 -17.79
CA ALA B 34 -38.67 -53.25 -17.29
C ALA B 34 -39.48 -52.08 -16.77
N LYS B 35 -38.95 -51.45 -15.72
CA LYS B 35 -39.58 -50.27 -15.13
C LYS B 35 -38.47 -49.31 -14.72
N VAL B 36 -38.23 -48.30 -15.53
CA VAL B 36 -37.18 -47.32 -15.29
C VAL B 36 -37.83 -46.05 -14.78
N ASN B 37 -37.41 -45.59 -13.61
CA ASN B 37 -37.95 -44.37 -13.03
C ASN B 37 -37.13 -43.14 -13.42
N ALA B 38 -36.94 -42.96 -14.72
CA ALA B 38 -36.19 -41.84 -15.27
C ALA B 38 -36.95 -41.26 -16.45
N PRO B 39 -36.82 -39.97 -16.71
CA PRO B 39 -37.49 -39.37 -17.86
C PRO B 39 -36.89 -39.87 -19.16
N PRO B 40 -37.74 -40.27 -20.12
CA PRO B 40 -37.24 -40.69 -21.43
C PRO B 40 -36.68 -39.51 -22.22
N ALA B 41 -35.75 -39.81 -23.11
CA ALA B 41 -35.16 -38.79 -23.98
C ALA B 41 -36.02 -38.54 -25.21
N SER B 42 -37.31 -38.32 -25.01
CA SER B 42 -38.25 -38.06 -26.08
C SER B 42 -38.69 -36.61 -26.04
N PRO B 43 -38.46 -35.82 -27.08
CA PRO B 43 -38.88 -34.41 -27.06
C PRO B 43 -40.38 -34.23 -26.98
N LEU B 44 -41.17 -35.25 -27.24
CA LEU B 44 -42.62 -35.21 -27.09
C LEU B 44 -43.05 -36.25 -26.07
N LEU B 45 -43.81 -35.83 -25.07
CA LEU B 45 -44.27 -36.70 -24.00
C LEU B 45 -45.69 -36.33 -23.63
N PRO B 46 -46.49 -37.29 -23.13
CA PRO B 46 -46.14 -38.70 -22.94
C PRO B 46 -46.18 -39.52 -24.23
N ALA B 47 -45.31 -40.50 -24.33
CA ALA B 47 -45.21 -41.36 -25.51
C ALA B 47 -45.44 -42.80 -25.11
N ASP B 48 -46.26 -43.51 -25.88
CA ASP B 48 -46.53 -44.92 -25.65
C ASP B 48 -46.41 -45.66 -26.98
N CYS B 49 -46.22 -46.97 -26.90
CA CYS B 49 -46.10 -47.76 -28.12
C CYS B 49 -46.49 -49.21 -27.84
N ASP B 50 -47.26 -49.78 -28.76
CA ASP B 50 -47.60 -51.20 -28.74
C ASP B 50 -47.15 -51.81 -30.07
N VAL B 51 -46.27 -52.79 -29.99
CA VAL B 51 -45.69 -53.41 -31.18
C VAL B 51 -46.07 -54.89 -31.19
N LYS B 52 -46.60 -55.35 -32.31
CA LYS B 52 -46.96 -56.75 -32.51
C LYS B 52 -46.25 -57.25 -33.76
N LEU B 53 -45.53 -58.36 -33.63
CA LEU B 53 -44.83 -58.96 -34.76
C LEU B 53 -45.35 -60.37 -34.95
N ASN B 54 -45.86 -60.67 -36.15
CA ASN B 54 -46.40 -61.98 -36.47
C ASN B 54 -45.69 -62.53 -37.69
N VAL B 55 -45.30 -63.80 -37.62
CA VAL B 55 -44.66 -64.50 -38.71
C VAL B 55 -45.31 -65.87 -38.83
N LYS B 56 -45.42 -66.39 -40.06
CA LYS B 56 -45.90 -67.73 -40.27
C LYS B 56 -45.32 -68.30 -41.56
N PRO B 57 -44.92 -69.57 -41.56
CA PRO B 57 -44.50 -70.21 -42.81
C PRO B 57 -45.71 -70.60 -43.65
N LEU B 58 -45.65 -70.25 -44.93
CA LEU B 58 -46.70 -70.61 -45.88
C LEU B 58 -46.27 -71.61 -46.94
N ASP B 59 -45.01 -71.54 -47.39
CA ASP B 59 -44.44 -72.63 -48.19
C ASP B 59 -42.92 -72.61 -48.05
N PRO B 60 -42.35 -73.55 -47.29
CA PRO B 60 -40.89 -73.58 -47.11
C PRO B 60 -40.14 -74.21 -48.26
N ALA B 61 -40.83 -74.71 -49.29
CA ALA B 61 -40.14 -75.27 -50.45
C ALA B 61 -39.33 -74.20 -51.17
N LYS B 62 -39.90 -73.01 -51.34
CA LYS B 62 -39.19 -71.91 -51.97
C LYS B 62 -38.69 -70.87 -50.97
N GLY B 63 -39.07 -71.00 -49.69
CA GLY B 63 -38.53 -70.15 -48.65
C GLY B 63 -39.39 -68.99 -48.22
N PHE B 64 -40.58 -68.83 -48.78
CA PHE B 64 -41.44 -67.71 -48.41
C PHE B 64 -41.86 -67.81 -46.94
N VAL B 65 -41.83 -66.68 -46.26
CA VAL B 65 -42.42 -66.55 -44.92
C VAL B 65 -43.25 -65.26 -44.91
N ARG B 66 -44.41 -65.33 -44.26
CA ARG B 66 -45.33 -64.20 -44.20
C ARG B 66 -45.15 -63.50 -42.85
N ILE B 67 -44.59 -62.29 -42.89
CA ILE B 67 -44.28 -61.51 -41.69
C ILE B 67 -45.26 -60.34 -41.62
N SER B 68 -45.83 -60.13 -40.43
CA SER B 68 -46.73 -59.01 -40.17
C SER B 68 -46.28 -58.30 -38.91
N ALA B 69 -45.99 -57.01 -39.03
CA ALA B 69 -45.61 -56.17 -37.89
C ALA B 69 -46.57 -55.01 -37.79
N VAL B 70 -47.11 -54.78 -36.60
CA VAL B 70 -48.06 -53.70 -36.34
C VAL B 70 -47.50 -52.83 -35.24
N PHE B 71 -47.35 -51.54 -35.52
CA PHE B 71 -46.90 -50.56 -34.55
C PHE B 71 -48.05 -49.61 -34.22
N GLU B 72 -48.38 -49.50 -32.95
CA GLU B 72 -49.36 -48.54 -32.46
C GLU B 72 -48.71 -47.64 -31.43
N SER B 73 -49.02 -46.35 -31.48
CA SER B 73 -48.39 -45.39 -30.59
C SER B 73 -49.33 -44.24 -30.31
N ILE B 74 -49.15 -43.63 -29.14
CA ILE B 74 -49.86 -42.42 -28.75
C ILE B 74 -48.81 -41.48 -28.16
N VAL B 75 -48.32 -40.55 -28.98
CA VAL B 75 -47.27 -39.61 -28.58
C VAL B 75 -47.88 -38.23 -28.52
N ASP B 76 -47.85 -37.61 -27.33
CA ASP B 76 -48.43 -36.28 -27.11
C ASP B 76 -49.88 -36.22 -27.58
N SER B 77 -50.64 -37.25 -27.23
CA SER B 77 -52.06 -37.37 -27.57
C SER B 77 -52.27 -37.41 -29.09
N THR B 78 -51.29 -37.93 -29.82
CA THR B 78 -51.41 -38.16 -31.25
C THR B 78 -51.36 -39.66 -31.50
N LYS B 79 -52.42 -40.20 -32.08
CA LYS B 79 -52.53 -41.64 -32.32
C LYS B 79 -51.81 -42.01 -33.61
N ASN B 80 -50.86 -42.95 -33.50
CA ASN B 80 -50.08 -43.40 -34.64
C ASN B 80 -50.28 -44.89 -34.82
N LYS B 81 -50.25 -45.35 -36.07
CA LYS B 81 -50.35 -46.76 -36.38
C LYS B 81 -49.54 -47.06 -37.63
N LEU B 82 -48.92 -48.24 -37.64
CA LEU B 82 -48.14 -48.68 -38.79
C LEU B 82 -48.29 -50.19 -38.92
N THR B 83 -49.14 -50.62 -39.83
CA THR B 83 -49.31 -52.03 -40.16
C THR B 83 -48.49 -52.34 -41.40
N ILE B 84 -47.69 -53.40 -41.34
CA ILE B 84 -46.89 -53.83 -42.48
C ILE B 84 -46.94 -55.35 -42.59
N GLU B 85 -47.58 -55.85 -43.65
CA GLU B 85 -47.56 -57.25 -44.00
C GLU B 85 -46.55 -57.44 -45.13
N ALA B 86 -45.77 -58.52 -45.06
CA ALA B 86 -44.73 -58.75 -46.05
C ALA B 86 -44.49 -60.24 -46.20
N ASP B 87 -44.08 -60.63 -47.42
CA ASP B 87 -43.73 -62.01 -47.74
C ASP B 87 -42.26 -62.04 -48.13
N ILE B 88 -41.40 -62.37 -47.17
CA ILE B 88 -39.97 -62.29 -47.35
C ILE B 88 -39.39 -63.69 -47.51
N ALA B 89 -38.32 -63.79 -48.29
CA ALA B 89 -37.65 -65.07 -48.50
C ALA B 89 -36.24 -64.84 -48.99
N ASN B 90 -35.33 -65.75 -48.63
CA ASN B 90 -33.98 -65.74 -49.17
C ASN B 90 -34.01 -66.28 -50.60
N GLU B 91 -33.77 -65.41 -51.58
CA GLU B 91 -33.60 -65.89 -52.94
C GLU B 91 -32.29 -66.65 -53.08
N THR B 92 -31.21 -66.09 -52.56
CA THR B 92 -29.91 -66.75 -52.52
C THR B 92 -29.29 -66.54 -51.14
N LYS B 93 -28.02 -66.89 -50.99
CA LYS B 93 -27.33 -66.67 -49.72
C LYS B 93 -27.24 -65.20 -49.38
N GLU B 94 -27.28 -64.33 -50.39
CA GLU B 94 -27.09 -62.90 -50.19
C GLU B 94 -28.30 -62.06 -50.56
N ARG B 95 -29.22 -62.58 -51.37
CA ARG B 95 -30.37 -61.82 -51.84
C ARG B 95 -31.64 -62.27 -51.14
N ARG B 96 -32.53 -61.31 -50.89
CA ARG B 96 -33.88 -61.59 -50.40
C ARG B 96 -34.87 -60.77 -51.20
N ILE B 97 -36.09 -61.28 -51.31
CA ILE B 97 -37.17 -60.60 -52.01
C ILE B 97 -38.37 -60.54 -51.07
N SER B 98 -39.02 -59.37 -51.00
CA SER B 98 -40.21 -59.19 -50.19
C SER B 98 -41.30 -58.54 -51.03
N VAL B 99 -42.47 -59.16 -51.06
CA VAL B 99 -43.64 -58.62 -51.73
C VAL B 99 -44.70 -58.38 -50.66
N GLY B 100 -44.75 -57.16 -50.14
CA GLY B 100 -45.63 -56.86 -49.02
C GLY B 100 -46.40 -55.58 -49.23
N GLU B 101 -47.27 -55.29 -48.27
CA GLU B 101 -48.10 -54.10 -48.31
C GLU B 101 -48.50 -53.74 -46.89
N GLY B 102 -48.89 -52.49 -46.70
CA GLY B 102 -49.27 -52.03 -45.39
C GLY B 102 -49.87 -50.65 -45.41
N MET B 103 -49.94 -50.03 -44.23
CA MET B 103 -50.51 -48.70 -44.11
C MET B 103 -49.90 -48.00 -42.90
N VAL B 104 -50.00 -46.68 -42.89
CA VAL B 104 -49.58 -45.85 -41.76
C VAL B 104 -50.65 -44.81 -41.50
N SER B 105 -50.96 -44.58 -40.24
CA SER B 105 -52.01 -43.64 -39.87
C SER B 105 -51.53 -42.75 -38.72
N VAL B 106 -51.77 -41.44 -38.86
CA VAL B 106 -51.49 -40.47 -37.81
C VAL B 106 -52.71 -39.56 -37.68
N GLY B 107 -53.28 -39.51 -36.48
CA GLY B 107 -54.49 -38.71 -36.28
C GLY B 107 -55.60 -39.22 -37.17
N ASP B 108 -56.14 -38.34 -38.00
CA ASP B 108 -57.13 -38.74 -39.00
C ASP B 108 -56.51 -39.08 -40.34
N PHE B 109 -55.27 -38.67 -40.58
CA PHE B 109 -54.58 -38.98 -41.83
C PHE B 109 -54.12 -40.44 -41.84
N SER B 110 -54.16 -41.04 -43.01
CA SER B 110 -53.72 -42.42 -43.19
C SER B 110 -53.55 -42.69 -44.68
N HIS B 111 -52.41 -43.26 -45.06
CA HIS B 111 -52.20 -43.71 -46.43
C HIS B 111 -51.67 -45.14 -46.44
N THR B 112 -52.35 -45.99 -47.19
CA THR B 112 -51.90 -47.37 -47.39
C THR B 112 -50.79 -47.41 -48.44
N PHE B 113 -50.06 -48.52 -48.45
CA PHE B 113 -48.96 -48.66 -49.38
C PHE B 113 -48.70 -50.14 -49.65
N SER B 114 -48.06 -50.40 -50.79
CA SER B 114 -47.60 -51.73 -51.15
C SER B 114 -46.19 -51.60 -51.69
N PHE B 115 -45.42 -52.69 -51.59
CA PHE B 115 -44.03 -52.62 -52.00
C PHE B 115 -43.53 -54.00 -52.43
N GLU B 116 -42.63 -53.99 -53.41
CA GLU B 116 -41.87 -55.16 -53.80
C GLU B 116 -40.40 -54.79 -53.73
N GLY B 117 -39.68 -55.34 -52.75
CA GLY B 117 -38.33 -54.93 -52.48
C GLY B 117 -37.34 -56.07 -52.61
N SER B 118 -36.08 -55.69 -52.74
CA SER B 118 -34.98 -56.65 -52.88
C SER B 118 -33.76 -56.09 -52.17
N VAL B 119 -33.35 -56.75 -51.09
CA VAL B 119 -32.19 -56.36 -50.31
C VAL B 119 -31.12 -57.41 -50.50
N VAL B 120 -29.95 -57.00 -50.96
CA VAL B 120 -28.82 -57.90 -51.18
C VAL B 120 -27.67 -57.41 -50.31
N ASN B 121 -27.06 -58.33 -49.57
CA ASN B 121 -26.01 -58.02 -48.62
C ASN B 121 -24.70 -58.64 -49.09
N LEU B 122 -23.67 -57.81 -49.24
CA LEU B 122 -22.35 -58.25 -49.65
C LEU B 122 -21.36 -57.99 -48.53
N PHE B 123 -20.60 -59.03 -48.18
CA PHE B 123 -19.47 -58.89 -47.27
C PHE B 123 -18.22 -58.49 -48.06
N TYR B 124 -17.45 -57.57 -47.50
CA TYR B 124 -16.26 -57.08 -48.19
C TYR B 124 -15.25 -58.19 -48.45
N TYR B 125 -15.21 -59.20 -47.57
CA TYR B 125 -14.28 -60.30 -47.71
C TYR B 125 -14.93 -61.60 -47.26
N ARG B 126 -14.39 -62.71 -47.75
CA ARG B 126 -14.78 -64.07 -47.39
C ARG B 126 -13.55 -64.93 -47.14
N SER B 127 -12.62 -64.38 -46.37
CA SER B 127 -11.35 -65.06 -46.11
C SER B 127 -11.56 -66.24 -45.16
N ASP B 128 -11.00 -67.39 -45.54
CA ASP B 128 -11.03 -68.55 -44.66
C ASP B 128 -10.14 -68.38 -43.44
N ALA B 129 -9.05 -67.61 -43.57
CA ALA B 129 -8.16 -67.39 -42.43
C ALA B 129 -8.88 -66.69 -41.29
N VAL B 130 -9.96 -65.97 -41.59
CA VAL B 130 -10.71 -65.28 -40.55
C VAL B 130 -11.80 -66.19 -39.99
N ARG B 131 -12.44 -66.97 -40.87
CA ARG B 131 -13.56 -67.81 -40.45
C ARG B 131 -13.10 -68.90 -39.48
N ARG B 132 -11.89 -69.40 -39.65
CA ARG B 132 -11.43 -70.52 -38.84
C ARG B 132 -10.60 -70.10 -37.63
N ASN B 133 -9.82 -69.01 -37.75
CA ASN B 133 -8.97 -68.59 -36.65
C ASN B 133 -9.71 -67.79 -35.60
N VAL B 134 -10.91 -67.30 -35.91
CA VAL B 134 -11.75 -66.59 -34.96
C VAL B 134 -12.94 -67.50 -34.64
N PRO B 135 -12.99 -68.13 -33.46
CA PRO B 135 -14.10 -69.03 -33.15
C PRO B 135 -15.46 -68.37 -33.18
N ASN B 136 -15.55 -67.10 -32.80
CA ASN B 136 -16.81 -66.37 -32.75
C ASN B 136 -16.65 -65.00 -33.40
N PRO B 137 -16.79 -64.90 -34.71
CA PRO B 137 -16.76 -63.58 -35.37
C PRO B 137 -17.90 -62.71 -34.88
N ILE B 138 -17.60 -61.42 -34.70
CA ILE B 138 -18.59 -60.41 -34.34
C ILE B 138 -18.65 -59.28 -35.35
N TYR B 139 -17.50 -58.69 -35.68
CA TYR B 139 -17.43 -57.55 -36.57
C TYR B 139 -17.22 -58.04 -38.00
N MET B 140 -18.23 -57.86 -38.84
CA MET B 140 -18.17 -58.28 -40.24
C MET B 140 -18.69 -57.13 -41.09
N GLN B 141 -17.77 -56.34 -41.65
CA GLN B 141 -18.15 -55.19 -42.45
C GLN B 141 -18.75 -55.63 -43.78
N GLY B 142 -19.60 -54.78 -44.33
CA GLY B 142 -20.22 -55.07 -45.61
C GLY B 142 -21.21 -54.00 -46.01
N ARG B 143 -21.87 -54.23 -47.13
CA ARG B 143 -22.88 -53.33 -47.66
C ARG B 143 -24.18 -54.09 -47.84
N GLN B 144 -25.29 -53.37 -47.65
CA GLN B 144 -26.62 -53.85 -48.03
C GLN B 144 -27.15 -52.92 -49.10
N PHE B 145 -27.61 -53.48 -50.21
CA PHE B 145 -28.14 -52.70 -51.32
C PHE B 145 -29.65 -52.87 -51.37
N HIS B 146 -30.36 -52.05 -50.60
CA HIS B 146 -31.81 -51.99 -50.65
C HIS B 146 -32.27 -51.55 -52.03
N ASP B 147 -33.29 -52.22 -52.55
CA ASP B 147 -33.93 -51.84 -53.81
C ASP B 147 -35.43 -51.94 -53.59
N ILE B 148 -36.11 -50.80 -53.53
CA ILE B 148 -37.50 -50.72 -53.09
C ILE B 148 -38.35 -50.21 -54.23
N LEU B 149 -39.45 -50.89 -54.50
CA LEU B 149 -40.50 -50.43 -55.41
C LEU B 149 -41.79 -50.33 -54.61
N MET B 150 -42.16 -49.13 -54.19
CA MET B 150 -43.37 -48.94 -53.39
C MET B 150 -44.41 -48.24 -54.25
N LYS B 151 -45.61 -48.81 -54.28
CA LYS B 151 -46.76 -48.17 -54.90
C LYS B 151 -47.71 -47.70 -53.79
N VAL B 152 -47.90 -46.40 -53.70
CA VAL B 152 -48.74 -45.79 -52.68
C VAL B 152 -49.92 -45.12 -53.37
N PRO B 153 -51.16 -45.55 -53.11
CA PRO B 153 -52.31 -44.86 -53.67
C PRO B 153 -52.37 -43.42 -53.18
N LEU B 154 -52.74 -42.51 -54.09
CA LEU B 154 -52.87 -41.09 -53.77
C LEU B 154 -54.36 -40.78 -53.66
N ASP B 155 -54.90 -41.00 -52.47
CA ASP B 155 -56.33 -40.81 -52.20
C ASP B 155 -56.64 -39.50 -51.51
N ASN B 156 -55.93 -39.21 -50.42
CA ASN B 156 -56.12 -37.94 -49.72
C ASN B 156 -55.57 -36.78 -50.52
N ASN B 157 -56.08 -35.58 -50.23
CA ASN B 157 -55.51 -34.37 -50.85
C ASN B 157 -54.07 -34.17 -50.42
N ASP B 158 -53.77 -34.41 -49.14
CA ASP B 158 -52.39 -34.32 -48.68
C ASP B 158 -51.51 -35.34 -49.36
N LEU B 159 -52.07 -36.48 -49.78
CA LEU B 159 -51.29 -37.47 -50.50
C LEU B 159 -50.79 -36.94 -51.83
N ILE B 160 -51.69 -36.39 -52.65
CA ILE B 160 -51.27 -35.84 -53.93
C ILE B 160 -50.38 -34.62 -53.71
N ASP B 161 -50.64 -33.85 -52.66
CA ASP B 161 -49.77 -32.71 -52.37
C ASP B 161 -48.34 -33.16 -52.09
N THR B 162 -48.18 -34.19 -51.24
CA THR B 162 -46.86 -34.78 -51.04
C THR B 162 -46.27 -35.26 -52.35
N TRP B 163 -47.10 -35.87 -53.21
CA TRP B 163 -46.58 -36.44 -54.44
C TRP B 163 -46.01 -35.36 -55.37
N GLU B 164 -46.79 -34.31 -55.64
CA GLU B 164 -46.28 -33.26 -56.52
C GLU B 164 -45.11 -32.53 -55.88
N GLY B 165 -45.15 -32.30 -54.56
CA GLY B 165 -44.02 -31.69 -53.90
C GLY B 165 -42.74 -32.50 -54.08
N THR B 166 -42.84 -33.81 -53.91
CA THR B 166 -41.67 -34.68 -54.04
C THR B 166 -41.15 -34.72 -55.47
N VAL B 167 -42.06 -34.86 -56.45
CA VAL B 167 -41.60 -34.97 -57.83
C VAL B 167 -40.99 -33.64 -58.29
N LYS B 168 -41.57 -32.52 -57.87
CA LYS B 168 -40.98 -31.23 -58.20
C LYS B 168 -39.62 -31.06 -57.52
N ALA B 169 -39.49 -31.54 -56.28
CA ALA B 169 -38.21 -31.47 -55.58
C ALA B 169 -37.15 -32.29 -56.29
N ILE B 170 -37.48 -33.51 -56.73
CA ILE B 170 -36.47 -34.33 -57.39
C ILE B 170 -36.12 -33.77 -58.75
N GLY B 171 -37.10 -33.22 -59.48
CA GLY B 171 -36.81 -32.64 -60.78
C GLY B 171 -35.97 -31.38 -60.70
N SER B 172 -36.27 -30.51 -59.73
CA SER B 172 -35.58 -29.23 -59.64
C SER B 172 -34.25 -29.36 -58.90
N THR B 173 -34.31 -29.78 -57.64
CA THR B 173 -33.11 -29.84 -56.82
C THR B 173 -32.25 -31.04 -57.20
N GLY B 174 -30.96 -30.79 -57.46
CA GLY B 174 -30.04 -31.86 -57.79
C GLY B 174 -29.46 -32.59 -56.59
N ALA B 175 -29.46 -31.94 -55.43
CA ALA B 175 -28.94 -32.53 -54.20
C ALA B 175 -29.99 -33.30 -53.42
N PHE B 176 -31.09 -33.70 -54.08
CA PHE B 176 -32.08 -34.53 -53.42
C PHE B 176 -31.51 -35.89 -53.02
N ASN B 177 -30.51 -36.38 -53.75
CA ASN B 177 -30.01 -37.73 -53.49
C ASN B 177 -29.24 -37.84 -52.19
N ASP B 178 -28.82 -36.72 -51.60
CA ASP B 178 -28.19 -36.75 -50.29
C ASP B 178 -28.89 -35.89 -49.25
N TRP B 179 -29.76 -34.97 -49.64
CA TRP B 179 -30.58 -34.27 -48.65
C TRP B 179 -31.76 -35.12 -48.21
N ILE B 180 -32.08 -36.17 -48.97
CA ILE B 180 -33.10 -37.11 -48.54
C ILE B 180 -32.61 -37.91 -47.34
N ARG B 181 -31.29 -38.04 -47.19
CA ARG B 181 -30.76 -38.65 -45.97
C ARG B 181 -30.94 -37.74 -44.77
N ASP B 182 -30.84 -36.42 -44.96
CA ASP B 182 -31.08 -35.49 -43.87
C ASP B 182 -32.55 -35.47 -43.47
N PHE B 183 -33.45 -35.44 -44.46
CA PHE B 183 -34.87 -35.50 -44.14
C PHE B 183 -35.26 -36.85 -43.54
N TRP B 184 -34.62 -37.91 -44.03
CA TRP B 184 -35.12 -39.27 -43.88
C TRP B 184 -34.75 -39.87 -42.53
N PHE B 185 -33.67 -39.38 -41.92
CA PHE B 185 -33.32 -39.77 -40.55
C PHE B 185 -33.76 -38.66 -39.61
N ILE B 186 -35.06 -38.62 -39.34
CA ILE B 186 -35.64 -37.54 -38.56
C ILE B 186 -35.08 -37.56 -37.15
N GLY B 187 -34.83 -36.38 -36.60
CA GLY B 187 -34.33 -36.25 -35.25
C GLY B 187 -32.96 -36.84 -35.04
N PRO B 188 -32.78 -37.53 -33.91
CA PRO B 188 -31.46 -38.10 -33.61
C PRO B 188 -31.18 -39.41 -34.31
N ALA B 189 -32.07 -39.83 -35.21
CA ALA B 189 -31.78 -41.02 -36.02
C ALA B 189 -30.54 -40.81 -36.85
N PHE B 190 -30.28 -39.57 -37.28
CA PHE B 190 -29.07 -39.28 -38.05
C PHE B 190 -27.82 -39.50 -37.21
N THR B 191 -27.87 -39.11 -35.94
CA THR B 191 -26.74 -39.38 -35.05
C THR B 191 -26.60 -40.87 -34.78
N ALA B 192 -27.72 -41.56 -34.57
CA ALA B 192 -27.68 -43.00 -34.36
C ALA B 192 -27.12 -43.73 -35.57
N LEU B 193 -27.23 -43.11 -36.75
CA LEU B 193 -26.59 -43.65 -37.95
C LEU B 193 -25.10 -43.85 -37.74
N ASN B 194 -24.41 -42.81 -37.26
CA ASN B 194 -22.97 -42.90 -37.04
C ASN B 194 -22.62 -43.62 -35.75
N GLU B 195 -23.50 -43.58 -34.75
CA GLU B 195 -23.20 -44.25 -33.49
C GLU B 195 -23.02 -45.75 -33.69
N GLY B 196 -23.87 -46.38 -34.50
CA GLY B 196 -23.74 -47.78 -34.84
C GLY B 196 -22.79 -48.07 -35.97
N GLY B 197 -22.12 -47.06 -36.51
CA GLY B 197 -21.20 -47.26 -37.61
C GLY B 197 -21.84 -47.34 -38.97
N GLN B 198 -23.12 -47.02 -39.09
CA GLN B 198 -23.79 -47.12 -40.38
C GLN B 198 -23.40 -45.95 -41.28
N ARG B 199 -23.52 -46.18 -42.59
CA ARG B 199 -23.38 -45.13 -43.59
C ARG B 199 -24.40 -45.38 -44.68
N ILE B 200 -25.02 -44.31 -45.17
CA ILE B 200 -26.03 -44.40 -46.22
C ILE B 200 -25.44 -43.78 -47.49
N SER B 201 -25.48 -44.54 -48.57
CA SER B 201 -25.10 -43.99 -49.87
C SER B 201 -26.20 -43.09 -50.40
N ARG B 202 -25.86 -42.30 -51.41
CA ARG B 202 -26.86 -41.52 -52.10
C ARG B 202 -27.92 -42.44 -52.68
N ILE B 203 -29.19 -42.11 -52.43
CA ILE B 203 -30.27 -42.94 -52.93
C ILE B 203 -30.37 -42.77 -54.44
N GLU B 204 -30.54 -43.88 -55.15
CA GLU B 204 -30.69 -43.88 -56.60
C GLU B 204 -32.18 -44.01 -56.92
N VAL B 205 -32.72 -43.04 -57.64
CA VAL B 205 -34.12 -43.03 -58.01
C VAL B 205 -34.21 -43.49 -59.47
N ASN B 206 -34.81 -44.67 -59.67
CA ASN B 206 -34.96 -45.23 -61.00
C ASN B 206 -36.22 -44.77 -61.71
N GLY B 207 -37.07 -43.98 -61.04
CA GLY B 207 -38.24 -43.44 -61.67
C GLY B 207 -39.42 -43.27 -60.75
N LEU B 208 -40.12 -42.14 -60.88
CA LEU B 208 -41.35 -41.87 -60.15
C LEU B 208 -42.47 -41.62 -61.16
N ASN B 209 -43.57 -42.35 -61.03
CA ASN B 209 -44.66 -42.24 -61.98
C ASN B 209 -45.95 -42.68 -61.31
N THR B 210 -47.07 -42.34 -61.95
CA THR B 210 -48.40 -42.70 -61.47
C THR B 210 -49.17 -43.37 -62.59
N GLU B 211 -50.19 -44.13 -62.19
CA GLU B 211 -51.09 -44.79 -63.13
C GLU B 211 -52.49 -44.79 -62.55
N SER B 212 -53.48 -44.92 -63.43
CA SER B 212 -54.88 -45.00 -63.01
C SER B 212 -55.12 -46.36 -62.37
N GLY B 213 -55.10 -46.38 -61.04
CA GLY B 213 -55.25 -47.62 -60.30
C GLY B 213 -56.70 -48.07 -60.24
N PRO B 214 -56.96 -49.09 -59.43
CA PRO B 214 -58.35 -49.59 -59.29
C PRO B 214 -59.32 -48.53 -58.78
N LYS B 215 -58.86 -47.62 -57.91
CA LYS B 215 -59.73 -46.59 -57.36
C LYS B 215 -59.14 -45.20 -57.40
N GLY B 216 -57.88 -45.02 -57.81
CA GLY B 216 -57.28 -43.72 -57.89
C GLY B 216 -55.83 -43.78 -58.32
N PRO B 217 -55.19 -42.61 -58.44
CA PRO B 217 -53.76 -42.59 -58.80
C PRO B 217 -52.93 -43.30 -57.75
N VAL B 218 -51.89 -44.01 -58.22
CA VAL B 218 -51.01 -44.79 -57.37
C VAL B 218 -49.59 -44.37 -57.70
N GLY B 219 -49.01 -43.49 -56.88
CA GLY B 219 -47.65 -43.04 -57.11
C GLY B 219 -46.66 -44.16 -56.91
N VAL B 220 -46.06 -44.64 -57.99
CA VAL B 220 -45.12 -45.76 -57.96
C VAL B 220 -43.72 -45.18 -57.89
N SER B 221 -43.04 -45.38 -56.77
CA SER B 221 -41.69 -44.88 -56.57
C SER B 221 -40.72 -46.06 -56.62
N ARG B 222 -39.92 -46.11 -57.67
CA ARG B 222 -38.88 -47.11 -57.83
C ARG B 222 -37.54 -46.46 -57.51
N TRP B 223 -37.00 -46.77 -56.33
CA TRP B 223 -35.75 -46.17 -55.88
C TRP B 223 -34.88 -47.26 -55.29
N ARG B 224 -33.63 -46.90 -55.00
CA ARG B 224 -32.73 -47.83 -54.34
C ARG B 224 -31.68 -47.04 -53.59
N PHE B 225 -31.07 -47.68 -52.61
CA PHE B 225 -29.95 -47.10 -51.88
C PHE B 225 -29.09 -48.25 -51.37
N SER B 226 -28.06 -47.89 -50.60
CA SER B 226 -27.19 -48.90 -50.03
C SER B 226 -26.60 -48.37 -48.73
N HIS B 227 -26.76 -49.14 -47.65
CA HIS B 227 -26.20 -48.77 -46.36
C HIS B 227 -25.09 -49.75 -46.01
N GLY B 228 -23.96 -49.21 -45.57
CA GLY B 228 -22.80 -50.00 -45.23
C GLY B 228 -22.43 -49.84 -43.76
N GLY B 229 -21.74 -50.83 -43.22
CA GLY B 229 -21.42 -50.84 -41.81
C GLY B 229 -19.99 -51.25 -41.56
N SER B 230 -19.53 -50.93 -40.36
CA SER B 230 -18.17 -51.26 -39.93
C SER B 230 -18.07 -52.60 -39.22
N GLY B 231 -19.16 -53.36 -39.17
CA GLY B 231 -19.16 -54.63 -38.47
C GLY B 231 -20.15 -54.61 -37.32
N MET B 232 -20.39 -53.42 -36.78
CA MET B 232 -21.37 -53.25 -35.71
C MET B 232 -22.80 -53.40 -36.21
N VAL B 233 -23.02 -53.24 -37.52
CA VAL B 233 -24.36 -53.17 -38.07
C VAL B 233 -24.89 -54.60 -38.15
N ASP B 234 -25.85 -54.91 -37.29
CA ASP B 234 -26.35 -56.28 -37.18
C ASP B 234 -27.08 -56.71 -38.45
N SER B 235 -27.76 -55.78 -39.11
CA SER B 235 -28.41 -56.13 -40.37
C SER B 235 -27.41 -56.56 -41.43
N ILE B 236 -26.14 -56.14 -41.31
CA ILE B 236 -25.11 -56.46 -42.28
C ILE B 236 -24.22 -57.62 -41.79
N SER B 237 -23.72 -57.52 -40.57
CA SER B 237 -22.80 -58.54 -40.07
C SER B 237 -23.49 -59.85 -39.70
N ARG B 238 -24.82 -59.83 -39.54
CA ARG B 238 -25.58 -61.01 -39.15
C ARG B 238 -26.72 -61.24 -40.14
N TRP B 239 -26.37 -61.21 -41.43
CA TRP B 239 -27.37 -61.25 -42.49
C TRP B 239 -28.23 -62.50 -42.41
N ALA B 240 -27.60 -63.67 -42.34
CA ALA B 240 -28.36 -64.93 -42.29
C ALA B 240 -28.96 -65.16 -40.91
N GLU B 241 -28.25 -64.74 -39.86
CA GLU B 241 -28.68 -65.09 -38.50
C GLU B 241 -29.97 -64.36 -38.10
N LEU B 242 -30.20 -63.15 -38.61
CA LEU B 242 -31.36 -62.38 -38.19
C LEU B 242 -32.65 -62.85 -38.84
N PHE B 243 -32.57 -63.67 -39.88
CA PHE B 243 -33.75 -64.12 -40.63
C PHE B 243 -33.74 -65.64 -40.72
N PRO B 244 -34.08 -66.32 -39.63
CA PRO B 244 -34.10 -67.80 -39.62
C PRO B 244 -35.32 -68.38 -40.35
N SER B 245 -35.31 -68.23 -41.68
CA SER B 245 -36.40 -68.79 -42.49
C SER B 245 -36.38 -70.31 -42.47
N ASP B 246 -35.18 -70.91 -42.53
CA ASP B 246 -35.08 -72.36 -42.64
C ASP B 246 -35.61 -73.05 -41.39
N LYS B 247 -35.29 -72.53 -40.21
CA LYS B 247 -35.65 -73.16 -38.95
C LYS B 247 -36.94 -72.59 -38.36
N LEU B 248 -37.87 -72.17 -39.20
CA LEU B 248 -39.19 -71.70 -38.79
C LEU B 248 -40.21 -72.76 -39.18
N ASN B 249 -40.52 -73.66 -38.25
CA ASN B 249 -41.48 -74.72 -38.48
C ASN B 249 -42.86 -74.42 -37.93
N ARG B 250 -43.04 -73.27 -37.28
CA ARG B 250 -44.34 -72.87 -36.74
C ARG B 250 -44.35 -71.35 -36.63
N PRO B 251 -45.54 -70.75 -36.57
CA PRO B 251 -45.60 -69.28 -36.47
C PRO B 251 -44.90 -68.77 -35.22
N ALA B 252 -44.21 -67.64 -35.38
CA ALA B 252 -43.48 -67.00 -34.30
C ALA B 252 -44.21 -65.74 -33.87
N GLN B 253 -43.99 -65.34 -32.62
CA GLN B 253 -44.70 -64.22 -32.02
C GLN B 253 -43.75 -63.33 -31.24
N VAL B 254 -43.89 -62.02 -31.44
CA VAL B 254 -43.24 -61.02 -30.61
C VAL B 254 -44.28 -59.93 -30.34
N GLU B 255 -44.67 -59.78 -29.08
CA GLU B 255 -45.64 -58.77 -28.66
C GLU B 255 -44.97 -57.91 -27.60
N ALA B 256 -44.28 -56.87 -28.04
CA ALA B 256 -43.58 -55.96 -27.16
C ALA B 256 -44.34 -54.64 -27.09
N GLY B 257 -43.76 -53.68 -26.36
CA GLY B 257 -44.38 -52.39 -26.21
C GLY B 257 -43.97 -51.71 -24.92
N PHE B 258 -43.88 -50.38 -24.94
CA PHE B 258 -43.47 -49.62 -23.77
C PHE B 258 -44.50 -48.54 -23.45
N ARG B 259 -44.74 -48.34 -22.16
CA ARG B 259 -45.48 -47.20 -21.66
C ARG B 259 -44.49 -46.23 -21.03
N SER B 260 -44.49 -44.99 -21.51
CA SER B 260 -43.52 -44.00 -21.07
C SER B 260 -44.24 -42.70 -20.75
N ASP B 261 -43.85 -42.07 -19.64
CA ASP B 261 -44.45 -40.82 -19.21
C ASP B 261 -43.36 -39.78 -19.02
N SER B 262 -43.70 -38.64 -18.42
CA SER B 262 -42.69 -37.63 -18.12
C SER B 262 -41.77 -38.05 -16.99
N GLN B 263 -42.06 -39.15 -16.29
CA GLN B 263 -41.32 -39.50 -15.09
C GLN B 263 -40.97 -40.99 -15.02
N GLY B 264 -40.98 -41.69 -16.14
CA GLY B 264 -40.59 -43.09 -16.11
C GLY B 264 -40.87 -43.79 -17.42
N ILE B 265 -40.34 -45.01 -17.50
CA ILE B 265 -40.52 -45.89 -18.66
C ILE B 265 -40.90 -47.27 -18.15
N GLU B 266 -41.97 -47.84 -18.72
CA GLU B 266 -42.40 -49.20 -18.42
C GLU B 266 -42.36 -50.00 -19.71
N VAL B 267 -41.70 -51.15 -19.69
CA VAL B 267 -41.46 -51.95 -20.88
C VAL B 267 -42.03 -53.35 -20.65
N LYS B 268 -42.81 -53.84 -21.61
CA LYS B 268 -43.33 -55.20 -21.59
C LYS B 268 -43.02 -55.85 -22.93
N VAL B 269 -42.16 -56.87 -22.90
CA VAL B 269 -41.72 -57.56 -24.11
C VAL B 269 -42.02 -59.05 -23.96
N ASP B 270 -42.67 -59.64 -24.96
CA ASP B 270 -42.91 -61.07 -25.04
C ASP B 270 -42.49 -61.55 -26.42
N GLY B 271 -41.83 -62.70 -26.48
CA GLY B 271 -41.31 -63.19 -27.73
C GLY B 271 -41.16 -64.70 -27.75
N GLU B 272 -41.32 -65.28 -28.93
CA GLU B 272 -41.08 -66.70 -29.14
C GLU B 272 -40.77 -66.88 -30.62
N PHE B 273 -39.54 -67.29 -30.92
CA PHE B 273 -39.04 -67.28 -32.29
C PHE B 273 -37.80 -68.16 -32.35
N PRO B 274 -37.46 -68.68 -33.53
CA PRO B 274 -36.26 -69.51 -33.64
C PRO B 274 -34.99 -68.67 -33.57
N GLY B 275 -33.87 -69.37 -33.46
CA GLY B 275 -32.57 -68.73 -33.47
C GLY B 275 -32.15 -68.05 -32.19
N VAL B 276 -32.90 -68.25 -31.09
CA VAL B 276 -32.55 -67.61 -29.82
C VAL B 276 -31.18 -68.08 -29.36
N SER B 277 -30.92 -69.37 -29.46
CA SER B 277 -29.61 -69.94 -29.14
C SER B 277 -29.02 -70.54 -30.41
N VAL B 278 -27.77 -70.17 -30.72
CA VAL B 278 -27.12 -70.60 -31.93
C VAL B 278 -26.07 -71.64 -31.58
N ASP B 279 -25.81 -72.54 -32.54
CA ASP B 279 -24.84 -73.61 -32.32
C ASP B 279 -23.44 -73.05 -32.18
N ALA B 280 -22.61 -73.74 -31.40
CA ALA B 280 -21.22 -73.35 -31.19
C ALA B 280 -20.23 -74.49 -31.46
N GLY B 281 -20.71 -75.64 -31.92
CA GLY B 281 -19.83 -76.73 -32.27
C GLY B 281 -19.70 -77.78 -31.19
N GLY B 282 -19.64 -79.06 -31.59
CA GLY B 282 -19.54 -80.14 -30.64
C GLY B 282 -20.74 -80.27 -29.72
N GLY B 283 -21.94 -80.12 -30.28
CA GLY B 283 -23.15 -80.15 -29.48
C GLY B 283 -23.32 -79.00 -28.52
N LEU B 284 -22.49 -77.96 -28.63
CA LEU B 284 -22.55 -76.81 -27.73
C LEU B 284 -23.42 -75.71 -28.32
N ARG B 285 -24.44 -75.31 -27.58
CA ARG B 285 -25.34 -74.24 -27.99
C ARG B 285 -25.09 -73.03 -27.10
N ARG B 286 -24.99 -71.87 -27.75
CA ARG B 286 -24.82 -70.61 -27.04
C ARG B 286 -25.99 -69.69 -27.38
N ILE B 287 -26.41 -68.89 -26.39
CA ILE B 287 -27.33 -67.81 -26.70
C ILE B 287 -26.69 -66.92 -27.75
N LEU B 288 -27.48 -66.46 -28.70
CA LEU B 288 -26.93 -65.67 -29.80
C LEU B 288 -26.20 -64.46 -29.25
N ASN B 289 -25.06 -64.15 -29.85
CA ASN B 289 -24.30 -62.97 -29.44
C ASN B 289 -25.20 -61.75 -29.49
N HIS B 290 -25.18 -60.97 -28.41
CA HIS B 290 -26.22 -59.98 -28.21
C HIS B 290 -26.24 -59.00 -29.38
N PRO B 291 -27.43 -58.64 -29.87
CA PRO B 291 -27.51 -57.65 -30.94
C PRO B 291 -26.82 -56.36 -30.53
N LEU B 292 -26.06 -55.81 -31.47
CA LEU B 292 -25.08 -54.79 -31.13
C LEU B 292 -25.60 -53.39 -31.44
N ILE B 293 -26.31 -53.25 -32.55
CA ILE B 293 -26.98 -51.98 -32.86
C ILE B 293 -27.97 -51.58 -31.77
N PRO B 294 -28.83 -52.46 -31.26
CA PRO B 294 -29.72 -52.03 -30.16
C PRO B 294 -28.97 -51.53 -28.94
N LEU B 295 -27.86 -52.19 -28.57
CA LEU B 295 -27.09 -51.75 -27.42
C LEU B 295 -26.50 -50.36 -27.64
N VAL B 296 -25.80 -50.17 -28.75
CA VAL B 296 -25.15 -48.88 -28.98
C VAL B 296 -26.13 -47.78 -29.36
N HIS B 297 -27.36 -48.13 -29.71
CA HIS B 297 -28.40 -47.14 -29.93
C HIS B 297 -29.07 -46.73 -28.64
N HIS B 298 -29.39 -47.69 -27.76
CA HIS B 298 -29.90 -47.36 -26.44
C HIS B 298 -28.86 -46.64 -25.60
N GLY B 299 -27.58 -46.80 -25.93
CA GLY B 299 -26.55 -46.06 -25.23
C GLY B 299 -26.64 -44.57 -25.39
N MET B 300 -27.16 -44.09 -26.53
CA MET B 300 -27.33 -42.66 -26.72
C MET B 300 -28.42 -42.09 -25.82
N VAL B 301 -29.30 -42.93 -25.27
CA VAL B 301 -30.35 -42.46 -24.37
C VAL B 301 -30.22 -43.03 -22.96
N GLY B 302 -29.37 -44.02 -22.75
CA GLY B 302 -29.21 -44.64 -21.45
C GLY B 302 -28.18 -44.00 -20.54
N LYS B 303 -27.57 -42.89 -20.96
CA LYS B 303 -26.54 -42.24 -20.17
C LYS B 303 -26.97 -40.86 -19.66
N PHE B 304 -28.27 -40.60 -19.60
CA PHE B 304 -28.78 -39.30 -19.20
C PHE B 304 -29.11 -39.19 -17.72
N ASN B 305 -29.46 -40.30 -17.07
CA ASN B 305 -29.69 -40.31 -15.64
C ASN B 305 -28.89 -41.43 -15.01
N ASN B 306 -28.21 -41.14 -13.91
CA ASN B 306 -27.56 -42.17 -13.12
C ASN B 306 -28.63 -43.02 -12.46
N PHE B 307 -28.50 -44.35 -12.57
CA PHE B 307 -29.54 -45.25 -12.12
C PHE B 307 -28.95 -46.40 -11.32
N ASN B 308 -29.74 -46.88 -10.35
CA ASN B 308 -29.41 -48.08 -9.59
C ASN B 308 -30.14 -49.26 -10.24
N VAL B 309 -29.41 -50.33 -10.51
CA VAL B 309 -29.91 -51.45 -11.30
C VAL B 309 -30.16 -52.64 -10.39
N ASP B 310 -31.35 -53.22 -10.49
CA ASP B 310 -31.68 -54.51 -9.89
C ASP B 310 -32.29 -55.40 -10.97
N ALA B 311 -31.44 -55.98 -11.80
CA ALA B 311 -31.84 -56.71 -12.99
C ALA B 311 -31.65 -58.21 -12.75
N GLN B 312 -32.65 -58.99 -13.15
CA GLN B 312 -32.63 -60.43 -12.95
C GLN B 312 -32.79 -61.13 -14.30
N LEU B 313 -32.03 -62.21 -14.49
CA LEU B 313 -32.09 -63.03 -15.69
C LEU B 313 -32.50 -64.44 -15.32
N LYS B 314 -33.34 -65.05 -16.16
CA LYS B 314 -33.79 -66.42 -15.96
C LYS B 314 -33.63 -67.17 -17.28
N VAL B 315 -32.56 -67.96 -17.40
CA VAL B 315 -32.32 -68.78 -18.56
C VAL B 315 -32.77 -70.20 -18.20
N VAL B 316 -33.86 -70.64 -18.83
CA VAL B 316 -34.48 -71.92 -18.53
C VAL B 316 -34.13 -72.90 -19.65
N LEU B 317 -33.24 -73.84 -19.35
CA LEU B 317 -32.90 -74.87 -20.32
C LEU B 317 -33.90 -76.02 -20.22
N PRO B 318 -34.14 -76.72 -21.32
CA PRO B 318 -34.99 -77.92 -21.26
C PRO B 318 -34.36 -79.01 -20.41
N LYS B 319 -35.09 -80.11 -20.28
CA LYS B 319 -34.62 -81.23 -19.47
C LYS B 319 -33.32 -81.79 -20.04
N GLY B 320 -32.35 -82.01 -19.15
CA GLY B 320 -31.09 -82.61 -19.52
C GLY B 320 -30.01 -81.65 -19.98
N TYR B 321 -30.31 -80.36 -20.13
CA TYR B 321 -29.33 -79.38 -20.57
C TYR B 321 -28.71 -78.66 -19.38
N LYS B 322 -27.39 -78.47 -19.44
CA LYS B 322 -26.65 -77.78 -18.41
C LYS B 322 -25.81 -76.68 -19.03
N ILE B 323 -25.47 -75.69 -18.22
CA ILE B 323 -24.70 -74.54 -18.65
C ILE B 323 -23.22 -74.83 -18.45
N ARG B 324 -22.36 -74.06 -19.12
CA ARG B 324 -20.94 -74.05 -18.83
C ARG B 324 -20.31 -72.77 -19.38
N TYR B 325 -19.42 -72.19 -18.58
CA TYR B 325 -18.68 -70.97 -18.92
C TYR B 325 -19.63 -69.80 -19.22
N ALA B 326 -20.36 -69.40 -18.18
CA ALA B 326 -21.14 -68.18 -18.21
C ALA B 326 -20.36 -67.05 -17.55
N ALA B 327 -20.39 -65.87 -18.17
CA ALA B 327 -19.65 -64.72 -17.66
C ALA B 327 -20.36 -63.44 -18.03
N PRO B 328 -20.92 -62.69 -17.06
CA PRO B 328 -20.92 -62.91 -15.61
C PRO B 328 -21.62 -64.20 -15.15
N GLN B 329 -21.12 -64.76 -14.05
CA GLN B 329 -21.51 -66.09 -13.62
C GLN B 329 -22.88 -66.02 -12.95
N TYR B 330 -23.68 -67.07 -13.11
CA TYR B 330 -25.00 -67.09 -12.49
C TYR B 330 -24.87 -67.28 -10.98
N ARG B 331 -25.96 -66.99 -10.27
CA ARG B 331 -25.98 -67.21 -8.82
C ARG B 331 -26.59 -68.56 -8.46
N SER B 332 -27.85 -68.77 -8.83
CA SER B 332 -28.61 -69.92 -8.37
C SER B 332 -29.10 -70.74 -9.56
N GLN B 333 -28.88 -72.05 -9.50
CA GLN B 333 -29.40 -72.99 -10.49
C GLN B 333 -30.42 -73.91 -9.81
N ASN B 334 -31.44 -74.29 -10.56
CA ASN B 334 -32.50 -75.16 -10.06
C ASN B 334 -32.51 -76.52 -10.76
N LEU B 335 -31.37 -76.94 -11.31
CA LEU B 335 -31.20 -78.22 -12.00
C LEU B 335 -31.90 -78.20 -13.35
N GLU B 336 -32.68 -77.15 -13.61
CA GLU B 336 -33.35 -76.97 -14.89
C GLU B 336 -33.26 -75.55 -15.43
N GLU B 337 -32.88 -74.56 -14.63
CA GLU B 337 -32.84 -73.17 -15.04
C GLU B 337 -31.73 -72.46 -14.28
N TYR B 338 -31.29 -71.33 -14.82
CA TYR B 338 -30.20 -70.55 -14.25
C TYR B 338 -30.65 -69.12 -14.03
N ARG B 339 -30.08 -68.48 -13.00
CA ARG B 339 -30.54 -67.18 -12.56
C ARG B 339 -29.37 -66.23 -12.37
N TRP B 340 -29.52 -65.02 -12.88
CA TRP B 340 -28.55 -63.94 -12.71
C TRP B 340 -29.21 -62.78 -12.00
N SER B 341 -28.49 -62.17 -11.07
CA SER B 341 -28.99 -60.99 -10.36
C SER B 341 -27.82 -60.35 -9.62
N GLY B 342 -27.80 -59.02 -9.63
CA GLY B 342 -26.76 -58.28 -8.93
C GLY B 342 -25.35 -58.73 -9.31
N GLY B 343 -24.43 -58.42 -8.40
CA GLY B 343 -23.04 -58.83 -8.59
C GLY B 343 -22.48 -58.30 -9.88
N ALA B 344 -21.71 -59.13 -10.57
CA ALA B 344 -21.14 -58.73 -11.86
C ALA B 344 -22.22 -58.58 -12.93
N TYR B 345 -23.33 -59.31 -12.79
CA TYR B 345 -24.41 -59.17 -13.76
C TYR B 345 -25.03 -57.78 -13.68
N ALA B 346 -25.04 -57.17 -12.49
CA ALA B 346 -25.48 -55.78 -12.38
C ALA B 346 -24.54 -54.86 -13.16
N ARG B 347 -23.22 -55.10 -13.05
CA ARG B 347 -22.28 -54.32 -13.83
C ARG B 347 -22.55 -54.47 -15.32
N TRP B 348 -22.78 -55.70 -15.78
CA TRP B 348 -23.03 -55.92 -17.21
C TRP B 348 -24.33 -55.27 -17.67
N VAL B 349 -25.37 -55.31 -16.82
CA VAL B 349 -26.64 -54.73 -17.21
C VAL B 349 -26.53 -53.21 -17.28
N GLU B 350 -25.86 -52.59 -16.32
CA GLU B 350 -25.61 -51.16 -16.42
C GLU B 350 -24.75 -50.83 -17.63
N HIS B 351 -23.77 -51.69 -17.91
CA HIS B 351 -22.91 -51.53 -19.08
C HIS B 351 -23.73 -51.48 -20.36
N VAL B 352 -24.62 -52.45 -20.55
CA VAL B 352 -25.40 -52.51 -21.79
C VAL B 352 -26.56 -51.52 -21.80
N CYS B 353 -27.02 -51.05 -20.64
CA CYS B 353 -28.03 -50.01 -20.61
C CYS B 353 -27.44 -48.65 -20.95
N LYS B 354 -26.17 -48.43 -20.61
CA LYS B 354 -25.47 -47.21 -20.98
C LYS B 354 -24.79 -47.31 -22.34
N GLY B 355 -24.96 -48.43 -23.04
CA GLY B 355 -24.43 -48.60 -24.38
C GLY B 355 -23.26 -49.55 -24.49
N GLY B 356 -22.77 -50.10 -23.39
CA GLY B 356 -21.66 -51.01 -23.47
C GLY B 356 -22.03 -52.32 -24.13
N VAL B 357 -21.02 -52.96 -24.73
CA VAL B 357 -21.25 -54.11 -25.57
C VAL B 357 -20.37 -55.28 -25.14
N GLY B 358 -20.02 -55.32 -23.86
CA GLY B 358 -19.21 -56.41 -23.37
C GLY B 358 -19.88 -57.75 -23.54
N GLN B 359 -19.07 -58.78 -23.79
CA GLN B 359 -19.61 -60.09 -24.09
C GLN B 359 -20.13 -60.74 -22.81
N PHE B 360 -21.37 -61.22 -22.86
CA PHE B 360 -21.97 -62.04 -21.81
C PHE B 360 -22.50 -63.28 -22.53
N GLU B 361 -21.66 -64.27 -22.67
CA GLU B 361 -21.97 -65.47 -23.43
C GLU B 361 -22.37 -66.60 -22.51
N ILE B 362 -23.30 -67.44 -22.97
CA ILE B 362 -23.85 -68.54 -22.20
C ILE B 362 -23.77 -69.78 -23.07
N LEU B 363 -22.86 -70.70 -22.73
CA LEU B 363 -22.69 -71.95 -23.46
C LEU B 363 -23.38 -73.06 -22.68
N TYR B 364 -24.39 -73.68 -23.30
CA TYR B 364 -25.16 -74.74 -22.66
C TYR B 364 -25.28 -75.92 -23.60
N ALA B 365 -25.27 -77.13 -23.04
CA ALA B 365 -25.39 -78.35 -23.84
C ALA B 365 -25.83 -79.48 -22.91
N GLN B 366 -25.78 -80.70 -23.42
CA GLN B 366 -26.09 -81.88 -22.63
C GLN B 366 -24.97 -82.92 -22.73
N VAL C 9 -20.62 -50.89 -6.35
CA VAL C 9 -19.17 -50.70 -6.17
C VAL C 9 -18.55 -50.20 -7.47
N THR C 10 -17.94 -51.11 -8.23
CA THR C 10 -17.20 -50.78 -9.44
C THR C 10 -16.18 -49.67 -9.15
N THR C 11 -15.22 -49.99 -8.27
CA THR C 11 -14.19 -49.04 -7.89
C THR C 11 -13.01 -49.14 -8.85
N ALA C 12 -12.44 -47.98 -9.18
CA ALA C 12 -11.35 -47.89 -10.14
C ALA C 12 -10.05 -47.57 -9.41
N HIS C 13 -9.14 -48.52 -9.39
CA HIS C 13 -7.82 -48.35 -8.80
C HIS C 13 -6.81 -48.04 -9.90
N SER C 14 -5.93 -47.08 -9.65
CA SER C 14 -4.94 -46.69 -10.63
C SER C 14 -3.80 -45.95 -9.95
N ASP C 15 -2.56 -46.29 -10.32
CA ASP C 15 -1.36 -45.63 -9.83
C ASP C 15 -0.55 -45.15 -11.02
N TYR C 16 -0.26 -43.85 -11.05
CA TYR C 16 0.53 -43.25 -12.11
C TYR C 16 1.81 -42.67 -11.53
N GLU C 17 2.87 -42.71 -12.32
CA GLU C 17 4.17 -42.20 -11.89
C GLU C 17 4.84 -41.46 -13.04
N ILE C 18 5.55 -40.38 -12.72
CA ILE C 18 6.29 -39.59 -13.70
C ILE C 18 7.64 -39.27 -13.07
N VAL C 19 8.71 -39.83 -13.63
CA VAL C 19 10.06 -39.57 -13.16
C VAL C 19 10.77 -38.76 -14.24
N LEU C 20 10.89 -37.45 -14.03
CA LEU C 20 11.37 -36.52 -15.04
C LEU C 20 12.89 -36.38 -15.00
N GLU C 21 13.41 -35.68 -16.01
CA GLU C 21 14.82 -35.34 -16.10
C GLU C 21 14.95 -33.83 -16.29
N GLY C 22 16.04 -33.27 -15.77
CA GLY C 22 16.22 -31.83 -15.77
C GLY C 22 17.06 -31.33 -16.94
N GLY C 23 17.24 -30.02 -16.97
CA GLY C 23 18.00 -29.40 -18.03
C GLY C 23 17.28 -29.46 -19.37
N SER C 24 18.08 -29.50 -20.44
CA SER C 24 17.53 -29.60 -21.78
C SER C 24 16.83 -30.93 -22.02
N SER C 25 17.15 -31.96 -21.24
CA SER C 25 16.54 -33.26 -21.41
C SER C 25 15.05 -33.21 -21.11
N SER C 26 14.26 -33.79 -22.00
CA SER C 26 12.81 -33.89 -21.84
C SER C 26 12.35 -35.29 -21.49
N TRP C 27 13.28 -36.20 -21.21
CA TRP C 27 12.93 -37.58 -20.94
C TRP C 27 12.17 -37.71 -19.63
N GLY C 28 11.44 -38.81 -19.50
CA GLY C 28 10.70 -39.08 -18.28
C GLY C 28 10.14 -40.48 -18.20
N LYS C 29 10.39 -41.16 -17.08
CA LYS C 29 9.80 -42.48 -16.86
C LYS C 29 8.30 -42.34 -16.60
N VAL C 30 7.51 -43.10 -17.33
CA VAL C 30 6.06 -43.15 -17.12
C VAL C 30 5.67 -44.61 -16.93
N LYS C 31 5.29 -44.96 -15.70
CA LYS C 31 4.80 -46.30 -15.41
C LYS C 31 3.48 -46.16 -14.66
N ALA C 32 2.44 -46.84 -15.15
CA ALA C 32 1.14 -46.76 -14.54
C ALA C 32 0.49 -48.14 -14.52
N ARG C 33 -0.35 -48.36 -13.50
CA ARG C 33 -1.14 -49.57 -13.37
C ARG C 33 -2.56 -49.16 -13.04
N ALA C 34 -3.53 -49.97 -13.46
CA ALA C 34 -4.93 -49.63 -13.24
C ALA C 34 -5.75 -50.89 -13.05
N LYS C 35 -6.70 -50.81 -12.11
CA LYS C 35 -7.67 -51.88 -11.86
C LYS C 35 -9.06 -51.29 -11.97
N VAL C 36 -9.90 -51.90 -12.81
CA VAL C 36 -11.28 -51.47 -12.99
C VAL C 36 -12.17 -52.67 -12.77
N ASN C 37 -13.15 -52.53 -11.87
CA ASN C 37 -14.12 -53.59 -11.61
C ASN C 37 -15.37 -53.41 -12.48
N ALA C 38 -15.16 -53.29 -13.78
CA ALA C 38 -16.25 -53.06 -14.73
C ALA C 38 -16.04 -53.95 -15.95
N PRO C 39 -17.11 -54.36 -16.62
CA PRO C 39 -16.97 -55.16 -17.83
C PRO C 39 -16.47 -54.31 -18.98
N PRO C 40 -15.41 -54.75 -19.67
CA PRO C 40 -14.94 -54.02 -20.85
C PRO C 40 -15.95 -54.10 -21.98
N ALA C 41 -15.95 -53.07 -22.82
CA ALA C 41 -16.89 -52.97 -23.94
C ALA C 41 -16.35 -53.66 -25.18
N SER C 42 -15.94 -54.92 -25.03
CA SER C 42 -15.46 -55.73 -26.15
C SER C 42 -16.44 -56.85 -26.41
N PRO C 43 -17.04 -56.94 -27.61
CA PRO C 43 -17.98 -58.04 -27.88
C PRO C 43 -17.34 -59.41 -27.84
N LEU C 44 -16.01 -59.50 -27.92
CA LEU C 44 -15.29 -60.75 -27.71
C LEU C 44 -14.51 -60.64 -26.40
N LEU C 45 -14.88 -61.47 -25.43
CA LEU C 45 -14.24 -61.49 -24.13
C LEU C 45 -13.90 -62.91 -23.72
N PRO C 46 -12.82 -63.11 -22.95
CA PRO C 46 -11.90 -62.07 -22.48
C PRO C 46 -10.88 -61.66 -23.52
N ALA C 47 -10.31 -60.45 -23.37
CA ALA C 47 -9.31 -59.94 -24.29
C ALA C 47 -8.07 -59.55 -23.51
N ASP C 48 -6.92 -60.10 -23.91
CA ASP C 48 -5.63 -59.74 -23.35
C ASP C 48 -4.75 -59.19 -24.46
N CYS C 49 -3.90 -58.23 -24.12
CA CYS C 49 -3.04 -57.61 -25.12
C CYS C 49 -1.72 -57.19 -24.46
N ASP C 50 -0.63 -57.39 -25.19
CA ASP C 50 0.70 -56.94 -24.81
C ASP C 50 1.31 -56.14 -25.95
N VAL C 51 1.85 -54.97 -25.63
CA VAL C 51 2.48 -54.11 -26.61
C VAL C 51 3.83 -53.66 -26.09
N LYS C 52 4.86 -53.74 -26.95
CA LYS C 52 6.21 -53.33 -26.62
C LYS C 52 6.73 -52.43 -27.73
N LEU C 53 6.91 -51.15 -27.42
CA LEU C 53 7.41 -50.17 -28.38
C LEU C 53 8.85 -49.81 -28.01
N ASN C 54 9.80 -50.26 -28.81
CA ASN C 54 11.21 -49.98 -28.60
C ASN C 54 11.74 -49.11 -29.74
N VAL C 55 12.47 -48.05 -29.40
CA VAL C 55 13.02 -47.13 -30.38
C VAL C 55 14.49 -46.89 -30.05
N LYS C 56 15.34 -46.92 -31.07
CA LYS C 56 16.74 -46.56 -30.94
C LYS C 56 17.17 -45.76 -32.16
N PRO C 57 18.05 -44.78 -32.00
CA PRO C 57 18.50 -43.98 -33.15
C PRO C 57 19.50 -44.76 -33.99
N LEU C 58 19.11 -45.05 -35.23
CA LEU C 58 20.02 -45.74 -36.15
C LEU C 58 21.23 -44.88 -36.47
N ASP C 59 21.01 -43.73 -37.10
CA ASP C 59 22.09 -42.82 -37.45
C ASP C 59 21.65 -41.39 -37.15
N PRO C 60 22.18 -40.78 -36.09
CA PRO C 60 21.76 -39.40 -35.73
C PRO C 60 22.17 -38.36 -36.77
N ALA C 61 22.78 -38.80 -37.87
CA ALA C 61 23.22 -37.86 -38.90
C ALA C 61 22.03 -37.10 -39.50
N LYS C 62 20.97 -37.83 -39.88
CA LYS C 62 19.83 -37.16 -40.49
C LYS C 62 18.48 -37.75 -40.07
N GLY C 63 18.38 -38.37 -38.88
CA GLY C 63 17.11 -38.63 -38.25
C GLY C 63 16.59 -40.05 -38.29
N PHE C 64 17.36 -41.02 -38.78
CA PHE C 64 16.91 -42.41 -38.71
C PHE C 64 16.76 -42.89 -37.28
N VAL C 65 15.55 -43.31 -36.92
CA VAL C 65 15.28 -44.01 -35.67
C VAL C 65 14.54 -45.30 -36.00
N ARG C 66 14.99 -46.40 -35.42
CA ARG C 66 14.36 -47.70 -35.64
C ARG C 66 13.32 -47.94 -34.54
N ILE C 67 12.06 -47.76 -34.89
CA ILE C 67 10.94 -47.97 -33.96
C ILE C 67 10.37 -49.36 -34.20
N SER C 68 10.33 -50.16 -33.15
CA SER C 68 9.81 -51.52 -33.21
C SER C 68 8.57 -51.61 -32.33
N ALA C 69 7.54 -52.27 -32.84
CA ALA C 69 6.27 -52.40 -32.14
C ALA C 69 5.77 -53.83 -32.29
N VAL C 70 5.59 -54.51 -31.15
CA VAL C 70 5.07 -55.86 -31.12
C VAL C 70 3.76 -55.84 -30.35
N PHE C 71 2.68 -56.25 -31.01
CA PHE C 71 1.36 -56.29 -30.39
C PHE C 71 0.94 -57.75 -30.25
N GLU C 72 1.19 -58.33 -29.07
CA GLU C 72 0.73 -59.67 -28.76
C GLU C 72 -0.60 -59.60 -28.02
N SER C 73 -1.57 -60.37 -28.50
CA SER C 73 -2.91 -60.29 -27.94
C SER C 73 -3.59 -61.64 -28.02
N ILE C 74 -4.55 -61.84 -27.12
CA ILE C 74 -5.40 -63.03 -27.09
C ILE C 74 -6.82 -62.55 -26.79
N VAL C 75 -7.71 -62.70 -27.77
CA VAL C 75 -9.09 -62.23 -27.65
C VAL C 75 -10.01 -63.41 -27.90
N ASP C 76 -10.80 -63.77 -26.89
CA ASP C 76 -11.73 -64.91 -26.98
C ASP C 76 -11.01 -66.17 -27.44
N SER C 77 -9.81 -66.38 -26.90
CA SER C 77 -9.02 -67.58 -27.11
C SER C 77 -8.60 -67.74 -28.58
N THR C 78 -8.21 -66.64 -29.21
CA THR C 78 -7.46 -66.69 -30.47
C THR C 78 -6.23 -65.81 -30.29
N LYS C 79 -5.08 -66.33 -30.71
CA LYS C 79 -3.81 -65.65 -30.45
C LYS C 79 -3.50 -64.70 -31.60
N ASN C 80 -3.35 -63.42 -31.28
CA ASN C 80 -3.04 -62.39 -32.25
C ASN C 80 -1.63 -61.87 -32.00
N LYS C 81 -0.97 -61.44 -33.08
CA LYS C 81 0.38 -60.90 -33.00
C LYS C 81 0.58 -59.93 -34.14
N LEU C 82 1.29 -58.84 -33.88
CA LEU C 82 1.60 -57.86 -34.91
C LEU C 82 2.91 -57.19 -34.56
N THR C 83 4.00 -57.66 -35.17
CA THR C 83 5.30 -57.03 -35.06
C THR C 83 5.53 -56.14 -36.28
N ILE C 84 6.14 -54.98 -36.07
CA ILE C 84 6.42 -54.08 -37.17
C ILE C 84 7.69 -53.28 -36.91
N GLU C 85 8.68 -53.42 -37.79
CA GLU C 85 9.88 -52.61 -37.76
C GLU C 85 9.70 -51.42 -38.70
N ALA C 86 10.29 -50.29 -38.35
CA ALA C 86 10.14 -49.08 -39.16
C ALA C 86 11.28 -48.12 -38.87
N ASP C 87 11.99 -47.74 -39.93
CA ASP C 87 13.00 -46.69 -39.83
C ASP C 87 12.37 -45.38 -40.27
N ILE C 88 12.03 -44.54 -39.30
CA ILE C 88 11.27 -43.31 -39.54
C ILE C 88 12.18 -42.11 -39.36
N ALA C 89 12.17 -41.20 -40.33
CA ALA C 89 12.98 -40.00 -40.29
C ALA C 89 12.22 -38.85 -40.93
N ASN C 90 12.56 -37.63 -40.52
CA ASN C 90 11.96 -36.44 -41.07
C ASN C 90 12.84 -35.90 -42.19
N GLU C 91 12.36 -35.96 -43.44
CA GLU C 91 13.09 -35.30 -44.52
C GLU C 91 13.05 -33.79 -44.35
N THR C 92 11.93 -33.26 -43.89
CA THR C 92 11.81 -31.82 -43.64
C THR C 92 10.89 -31.58 -42.44
N LYS C 93 10.49 -30.32 -42.24
CA LYS C 93 9.63 -29.99 -41.11
C LYS C 93 8.28 -30.68 -41.22
N GLU C 94 7.74 -30.81 -42.43
CA GLU C 94 6.36 -31.25 -42.58
C GLU C 94 6.25 -32.65 -43.17
N ARG C 95 7.34 -33.21 -43.71
CA ARG C 95 7.34 -34.52 -44.35
C ARG C 95 8.10 -35.52 -43.50
N ARG C 96 7.59 -36.74 -43.43
CA ARG C 96 8.23 -37.84 -42.74
C ARG C 96 8.24 -39.07 -43.63
N ILE C 97 9.32 -39.85 -43.57
CA ILE C 97 9.46 -41.07 -44.35
C ILE C 97 9.73 -42.23 -43.41
N SER C 98 9.04 -43.36 -43.65
CA SER C 98 9.22 -44.57 -42.87
C SER C 98 9.48 -45.74 -43.79
N VAL C 99 10.55 -46.49 -43.51
CA VAL C 99 10.89 -47.70 -44.25
C VAL C 99 11.05 -48.83 -43.24
N GLY C 100 10.44 -49.97 -43.54
CA GLY C 100 10.53 -51.09 -42.64
C GLY C 100 9.75 -52.29 -43.14
N GLU C 101 9.45 -53.18 -42.22
CA GLU C 101 8.69 -54.39 -42.50
C GLU C 101 7.95 -54.80 -41.24
N GLY C 102 7.09 -55.80 -41.37
CA GLY C 102 6.35 -56.28 -40.23
C GLY C 102 5.70 -57.62 -40.49
N MET C 103 4.92 -58.06 -39.51
CA MET C 103 4.27 -59.35 -39.56
C MET C 103 3.01 -59.29 -38.70
N VAL C 104 1.94 -59.92 -39.19
CA VAL C 104 0.69 -60.06 -38.43
C VAL C 104 0.28 -61.52 -38.47
N SER C 105 -0.06 -62.07 -37.30
CA SER C 105 -0.46 -63.47 -37.19
C SER C 105 -1.71 -63.58 -36.34
N VAL C 106 -2.71 -64.31 -36.86
CA VAL C 106 -3.94 -64.61 -36.13
C VAL C 106 -4.17 -66.11 -36.24
N GLY C 107 -4.24 -66.77 -35.08
CA GLY C 107 -4.36 -68.22 -35.10
C GLY C 107 -3.16 -68.85 -35.76
N ASP C 108 -3.42 -69.74 -36.73
CA ASP C 108 -2.35 -70.36 -37.50
C ASP C 108 -1.99 -69.58 -38.75
N PHE C 109 -2.71 -68.51 -39.05
CA PHE C 109 -2.41 -67.66 -40.20
C PHE C 109 -1.38 -66.60 -39.82
N SER C 110 -0.53 -66.26 -40.78
CA SER C 110 0.49 -65.24 -40.58
C SER C 110 1.00 -64.79 -41.94
N HIS C 111 0.97 -63.48 -42.19
CA HIS C 111 1.52 -62.92 -43.42
C HIS C 111 2.46 -61.77 -43.11
N THR C 112 3.65 -61.84 -43.68
CA THR C 112 4.70 -60.84 -43.47
C THR C 112 4.55 -59.73 -44.49
N PHE C 113 4.68 -58.49 -44.04
CA PHE C 113 4.56 -57.33 -44.90
C PHE C 113 5.79 -56.45 -44.78
N SER C 114 6.10 -55.78 -45.89
CA SER C 114 7.13 -54.76 -45.94
C SER C 114 6.54 -53.51 -46.57
N PHE C 115 7.04 -52.35 -46.13
CA PHE C 115 6.40 -51.10 -46.55
C PHE C 115 7.44 -50.00 -46.69
N GLU C 116 7.11 -49.01 -47.52
CA GLU C 116 7.87 -47.79 -47.68
C GLU C 116 6.88 -46.65 -47.81
N GLY C 117 6.54 -46.02 -46.69
CA GLY C 117 5.49 -45.02 -46.67
C GLY C 117 6.01 -43.67 -46.23
N SER C 118 5.38 -42.63 -46.77
CA SER C 118 5.70 -41.25 -46.43
C SER C 118 4.43 -40.55 -45.97
N VAL C 119 4.51 -39.80 -44.89
CA VAL C 119 3.37 -39.08 -44.34
C VAL C 119 3.69 -37.59 -44.40
N VAL C 120 2.79 -36.82 -45.00
CA VAL C 120 2.96 -35.39 -45.15
C VAL C 120 1.81 -34.71 -44.41
N ASN C 121 2.14 -34.02 -43.33
CA ASN C 121 1.15 -33.31 -42.52
C ASN C 121 1.19 -31.84 -42.92
N LEU C 122 0.02 -31.28 -43.24
CA LEU C 122 -0.09 -29.88 -43.61
C LEU C 122 -1.15 -29.20 -42.75
N PHE C 123 -0.76 -28.12 -42.08
CA PHE C 123 -1.72 -27.32 -41.33
C PHE C 123 -2.43 -26.35 -42.27
N TYR C 124 -3.72 -26.14 -42.02
CA TYR C 124 -4.51 -25.26 -42.87
C TYR C 124 -3.98 -23.83 -42.84
N TYR C 125 -3.56 -23.37 -41.66
CA TYR C 125 -3.03 -22.02 -41.52
C TYR C 125 -1.76 -22.07 -40.67
N ARG C 126 -0.89 -21.09 -40.88
CA ARG C 126 0.32 -20.92 -40.08
C ARG C 126 0.40 -19.47 -39.62
N SER C 127 -0.71 -18.98 -39.08
CA SER C 127 -0.82 -17.58 -38.70
C SER C 127 0.07 -17.29 -37.49
N ASP C 128 0.85 -16.21 -37.59
CA ASP C 128 1.65 -15.76 -36.46
C ASP C 128 0.81 -15.05 -35.41
N ALA C 129 -0.36 -14.54 -35.78
CA ALA C 129 -1.23 -13.89 -34.81
C ALA C 129 -1.69 -14.87 -33.74
N VAL C 130 -2.09 -16.08 -34.14
CA VAL C 130 -2.49 -17.08 -33.18
C VAL C 130 -1.29 -17.61 -32.40
N ARG C 131 -0.18 -17.85 -33.11
CA ARG C 131 1.00 -18.44 -32.47
C ARG C 131 1.56 -17.52 -31.38
N ARG C 132 1.65 -16.22 -31.67
CA ARG C 132 2.20 -15.28 -30.70
C ARG C 132 1.22 -14.93 -29.59
N ASN C 133 -0.08 -15.10 -29.81
CA ASN C 133 -1.07 -14.77 -28.80
C ASN C 133 -1.39 -15.92 -27.87
N VAL C 134 -1.59 -17.12 -28.42
CA VAL C 134 -1.90 -18.30 -27.63
C VAL C 134 -0.58 -19.00 -27.29
N PRO C 135 -0.18 -19.05 -26.01
CA PRO C 135 1.11 -19.67 -25.67
C PRO C 135 1.06 -21.18 -25.70
N ASN C 136 -0.12 -21.75 -25.44
CA ASN C 136 -0.31 -23.19 -25.38
C ASN C 136 -1.48 -23.56 -26.29
N PRO C 137 -1.24 -23.65 -27.60
CA PRO C 137 -2.32 -23.99 -28.53
C PRO C 137 -2.61 -25.49 -28.48
N ILE C 138 -3.88 -25.82 -28.30
CA ILE C 138 -4.27 -27.23 -28.22
C ILE C 138 -4.85 -27.68 -29.55
N TYR C 139 -5.93 -27.04 -29.98
CA TYR C 139 -6.54 -27.35 -31.26
C TYR C 139 -5.74 -26.74 -32.40
N MET C 140 -5.41 -27.56 -33.40
CA MET C 140 -4.66 -27.06 -34.55
C MET C 140 -5.06 -27.93 -35.75
N GLN C 141 -5.91 -27.38 -36.61
CA GLN C 141 -6.48 -28.15 -37.71
C GLN C 141 -5.44 -28.44 -38.78
N GLY C 142 -5.67 -29.49 -39.55
CA GLY C 142 -4.80 -29.82 -40.64
C GLY C 142 -5.13 -31.18 -41.22
N ARG C 143 -4.28 -31.59 -42.17
CA ARG C 143 -4.40 -32.89 -42.83
C ARG C 143 -3.02 -33.56 -42.83
N GLN C 144 -3.02 -34.89 -42.78
CA GLN C 144 -1.87 -35.68 -43.18
C GLN C 144 -2.18 -36.42 -44.47
N PHE C 145 -1.15 -36.61 -45.30
CA PHE C 145 -1.28 -37.30 -46.56
C PHE C 145 -0.37 -38.52 -46.54
N HIS C 146 -0.96 -39.70 -46.36
CA HIS C 146 -0.22 -40.96 -46.29
C HIS C 146 0.01 -41.49 -47.71
N ASP C 147 1.26 -41.67 -48.07
CA ASP C 147 1.64 -42.27 -49.35
C ASP C 147 2.39 -43.56 -49.05
N ILE C 148 1.68 -44.69 -49.15
CA ILE C 148 2.15 -45.97 -48.61
C ILE C 148 2.34 -46.95 -49.76
N LEU C 149 3.50 -47.60 -49.77
CA LEU C 149 3.78 -48.73 -50.65
C LEU C 149 4.04 -49.94 -49.77
N MET C 150 3.03 -50.81 -49.61
CA MET C 150 3.15 -51.99 -48.77
C MET C 150 3.19 -53.23 -49.66
N LYS C 151 4.11 -54.13 -49.35
CA LYS C 151 4.33 -55.36 -50.10
C LYS C 151 4.09 -56.56 -49.21
N VAL C 152 3.40 -57.57 -49.74
CA VAL C 152 3.09 -58.78 -49.01
C VAL C 152 3.31 -59.99 -49.92
N PRO C 153 4.22 -60.90 -49.61
CA PRO C 153 4.33 -62.13 -50.40
C PRO C 153 3.02 -62.92 -50.35
N LEU C 154 2.62 -63.43 -51.51
CA LEU C 154 1.38 -64.21 -51.62
C LEU C 154 1.74 -65.69 -51.68
N ASP C 155 2.01 -66.26 -50.51
CA ASP C 155 2.35 -67.67 -50.39
C ASP C 155 1.22 -68.50 -49.81
N ASN C 156 0.41 -67.93 -48.92
CA ASN C 156 -0.75 -68.63 -48.41
C ASN C 156 -1.86 -68.65 -49.45
N ASN C 157 -2.70 -69.68 -49.39
CA ASN C 157 -3.90 -69.69 -50.22
C ASN C 157 -4.82 -68.55 -49.83
N ASP C 158 -4.93 -68.27 -48.53
CA ASP C 158 -5.76 -67.17 -48.06
C ASP C 158 -5.24 -65.83 -48.55
N LEU C 159 -3.92 -65.66 -48.58
CA LEU C 159 -3.34 -64.42 -49.10
C LEU C 159 -3.66 -64.21 -50.57
N ILE C 160 -3.48 -65.26 -51.38
CA ILE C 160 -3.77 -65.16 -52.81
C ILE C 160 -5.26 -64.88 -53.03
N ASP C 161 -6.11 -65.53 -52.24
CA ASP C 161 -7.55 -65.31 -52.37
C ASP C 161 -7.91 -63.87 -52.00
N THR C 162 -7.31 -63.34 -50.93
CA THR C 162 -7.55 -61.94 -50.57
C THR C 162 -7.10 -61.01 -51.69
N TRP C 163 -5.92 -61.25 -52.26
CA TRP C 163 -5.40 -60.39 -53.30
C TRP C 163 -6.30 -60.42 -54.53
N GLU C 164 -6.72 -61.61 -54.95
CA GLU C 164 -7.60 -61.72 -56.12
C GLU C 164 -8.94 -61.05 -55.86
N GLY C 165 -9.51 -61.25 -54.68
CA GLY C 165 -10.78 -60.61 -54.36
C GLY C 165 -10.67 -59.10 -54.35
N THR C 166 -9.58 -58.57 -53.78
CA THR C 166 -9.39 -57.12 -53.78
C THR C 166 -9.20 -56.57 -55.19
N VAL C 167 -8.42 -57.26 -56.02
CA VAL C 167 -8.21 -56.80 -57.39
C VAL C 167 -9.54 -56.78 -58.15
N LYS C 168 -10.33 -57.85 -58.00
CA LYS C 168 -11.63 -57.91 -58.67
C LYS C 168 -12.56 -56.83 -58.15
N ALA C 169 -12.56 -56.57 -56.84
CA ALA C 169 -13.44 -55.55 -56.27
C ALA C 169 -13.07 -54.17 -56.78
N ILE C 170 -11.78 -53.86 -56.85
CA ILE C 170 -11.36 -52.55 -57.35
C ILE C 170 -11.66 -52.43 -58.84
N GLY C 171 -11.48 -53.52 -59.60
CA GLY C 171 -11.78 -53.47 -61.02
C GLY C 171 -13.26 -53.25 -61.31
N SER C 172 -14.13 -53.92 -60.54
CA SER C 172 -15.57 -53.86 -60.80
C SER C 172 -16.25 -52.74 -60.01
N THR C 173 -16.17 -52.80 -58.69
CA THR C 173 -16.86 -51.84 -57.85
C THR C 173 -16.10 -50.51 -57.85
N GLY C 174 -16.70 -49.50 -58.50
CA GLY C 174 -16.06 -48.19 -58.55
C GLY C 174 -16.13 -47.40 -57.26
N ALA C 175 -17.06 -47.73 -56.38
CA ALA C 175 -17.18 -47.08 -55.08
C ALA C 175 -16.22 -47.65 -54.04
N PHE C 176 -15.26 -48.47 -54.47
CA PHE C 176 -14.29 -49.04 -53.54
C PHE C 176 -13.55 -47.98 -52.75
N ASN C 177 -13.29 -46.82 -53.34
CA ASN C 177 -12.46 -45.80 -52.71
C ASN C 177 -13.05 -45.34 -51.38
N ASP C 178 -14.37 -45.16 -51.31
CA ASP C 178 -15.01 -44.77 -50.06
C ASP C 178 -15.68 -45.94 -49.34
N TRP C 179 -15.85 -47.09 -49.99
CA TRP C 179 -16.37 -48.25 -49.27
C TRP C 179 -15.28 -49.01 -48.54
N ILE C 180 -14.00 -48.72 -48.83
CA ILE C 180 -12.92 -49.33 -48.08
C ILE C 180 -12.86 -48.78 -46.66
N ARG C 181 -13.39 -47.58 -46.45
CA ARG C 181 -13.38 -47.00 -45.12
C ARG C 181 -14.31 -47.73 -44.16
N ASP C 182 -15.32 -48.43 -44.69
CA ASP C 182 -16.19 -49.24 -43.82
C ASP C 182 -15.47 -50.49 -43.35
N PHE C 183 -14.77 -51.18 -44.25
CA PHE C 183 -14.00 -52.36 -43.86
C PHE C 183 -12.81 -52.00 -42.98
N TRP C 184 -12.13 -50.91 -43.32
CA TRP C 184 -10.87 -50.52 -42.72
C TRP C 184 -11.00 -50.05 -41.28
N PHE C 185 -12.20 -49.65 -40.85
CA PHE C 185 -12.46 -49.31 -39.46
C PHE C 185 -13.39 -50.36 -38.88
N ILE C 186 -12.82 -51.30 -38.14
CA ILE C 186 -13.54 -52.48 -37.67
C ILE C 186 -14.45 -52.04 -36.53
N GLY C 187 -15.76 -52.18 -36.73
CA GLY C 187 -16.73 -51.93 -35.70
C GLY C 187 -16.76 -50.49 -35.22
N PRO C 188 -16.53 -50.29 -33.92
CA PRO C 188 -16.64 -48.94 -33.36
C PRO C 188 -15.49 -48.02 -33.75
N ALA C 189 -14.52 -48.52 -34.52
CA ALA C 189 -13.45 -47.66 -35.02
C ALA C 189 -14.02 -46.55 -35.90
N PHE C 190 -15.04 -46.87 -36.69
CA PHE C 190 -15.64 -45.87 -37.57
C PHE C 190 -16.31 -44.76 -36.76
N THR C 191 -17.02 -45.13 -35.69
CA THR C 191 -17.64 -44.13 -34.83
C THR C 191 -16.58 -43.31 -34.11
N ALA C 192 -15.52 -43.97 -33.63
CA ALA C 192 -14.42 -43.25 -33.00
C ALA C 192 -13.77 -42.27 -33.94
N LEU C 193 -13.75 -42.58 -35.24
CA LEU C 193 -13.19 -41.68 -36.23
C LEU C 193 -13.85 -40.30 -36.15
N ASN C 194 -15.17 -40.25 -36.18
CA ASN C 194 -15.87 -38.98 -36.06
C ASN C 194 -15.87 -38.44 -34.65
N GLU C 195 -15.85 -39.31 -33.64
CA GLU C 195 -15.84 -38.83 -32.26
C GLU C 195 -14.59 -38.01 -31.95
N GLY C 196 -13.45 -38.43 -32.45
CA GLY C 196 -12.21 -37.73 -32.23
C GLY C 196 -11.93 -36.59 -33.18
N GLY C 197 -12.89 -36.26 -34.05
CA GLY C 197 -12.68 -35.21 -35.03
C GLY C 197 -12.04 -35.65 -36.32
N GLN C 198 -11.63 -36.91 -36.44
CA GLN C 198 -11.00 -37.40 -37.64
C GLN C 198 -12.02 -37.59 -38.76
N ARG C 199 -11.54 -37.50 -39.99
CA ARG C 199 -12.31 -37.88 -41.17
C ARG C 199 -11.34 -38.27 -42.27
N ILE C 200 -11.60 -39.41 -42.90
CA ILE C 200 -10.72 -39.94 -43.94
C ILE C 200 -11.24 -39.52 -45.30
N SER C 201 -10.35 -39.03 -46.15
CA SER C 201 -10.69 -38.88 -47.55
C SER C 201 -10.72 -40.24 -48.23
N ARG C 202 -11.41 -40.29 -49.37
CA ARG C 202 -11.42 -41.50 -50.18
C ARG C 202 -9.98 -41.87 -50.56
N ILE C 203 -9.64 -43.16 -50.43
CA ILE C 203 -8.29 -43.55 -50.82
C ILE C 203 -8.16 -43.43 -52.33
N GLU C 204 -6.91 -43.39 -52.79
CA GLU C 204 -6.61 -43.48 -54.21
C GLU C 204 -5.52 -44.52 -54.39
N VAL C 205 -5.82 -45.54 -55.20
CA VAL C 205 -4.92 -46.66 -55.41
C VAL C 205 -4.10 -46.36 -56.66
N ASN C 206 -2.81 -46.11 -56.47
CA ASN C 206 -1.92 -45.77 -57.58
C ASN C 206 -1.43 -46.99 -58.33
N GLY C 207 -1.78 -48.20 -57.89
CA GLY C 207 -1.42 -49.39 -58.63
C GLY C 207 -1.31 -50.64 -57.78
N LEU C 208 -1.83 -51.75 -58.29
CA LEU C 208 -1.67 -53.06 -57.68
C LEU C 208 -1.02 -53.99 -58.68
N ASN C 209 -0.01 -54.74 -58.23
CA ASN C 209 0.69 -55.66 -59.11
C ASN C 209 1.34 -56.76 -58.28
N THR C 210 1.71 -57.84 -58.96
CA THR C 210 2.42 -58.95 -58.35
C THR C 210 3.59 -59.34 -59.23
N GLU C 211 4.66 -59.81 -58.60
CA GLU C 211 5.85 -60.22 -59.33
C GLU C 211 6.56 -61.33 -58.55
N SER C 212 7.39 -62.09 -59.26
CA SER C 212 8.12 -63.19 -58.64
C SER C 212 9.20 -62.65 -57.73
N GLY C 213 9.03 -62.85 -56.42
CA GLY C 213 9.96 -62.37 -55.45
C GLY C 213 11.05 -63.38 -55.14
N PRO C 214 11.62 -63.30 -53.93
CA PRO C 214 12.69 -64.25 -53.57
C PRO C 214 12.27 -65.70 -53.62
N LYS C 215 11.02 -66.00 -53.25
CA LYS C 215 10.52 -67.37 -53.27
C LYS C 215 9.17 -67.53 -53.94
N GLY C 216 8.44 -66.45 -54.18
CA GLY C 216 7.14 -66.53 -54.80
C GLY C 216 6.57 -65.16 -55.12
N PRO C 217 5.30 -65.13 -55.54
CA PRO C 217 4.69 -63.84 -55.88
C PRO C 217 4.52 -62.96 -54.64
N VAL C 218 4.62 -61.65 -54.85
CA VAL C 218 4.48 -60.68 -53.78
C VAL C 218 3.47 -59.62 -54.22
N GLY C 219 2.52 -59.31 -53.34
CA GLY C 219 1.52 -58.31 -53.66
C GLY C 219 1.96 -56.91 -53.29
N VAL C 220 2.32 -56.12 -54.30
CA VAL C 220 2.80 -54.76 -54.10
C VAL C 220 1.61 -53.82 -54.27
N SER C 221 1.32 -53.04 -53.23
CA SER C 221 0.19 -52.12 -53.22
C SER C 221 0.69 -50.70 -53.02
N ARG C 222 0.62 -49.89 -54.06
CA ARG C 222 0.91 -48.46 -53.98
C ARG C 222 -0.41 -47.73 -53.85
N TRP C 223 -0.73 -47.29 -52.63
CA TRP C 223 -1.99 -46.62 -52.38
C TRP C 223 -1.74 -45.38 -51.55
N ARG C 224 -2.69 -44.46 -51.59
CA ARG C 224 -2.57 -43.18 -50.92
C ARG C 224 -3.91 -42.82 -50.28
N PHE C 225 -3.83 -42.24 -49.08
CA PHE C 225 -5.02 -41.73 -48.40
C PHE C 225 -4.61 -40.53 -47.56
N SER C 226 -5.60 -39.74 -47.17
CA SER C 226 -5.36 -38.57 -46.34
C SER C 226 -6.51 -38.39 -45.37
N HIS C 227 -6.17 -38.06 -44.12
CA HIS C 227 -7.17 -37.80 -43.11
C HIS C 227 -6.90 -36.45 -42.45
N GLY C 228 -7.97 -35.72 -42.16
CA GLY C 228 -7.86 -34.39 -41.60
C GLY C 228 -8.59 -34.28 -40.28
N GLY C 229 -8.12 -33.37 -39.44
CA GLY C 229 -8.68 -33.21 -38.12
C GLY C 229 -9.10 -31.78 -37.83
N SER C 230 -9.99 -31.64 -36.86
CA SER C 230 -10.50 -30.34 -36.45
C SER C 230 -9.75 -29.76 -35.25
N GLY C 231 -8.77 -30.48 -34.71
CA GLY C 231 -8.01 -29.98 -33.59
C GLY C 231 -7.73 -31.00 -32.51
N MET C 232 -8.68 -31.90 -32.26
CA MET C 232 -8.42 -32.98 -31.31
C MET C 232 -7.39 -33.97 -31.83
N VAL C 233 -7.31 -34.14 -33.14
CA VAL C 233 -6.49 -35.20 -33.73
C VAL C 233 -5.03 -34.92 -33.38
N ASP C 234 -4.48 -35.74 -32.48
CA ASP C 234 -3.15 -35.51 -31.95
C ASP C 234 -2.06 -35.88 -32.94
N SER C 235 -2.37 -36.73 -33.92
CA SER C 235 -1.44 -36.96 -35.00
C SER C 235 -1.26 -35.72 -35.87
N ILE C 236 -2.30 -34.90 -35.98
CA ILE C 236 -2.29 -33.75 -36.86
C ILE C 236 -2.02 -32.46 -36.10
N SER C 237 -2.78 -32.21 -35.02
CA SER C 237 -2.65 -30.95 -34.30
C SER C 237 -1.24 -30.74 -33.77
N ARG C 238 -0.57 -31.81 -33.37
CA ARG C 238 0.80 -31.75 -32.86
C ARG C 238 1.63 -32.79 -33.61
N TRP C 239 2.18 -32.36 -34.75
CA TRP C 239 2.85 -33.28 -35.66
C TRP C 239 4.26 -33.62 -35.19
N ALA C 240 5.04 -32.61 -34.83
CA ALA C 240 6.41 -32.84 -34.39
C ALA C 240 6.51 -33.18 -32.91
N GLU C 241 5.47 -32.93 -32.14
CA GLU C 241 5.50 -33.23 -30.71
C GLU C 241 5.36 -34.72 -30.43
N LEU C 242 4.63 -35.45 -31.28
CA LEU C 242 4.45 -36.89 -31.10
C LEU C 242 5.66 -37.70 -31.51
N PHE C 243 6.59 -37.10 -32.26
CA PHE C 243 7.75 -37.81 -32.80
C PHE C 243 9.01 -37.05 -32.42
N PRO C 244 9.42 -37.09 -31.15
CA PRO C 244 10.67 -36.42 -30.74
C PRO C 244 11.91 -37.21 -31.14
N SER C 245 12.21 -37.18 -32.44
CA SER C 245 13.41 -37.84 -32.94
C SER C 245 14.66 -37.05 -32.63
N ASP C 246 14.58 -35.71 -32.63
CA ASP C 246 15.75 -34.89 -32.38
C ASP C 246 16.30 -35.10 -30.96
N LYS C 247 15.41 -35.23 -29.98
CA LYS C 247 15.82 -35.38 -28.59
C LYS C 247 15.88 -36.85 -28.16
N LEU C 248 16.14 -37.77 -29.08
CA LEU C 248 16.31 -39.18 -28.78
C LEU C 248 17.79 -39.50 -28.85
N ASN C 249 18.48 -39.31 -27.72
CA ASN C 249 19.91 -39.56 -27.63
C ASN C 249 20.25 -40.96 -27.10
N ARG C 250 19.24 -41.77 -26.77
CA ARG C 250 19.46 -43.11 -26.25
C ARG C 250 18.22 -43.93 -26.54
N PRO C 251 18.34 -45.26 -26.51
CA PRO C 251 17.17 -46.10 -26.81
C PRO C 251 16.01 -45.84 -25.87
N ALA C 252 14.80 -45.86 -26.43
CA ALA C 252 13.57 -45.65 -25.69
C ALA C 252 12.66 -46.84 -25.86
N GLN C 253 12.06 -47.29 -24.76
CA GLN C 253 11.21 -48.47 -24.78
C GLN C 253 9.95 -48.21 -23.96
N VAL C 254 8.83 -48.77 -24.43
CA VAL C 254 7.56 -48.70 -23.72
C VAL C 254 6.95 -50.10 -23.72
N GLU C 255 6.64 -50.61 -22.53
CA GLU C 255 5.96 -51.89 -22.40
C GLU C 255 4.62 -51.66 -21.71
N ALA C 256 3.53 -51.99 -22.41
CA ALA C 256 2.19 -51.83 -21.88
C ALA C 256 1.38 -53.09 -22.16
N GLY C 257 0.32 -53.26 -21.39
CA GLY C 257 -0.56 -54.39 -21.60
C GLY C 257 -1.76 -54.28 -20.68
N PHE C 258 -2.77 -55.09 -20.99
CA PHE C 258 -3.93 -55.19 -20.13
C PHE C 258 -4.47 -56.61 -20.17
N ARG C 259 -4.97 -57.07 -19.03
CA ARG C 259 -5.61 -58.37 -18.89
C ARG C 259 -7.07 -58.07 -18.58
N SER C 260 -7.90 -58.11 -19.62
CA SER C 260 -9.28 -57.63 -19.54
C SER C 260 -10.22 -58.82 -19.64
N ASP C 261 -10.62 -59.35 -18.50
CA ASP C 261 -11.54 -60.48 -18.43
C ASP C 261 -12.98 -59.96 -18.54
N SER C 262 -13.94 -60.84 -18.29
CA SER C 262 -15.35 -60.49 -18.42
C SER C 262 -15.88 -59.67 -17.25
N GLN C 263 -15.10 -59.50 -16.18
CA GLN C 263 -15.56 -58.77 -15.01
C GLN C 263 -14.55 -57.76 -14.52
N GLY C 264 -13.64 -57.32 -15.38
CA GLY C 264 -12.65 -56.34 -14.97
C GLY C 264 -11.53 -56.11 -15.96
N ILE C 265 -10.85 -54.97 -15.82
CA ILE C 265 -9.75 -54.58 -16.69
C ILE C 265 -8.51 -54.37 -15.83
N GLU C 266 -7.40 -54.95 -16.25
CA GLU C 266 -6.14 -54.94 -15.49
C GLU C 266 -5.06 -54.29 -16.34
N VAL C 267 -4.92 -52.97 -16.23
CA VAL C 267 -4.03 -52.20 -17.09
C VAL C 267 -2.64 -52.15 -16.45
N LYS C 268 -1.61 -52.28 -17.30
CA LYS C 268 -0.23 -52.10 -16.89
C LYS C 268 0.53 -51.44 -18.03
N VAL C 269 1.26 -50.37 -17.73
CA VAL C 269 2.04 -49.64 -18.73
C VAL C 269 3.34 -49.18 -18.09
N ASP C 270 4.43 -49.31 -18.85
CA ASP C 270 5.74 -48.75 -18.50
C ASP C 270 6.12 -47.74 -19.59
N GLY C 271 7.28 -47.10 -19.40
CA GLY C 271 7.69 -46.11 -20.37
C GLY C 271 8.97 -45.36 -20.04
N GLU C 272 9.75 -45.07 -21.09
CA GLU C 272 10.97 -44.27 -20.98
C GLU C 272 11.20 -43.66 -22.36
N PHE C 273 10.86 -42.38 -22.51
CA PHE C 273 10.89 -41.73 -23.82
C PHE C 273 11.03 -40.23 -23.60
N PRO C 274 11.58 -39.51 -24.57
CA PRO C 274 11.64 -38.05 -24.48
C PRO C 274 10.27 -37.44 -24.77
N GLY C 275 10.19 -36.12 -24.61
CA GLY C 275 8.96 -35.41 -24.85
C GLY C 275 7.97 -35.43 -23.71
N VAL C 276 8.34 -35.99 -22.56
CA VAL C 276 7.43 -35.99 -21.41
C VAL C 276 7.25 -34.58 -20.87
N SER C 277 8.33 -33.79 -20.86
CA SER C 277 8.29 -32.42 -20.40
C SER C 277 8.63 -31.48 -21.55
N VAL C 278 7.80 -30.46 -21.75
CA VAL C 278 7.98 -29.49 -22.83
C VAL C 278 8.02 -28.10 -22.22
N ASP C 279 8.85 -27.23 -22.81
CA ASP C 279 8.96 -25.86 -22.32
C ASP C 279 7.68 -25.09 -22.61
N ALA C 280 7.17 -24.39 -21.60
CA ALA C 280 5.97 -23.58 -21.74
C ALA C 280 6.27 -22.09 -21.77
N GLY C 281 7.54 -21.71 -21.84
CA GLY C 281 7.90 -20.30 -21.89
C GLY C 281 8.20 -19.73 -20.52
N GLY C 282 9.10 -18.75 -20.51
CA GLY C 282 9.50 -18.11 -19.26
C GLY C 282 10.24 -19.03 -18.32
N GLY C 283 11.11 -19.89 -18.87
CA GLY C 283 11.84 -20.83 -18.04
C GLY C 283 10.97 -21.78 -17.26
N LEU C 284 9.74 -22.02 -17.71
CA LEU C 284 8.76 -22.83 -17.01
C LEU C 284 8.41 -24.03 -17.88
N ARG C 285 8.93 -25.19 -17.52
CA ARG C 285 8.59 -26.41 -18.22
C ARG C 285 7.23 -26.92 -17.74
N ARG C 286 6.71 -27.92 -18.45
CA ARG C 286 5.42 -28.50 -18.10
C ARG C 286 5.37 -29.93 -18.59
N ILE C 287 4.52 -30.73 -17.94
CA ILE C 287 4.17 -32.03 -18.48
C ILE C 287 3.45 -31.81 -19.81
N LEU C 288 3.80 -32.62 -20.81
CA LEU C 288 3.26 -32.40 -22.15
C LEU C 288 1.74 -32.43 -22.11
N ASN C 289 1.12 -31.54 -22.87
CA ASN C 289 -0.34 -31.45 -22.88
C ASN C 289 -0.94 -32.81 -23.20
N HIS C 290 -1.93 -33.20 -22.41
CA HIS C 290 -2.45 -34.55 -22.52
C HIS C 290 -3.05 -34.76 -23.90
N PRO C 291 -2.69 -35.84 -24.60
CA PRO C 291 -3.28 -36.10 -25.91
C PRO C 291 -4.79 -36.21 -25.81
N LEU C 292 -5.49 -35.61 -26.78
CA LEU C 292 -6.94 -35.56 -26.75
C LEU C 292 -7.60 -36.78 -27.37
N ILE C 293 -6.95 -37.38 -28.37
CA ILE C 293 -7.52 -38.57 -29.01
C ILE C 293 -7.70 -39.71 -28.02
N PRO C 294 -6.72 -40.08 -27.19
CA PRO C 294 -6.98 -41.13 -26.20
C PRO C 294 -8.14 -40.82 -25.27
N LEU C 295 -8.26 -39.56 -24.83
CA LEU C 295 -9.32 -39.21 -23.90
C LEU C 295 -10.69 -39.31 -24.57
N VAL C 296 -10.83 -38.72 -25.75
CA VAL C 296 -12.13 -38.74 -26.43
C VAL C 296 -12.47 -40.14 -26.93
N HIS C 297 -11.48 -40.99 -27.14
CA HIS C 297 -11.76 -42.35 -27.57
C HIS C 297 -12.16 -43.24 -26.40
N HIS C 298 -11.43 -43.14 -25.28
CA HIS C 298 -11.80 -43.89 -24.09
C HIS C 298 -13.10 -43.39 -23.48
N GLY C 299 -13.49 -42.15 -23.75
CA GLY C 299 -14.74 -41.64 -23.20
C GLY C 299 -15.96 -42.36 -23.73
N MET C 300 -15.87 -42.96 -24.91
CA MET C 300 -16.99 -43.75 -25.42
C MET C 300 -17.12 -45.06 -24.65
N VAL C 301 -16.01 -45.63 -24.19
CA VAL C 301 -16.05 -46.86 -23.41
C VAL C 301 -15.99 -46.62 -21.91
N GLY C 302 -15.54 -45.45 -21.47
CA GLY C 302 -15.47 -45.13 -20.07
C GLY C 302 -16.73 -44.54 -19.47
N LYS C 303 -17.80 -44.44 -20.25
CA LYS C 303 -19.06 -43.87 -19.78
C LYS C 303 -20.13 -44.92 -19.53
N PHE C 304 -19.77 -46.21 -19.56
CA PHE C 304 -20.74 -47.28 -19.47
C PHE C 304 -21.03 -47.73 -18.03
N ASN C 305 -20.30 -47.24 -17.04
CA ASN C 305 -20.52 -47.67 -15.67
C ASN C 305 -20.16 -46.55 -14.72
N ASN C 306 -20.98 -46.39 -13.68
CA ASN C 306 -20.67 -45.45 -12.61
C ASN C 306 -19.59 -46.05 -11.72
N PHE C 307 -18.50 -45.31 -11.53
CA PHE C 307 -17.34 -45.86 -10.85
C PHE C 307 -16.73 -44.86 -9.88
N ASN C 308 -16.32 -45.35 -8.72
CA ASN C 308 -15.48 -44.60 -7.81
C ASN C 308 -14.02 -44.84 -8.16
N VAL C 309 -13.20 -43.80 -7.98
CA VAL C 309 -11.80 -43.84 -8.38
C VAL C 309 -10.92 -43.41 -7.22
N ASP C 310 -9.86 -44.18 -6.96
CA ASP C 310 -8.76 -43.77 -6.10
C ASP C 310 -7.47 -43.77 -6.91
N ALA C 311 -7.26 -42.68 -7.64
CA ALA C 311 -6.13 -42.53 -8.53
C ALA C 311 -5.03 -41.75 -7.84
N GLN C 312 -3.80 -42.27 -7.91
CA GLN C 312 -2.64 -41.62 -7.33
C GLN C 312 -1.60 -41.39 -8.41
N LEU C 313 -1.07 -40.16 -8.46
CA LEU C 313 -0.09 -39.76 -9.46
C LEU C 313 1.21 -39.37 -8.77
N LYS C 314 2.30 -40.02 -9.17
CA LYS C 314 3.64 -39.62 -8.76
C LYS C 314 4.25 -38.76 -9.85
N VAL C 315 4.77 -37.59 -9.48
CA VAL C 315 5.57 -36.77 -10.37
C VAL C 315 6.87 -36.48 -9.64
N VAL C 316 7.93 -37.20 -10.01
CA VAL C 316 9.23 -37.05 -9.36
C VAL C 316 10.04 -36.05 -10.17
N LEU C 317 10.14 -34.84 -9.68
CA LEU C 317 10.91 -33.80 -10.34
C LEU C 317 12.40 -34.06 -10.18
N PRO C 318 13.23 -33.50 -11.05
CA PRO C 318 14.68 -33.64 -10.89
C PRO C 318 15.21 -32.92 -9.66
N LYS C 319 16.51 -33.00 -9.43
CA LYS C 319 17.11 -32.40 -8.24
C LYS C 319 17.04 -30.87 -8.35
N GLY C 320 16.25 -30.26 -7.47
CA GLY C 320 16.14 -28.82 -7.41
C GLY C 320 14.93 -28.23 -8.10
N TYR C 321 14.23 -29.01 -8.91
CA TYR C 321 13.08 -28.49 -9.64
C TYR C 321 11.86 -28.43 -8.75
N LYS C 322 11.01 -27.44 -8.99
CA LYS C 322 9.82 -27.20 -8.18
C LYS C 322 8.61 -26.98 -9.07
N ILE C 323 7.50 -27.63 -8.73
CA ILE C 323 6.24 -27.46 -9.46
C ILE C 323 5.58 -26.15 -9.01
N ARG C 324 5.22 -25.33 -9.99
CA ARG C 324 4.45 -24.12 -9.76
C ARG C 324 3.18 -24.20 -10.60
N TYR C 325 2.02 -24.03 -9.96
CA TYR C 325 0.71 -24.19 -10.60
C TYR C 325 0.54 -25.61 -11.14
N ALA C 326 0.40 -26.53 -10.20
CA ALA C 326 -0.21 -27.82 -10.48
C ALA C 326 -1.72 -27.69 -10.24
N ALA C 327 -2.51 -28.01 -11.26
CA ALA C 327 -3.95 -27.83 -11.17
C ALA C 327 -4.68 -28.93 -11.92
N PRO C 328 -5.42 -29.82 -11.24
CA PRO C 328 -5.72 -29.96 -9.80
C PRO C 328 -4.50 -29.95 -8.86
N GLN C 329 -4.69 -29.37 -7.68
CA GLN C 329 -3.60 -29.19 -6.73
C GLN C 329 -3.08 -30.54 -6.24
N TYR C 330 -1.75 -30.62 -6.11
CA TYR C 330 -1.12 -31.82 -5.58
C TYR C 330 -1.37 -31.96 -4.08
N ARG C 331 -1.39 -33.20 -3.60
CA ARG C 331 -1.68 -33.47 -2.20
C ARG C 331 -0.48 -33.23 -1.30
N SER C 332 0.59 -33.99 -1.49
CA SER C 332 1.72 -33.97 -0.56
C SER C 332 3.02 -33.90 -1.32
N GLN C 333 3.73 -32.78 -1.18
CA GLN C 333 5.09 -32.66 -1.70
C GLN C 333 6.04 -33.37 -0.74
N ASN C 334 6.90 -34.23 -1.28
CA ASN C 334 7.87 -34.99 -0.49
C ASN C 334 9.22 -34.83 -1.16
N LEU C 335 10.07 -33.96 -0.60
CA LEU C 335 11.40 -33.68 -1.12
C LEU C 335 11.29 -33.16 -2.56
N GLU C 336 11.42 -34.06 -3.54
CA GLU C 336 11.35 -33.67 -4.94
C GLU C 336 10.27 -34.41 -5.72
N GLU C 337 9.45 -35.21 -5.04
CA GLU C 337 8.39 -35.97 -5.70
C GLU C 337 7.03 -35.52 -5.16
N TYR C 338 6.04 -35.53 -6.03
CA TYR C 338 4.72 -34.98 -5.74
C TYR C 338 3.66 -36.08 -5.84
N ARG C 339 2.55 -35.87 -5.16
CA ARG C 339 1.45 -36.82 -5.14
C ARG C 339 0.11 -36.13 -5.41
N TRP C 340 -0.70 -36.76 -6.24
CA TRP C 340 -2.08 -36.34 -6.49
C TRP C 340 -2.99 -37.50 -6.08
N SER C 341 -4.01 -37.20 -5.29
CA SER C 341 -4.95 -38.23 -4.85
C SER C 341 -6.23 -37.60 -4.32
N GLY C 342 -7.37 -38.10 -4.78
CA GLY C 342 -8.66 -37.65 -4.27
C GLY C 342 -8.94 -36.18 -4.58
N GLY C 343 -10.12 -35.75 -4.15
CA GLY C 343 -10.49 -34.36 -4.30
C GLY C 343 -10.70 -33.98 -5.75
N ALA C 344 -10.02 -32.91 -6.18
CA ALA C 344 -10.12 -32.48 -7.57
C ALA C 344 -9.37 -33.41 -8.51
N TYR C 345 -8.33 -34.10 -8.02
CA TYR C 345 -7.62 -35.02 -8.89
C TYR C 345 -8.47 -36.25 -9.20
N ALA C 346 -9.17 -36.78 -8.22
CA ALA C 346 -10.07 -37.90 -8.48
C ALA C 346 -11.20 -37.48 -9.41
N ARG C 347 -11.74 -36.27 -9.20
CA ARG C 347 -12.78 -35.76 -10.09
C ARG C 347 -12.26 -35.60 -11.52
N TRP C 348 -11.02 -35.12 -11.67
CA TRP C 348 -10.45 -34.98 -12.99
C TRP C 348 -10.16 -36.33 -13.63
N VAL C 349 -9.74 -37.31 -12.84
CA VAL C 349 -9.49 -38.65 -13.37
C VAL C 349 -10.80 -39.26 -13.86
N GLU C 350 -11.88 -39.11 -13.09
CA GLU C 350 -13.18 -39.56 -13.55
C GLU C 350 -13.61 -38.79 -14.79
N HIS C 351 -13.32 -37.49 -14.84
CA HIS C 351 -13.68 -36.66 -15.98
C HIS C 351 -13.00 -37.14 -17.26
N VAL C 352 -11.71 -37.46 -17.18
CA VAL C 352 -11.00 -37.91 -18.37
C VAL C 352 -11.24 -39.39 -18.67
N CYS C 353 -11.66 -40.18 -17.69
CA CYS C 353 -12.05 -41.56 -17.96
C CYS C 353 -13.39 -41.62 -18.67
N LYS C 354 -14.32 -40.73 -18.28
CA LYS C 354 -15.64 -40.72 -18.89
C LYS C 354 -15.66 -40.03 -20.25
N GLY C 355 -14.68 -39.18 -20.55
CA GLY C 355 -14.62 -38.58 -21.86
C GLY C 355 -14.19 -37.14 -21.91
N GLY C 356 -13.98 -36.51 -20.76
CA GLY C 356 -13.58 -35.14 -20.73
C GLY C 356 -12.14 -34.93 -21.18
N VAL C 357 -11.86 -33.70 -21.60
CA VAL C 357 -10.52 -33.32 -22.03
C VAL C 357 -10.05 -32.14 -21.18
N GLY C 358 -10.50 -32.10 -19.93
CA GLY C 358 -10.11 -31.00 -19.06
C GLY C 358 -8.61 -30.93 -18.85
N GLN C 359 -8.11 -29.72 -18.73
CA GLN C 359 -6.67 -29.49 -18.63
C GLN C 359 -6.19 -29.81 -17.22
N PHE C 360 -5.11 -30.60 -17.14
CA PHE C 360 -4.38 -30.84 -15.90
C PHE C 360 -2.93 -30.58 -16.24
N GLU C 361 -2.53 -29.32 -16.18
CA GLU C 361 -1.19 -28.89 -16.53
C GLU C 361 -0.34 -28.75 -15.27
N ILE C 362 0.87 -29.26 -15.34
CA ILE C 362 1.82 -29.22 -14.22
C ILE C 362 3.01 -28.41 -14.69
N LEU C 363 2.96 -27.10 -14.45
CA LEU C 363 4.09 -26.24 -14.77
C LEU C 363 5.14 -26.35 -13.67
N TYR C 364 6.40 -26.36 -14.07
CA TYR C 364 7.47 -26.51 -13.09
C TYR C 364 8.75 -25.92 -13.66
N ALA C 365 9.58 -25.38 -12.76
CA ALA C 365 10.86 -24.80 -13.13
C ALA C 365 11.89 -25.25 -12.11
N GLN C 366 13.08 -24.67 -12.18
CA GLN C 366 14.16 -24.99 -11.26
C GLN C 366 14.54 -23.78 -10.42
N MET D 1 -11.63 -0.58 -7.93
CA MET D 1 -12.13 -0.53 -6.56
C MET D 1 -12.93 0.75 -6.37
N GLN D 2 -13.97 0.70 -5.54
CA GLN D 2 -14.86 1.83 -5.41
C GLN D 2 -14.11 3.05 -4.87
N PRO D 3 -14.45 4.26 -5.33
CA PRO D 3 -13.74 5.45 -4.83
C PRO D 3 -13.90 5.66 -3.33
N GLN D 4 -15.06 5.32 -2.77
CA GLN D 4 -15.31 5.53 -1.35
C GLN D 4 -14.69 4.45 -0.47
N LEU D 5 -14.11 3.41 -1.06
CA LEU D 5 -13.43 2.36 -0.32
C LEU D 5 -11.93 2.40 -0.51
N SER D 6 -11.41 3.43 -1.16
CA SER D 6 -10.00 3.55 -1.47
C SER D 6 -9.39 4.73 -0.74
N ARG D 7 -8.07 4.77 -0.71
CA ARG D 7 -7.36 5.90 -0.11
C ARG D 7 -7.73 7.18 -0.86
N PRO D 8 -7.96 8.29 -0.14
CA PRO D 8 -8.61 9.46 -0.75
C PRO D 8 -8.07 9.92 -2.10
N GLN D 9 -6.78 10.24 -2.19
CA GLN D 9 -6.21 10.75 -3.43
C GLN D 9 -5.69 9.58 -4.25
N THR D 10 -6.61 8.87 -4.87
CA THR D 10 -6.30 7.77 -5.79
C THR D 10 -6.87 8.10 -7.15
N ALA D 11 -6.01 8.11 -8.17
CA ALA D 11 -6.44 8.38 -9.52
C ALA D 11 -6.88 7.08 -10.20
N SER D 12 -7.56 7.23 -11.34
CA SER D 12 -7.98 6.07 -12.12
C SER D 12 -6.78 5.27 -12.61
N ASN D 13 -5.61 5.89 -12.72
CA ASN D 13 -4.41 5.16 -13.06
C ASN D 13 -4.08 4.13 -11.99
N GLN D 14 -4.41 4.43 -10.73
CA GLN D 14 -4.15 3.51 -9.63
C GLN D 14 -5.42 2.89 -9.08
N VAL D 15 -6.60 3.40 -9.44
CA VAL D 15 -7.82 2.68 -9.16
C VAL D 15 -7.95 1.52 -10.15
N ARG D 16 -8.07 0.30 -9.63
CA ARG D 16 -8.18 -0.89 -10.47
C ARG D 16 -9.64 -1.32 -10.60
N LYS D 17 -10.06 -1.59 -11.83
CA LYS D 17 -11.34 -2.24 -12.08
C LYS D 17 -11.16 -3.74 -11.82
N ALA D 18 -12.18 -4.54 -12.19
CA ALA D 18 -12.16 -5.98 -11.96
C ALA D 18 -11.96 -6.26 -10.46
N VAL D 19 -12.99 -5.91 -9.70
CA VAL D 19 -12.94 -5.69 -8.25
C VAL D 19 -12.12 -6.74 -7.51
N SER D 20 -12.04 -7.95 -8.05
CA SER D 20 -11.19 -9.01 -7.50
C SER D 20 -9.90 -9.15 -8.29
N GLY D 21 -9.32 -8.03 -8.71
CA GLY D 21 -8.13 -8.01 -9.54
C GLY D 21 -6.87 -8.67 -9.01
N PRO D 22 -6.49 -8.41 -7.75
CA PRO D 22 -5.14 -8.81 -7.31
C PRO D 22 -4.85 -10.30 -7.45
N TRP D 23 -5.87 -11.15 -7.41
CA TRP D 23 -5.66 -12.58 -7.56
C TRP D 23 -5.82 -13.06 -9.00
N SER D 24 -6.13 -12.16 -9.93
CA SER D 24 -6.18 -12.48 -11.35
C SER D 24 -4.90 -11.92 -11.96
N GLY D 25 -3.88 -12.76 -12.03
CA GLY D 25 -2.57 -12.33 -12.44
C GLY D 25 -1.72 -11.90 -11.25
N ASN D 26 -0.61 -11.24 -11.58
CA ASN D 26 0.29 -10.77 -10.55
C ASN D 26 -0.37 -9.69 -9.70
N ALA D 27 -0.21 -9.82 -8.38
CA ALA D 27 -0.81 -8.85 -7.46
C ALA D 27 -0.06 -7.53 -7.43
N VAL D 28 1.19 -7.51 -7.88
CA VAL D 28 1.97 -6.27 -7.87
C VAL D 28 1.40 -5.28 -8.88
N HIS D 29 0.92 -5.76 -10.02
CA HIS D 29 0.48 -4.91 -11.11
C HIS D 29 -1.04 -4.78 -11.10
N LYS D 30 -1.53 -3.56 -10.90
CA LYS D 30 -2.95 -3.29 -11.03
C LYS D 30 -3.41 -3.51 -12.46
N ALA D 31 -2.61 -3.09 -13.43
CA ALA D 31 -2.86 -3.33 -14.85
C ALA D 31 -1.74 -4.18 -15.42
N GLU D 32 -2.06 -4.94 -16.46
CA GLU D 32 -1.08 -5.84 -17.05
C GLU D 32 0.15 -5.07 -17.49
N LYS D 33 1.32 -5.58 -17.11
CA LYS D 33 2.59 -4.88 -17.33
C LYS D 33 3.35 -5.55 -18.45
N TYR D 34 3.65 -4.78 -19.50
CA TYR D 34 4.40 -5.26 -20.65
C TYR D 34 5.73 -4.54 -20.72
N PHE D 35 6.73 -5.22 -21.28
CA PHE D 35 8.08 -4.71 -21.38
C PHE D 35 8.51 -4.62 -22.83
N ILE D 36 9.09 -3.48 -23.20
CA ILE D 36 9.76 -3.38 -24.50
C ILE D 36 11.04 -4.19 -24.40
N THR D 37 11.07 -5.34 -25.08
CA THR D 37 12.19 -6.26 -24.96
C THR D 37 13.16 -6.20 -26.14
N SER D 38 12.71 -5.79 -27.31
CA SER D 38 13.59 -5.67 -28.46
C SER D 38 13.01 -4.65 -29.42
N ALA D 39 13.90 -3.90 -30.07
CA ALA D 39 13.52 -2.92 -31.10
C ALA D 39 14.60 -3.00 -32.17
N LYS D 40 14.36 -3.85 -33.17
CA LYS D 40 15.31 -4.09 -34.24
C LYS D 40 14.90 -3.35 -35.49
N ARG D 41 15.89 -3.06 -36.33
CA ARG D 41 15.68 -2.44 -37.63
C ARG D 41 15.95 -3.48 -38.71
N ASP D 42 14.95 -3.74 -39.54
CA ASP D 42 15.06 -4.72 -40.61
C ASP D 42 14.46 -4.14 -41.88
N ARG D 43 15.11 -4.43 -43.01
CA ARG D 43 14.68 -3.97 -44.33
C ARG D 43 14.56 -2.45 -44.36
N ASP D 44 13.34 -1.94 -44.19
CA ASP D 44 13.12 -0.51 -44.17
C ASP D 44 13.54 0.08 -42.82
N GLY D 45 13.36 1.39 -42.68
CA GLY D 45 13.76 2.07 -41.45
C GLY D 45 12.86 1.86 -40.27
N LYS D 46 11.67 1.31 -40.48
CA LYS D 46 10.75 1.06 -39.37
C LYS D 46 11.31 -0.01 -38.44
N LEU D 47 11.11 0.19 -37.14
CA LEU D 47 11.60 -0.73 -36.13
C LEU D 47 10.45 -1.59 -35.60
N GLN D 48 10.77 -2.85 -35.28
CA GLN D 48 9.78 -3.78 -34.77
C GLN D 48 9.83 -3.79 -33.25
N ILE D 49 8.78 -3.25 -32.62
CA ILE D 49 8.69 -3.17 -31.18
C ILE D 49 8.05 -4.46 -30.67
N GLU D 50 8.67 -5.07 -29.66
CA GLU D 50 8.28 -6.37 -29.14
C GLU D 50 7.80 -6.22 -27.70
N LEU D 51 6.51 -6.43 -27.48
CA LEU D 51 5.90 -6.29 -26.16
C LEU D 51 5.71 -7.68 -25.55
N VAL D 52 6.65 -8.09 -24.70
CA VAL D 52 6.54 -9.35 -23.95
C VAL D 52 5.99 -9.03 -22.57
N PRO D 53 4.90 -9.70 -22.15
CA PRO D 53 4.33 -9.39 -20.83
C PRO D 53 5.27 -9.76 -19.70
N ALA D 54 4.97 -9.20 -18.52
CA ALA D 54 5.74 -9.55 -17.33
C ALA D 54 5.64 -11.03 -17.01
N SER D 55 4.56 -11.68 -17.44
CA SER D 55 4.44 -13.13 -17.32
C SER D 55 5.40 -13.87 -18.23
N GLY D 56 5.89 -13.23 -19.30
CA GLY D 56 6.92 -13.81 -20.14
C GLY D 56 6.47 -14.95 -21.02
N ARG D 57 5.16 -15.06 -21.31
CA ARG D 57 4.65 -16.14 -22.12
C ARG D 57 4.49 -15.78 -23.59
N ARG D 58 4.13 -14.53 -23.88
CA ARG D 58 3.86 -14.10 -25.25
C ARG D 58 5.00 -13.22 -25.76
N LYS D 59 4.92 -12.91 -27.06
CA LYS D 59 5.85 -11.99 -27.73
C LYS D 59 5.00 -11.17 -28.70
N LEU D 60 4.50 -10.04 -28.22
CA LEU D 60 3.53 -9.24 -28.94
C LEU D 60 4.20 -8.00 -29.55
N SER D 61 3.38 -7.19 -30.20
CA SER D 61 3.76 -5.95 -30.86
C SER D 61 2.79 -4.88 -30.41
N PRO D 62 3.15 -3.58 -30.57
CA PRO D 62 2.26 -2.51 -30.10
C PRO D 62 0.82 -2.68 -30.56
N THR D 63 0.59 -2.66 -31.88
CA THR D 63 -0.67 -3.02 -32.52
C THR D 63 -1.78 -2.05 -32.15
N PRO D 64 -2.72 -1.76 -33.06
CA PRO D 64 -3.85 -0.91 -32.69
C PRO D 64 -4.65 -1.42 -31.50
N GLU D 65 -4.82 -2.74 -31.37
CA GLU D 65 -5.64 -3.26 -30.29
C GLU D 65 -5.00 -3.03 -28.93
N MET D 66 -3.71 -3.36 -28.79
CA MET D 66 -3.05 -3.10 -27.51
C MET D 66 -2.83 -1.61 -27.29
N ILE D 67 -2.72 -0.82 -28.35
CA ILE D 67 -2.69 0.63 -28.18
C ILE D 67 -4.00 1.13 -27.56
N ARG D 68 -5.13 0.62 -28.07
CA ARG D 68 -6.42 0.96 -27.49
C ARG D 68 -6.53 0.48 -26.06
N ARG D 69 -6.03 -0.72 -25.78
CA ARG D 69 -6.05 -1.25 -24.41
C ARG D 69 -5.17 -0.44 -23.48
N LEU D 70 -4.09 0.15 -24.02
CA LEU D 70 -3.27 1.09 -23.26
C LEU D 70 -4.05 2.35 -22.94
N ILE D 71 -4.57 3.03 -23.97
CA ILE D 71 -5.26 4.30 -23.76
C ILE D 71 -6.61 4.13 -23.08
N ASP D 72 -7.01 2.90 -22.78
CA ASP D 72 -8.21 2.63 -21.98
C ASP D 72 -7.86 2.29 -20.53
N GLY D 73 -6.61 2.48 -20.13
CA GLY D 73 -6.19 2.24 -18.76
C GLY D 73 -6.29 0.79 -18.33
N GLU D 74 -5.83 -0.13 -19.18
CA GLU D 74 -5.86 -1.55 -18.85
C GLU D 74 -4.48 -2.21 -18.84
N ILE D 75 -3.51 -1.66 -19.57
CA ILE D 75 -2.16 -2.22 -19.61
C ILE D 75 -1.14 -1.09 -19.47
N GLU D 76 0.07 -1.49 -19.11
CA GLU D 76 1.18 -0.55 -18.95
C GLU D 76 2.43 -1.12 -19.63
N ILE D 77 3.23 -0.24 -20.21
CA ILE D 77 4.41 -0.62 -20.99
C ILE D 77 5.63 0.08 -20.40
N TYR D 78 6.70 -0.70 -20.21
CA TYR D 78 7.95 -0.18 -19.67
C TYR D 78 9.10 -0.66 -20.56
N ILE D 79 10.27 -0.03 -20.39
CA ILE D 79 11.37 -0.19 -21.33
C ILE D 79 12.59 -0.87 -20.73
N LEU D 80 12.83 -0.75 -19.42
CA LEU D 80 13.98 -1.38 -18.77
C LEU D 80 15.30 -0.86 -19.37
N THR D 81 15.62 0.39 -19.01
CA THR D 81 16.69 1.18 -19.61
C THR D 81 17.96 0.39 -19.91
N THR D 82 18.22 -0.68 -19.15
CA THR D 82 19.32 -1.58 -19.53
C THR D 82 19.08 -2.29 -20.88
N GLN D 83 18.00 -1.96 -21.58
CA GLN D 83 17.70 -2.59 -22.86
C GLN D 83 18.86 -2.37 -23.83
N PRO D 84 19.33 -3.42 -24.52
CA PRO D 84 20.48 -3.25 -25.41
C PRO D 84 20.15 -2.56 -26.72
N ASP D 85 18.87 -2.37 -27.04
CA ASP D 85 18.47 -1.64 -28.23
C ASP D 85 18.23 -0.16 -27.96
N ILE D 86 18.93 0.40 -26.98
CA ILE D 86 18.73 1.78 -26.60
C ILE D 86 19.50 2.69 -27.55
N ALA D 87 19.03 3.94 -27.67
CA ALA D 87 19.72 4.97 -28.44
C ALA D 87 20.50 5.92 -27.55
N ILE D 88 19.86 6.42 -26.49
CA ILE D 88 20.55 7.31 -25.55
C ILE D 88 21.52 6.51 -24.68
N ASP D 89 22.57 7.18 -24.21
CA ASP D 89 23.55 6.57 -23.33
C ASP D 89 22.99 6.53 -21.91
N MET D 90 22.15 5.50 -21.67
CA MET D 90 21.49 5.39 -20.38
C MET D 90 22.48 5.12 -19.25
N ASN D 91 23.54 4.37 -19.52
CA ASN D 91 24.52 4.08 -18.48
C ASN D 91 25.16 5.36 -17.97
N LYS D 92 25.53 6.27 -18.88
CA LYS D 92 26.03 7.57 -18.46
C LYS D 92 24.91 8.46 -17.93
N GLU D 93 23.71 8.35 -18.51
CA GLU D 93 22.60 9.20 -18.08
C GLU D 93 22.07 8.79 -16.72
N ILE D 94 22.06 7.49 -16.42
CA ILE D 94 21.68 7.05 -15.08
C ILE D 94 22.76 7.42 -14.07
N ILE D 95 24.02 7.17 -14.41
CA ILE D 95 25.11 7.36 -13.46
C ILE D 95 25.25 8.84 -13.08
N ASP D 96 25.25 9.73 -14.06
CA ASP D 96 25.42 11.14 -13.76
C ASP D 96 24.17 11.77 -13.14
N MET D 97 23.05 11.05 -13.12
CA MET D 97 21.85 11.53 -12.45
C MET D 97 21.79 11.03 -11.01
N GLU D 98 22.35 9.86 -10.72
CA GLU D 98 22.49 9.41 -9.35
C GLU D 98 23.63 10.11 -8.64
N ASN D 99 24.63 10.60 -9.37
CA ASN D 99 25.73 11.33 -8.74
C ASN D 99 25.28 12.63 -8.11
N ARG D 100 24.06 13.09 -8.42
CA ARG D 100 23.52 14.28 -7.79
C ARG D 100 23.08 14.02 -6.35
N TYR D 101 22.63 12.80 -6.05
CA TYR D 101 22.04 12.54 -4.74
C TYR D 101 22.43 11.20 -4.13
N VAL D 102 23.39 10.46 -4.71
CA VAL D 102 23.79 9.17 -4.19
C VAL D 102 25.27 9.23 -3.81
N ILE D 103 25.59 8.80 -2.60
CA ILE D 103 26.96 8.66 -2.13
C ILE D 103 27.34 7.19 -2.22
N ASP D 104 28.43 6.89 -2.92
CA ASP D 104 28.85 5.52 -3.18
C ASP D 104 29.63 4.98 -1.99
N PHE D 105 28.89 4.58 -0.96
CA PHE D 105 29.50 3.80 0.11
C PHE D 105 29.99 2.45 -0.41
N ASP D 106 29.19 1.79 -1.25
CA ASP D 106 29.56 0.52 -1.86
C ASP D 106 30.43 0.69 -3.09
N LYS D 107 30.55 1.90 -3.63
CA LYS D 107 31.34 2.26 -4.81
C LYS D 107 30.83 1.61 -6.09
N ARG D 108 29.70 0.92 -6.07
CA ARG D 108 29.16 0.30 -7.27
C ARG D 108 27.64 0.35 -7.36
N GLY D 109 26.96 0.98 -6.41
CA GLY D 109 25.51 1.04 -6.48
C GLY D 109 25.00 1.87 -7.64
N VAL D 110 25.67 2.99 -7.92
CA VAL D 110 25.29 3.82 -9.05
C VAL D 110 25.61 3.13 -10.36
N LYS D 111 26.74 2.42 -10.41
CA LYS D 111 27.16 1.76 -11.66
C LYS D 111 26.13 0.75 -12.11
N TRP D 112 25.58 -0.03 -11.19
CA TRP D 112 24.64 -1.10 -11.52
C TRP D 112 23.19 -0.71 -11.23
N THR D 113 22.86 0.56 -11.39
CA THR D 113 21.50 1.03 -11.21
C THR D 113 20.73 0.92 -12.52
N MET D 114 19.66 0.14 -12.52
CA MET D 114 18.79 -0.02 -13.67
C MET D 114 17.36 0.21 -13.22
N ARG D 115 16.58 0.89 -14.06
CA ARG D 115 15.23 1.25 -13.70
C ARG D 115 14.35 1.15 -14.93
N GLU D 116 13.04 1.12 -14.71
CA GLU D 116 12.06 1.08 -15.78
C GLU D 116 11.53 2.48 -16.04
N ILE D 117 11.25 2.78 -17.30
CA ILE D 117 10.72 4.07 -17.72
C ILE D 117 9.40 3.82 -18.46
N PRO D 118 8.31 4.43 -18.03
CA PRO D 118 7.00 4.10 -18.63
C PRO D 118 6.86 4.68 -20.02
N VAL D 119 5.98 4.05 -20.80
CA VAL D 119 5.69 4.46 -22.18
C VAL D 119 4.22 4.83 -22.28
N PHE D 120 3.94 5.98 -22.88
CA PHE D 120 2.58 6.42 -23.12
C PHE D 120 2.36 6.66 -24.61
N TYR D 121 1.09 6.66 -25.01
CA TYR D 121 0.70 6.82 -26.41
C TYR D 121 -0.15 8.07 -26.55
N HIS D 122 0.31 9.03 -27.35
CA HIS D 122 -0.49 10.21 -27.63
C HIS D 122 -1.50 9.95 -28.74
N GLU D 123 -0.98 9.74 -29.97
CA GLU D 123 -1.71 9.44 -31.20
C GLU D 123 -0.91 9.93 -32.40
N GLY D 124 -0.71 11.26 -32.50
CA GLY D 124 0.05 11.80 -33.61
C GLY D 124 1.45 11.24 -33.69
N LYS D 125 2.15 11.20 -32.55
CA LYS D 125 3.34 10.38 -32.40
C LYS D 125 2.93 9.07 -31.74
N GLY D 126 3.67 8.00 -32.03
CA GLY D 126 3.27 6.69 -31.59
C GLY D 126 3.57 6.44 -30.13
N LEU D 127 4.08 5.26 -29.81
CA LEU D 127 4.48 4.95 -28.45
C LEU D 127 5.69 5.81 -28.10
N CYS D 128 5.47 6.85 -27.31
CA CYS D 128 6.49 7.83 -27.01
C CYS D 128 6.79 7.83 -25.52
N VAL D 129 8.07 7.94 -25.18
CA VAL D 129 8.53 7.93 -23.79
C VAL D 129 9.09 9.31 -23.46
N GLU D 130 8.65 9.87 -22.33
CA GLU D 130 9.09 11.18 -21.88
C GLU D 130 10.21 11.00 -20.86
N LEU D 131 11.42 11.38 -21.23
CA LEU D 131 12.61 11.13 -20.42
C LEU D 131 13.48 12.38 -20.39
N HIS D 132 13.84 12.80 -19.18
CA HIS D 132 14.71 13.96 -18.95
C HIS D 132 14.12 15.22 -19.59
N ASN D 133 12.87 15.50 -19.26
CA ASN D 133 12.14 16.69 -19.68
C ASN D 133 12.00 16.79 -21.20
N LYS D 134 12.30 15.71 -21.92
CA LYS D 134 12.16 15.68 -23.37
C LYS D 134 11.37 14.42 -23.76
N ILE D 135 10.49 14.58 -24.75
CA ILE D 135 9.54 13.54 -25.14
C ILE D 135 10.16 12.81 -26.33
N TYR D 136 10.73 11.64 -26.07
CA TYR D 136 11.22 10.76 -27.12
C TYR D 136 10.13 9.84 -27.60
N THR D 137 10.24 9.39 -28.85
CA THR D 137 9.33 8.42 -29.43
C THR D 137 10.08 7.13 -29.72
N LEU D 138 9.42 6.00 -29.50
CA LEU D 138 10.02 4.73 -29.87
C LEU D 138 10.27 4.64 -31.37
N ASP D 139 9.33 5.15 -32.17
CA ASP D 139 9.55 5.29 -33.60
C ASP D 139 10.72 6.24 -33.85
N GLN D 140 11.82 5.72 -34.37
CA GLN D 140 13.09 6.45 -34.49
C GLN D 140 13.46 6.95 -33.09
N PHE D 141 14.16 8.08 -33.01
CA PHE D 141 14.43 8.75 -31.74
C PHE D 141 15.00 7.81 -30.70
N PHE D 142 14.12 7.32 -29.82
CA PHE D 142 14.51 6.59 -28.62
C PHE D 142 14.94 5.16 -28.92
N LYS D 143 14.37 4.53 -29.94
CA LYS D 143 14.55 3.09 -30.20
C LYS D 143 14.12 2.27 -28.99
N ALA E 129 26.57 -17.02 -17.08
CA ALA E 129 25.63 -17.72 -17.96
C ALA E 129 24.65 -16.73 -18.59
N LYS E 130 23.60 -17.27 -19.20
CA LYS E 130 22.59 -16.46 -19.86
C LYS E 130 21.50 -16.09 -18.86
N LYS E 131 20.37 -15.60 -19.37
CA LYS E 131 19.19 -15.21 -18.59
C LYS E 131 19.58 -14.40 -17.36
N HIS E 132 20.16 -13.23 -17.60
CA HIS E 132 20.52 -12.33 -16.53
C HIS E 132 19.27 -11.86 -15.79
N TYR E 133 19.46 -11.43 -14.54
CA TYR E 133 18.37 -11.32 -13.60
C TYR E 133 18.00 -9.88 -13.26
N PHE E 134 18.98 -9.02 -12.95
CA PHE E 134 18.75 -7.60 -12.76
C PHE E 134 17.86 -7.25 -11.57
N ILE E 135 17.92 -6.01 -11.13
CA ILE E 135 16.98 -5.46 -10.16
C ILE E 135 16.55 -4.07 -10.65
N ILE E 136 15.24 -3.87 -10.74
CA ILE E 136 14.69 -2.57 -11.12
C ILE E 136 14.76 -1.67 -9.88
N GLU E 137 15.57 -0.60 -9.95
CA GLU E 137 15.55 0.35 -8.85
C GLU E 137 14.39 1.31 -9.02
N ASN E 138 13.20 0.78 -9.34
CA ASN E 138 11.96 1.53 -9.37
C ASN E 138 10.81 0.81 -8.67
N LEU E 139 10.82 -0.52 -8.62
CA LEU E 139 9.90 -1.23 -7.74
C LEU E 139 10.55 -1.69 -6.46
N CYS E 140 11.87 -1.88 -6.46
CA CYS E 140 12.56 -2.45 -5.32
C CYS E 140 12.38 -1.59 -4.07
N VAL E 141 12.02 -2.24 -2.97
CA VAL E 141 11.89 -1.59 -1.68
C VAL E 141 13.08 -1.89 -0.77
N GLY E 142 14.11 -2.53 -1.32
CA GLY E 142 15.34 -2.74 -0.57
C GLY E 142 15.27 -3.79 0.52
N CYS E 143 14.23 -4.62 0.53
CA CYS E 143 14.05 -5.59 1.60
C CYS E 143 15.25 -6.54 1.71
N GLY E 144 15.95 -6.78 0.61
CA GLY E 144 17.14 -7.59 0.66
C GLY E 144 16.90 -9.09 0.68
N LEU E 145 15.65 -9.53 0.57
CA LEU E 145 15.39 -10.97 0.47
C LEU E 145 16.07 -11.56 -0.76
N CYS E 146 16.23 -10.76 -1.81
CA CYS E 146 17.05 -11.19 -2.94
C CYS E 146 18.51 -11.35 -2.53
N LEU E 147 19.03 -10.43 -1.72
CA LEU E 147 20.39 -10.55 -1.23
C LEU E 147 20.59 -11.75 -0.32
N ASP E 148 19.55 -12.14 0.43
CA ASP E 148 19.67 -13.29 1.32
C ASP E 148 19.95 -14.57 0.54
N LYS E 149 19.44 -14.65 -0.68
CA LYS E 149 19.60 -15.85 -1.50
C LYS E 149 20.81 -15.78 -2.43
N CYS E 150 21.48 -14.64 -2.52
CA CYS E 150 22.66 -14.56 -3.36
C CYS E 150 23.85 -15.22 -2.65
N PRO E 151 24.59 -16.08 -3.35
CA PRO E 151 25.72 -16.78 -2.72
C PRO E 151 26.73 -15.79 -2.18
N PRO E 152 27.23 -16.02 -0.97
CA PRO E 152 28.23 -15.09 -0.39
C PRO E 152 29.50 -15.00 -1.19
N LYS E 153 29.89 -16.04 -1.91
CA LYS E 153 31.11 -15.99 -2.71
C LYS E 153 30.99 -15.04 -3.90
N VAL E 154 29.78 -14.64 -4.27
CA VAL E 154 29.55 -13.67 -5.34
C VAL E 154 28.61 -12.59 -4.80
N ASN E 155 29.18 -11.42 -4.48
CA ASN E 155 28.38 -10.30 -3.98
C ASN E 155 27.70 -9.57 -5.14
N ALA E 156 26.87 -10.31 -5.87
CA ALA E 156 26.16 -9.73 -7.00
C ALA E 156 25.20 -8.65 -6.55
N ILE E 157 24.48 -8.88 -5.46
CA ILE E 157 23.46 -7.97 -4.96
C ILE E 157 24.08 -7.10 -3.87
N GLY E 158 23.67 -5.83 -3.81
CA GLY E 158 24.20 -4.91 -2.83
C GLY E 158 23.16 -3.88 -2.47
N TYR E 159 23.63 -2.79 -1.86
CA TYR E 159 22.76 -1.72 -1.38
C TYR E 159 23.29 -0.36 -1.82
N LYS E 160 22.37 0.53 -2.20
CA LYS E 160 22.66 1.95 -2.37
C LYS E 160 21.65 2.74 -1.56
N PHE E 161 22.09 3.83 -0.94
CA PHE E 161 21.30 4.50 0.08
C PHE E 161 20.78 5.86 -0.37
N TYR E 162 21.66 6.78 -0.75
CA TYR E 162 21.29 8.07 -1.32
C TYR E 162 20.36 8.91 -0.42
N GLY E 163 20.13 8.48 0.80
CA GLY E 163 19.25 9.22 1.68
C GLY E 163 18.78 8.35 2.84
N ASP E 164 17.68 8.77 3.44
CA ASP E 164 17.11 8.02 4.56
C ASP E 164 16.38 6.79 4.06
N VAL E 165 16.45 5.73 4.87
CA VAL E 165 15.82 4.46 4.51
C VAL E 165 14.34 4.42 4.84
N GLN E 166 13.85 5.38 5.63
CA GLN E 166 12.43 5.49 5.92
C GLN E 166 11.61 5.87 4.70
N GLU E 167 12.26 6.30 3.62
CA GLU E 167 11.58 6.71 2.40
C GLU E 167 12.04 5.88 1.22
N GLY E 168 12.27 4.59 1.44
CA GLY E 168 12.73 3.73 0.39
C GLY E 168 14.09 4.09 -0.15
N GLY E 169 14.90 4.81 0.62
CA GLY E 169 16.24 5.15 0.16
C GLY E 169 17.26 4.11 0.54
N PHE E 170 16.94 2.84 0.28
CA PHE E 170 17.89 1.75 0.45
C PHE E 170 17.71 0.70 -0.64
N ARG E 171 17.58 1.15 -1.88
CA ARG E 171 17.39 0.23 -3.00
C ARG E 171 18.56 -0.73 -3.14
N CYS E 172 18.28 -1.87 -3.78
CA CYS E 172 19.28 -2.88 -4.07
C CYS E 172 19.59 -2.91 -5.56
N TYR E 173 20.78 -3.44 -5.87
CA TYR E 173 21.25 -3.58 -7.24
C TYR E 173 21.80 -4.98 -7.43
N ILE E 174 21.98 -5.36 -8.69
CA ILE E 174 22.67 -6.60 -9.04
C ILE E 174 23.92 -6.23 -9.83
N ASP E 175 25.08 -6.56 -9.27
CA ASP E 175 26.35 -6.34 -9.95
C ASP E 175 26.47 -7.38 -11.05
N GLN E 176 26.11 -7.00 -12.27
CA GLN E 176 26.11 -7.94 -13.39
C GLN E 176 27.50 -8.49 -13.69
N ALA E 177 28.56 -7.82 -13.23
CA ALA E 177 29.90 -8.35 -13.38
C ALA E 177 30.17 -9.50 -12.43
N ALA E 178 29.51 -9.52 -11.27
CA ALA E 178 29.67 -10.61 -10.31
C ALA E 178 28.56 -11.64 -10.38
N CYS E 179 27.39 -11.30 -10.90
CA CYS E 179 26.29 -12.25 -11.00
C CYS E 179 26.67 -13.41 -11.91
N ILE E 180 26.45 -14.62 -11.43
CA ILE E 180 26.78 -15.84 -12.18
C ILE E 180 25.53 -16.59 -12.61
N SER E 181 24.37 -15.90 -12.62
CA SER E 181 23.10 -16.47 -13.07
C SER E 181 22.75 -17.73 -12.27
N CYS E 182 22.56 -17.54 -10.97
CA CYS E 182 22.19 -18.64 -10.08
C CYS E 182 20.72 -19.01 -10.18
N SER E 183 19.86 -18.02 -10.44
CA SER E 183 18.40 -18.07 -10.33
C SER E 183 17.95 -18.03 -8.88
N ALA E 184 18.87 -18.04 -7.91
CA ALA E 184 18.46 -18.13 -6.50
C ALA E 184 17.63 -16.93 -6.09
N CYS E 185 18.02 -15.73 -6.51
CA CYS E 185 17.27 -14.53 -6.12
C CYS E 185 15.86 -14.55 -6.70
N PHE E 186 15.71 -15.01 -7.94
CA PHE E 186 14.41 -14.98 -8.61
C PHE E 186 13.57 -16.23 -8.30
N SER E 187 14.18 -17.41 -8.44
CA SER E 187 13.43 -18.65 -8.20
C SER E 187 13.01 -18.81 -6.75
N GLY E 188 13.60 -18.06 -5.82
CA GLY E 188 13.13 -18.08 -4.45
C GLY E 188 11.73 -17.53 -4.27
N ASP E 189 11.27 -16.73 -5.21
CA ASP E 189 9.91 -16.19 -5.22
C ASP E 189 9.63 -15.40 -3.93
N GLU E 190 10.47 -14.41 -3.68
CA GLU E 190 10.33 -13.56 -2.52
C GLU E 190 10.31 -12.06 -2.81
N CYS E 191 10.59 -11.64 -4.04
CA CYS E 191 10.56 -10.21 -4.32
C CYS E 191 9.12 -9.73 -4.24
N PRO E 192 8.78 -8.86 -3.27
CA PRO E 192 7.37 -8.50 -3.08
C PRO E 192 6.88 -7.45 -4.06
N SER E 193 7.78 -6.68 -4.66
CA SER E 193 7.42 -5.59 -5.55
C SER E 193 7.69 -5.90 -7.01
N GLY E 194 8.14 -7.12 -7.32
CA GLY E 194 8.42 -7.47 -8.69
C GLY E 194 9.55 -6.67 -9.31
N ALA E 195 10.61 -6.43 -8.55
CA ALA E 195 11.78 -5.74 -9.08
C ALA E 195 12.74 -6.70 -9.77
N LEU E 196 12.90 -7.90 -9.22
CA LEU E 196 13.62 -8.95 -9.94
C LEU E 196 12.82 -9.37 -11.16
N ILE E 197 13.51 -9.53 -12.29
CA ILE E 197 12.86 -9.73 -13.57
C ILE E 197 13.32 -11.00 -14.28
N GLU E 198 14.63 -11.27 -14.31
CA GLU E 198 15.18 -12.40 -15.07
C GLU E 198 14.82 -12.29 -16.55
N VAL E 199 15.43 -11.31 -17.21
CA VAL E 199 15.31 -11.24 -18.66
C VAL E 199 15.80 -12.55 -19.25
N LEU E 200 15.00 -13.13 -20.14
CA LEU E 200 15.33 -14.42 -20.74
C LEU E 200 16.49 -14.25 -21.73
N PRO E 201 17.15 -15.34 -22.10
CA PRO E 201 18.33 -15.21 -22.98
C PRO E 201 18.04 -14.52 -24.29
N ASP E 202 16.83 -14.62 -24.83
CA ASP E 202 16.56 -14.00 -26.14
C ASP E 202 16.06 -12.57 -25.99
N GLY E 203 14.85 -12.39 -25.48
CA GLY E 203 14.43 -11.06 -25.03
C GLY E 203 13.41 -11.03 -23.92
N GLU E 204 12.91 -12.18 -23.50
CA GLU E 204 11.71 -12.20 -22.66
C GLU E 204 12.05 -11.74 -21.25
N VAL E 205 11.23 -10.84 -20.72
CA VAL E 205 11.40 -10.33 -19.36
C VAL E 205 10.31 -10.95 -18.49
N LEU E 206 10.71 -11.77 -17.53
CA LEU E 206 9.79 -12.27 -16.53
C LEU E 206 9.63 -11.24 -15.42
N ASP E 207 8.71 -11.53 -14.51
CA ASP E 207 8.55 -10.73 -13.31
C ASP E 207 8.44 -11.57 -12.05
N PHE E 208 7.90 -12.78 -12.15
CA PHE E 208 7.77 -13.69 -11.03
C PHE E 208 7.69 -15.08 -11.62
N SER E 209 8.11 -16.09 -10.85
CA SER E 209 8.34 -17.41 -11.45
C SER E 209 7.09 -17.96 -12.10
N TYR E 210 5.93 -17.80 -11.45
CA TYR E 210 4.66 -18.13 -12.08
C TYR E 210 3.67 -17.01 -11.79
N THR E 211 2.83 -16.71 -12.77
CA THR E 211 1.83 -15.65 -12.65
C THR E 211 0.44 -16.25 -12.78
N PRO E 212 -0.50 -15.84 -11.93
CA PRO E 212 -1.88 -16.35 -12.03
C PRO E 212 -2.46 -16.09 -13.40
N PRO E 213 -3.52 -16.82 -13.77
CA PRO E 213 -3.93 -16.89 -15.19
C PRO E 213 -4.80 -15.74 -15.70
N GLU E 214 -4.88 -14.62 -14.99
CA GLU E 214 -5.59 -13.43 -15.49
C GLU E 214 -7.05 -13.74 -15.82
N ARG E 215 -7.80 -14.10 -14.79
CA ARG E 215 -9.15 -14.60 -14.98
C ARG E 215 -10.19 -13.49 -14.95
N LEU E 216 -11.23 -13.65 -15.78
CA LEU E 216 -12.44 -12.86 -15.62
C LEU E 216 -13.18 -13.30 -14.38
N ASP E 217 -13.69 -12.34 -13.62
CA ASP E 217 -14.31 -12.62 -12.34
C ASP E 217 -15.69 -12.00 -12.26
N PHE E 218 -16.57 -12.65 -11.48
CA PHE E 218 -17.86 -12.08 -11.12
C PHE E 218 -18.33 -12.73 -9.84
N ASP E 219 -19.34 -12.11 -9.22
CA ASP E 219 -19.93 -12.63 -7.99
C ASP E 219 -21.16 -13.45 -8.35
N LEU E 220 -21.17 -14.70 -7.93
CA LEU E 220 -22.25 -15.63 -8.25
C LEU E 220 -23.26 -15.64 -7.11
N ARG E 221 -24.41 -15.03 -7.34
CA ARG E 221 -25.51 -14.99 -6.37
C ARG E 221 -26.73 -15.66 -6.97
N PHE E 222 -27.32 -16.60 -6.24
CA PHE E 222 -28.42 -17.38 -6.75
C PHE E 222 -29.72 -16.59 -6.69
N LEU E 223 -30.80 -17.20 -7.19
CA LEU E 223 -32.02 -16.46 -7.51
C LEU E 223 -32.98 -16.34 -6.33
N HIS E 224 -33.39 -17.47 -5.75
CA HIS E 224 -34.22 -17.43 -4.56
C HIS E 224 -33.85 -18.48 -3.53
N ARG E 225 -32.63 -19.03 -3.58
CA ARG E 225 -32.10 -19.83 -2.48
C ARG E 225 -30.63 -19.49 -2.31
N PHE E 226 -30.15 -19.71 -1.10
CA PHE E 226 -28.80 -19.32 -0.68
C PHE E 226 -28.71 -17.81 -0.69
N HIS E 227 -28.64 -17.22 -1.88
CA HIS E 227 -28.86 -15.81 -2.11
C HIS E 227 -30.26 -15.58 -2.65
N ARG E 228 -30.60 -14.30 -2.85
CA ARG E 228 -31.81 -13.96 -3.59
C ARG E 228 -31.56 -12.78 -4.52
N GLU E 229 -30.29 -12.46 -4.79
CA GLU E 229 -29.87 -11.42 -5.73
C GLU E 229 -30.45 -10.09 -5.26
N ALA E 230 -31.22 -9.37 -6.08
CA ALA E 230 -31.79 -8.07 -5.72
C ALA E 230 -30.72 -7.10 -5.22
N ASP F 42 37.07 -14.22 6.13
CA ASP F 42 37.42 -13.51 4.91
C ASP F 42 36.26 -12.63 4.47
N ALA F 43 35.35 -12.35 5.40
CA ALA F 43 34.14 -11.54 5.22
C ALA F 43 33.10 -12.24 4.35
N ALA F 44 33.41 -13.40 3.78
CA ALA F 44 32.45 -14.23 3.08
C ALA F 44 32.14 -15.52 3.81
N LYS F 45 33.14 -16.08 4.51
CA LYS F 45 32.88 -17.21 5.40
C LYS F 45 31.91 -16.82 6.50
N MET F 46 32.00 -15.57 6.97
CA MET F 46 30.98 -15.04 7.86
C MET F 46 29.63 -14.93 7.16
N ARG F 47 29.64 -14.56 5.88
CA ARG F 47 28.39 -14.21 5.21
C ARG F 47 27.49 -15.42 5.02
N ARG F 48 28.05 -16.59 4.75
CA ARG F 48 27.23 -17.81 4.80
C ARG F 48 27.25 -18.43 6.19
N PHE F 49 27.09 -17.56 7.18
CA PHE F 49 26.72 -17.92 8.54
C PHE F 49 25.51 -17.16 9.01
N LEU F 50 25.40 -15.87 8.66
CA LEU F 50 24.14 -15.16 8.83
C LEU F 50 23.25 -15.29 7.61
N PHE F 51 23.76 -15.89 6.52
CA PHE F 51 22.89 -16.45 5.48
C PHE F 51 22.56 -17.89 5.79
N GLN F 52 22.14 -18.15 7.03
CA GLN F 52 21.69 -19.46 7.47
C GLN F 52 20.41 -19.41 8.29
N ARG F 53 20.15 -18.31 9.00
CA ARG F 53 18.90 -18.10 9.70
C ARG F 53 17.95 -17.18 8.94
N THR F 54 18.38 -16.69 7.77
CA THR F 54 17.58 -15.74 7.00
C THR F 54 16.19 -16.29 6.74
N GLU F 55 15.19 -15.43 6.87
CA GLU F 55 13.80 -15.83 6.71
C GLU F 55 13.41 -15.89 5.23
N THR F 56 14.21 -16.59 4.44
CA THR F 56 13.78 -17.11 3.15
C THR F 56 13.05 -18.43 3.42
N ARG F 57 12.78 -19.21 2.38
CA ARG F 57 12.18 -20.51 2.62
C ARG F 57 13.24 -21.43 3.23
N SER F 58 12.97 -21.93 4.44
CA SER F 58 13.98 -22.62 5.22
C SER F 58 13.39 -23.90 5.81
N THR F 59 14.27 -24.73 6.36
CA THR F 59 13.84 -25.99 6.95
C THR F 59 12.92 -25.74 8.15
N LYS F 60 13.33 -24.89 9.09
CA LYS F 60 12.49 -24.48 10.21
C LYS F 60 12.04 -25.69 11.03
N TRP F 61 13.00 -26.21 11.80
CA TRP F 61 12.89 -27.45 12.58
C TRP F 61 11.51 -27.64 13.21
N TYR F 62 10.85 -26.56 13.60
CA TYR F 62 9.50 -26.63 14.14
C TYR F 62 8.45 -26.84 13.04
N GLN F 63 8.87 -27.24 11.84
CA GLN F 63 7.97 -27.61 10.76
C GLN F 63 8.36 -28.96 10.15
N ILE F 64 9.01 -29.81 10.93
CA ILE F 64 9.38 -31.14 10.42
C ILE F 64 8.13 -31.98 10.20
N PHE F 65 7.13 -31.84 11.07
CA PHE F 65 5.85 -32.51 10.92
C PHE F 65 4.82 -31.63 10.22
N ASP F 66 5.28 -30.70 9.39
CA ASP F 66 4.36 -29.90 8.59
C ASP F 66 3.55 -30.81 7.68
N THR F 67 2.26 -30.51 7.55
CA THR F 67 1.36 -31.37 6.82
C THR F 67 1.66 -31.42 5.32
N GLU F 68 2.47 -30.50 4.80
CA GLU F 68 2.81 -30.54 3.38
C GLU F 68 3.56 -31.82 3.03
N LYS F 69 4.49 -32.24 3.89
CA LYS F 69 5.28 -33.44 3.67
C LYS F 69 4.63 -34.69 4.27
N LEU F 70 3.42 -34.58 4.80
CA LEU F 70 2.69 -35.70 5.38
C LEU F 70 1.55 -36.10 4.47
N ASP F 71 1.29 -37.40 4.40
CA ASP F 71 0.14 -37.92 3.68
C ASP F 71 -0.97 -38.27 4.67
N ASP F 72 -2.06 -38.83 4.16
CA ASP F 72 -3.20 -39.15 5.01
C ASP F 72 -2.84 -40.22 6.03
N GLU F 73 -2.20 -41.30 5.57
CA GLU F 73 -1.87 -42.40 6.48
C GLU F 73 -0.85 -41.97 7.53
N GLN F 74 0.08 -41.09 7.15
CA GLN F 74 1.03 -40.58 8.14
C GLN F 74 0.33 -39.76 9.20
N VAL F 75 -0.72 -39.02 8.81
CA VAL F 75 -1.52 -38.29 9.79
C VAL F 75 -2.24 -39.27 10.71
N VAL F 76 -2.81 -40.34 10.15
CA VAL F 76 -3.46 -41.35 10.97
C VAL F 76 -2.49 -41.94 11.98
N GLY F 77 -1.28 -42.28 11.51
CA GLY F 77 -0.29 -42.89 12.38
C GLY F 77 0.19 -41.94 13.46
N GLY F 78 0.44 -40.68 13.10
CA GLY F 78 0.83 -39.71 14.10
C GLY F 78 -0.24 -39.50 15.15
N HIS F 79 -1.50 -39.42 14.72
CA HIS F 79 -2.58 -39.25 15.69
C HIS F 79 -2.74 -40.47 16.57
N LEU F 80 -2.57 -41.68 16.01
CA LEU F 80 -2.64 -42.88 16.83
C LEU F 80 -1.51 -42.94 17.85
N ALA F 81 -0.28 -42.61 17.43
CA ALA F 81 0.84 -42.61 18.36
C ALA F 81 0.66 -41.56 19.44
N LEU F 82 0.16 -40.38 19.07
CA LEU F 82 -0.06 -39.34 20.07
C LEU F 82 -1.20 -39.70 21.01
N LEU F 83 -2.21 -40.41 20.53
CA LEU F 83 -3.26 -40.89 21.42
C LEU F 83 -2.74 -41.98 22.36
N GLY F 84 -1.79 -42.81 21.87
CA GLY F 84 -1.14 -43.75 22.77
C GLY F 84 -0.32 -43.07 23.84
N VAL F 85 0.41 -42.02 23.47
CA VAL F 85 1.14 -41.24 24.46
C VAL F 85 0.18 -40.54 25.41
N LEU F 86 -0.97 -40.11 24.90
CA LEU F 86 -2.01 -39.53 25.75
C LEU F 86 -2.52 -40.55 26.76
N GLY F 87 -2.72 -41.79 26.32
CA GLY F 87 -3.08 -42.84 27.27
C GLY F 87 -1.99 -43.09 28.29
N PHE F 88 -0.73 -43.02 27.86
CA PHE F 88 0.39 -43.14 28.79
C PHE F 88 0.33 -42.07 29.87
N ILE F 89 0.12 -40.81 29.46
CA ILE F 89 0.11 -39.74 30.45
C ILE F 89 -1.16 -39.78 31.30
N MET F 90 -2.27 -40.28 30.75
CA MET F 90 -3.44 -40.49 31.58
C MET F 90 -3.18 -41.55 32.64
N GLY F 91 -2.48 -42.62 32.27
CA GLY F 91 -2.08 -43.60 33.26
C GLY F 91 -1.16 -43.00 34.31
N ILE F 92 -0.24 -42.13 33.89
CA ILE F 92 0.65 -41.45 34.83
C ILE F 92 -0.15 -40.59 35.80
N TYR F 93 -1.15 -39.88 35.29
CA TYR F 93 -2.00 -39.07 36.16
C TYR F 93 -2.78 -39.94 37.13
N TYR F 94 -3.27 -41.08 36.66
CA TYR F 94 -3.99 -41.99 37.54
C TYR F 94 -3.07 -42.52 38.64
N ILE F 95 -1.83 -42.82 38.29
CA ILE F 95 -0.84 -43.22 39.29
C ILE F 95 -0.63 -42.09 40.29
N SER F 96 -0.50 -40.85 39.80
CA SER F 96 -0.36 -39.71 40.68
C SER F 96 -1.58 -39.53 41.57
N GLY F 97 -2.72 -40.12 41.19
CA GLY F 97 -3.91 -40.09 42.02
C GLY F 97 -3.96 -41.10 43.15
N ILE F 98 -2.96 -41.96 43.27
CA ILE F 98 -2.95 -42.97 44.33
C ILE F 98 -2.63 -42.31 45.66
N GLN F 99 -3.40 -42.64 46.69
CA GLN F 99 -3.17 -42.11 48.03
C GLN F 99 -2.82 -43.16 49.07
N VAL F 100 -3.06 -44.44 48.81
CA VAL F 100 -2.77 -45.48 49.79
C VAL F 100 -1.90 -46.61 49.26
N PHE F 101 -1.80 -46.82 47.94
CA PHE F 101 -1.00 -47.91 47.38
C PHE F 101 -1.38 -49.24 48.01
N PRO F 102 -2.53 -49.83 47.62
CA PRO F 102 -3.14 -50.91 48.40
C PRO F 102 -2.20 -52.02 48.87
N TRP F 103 -1.06 -52.20 48.21
CA TRP F 103 -0.07 -53.13 48.73
C TRP F 103 0.56 -52.64 50.03
N GLY F 104 0.41 -51.36 50.35
CA GLY F 104 0.77 -50.82 51.65
C GLY F 104 1.96 -49.88 51.62
N ALA F 105 1.69 -48.58 51.57
CA ALA F 105 2.67 -47.51 51.64
C ALA F 105 1.96 -46.17 51.62
N PRO F 106 2.54 -45.12 52.20
CA PRO F 106 2.00 -43.78 51.98
C PRO F 106 1.97 -43.44 50.49
N GLY F 107 0.91 -42.76 50.07
CA GLY F 107 0.65 -42.51 48.67
C GLY F 107 1.21 -41.20 48.14
N PHE F 108 0.62 -40.76 47.03
CA PHE F 108 1.05 -39.53 46.36
C PHE F 108 0.39 -38.32 46.99
N HIS F 109 1.15 -37.23 47.06
CA HIS F 109 0.57 -35.94 47.42
C HIS F 109 -0.28 -35.41 46.28
N ASP F 110 -1.23 -34.54 46.62
CA ASP F 110 -2.12 -34.00 45.61
C ASP F 110 -1.37 -33.10 44.64
N ASN F 111 -1.83 -33.09 43.39
CA ASN F 111 -1.25 -32.25 42.35
C ASN F 111 -2.35 -31.87 41.37
N TRP F 112 -2.14 -30.75 40.68
CA TRP F 112 -3.19 -30.23 39.81
C TRP F 112 -3.47 -31.16 38.64
N PHE F 113 -2.44 -31.86 38.15
CA PHE F 113 -2.62 -32.82 37.06
C PHE F 113 -3.69 -33.84 37.41
N TYR F 114 -3.70 -34.32 38.65
CA TYR F 114 -4.74 -35.26 39.06
C TYR F 114 -5.94 -34.59 39.73
N LEU F 115 -5.76 -33.42 40.35
CA LEU F 115 -6.91 -32.77 40.96
C LEU F 115 -7.89 -32.25 39.92
N THR F 116 -7.42 -31.97 38.71
CA THR F 116 -8.32 -31.52 37.66
C THR F 116 -9.15 -32.65 37.08
N ILE F 117 -8.81 -33.91 37.37
CA ILE F 117 -9.58 -35.05 36.90
C ILE F 117 -10.18 -35.87 38.03
N LYS F 118 -9.82 -35.59 39.28
CA LYS F 118 -10.40 -36.34 40.40
C LYS F 118 -11.92 -36.25 40.47
N PRO F 119 -12.57 -35.10 40.27
CA PRO F 119 -14.04 -35.10 40.23
C PRO F 119 -14.61 -36.05 39.19
N ARG F 120 -13.96 -36.16 38.03
CA ARG F 120 -14.46 -37.08 37.01
C ARG F 120 -14.33 -38.53 37.46
N MET F 121 -13.21 -38.89 38.07
CA MET F 121 -13.03 -40.26 38.54
C MET F 121 -13.97 -40.60 39.70
N VAL F 122 -14.27 -39.62 40.55
CA VAL F 122 -15.31 -39.84 41.54
C VAL F 122 -16.67 -40.01 40.86
N SER F 123 -16.89 -39.27 39.77
CA SER F 123 -18.13 -39.41 39.02
C SER F 123 -18.24 -40.81 38.41
N LEU F 124 -17.13 -41.33 37.88
CA LEU F 124 -17.12 -42.66 37.30
C LEU F 124 -17.02 -43.78 38.33
N GLY F 125 -16.82 -43.44 39.59
CA GLY F 125 -16.65 -44.45 40.62
C GLY F 125 -15.27 -45.06 40.68
N ILE F 126 -14.30 -44.48 39.97
CA ILE F 126 -12.92 -44.99 40.00
C ILE F 126 -12.11 -44.39 41.15
N ASP F 127 -12.49 -43.21 41.64
CA ASP F 127 -11.89 -42.61 42.83
C ASP F 127 -13.02 -42.23 43.79
N THR F 128 -12.65 -41.95 45.04
CA THR F 128 -13.63 -41.68 46.08
C THR F 128 -13.25 -40.43 46.85
N TYR F 129 -14.27 -39.71 47.30
CA TYR F 129 -14.11 -38.70 48.36
C TYR F 129 -14.37 -39.33 49.72
N SER F 130 -13.64 -40.41 49.99
CA SER F 130 -13.85 -41.21 51.19
C SER F 130 -12.82 -40.87 52.25
N THR F 131 -13.30 -40.77 53.49
CA THR F 131 -12.49 -40.34 54.62
C THR F 131 -11.67 -41.48 55.22
N LYS F 132 -11.88 -42.72 54.78
CA LYS F 132 -11.29 -43.89 55.42
C LYS F 132 -10.36 -44.60 54.46
N THR F 133 -9.31 -45.21 55.02
CA THR F 133 -8.31 -45.90 54.21
C THR F 133 -8.92 -47.10 53.50
N ALA F 134 -9.86 -47.80 54.15
CA ALA F 134 -10.41 -49.02 53.58
C ALA F 134 -11.05 -48.75 52.22
N ASP F 135 -11.92 -47.73 52.14
CA ASP F 135 -12.52 -47.39 50.85
C ASP F 135 -11.54 -46.65 49.95
N LEU F 136 -10.39 -46.23 50.47
CA LEU F 136 -9.42 -45.55 49.63
C LEU F 136 -8.39 -46.53 49.06
N GLU F 137 -8.18 -47.67 49.72
CA GLU F 137 -7.38 -48.73 49.11
C GLU F 137 -8.04 -49.25 47.84
N ALA F 138 -9.37 -49.37 47.85
CA ALA F 138 -10.08 -49.78 46.65
C ALA F 138 -9.93 -48.76 45.54
N ALA F 139 -10.00 -47.47 45.88
CA ALA F 139 -9.81 -46.43 44.86
C ALA F 139 -8.39 -46.48 44.30
N GLY F 140 -7.40 -46.71 45.16
CA GLY F 140 -6.03 -46.85 44.68
C GLY F 140 -5.87 -48.05 43.77
N ALA F 141 -6.47 -49.18 44.13
CA ALA F 141 -6.40 -50.37 43.28
C ALA F 141 -7.07 -50.12 41.93
N ARG F 142 -8.22 -49.45 41.94
CA ARG F 142 -8.92 -49.15 40.68
C ARG F 142 -8.09 -48.21 39.82
N LEU F 143 -7.48 -47.18 40.41
CA LEU F 143 -6.66 -46.26 39.64
C LEU F 143 -5.42 -46.96 39.10
N LEU F 144 -4.81 -47.84 39.88
CA LEU F 144 -3.65 -48.59 39.40
C LEU F 144 -4.03 -49.50 38.24
N GLY F 145 -5.18 -50.18 38.34
CA GLY F 145 -5.62 -51.04 37.26
C GLY F 145 -5.94 -50.27 35.99
N TRP F 146 -6.59 -49.11 36.14
CA TRP F 146 -6.89 -48.28 34.98
C TRP F 146 -5.62 -47.70 34.37
N ALA F 147 -4.63 -47.38 35.20
CA ALA F 147 -3.35 -46.90 34.68
C ALA F 147 -2.64 -48.00 33.89
N ALA F 148 -2.66 -49.23 34.40
CA ALA F 148 -2.07 -50.34 33.65
C ALA F 148 -2.81 -50.60 32.35
N PHE F 149 -4.15 -50.52 32.38
CA PHE F 149 -4.93 -50.70 31.17
C PHE F 149 -4.62 -49.61 30.15
N HIS F 150 -4.48 -48.36 30.61
CA HIS F 150 -4.11 -47.29 29.71
C HIS F 150 -2.70 -47.50 29.15
N PHE F 151 -1.78 -47.99 29.97
CA PHE F 151 -0.44 -48.29 29.47
C PHE F 151 -0.50 -49.33 28.34
N LEU F 152 -1.25 -50.41 28.55
CA LEU F 152 -1.34 -51.45 27.54
C LEU F 152 -2.00 -50.94 26.26
N VAL F 153 -3.14 -50.26 26.41
CA VAL F 153 -3.88 -49.78 25.24
C VAL F 153 -3.08 -48.73 24.51
N GLY F 154 -2.40 -47.85 25.25
CA GLY F 154 -1.56 -46.84 24.60
C GLY F 154 -0.36 -47.44 23.90
N SER F 155 0.21 -48.51 24.45
CA SER F 155 1.28 -49.20 23.75
C SER F 155 0.80 -49.80 22.44
N VAL F 156 -0.37 -50.44 22.48
CA VAL F 156 -0.95 -51.00 21.25
C VAL F 156 -1.22 -49.88 20.23
N LEU F 157 -1.79 -48.78 20.70
CA LEU F 157 -2.13 -47.66 19.84
C LEU F 157 -0.88 -47.02 19.24
N ILE F 158 0.18 -46.90 20.04
CA ILE F 158 1.44 -46.34 19.55
C ILE F 158 2.05 -47.26 18.51
N PHE F 159 2.00 -48.57 18.73
CA PHE F 159 2.55 -49.50 17.74
C PHE F 159 1.78 -49.42 16.43
N GLY F 160 0.46 -49.34 16.51
CA GLY F 160 -0.34 -49.19 15.30
C GLY F 160 -0.06 -47.89 14.57
N GLY F 161 0.06 -46.80 15.33
CA GLY F 161 0.41 -45.52 14.72
C GLY F 161 1.79 -45.52 14.10
N TRP F 162 2.72 -46.24 14.71
CA TRP F 162 4.05 -46.40 14.14
C TRP F 162 4.00 -47.14 12.82
N ARG F 163 3.19 -48.20 12.76
CA ARG F 163 3.09 -48.95 11.51
C ARG F 163 2.38 -48.15 10.42
N HIS F 164 1.35 -47.36 10.78
CA HIS F 164 0.75 -46.45 9.81
C HIS F 164 1.76 -45.40 9.36
N TRP F 165 2.60 -44.93 10.28
CA TRP F 165 3.60 -43.93 9.94
C TRP F 165 4.62 -44.45 8.94
N THR F 166 4.91 -45.76 8.99
CA THR F 166 5.89 -46.38 8.12
C THR F 166 5.26 -47.07 6.91
N HIS F 167 3.95 -46.92 6.73
CA HIS F 167 3.22 -47.55 5.62
C HIS F 167 3.46 -49.05 5.59
N ASN F 168 3.19 -49.68 6.74
CA ASN F 168 3.52 -51.09 6.98
C ASN F 168 2.33 -51.83 7.59
N LEU F 169 1.16 -51.74 6.95
CA LEU F 169 -0.05 -52.37 7.47
C LEU F 169 -0.06 -53.87 7.15
N THR F 170 1.02 -54.54 7.54
CA THR F 170 1.12 -55.99 7.44
C THR F 170 0.74 -56.62 8.77
N ASN F 171 -0.13 -57.63 8.71
CA ASN F 171 -0.51 -58.37 9.90
C ASN F 171 0.53 -59.44 10.17
N PRO F 172 1.30 -59.34 11.26
CA PRO F 172 2.37 -60.33 11.49
C PRO F 172 1.87 -61.73 11.72
N PHE F 173 0.63 -61.89 12.20
CA PHE F 173 0.09 -63.22 12.45
C PHE F 173 -0.28 -63.93 11.16
N THR F 174 -0.85 -63.20 10.20
CA THR F 174 -1.28 -63.80 8.94
C THR F 174 -0.29 -63.59 7.81
N GLY F 175 0.56 -62.57 7.90
CA GLY F 175 1.54 -62.30 6.86
C GLY F 175 1.04 -61.47 5.70
N ARG F 176 -0.25 -61.16 5.65
CA ARG F 176 -0.81 -60.37 4.56
C ARG F 176 -0.49 -58.90 4.81
N CYS F 177 -1.00 -58.03 3.94
CA CYS F 177 -0.86 -56.59 4.10
C CYS F 177 -2.18 -55.92 3.75
N GLY F 178 -2.57 -54.96 4.60
CA GLY F 178 -3.78 -54.19 4.38
C GLY F 178 -3.53 -53.03 3.42
N ASN F 179 -4.58 -52.62 2.74
CA ASN F 179 -4.52 -51.54 1.76
C ASN F 179 -5.18 -50.30 2.35
N PHE F 180 -4.41 -49.24 2.53
CA PHE F 180 -4.97 -48.01 3.11
C PHE F 180 -6.04 -47.40 2.21
N ARG F 181 -5.86 -47.48 0.89
CA ARG F 181 -6.82 -46.87 -0.02
C ARG F 181 -8.12 -47.66 -0.11
N ASP F 182 -8.03 -48.99 -0.17
CA ASP F 182 -9.21 -49.85 -0.27
C ASP F 182 -9.08 -50.98 0.75
N PHE F 183 -9.72 -50.80 1.91
CA PHE F 183 -9.70 -51.81 2.96
C PHE F 183 -11.10 -52.09 3.45
N ARG F 184 -11.39 -53.36 3.69
CA ARG F 184 -12.48 -53.72 4.58
C ARG F 184 -12.21 -53.18 5.98
N PHE F 185 -13.22 -52.58 6.58
CA PHE F 185 -13.04 -51.94 7.89
C PHE F 185 -12.67 -52.97 8.96
N LEU F 186 -13.57 -53.90 9.24
CA LEU F 186 -13.32 -54.87 10.30
C LEU F 186 -13.59 -56.30 9.87
N GLY F 187 -14.61 -56.53 9.05
CA GLY F 187 -14.99 -57.87 8.67
C GLY F 187 -16.39 -57.91 8.09
N LYS F 188 -17.25 -58.79 8.62
CA LYS F 188 -18.64 -58.79 8.20
C LYS F 188 -19.30 -57.45 8.52
N PHE F 189 -19.00 -56.89 9.69
CA PHE F 189 -19.48 -55.54 10.00
C PHE F 189 -18.92 -54.52 9.01
N GLY F 190 -17.71 -54.75 8.51
CA GLY F 190 -17.13 -53.92 7.49
C GLY F 190 -17.66 -54.14 6.10
N ASP F 191 -18.66 -55.00 5.95
CA ASP F 191 -19.31 -55.27 4.67
C ASP F 191 -20.80 -54.94 4.67
N VAL F 192 -21.52 -55.22 5.76
CA VAL F 192 -22.93 -54.85 5.83
C VAL F 192 -23.07 -53.34 5.77
N VAL F 193 -22.22 -52.63 6.50
CA VAL F 193 -22.05 -51.19 6.35
C VAL F 193 -20.67 -50.95 5.77
N PHE F 194 -20.56 -49.97 4.87
CA PHE F 194 -19.34 -49.71 4.11
C PHE F 194 -18.95 -50.95 3.31
N ASN F 195 -19.80 -51.26 2.33
CA ASN F 195 -19.74 -52.53 1.62
C ASN F 195 -18.46 -52.60 0.77
N GLY F 196 -17.37 -52.93 1.45
CA GLY F 196 -16.05 -52.71 0.91
C GLY F 196 -15.85 -51.22 0.75
N THR F 197 -15.06 -50.85 -0.25
CA THR F 197 -14.97 -49.47 -0.73
C THR F 197 -14.66 -48.50 0.42
N SER F 198 -13.48 -48.68 1.00
CA SER F 198 -13.06 -47.75 2.03
C SER F 198 -12.98 -46.34 1.45
N ALA F 199 -13.18 -45.34 2.30
CA ALA F 199 -13.28 -43.96 1.85
C ALA F 199 -12.01 -43.55 1.11
N LYS F 200 -12.19 -42.96 -0.07
CA LYS F 200 -11.07 -42.51 -0.88
C LYS F 200 -10.78 -41.03 -0.71
N SER F 201 -11.73 -40.26 -0.19
CA SER F 201 -11.59 -38.83 -0.03
C SER F 201 -12.08 -38.43 1.36
N TYR F 202 -11.63 -37.27 1.82
CA TYR F 202 -11.92 -36.84 3.19
C TYR F 202 -13.42 -36.59 3.40
N LYS F 203 -14.08 -35.94 2.43
CA LYS F 203 -15.53 -35.77 2.53
C LYS F 203 -16.24 -37.12 2.51
N GLU F 204 -15.64 -38.12 1.87
CA GLU F 204 -16.14 -39.49 1.92
C GLU F 204 -15.71 -40.20 3.19
N ALA F 205 -14.75 -39.64 3.94
CA ALA F 205 -14.28 -40.22 5.19
C ALA F 205 -15.02 -39.69 6.40
N LEU F 206 -15.68 -38.53 6.28
CA LEU F 206 -16.50 -38.01 7.38
C LEU F 206 -17.48 -39.06 7.88
N GLY F 207 -18.17 -39.75 6.96
CA GLY F 207 -19.19 -40.70 7.31
C GLY F 207 -18.70 -41.93 8.05
N PRO F 208 -17.69 -42.61 7.50
CA PRO F 208 -17.07 -43.71 8.25
C PRO F 208 -16.47 -43.25 9.56
N HIS F 209 -15.97 -42.01 9.62
CA HIS F 209 -15.51 -41.47 10.89
C HIS F 209 -16.65 -41.32 11.88
N ALA F 210 -17.81 -40.86 11.41
CA ALA F 210 -18.95 -40.70 12.30
C ALA F 210 -19.45 -42.05 12.79
N VAL F 211 -19.39 -43.07 11.93
CA VAL F 211 -19.72 -44.42 12.38
C VAL F 211 -18.69 -44.92 13.40
N TYR F 212 -17.42 -44.60 13.19
CA TYR F 212 -16.38 -44.94 14.16
C TYR F 212 -16.65 -44.25 15.51
N MET F 213 -17.09 -42.99 15.47
CA MET F 213 -17.40 -42.28 16.71
C MET F 213 -18.68 -42.82 17.34
N SER F 214 -19.62 -43.32 16.54
CA SER F 214 -20.76 -44.03 17.10
C SER F 214 -20.31 -45.29 17.80
N LEU F 215 -19.34 -46.00 17.22
CA LEU F 215 -18.76 -47.16 17.88
C LEU F 215 -18.09 -46.75 19.17
N LEU F 216 -17.41 -45.60 19.18
CA LEU F 216 -16.80 -45.09 20.40
C LEU F 216 -17.84 -44.79 21.47
N PHE F 217 -18.94 -44.14 21.08
CA PHE F 217 -20.00 -43.82 22.04
C PHE F 217 -20.63 -45.09 22.60
N LEU F 218 -20.91 -46.06 21.73
CA LEU F 218 -21.49 -47.33 22.19
C LEU F 218 -20.52 -48.08 23.07
N GLY F 219 -19.23 -48.07 22.73
CA GLY F 219 -18.24 -48.73 23.55
C GLY F 219 -18.12 -48.09 24.92
N TRP F 220 -18.16 -46.76 24.97
CA TRP F 220 -18.13 -46.10 26.28
C TRP F 220 -19.38 -46.39 27.08
N GLY F 221 -20.54 -46.45 26.41
CA GLY F 221 -21.76 -46.82 27.11
C GLY F 221 -21.70 -48.21 27.70
N ILE F 222 -21.20 -49.18 26.93
CA ILE F 222 -21.11 -50.54 27.44
C ILE F 222 -20.02 -50.65 28.50
N VAL F 223 -18.96 -49.85 28.40
CA VAL F 223 -17.95 -49.82 29.46
C VAL F 223 -18.56 -49.32 30.75
N MET F 224 -19.27 -48.19 30.71
CA MET F 224 -20.08 -47.78 31.85
C MET F 224 -20.90 -48.95 32.39
N TRP F 225 -21.78 -49.49 31.56
CA TRP F 225 -22.81 -50.42 32.03
C TRP F 225 -22.18 -51.67 32.65
N ALA F 226 -21.13 -52.21 32.03
CA ALA F 226 -20.52 -53.42 32.56
C ALA F 226 -19.52 -53.11 33.67
N ILE F 227 -18.45 -52.39 33.34
CA ILE F 227 -17.33 -52.25 34.27
C ILE F 227 -17.69 -51.29 35.40
N LEU F 228 -18.29 -50.14 35.07
CA LEU F 228 -18.49 -49.06 36.03
C LEU F 228 -19.88 -49.04 36.63
N GLY F 229 -20.59 -50.17 36.61
CA GLY F 229 -21.97 -50.16 37.08
C GLY F 229 -22.80 -49.28 36.16
N PHE F 230 -23.46 -48.28 36.75
CA PHE F 230 -24.07 -47.16 36.03
C PHE F 230 -24.88 -47.63 34.83
N ALA F 231 -25.97 -48.34 35.13
CA ALA F 231 -26.91 -48.70 34.09
C ALA F 231 -27.49 -47.44 33.46
N PRO F 232 -27.86 -47.48 32.18
CA PRO F 232 -28.38 -46.28 31.52
C PRO F 232 -29.81 -45.98 31.93
N ILE F 233 -29.99 -44.97 32.77
CA ILE F 233 -31.30 -44.46 33.15
C ILE F 233 -31.40 -43.03 32.63
N PRO F 234 -32.49 -42.67 31.94
CA PRO F 234 -32.63 -41.29 31.46
C PRO F 234 -32.97 -40.31 32.57
N ASP F 235 -32.20 -40.33 33.65
CA ASP F 235 -32.35 -39.42 34.77
C ASP F 235 -31.21 -38.41 34.68
N PHE F 236 -31.52 -37.22 34.15
CA PHE F 236 -30.46 -36.25 33.86
C PHE F 236 -30.06 -35.51 35.13
N GLN F 237 -29.75 -36.26 36.18
CA GLN F 237 -29.15 -35.73 37.39
C GLN F 237 -28.09 -36.67 37.96
N THR F 238 -27.81 -37.78 37.30
CA THR F 238 -26.85 -38.77 37.74
C THR F 238 -25.94 -39.15 36.58
N ILE F 239 -24.87 -39.89 36.89
CA ILE F 239 -23.94 -40.35 35.86
C ILE F 239 -24.60 -41.39 34.96
N ASN F 240 -25.72 -41.97 35.40
CA ASN F 240 -26.45 -42.91 34.55
C ASN F 240 -26.96 -42.22 33.30
N SER F 241 -27.29 -40.93 33.40
CA SER F 241 -27.69 -40.17 32.24
C SER F 241 -26.56 -40.09 31.22
N GLU F 242 -25.31 -40.15 31.69
CA GLU F 242 -24.18 -40.14 30.76
C GLU F 242 -24.18 -41.40 29.90
N THR F 243 -24.45 -42.56 30.51
CA THR F 243 -24.54 -43.80 29.75
C THR F 243 -25.73 -43.78 28.79
N PHE F 244 -26.87 -43.28 29.28
CA PHE F 244 -28.06 -43.19 28.43
C PHE F 244 -27.80 -42.30 27.22
N MET F 245 -27.17 -41.15 27.44
CA MET F 245 -26.89 -40.24 26.34
C MET F 245 -25.73 -40.73 25.48
N SER F 246 -24.87 -41.57 26.03
CA SER F 246 -23.86 -42.25 25.21
C SER F 246 -24.50 -43.20 24.22
N PHE F 247 -25.50 -43.97 24.65
CA PHE F 247 -26.24 -44.80 23.72
C PHE F 247 -27.06 -43.98 22.72
N VAL F 248 -27.67 -42.88 23.19
CA VAL F 248 -28.43 -42.02 22.29
C VAL F 248 -27.52 -41.41 21.24
N PHE F 249 -26.35 -40.90 21.65
CA PHE F 249 -25.41 -40.33 20.71
C PHE F 249 -24.77 -41.41 19.85
N ALA F 250 -24.65 -42.63 20.38
CA ALA F 250 -24.21 -43.73 19.52
C ALA F 250 -25.17 -43.95 18.37
N VAL F 251 -26.46 -43.99 18.66
CA VAL F 251 -27.47 -44.16 17.61
C VAL F 251 -27.44 -42.98 16.65
N ILE F 252 -27.37 -41.76 17.19
CA ILE F 252 -27.40 -40.56 16.36
C ILE F 252 -26.19 -40.53 15.43
N PHE F 253 -25.00 -40.77 15.97
CA PHE F 253 -23.78 -40.79 15.18
C PHE F 253 -23.78 -41.92 14.16
N PHE F 254 -24.35 -43.08 14.50
CA PHE F 254 -24.40 -44.16 13.52
C PHE F 254 -25.31 -43.81 12.35
N ALA F 255 -26.50 -43.27 12.65
CA ALA F 255 -27.40 -42.87 11.56
C ALA F 255 -26.78 -41.77 10.71
N LEU F 256 -26.14 -40.78 11.36
CA LEU F 256 -25.53 -39.69 10.63
C LEU F 256 -24.36 -40.18 9.78
N GLY F 257 -23.58 -41.13 10.29
CA GLY F 257 -22.51 -41.73 9.52
C GLY F 257 -23.02 -42.52 8.34
N ILE F 258 -24.14 -43.24 8.50
CA ILE F 258 -24.74 -43.91 7.35
C ILE F 258 -25.13 -42.88 6.29
N TYR F 259 -25.80 -41.81 6.71
CA TYR F 259 -26.26 -40.81 5.76
C TYR F 259 -25.09 -40.16 5.02
N TRP F 260 -24.04 -39.80 5.75
CA TRP F 260 -22.88 -39.17 5.12
C TRP F 260 -21.98 -40.15 4.38
N TRP F 261 -22.13 -41.45 4.65
CA TRP F 261 -21.47 -42.44 3.80
C TRP F 261 -22.18 -42.56 2.46
N ASN F 262 -23.51 -42.62 2.49
CA ASN F 262 -24.28 -42.72 1.25
C ASN F 262 -24.55 -41.37 0.61
N ASN F 263 -24.46 -40.27 1.37
CA ASN F 263 -24.59 -38.92 0.85
C ASN F 263 -23.48 -38.05 1.40
N PRO F 264 -22.25 -38.22 0.91
CA PRO F 264 -21.14 -37.37 1.38
C PRO F 264 -21.42 -35.91 1.09
N PRO F 265 -21.09 -35.02 2.01
CA PRO F 265 -21.28 -33.59 1.76
C PRO F 265 -20.06 -33.01 1.05
N ASN F 266 -20.21 -31.79 0.56
CA ASN F 266 -19.18 -31.14 -0.24
C ASN F 266 -18.82 -29.79 0.36
N ALA F 267 -17.65 -29.72 0.99
CA ALA F 267 -16.91 -28.47 1.10
C ALA F 267 -15.94 -28.30 -0.05
N ALA F 268 -15.78 -29.34 -0.88
CA ALA F 268 -15.09 -29.31 -2.16
C ALA F 268 -13.59 -29.07 -2.01
N ILE F 269 -13.21 -27.87 -1.56
CA ILE F 269 -11.82 -27.46 -1.60
C ILE F 269 -10.99 -28.17 -0.53
N HIS F 270 -11.59 -28.52 0.61
CA HIS F 270 -10.85 -29.20 1.65
C HIS F 270 -10.43 -30.60 1.24
N LEU F 271 -10.98 -31.12 0.14
CA LEU F 271 -10.62 -32.45 -0.32
C LEU F 271 -9.20 -32.49 -0.86
N ASN F 272 -8.74 -31.40 -1.48
CA ASN F 272 -7.46 -31.43 -2.17
C ASN F 272 -6.30 -31.24 -1.21
N ASP F 273 -6.22 -30.09 -0.56
CA ASP F 273 -5.20 -29.83 0.44
C ASP F 273 -5.76 -29.99 1.85
N ASP F 274 -6.29 -31.19 2.10
CA ASP F 274 -6.81 -31.50 3.43
C ASP F 274 -5.73 -31.44 4.50
N MET F 275 -4.46 -31.54 4.10
CA MET F 275 -3.35 -31.34 5.03
C MET F 275 -3.41 -29.98 5.71
N LYS F 276 -3.87 -28.94 5.01
CA LYS F 276 -3.88 -27.62 5.63
C LYS F 276 -5.26 -26.97 5.59
N ALA F 277 -6.03 -27.21 4.54
CA ALA F 277 -7.36 -26.62 4.46
C ALA F 277 -8.33 -27.29 5.43
N ALA F 278 -8.56 -28.59 5.25
CA ALA F 278 -9.43 -29.31 6.15
C ALA F 278 -8.89 -29.31 7.57
N PHE F 279 -7.56 -29.44 7.71
CA PHE F 279 -6.96 -29.44 9.04
C PHE F 279 -7.23 -28.13 9.77
N SER F 280 -7.05 -26.99 9.08
CA SER F 280 -7.25 -25.71 9.74
C SER F 280 -8.72 -25.44 10.02
N VAL F 281 -9.61 -25.82 9.10
CA VAL F 281 -11.03 -25.66 9.34
C VAL F 281 -11.46 -26.48 10.55
N HIS F 282 -10.99 -27.72 10.62
CA HIS F 282 -11.31 -28.55 11.78
C HIS F 282 -10.63 -28.03 13.04
N LEU F 283 -9.48 -27.38 12.91
CA LEU F 283 -8.81 -26.82 14.08
C LEU F 283 -9.60 -25.67 14.68
N THR F 284 -10.10 -24.77 13.83
CA THR F 284 -10.93 -23.68 14.36
C THR F 284 -12.28 -24.20 14.85
N ALA F 285 -12.83 -25.23 14.20
CA ALA F 285 -14.05 -25.85 14.71
C ALA F 285 -13.83 -26.47 16.08
N ILE F 286 -12.70 -27.15 16.27
CA ILE F 286 -12.38 -27.72 17.58
C ILE F 286 -12.11 -26.62 18.59
N GLY F 287 -11.55 -25.50 18.15
CA GLY F 287 -11.37 -24.38 19.07
C GLY F 287 -12.69 -23.84 19.59
N TYR F 288 -13.66 -23.65 18.69
CA TYR F 288 -14.97 -23.20 19.12
C TYR F 288 -15.65 -24.26 20.00
N ILE F 289 -15.51 -25.53 19.63
CA ILE F 289 -16.06 -26.62 20.44
C ILE F 289 -15.43 -26.63 21.82
N ASN F 290 -14.15 -26.31 21.91
CA ASN F 290 -13.44 -26.34 23.17
C ASN F 290 -13.82 -25.17 24.06
N ILE F 291 -14.02 -23.99 23.46
CA ILE F 291 -14.57 -22.87 24.21
C ILE F 291 -15.96 -23.22 24.73
N ALA F 292 -16.78 -23.84 23.88
CA ALA F 292 -18.11 -24.27 24.30
C ALA F 292 -18.02 -25.28 25.45
N LEU F 293 -17.06 -26.20 25.37
CA LEU F 293 -16.88 -27.20 26.42
C LEU F 293 -16.44 -26.55 27.72
N GLY F 294 -15.60 -25.52 27.64
CA GLY F 294 -15.27 -24.77 28.84
C GLY F 294 -16.49 -24.11 29.46
N CYS F 295 -17.36 -23.53 28.63
CA CYS F 295 -18.58 -22.94 29.16
C CYS F 295 -19.50 -23.99 29.78
N ILE F 296 -19.64 -25.14 29.12
CA ILE F 296 -20.45 -26.24 29.67
C ILE F 296 -19.88 -26.69 31.01
N ALA F 297 -18.56 -26.82 31.11
CA ALA F 297 -17.95 -27.22 32.37
C ALA F 297 -18.22 -26.18 33.45
N PHE F 298 -18.08 -24.90 33.12
CA PHE F 298 -18.30 -23.85 34.11
C PHE F 298 -19.73 -23.87 34.62
N VAL F 299 -20.71 -24.05 33.72
CA VAL F 299 -22.10 -24.07 34.16
C VAL F 299 -22.41 -25.34 34.94
N ALA F 300 -21.93 -26.49 34.46
CA ALA F 300 -22.33 -27.78 35.02
C ALA F 300 -21.69 -28.02 36.38
N PHE F 301 -20.40 -27.73 36.52
CA PHE F 301 -19.69 -28.06 37.75
C PHE F 301 -20.20 -27.30 38.96
N GLN F 302 -20.99 -26.25 38.75
CA GLN F 302 -21.60 -25.50 39.83
C GLN F 302 -23.04 -25.94 40.13
N GLN F 303 -23.60 -26.84 39.34
CA GLN F 303 -24.97 -27.28 39.52
C GLN F 303 -25.07 -28.27 40.68
N PRO F 304 -26.24 -28.37 41.32
CA PRO F 304 -26.40 -29.35 42.40
C PRO F 304 -26.18 -30.78 41.97
N SER F 305 -26.46 -31.12 40.71
CA SER F 305 -26.23 -32.47 40.22
C SER F 305 -24.75 -32.84 40.23
N PHE F 306 -23.87 -31.85 40.19
CA PHE F 306 -22.42 -32.08 40.22
C PHE F 306 -21.85 -31.89 41.63
N ALA F 307 -22.70 -31.71 42.63
CA ALA F 307 -22.22 -31.46 43.99
C ALA F 307 -21.33 -32.58 44.54
N PRO F 308 -21.71 -33.86 44.45
CA PRO F 308 -20.85 -34.90 45.05
C PRO F 308 -19.52 -35.08 44.35
N TYR F 309 -19.22 -34.29 43.32
CA TYR F 309 -17.98 -34.43 42.58
C TYR F 309 -17.11 -33.18 42.61
N TYR F 310 -17.71 -31.99 42.62
CA TYR F 310 -16.97 -30.74 42.68
C TYR F 310 -17.22 -29.97 43.97
N LYS F 311 -18.49 -29.71 44.31
CA LYS F 311 -18.78 -28.96 45.52
C LYS F 311 -18.29 -29.70 46.76
N GLU F 312 -18.33 -31.04 46.74
CA GLU F 312 -17.86 -31.81 47.87
C GLU F 312 -16.34 -31.78 48.01
N LEU F 313 -15.62 -31.24 47.03
CA LEU F 313 -14.19 -31.02 47.18
C LEU F 313 -13.90 -30.00 48.27
N ASP F 314 -14.88 -29.20 48.65
CA ASP F 314 -14.71 -28.21 49.72
C ASP F 314 -14.78 -28.83 51.11
N LYS F 315 -15.15 -30.10 51.21
CA LYS F 315 -15.14 -30.82 52.48
C LYS F 315 -13.89 -31.64 52.68
N LEU F 316 -12.92 -31.53 51.77
CA LEU F 316 -11.69 -32.31 51.81
C LEU F 316 -10.52 -31.42 52.21
N VAL F 317 -9.42 -32.09 52.55
CA VAL F 317 -8.15 -31.42 52.86
C VAL F 317 -7.11 -31.93 51.89
N PHE F 318 -6.36 -31.00 51.30
CA PHE F 318 -5.50 -31.29 50.17
C PHE F 318 -4.04 -31.02 50.53
N TYR F 319 -3.17 -31.95 50.15
CA TYR F 319 -1.75 -31.87 50.49
C TYR F 319 -1.00 -31.75 49.17
N LEU F 320 -0.85 -30.52 48.70
CA LEU F 320 -0.31 -30.26 47.37
C LEU F 320 1.21 -30.13 47.40
N TYR F 321 1.84 -30.67 46.36
CA TYR F 321 3.28 -30.59 46.23
C TYR F 321 3.75 -29.14 46.18
N GLY F 322 4.78 -28.83 46.95
CA GLY F 322 5.37 -27.51 46.96
C GLY F 322 4.68 -26.49 47.82
N GLU F 323 3.56 -26.83 48.46
CA GLU F 323 2.87 -25.92 49.36
C GLU F 323 3.62 -25.81 50.68
N PRO F 324 3.30 -24.77 51.49
CA PRO F 324 3.99 -24.59 52.78
C PRO F 324 4.16 -25.87 53.58
N PHE F 325 5.41 -26.23 53.84
CA PHE F 325 5.78 -27.43 54.58
C PHE F 325 6.12 -27.07 56.01
N ASN F 326 6.11 -28.09 56.88
CA ASN F 326 6.35 -27.91 58.30
C ASN F 326 7.80 -27.47 58.50
N ARG F 327 7.98 -26.18 58.82
CA ARG F 327 9.32 -25.61 58.92
C ARG F 327 9.97 -25.99 60.24
N VAL F 328 11.31 -25.97 60.24
CA VAL F 328 12.10 -26.32 61.41
C VAL F 328 13.20 -25.28 61.58
N SER F 329 13.71 -25.17 62.81
CA SER F 329 14.73 -24.19 63.13
C SER F 329 16.06 -24.57 62.48
N PHE F 330 17.09 -23.77 62.75
CA PHE F 330 18.38 -23.90 62.09
C PHE F 330 19.25 -25.00 62.67
N ASN F 331 18.83 -25.64 63.76
CA ASN F 331 19.66 -26.62 64.46
C ASN F 331 18.89 -27.91 64.69
N PHE F 332 18.26 -28.42 63.64
CA PHE F 332 17.55 -29.70 63.68
C PHE F 332 18.56 -30.84 63.53
N VAL F 333 18.47 -31.83 64.42
CA VAL F 333 19.47 -32.89 64.49
C VAL F 333 18.82 -34.25 64.28
N GLU F 334 17.72 -34.30 63.55
CA GLU F 334 17.03 -35.54 63.19
C GLU F 334 16.60 -36.23 64.49
N GLN F 335 16.89 -37.51 64.68
CA GLN F 335 16.50 -38.27 65.88
C GLN F 335 14.99 -38.17 66.12
N GLY F 336 14.26 -38.78 65.18
CA GLY F 336 12.82 -38.69 65.13
C GLY F 336 12.08 -39.26 66.33
N GLY F 337 10.76 -39.20 66.28
CA GLY F 337 9.93 -39.59 67.40
C GLY F 337 9.56 -38.38 68.25
N LYS F 338 10.54 -37.51 68.47
CA LYS F 338 10.34 -36.26 69.20
C LYS F 338 11.53 -35.35 68.91
N VAL F 339 11.25 -34.09 68.63
CA VAL F 339 12.30 -33.12 68.33
C VAL F 339 12.97 -32.69 69.62
N ILE F 340 14.30 -32.60 69.60
CA ILE F 340 15.06 -32.25 70.79
C ILE F 340 15.52 -30.80 70.69
N SER F 341 16.31 -30.49 69.66
CA SER F 341 16.81 -29.14 69.43
C SER F 341 16.15 -28.57 68.18
N GLY F 342 15.67 -27.33 68.28
CA GLY F 342 15.02 -26.70 67.14
C GLY F 342 13.62 -27.23 66.88
N ALA F 343 12.71 -26.99 67.81
CA ALA F 343 11.33 -27.44 67.65
C ALA F 343 10.73 -26.84 66.38
N LYS F 344 10.04 -27.69 65.61
CA LYS F 344 9.46 -27.27 64.35
C LYS F 344 8.23 -26.39 64.59
N GLU F 345 7.56 -26.02 63.50
CA GLU F 345 6.37 -25.19 63.61
C GLU F 345 5.28 -25.88 64.41
N PHE F 346 5.05 -27.17 64.14
CA PHE F 346 4.08 -27.97 64.86
C PHE F 346 4.70 -29.29 65.26
N ALA F 347 4.37 -29.77 66.45
CA ALA F 347 4.90 -31.04 66.92
C ALA F 347 4.48 -32.20 66.02
N ASP F 348 3.34 -32.07 65.35
CA ASP F 348 2.89 -33.06 64.38
C ASP F 348 3.62 -32.84 63.06
N PHE F 349 3.25 -33.64 62.05
CA PHE F 349 3.80 -33.53 60.72
C PHE F 349 5.32 -33.58 60.77
N PRO F 350 5.91 -34.74 61.05
CA PRO F 350 7.34 -34.80 61.39
C PRO F 350 8.22 -34.28 60.26
N ALA F 351 9.33 -33.66 60.66
CA ALA F 351 10.34 -33.12 59.76
C ALA F 351 9.78 -32.08 58.81
N TYR F 352 9.69 -32.42 57.52
CA TYR F 352 9.39 -31.46 56.47
C TYR F 352 8.09 -31.83 55.75
N ALA F 353 7.08 -32.25 56.51
CA ALA F 353 5.82 -32.65 55.92
C ALA F 353 5.06 -31.45 55.37
N ILE F 354 4.24 -31.70 54.37
CA ILE F 354 3.46 -30.66 53.70
C ILE F 354 2.21 -30.39 54.54
N LEU F 355 2.02 -29.13 54.91
CA LEU F 355 0.95 -28.79 55.84
C LEU F 355 -0.42 -28.94 55.18
N PRO F 356 -1.44 -29.33 55.94
CA PRO F 356 -2.78 -29.43 55.37
C PRO F 356 -3.36 -28.07 55.03
N LYS F 357 -4.22 -28.05 54.02
CA LYS F 357 -5.00 -26.85 53.70
C LYS F 357 -6.43 -27.27 53.41
N SER F 358 -7.37 -26.58 54.03
CA SER F 358 -8.78 -26.93 53.90
C SER F 358 -9.30 -26.59 52.52
N GLY F 359 -10.30 -27.35 52.07
CA GLY F 359 -10.96 -27.08 50.82
C GLY F 359 -12.03 -26.01 50.87
N GLU F 360 -12.31 -25.46 52.06
CA GLU F 360 -13.30 -24.40 52.20
C GLU F 360 -12.68 -23.01 52.15
N ALA F 361 -11.60 -22.77 52.90
CA ALA F 361 -10.88 -21.51 52.77
C ALA F 361 -10.22 -21.40 51.42
N PHE F 362 -9.48 -22.44 51.02
CA PHE F 362 -8.97 -22.57 49.67
C PHE F 362 -10.08 -23.23 48.84
N GLY F 363 -10.74 -22.44 47.99
CA GLY F 363 -11.93 -22.93 47.33
C GLY F 363 -11.63 -23.96 46.25
N MET F 364 -11.16 -25.13 46.68
CA MET F 364 -10.69 -26.15 45.75
C MET F 364 -11.77 -26.56 44.75
N ALA F 365 -13.04 -26.51 45.15
CA ALA F 365 -14.12 -26.81 44.21
C ALA F 365 -14.02 -25.92 42.98
N ARG F 366 -14.20 -24.61 43.17
CA ARG F 366 -14.12 -23.71 42.03
C ARG F 366 -12.68 -23.50 41.57
N VAL F 367 -11.67 -23.83 42.39
CA VAL F 367 -10.31 -23.78 41.89
C VAL F 367 -10.11 -24.81 40.79
N VAL F 368 -10.54 -26.05 41.03
CA VAL F 368 -10.47 -27.09 40.01
C VAL F 368 -11.40 -26.75 38.85
N THR F 369 -12.60 -26.26 39.15
CA THR F 369 -13.53 -25.87 38.09
C THR F 369 -12.91 -24.80 37.18
N ASN F 370 -12.31 -23.78 37.78
CA ASN F 370 -11.68 -22.71 37.01
C ASN F 370 -10.47 -23.22 36.24
N LEU F 371 -9.67 -24.11 36.85
CA LEU F 371 -8.54 -24.68 36.13
C LEU F 371 -9.00 -25.38 34.86
N ILE F 372 -10.01 -26.26 34.99
CA ILE F 372 -10.50 -27.00 33.83
C ILE F 372 -11.10 -26.05 32.81
N VAL F 373 -11.95 -25.14 33.27
CA VAL F 373 -12.68 -24.25 32.37
C VAL F 373 -11.73 -23.35 31.61
N PHE F 374 -10.77 -22.73 32.33
CA PHE F 374 -9.84 -21.84 31.68
C PHE F 374 -8.87 -22.60 30.79
N ASN F 375 -8.47 -23.81 31.17
CA ASN F 375 -7.65 -24.62 30.28
C ASN F 375 -8.36 -24.85 28.97
N HIS F 376 -9.62 -25.27 29.02
CA HIS F 376 -10.34 -25.55 27.78
C HIS F 376 -10.66 -24.26 27.02
N ILE F 377 -10.87 -23.14 27.72
CA ILE F 377 -11.16 -21.87 27.05
C ILE F 377 -9.92 -21.35 26.34
N ILE F 378 -8.77 -21.37 27.00
CA ILE F 378 -7.54 -20.91 26.37
C ILE F 378 -7.15 -21.85 25.24
N CYS F 379 -7.36 -23.16 25.42
CA CYS F 379 -7.07 -24.09 24.34
C CYS F 379 -7.99 -23.85 23.15
N GLY F 380 -9.27 -23.54 23.40
CA GLY F 380 -10.17 -23.23 22.31
C GLY F 380 -9.80 -21.96 21.58
N VAL F 381 -9.45 -20.91 22.33
CA VAL F 381 -9.03 -19.66 21.70
C VAL F 381 -7.76 -19.88 20.87
N LEU F 382 -6.80 -20.62 21.43
CA LEU F 382 -5.56 -20.90 20.71
C LEU F 382 -5.82 -21.74 19.48
N TYR F 383 -6.75 -22.71 19.57
CA TYR F 383 -7.05 -23.55 18.41
C TYR F 383 -7.77 -22.75 17.33
N VAL F 384 -8.65 -21.82 17.72
CA VAL F 384 -9.28 -20.95 16.75
C VAL F 384 -8.24 -20.10 16.03
N PHE F 385 -7.33 -19.50 16.81
CA PHE F 385 -6.28 -18.68 16.21
C PHE F 385 -5.40 -19.51 15.28
N ALA F 386 -5.03 -20.72 15.71
CA ALA F 386 -4.17 -21.58 14.92
C ALA F 386 -4.88 -22.08 13.67
N GLY F 387 -6.18 -22.36 13.77
CA GLY F 387 -6.93 -22.74 12.59
C GLY F 387 -7.00 -21.62 11.58
N VAL F 388 -7.25 -20.40 12.04
CA VAL F 388 -7.25 -19.25 11.14
C VAL F 388 -5.87 -19.08 10.50
N TYR F 389 -4.80 -19.26 11.30
CA TYR F 389 -3.45 -19.07 10.78
C TYR F 389 -3.08 -20.12 9.76
N HIS F 390 -3.36 -21.40 10.05
CA HIS F 390 -3.03 -22.46 9.12
C HIS F 390 -3.90 -22.39 7.86
N GLY F 391 -5.15 -21.96 8.02
CA GLY F 391 -5.99 -21.71 6.85
C GLY F 391 -5.45 -20.56 6.02
N GLY F 392 -4.94 -19.52 6.66
CA GLY F 392 -4.28 -18.46 5.92
C GLY F 392 -3.02 -18.93 5.23
N GLN F 393 -2.31 -19.88 5.84
CA GLN F 393 -1.13 -20.46 5.20
C GLN F 393 -1.52 -21.18 3.91
N TYR F 394 -2.50 -22.08 4.00
CA TYR F 394 -3.00 -22.75 2.80
C TYR F 394 -3.54 -21.75 1.80
N LEU F 395 -4.19 -20.69 2.29
CA LEU F 395 -4.87 -19.76 1.41
C LEU F 395 -3.87 -18.88 0.67
N LEU F 396 -2.78 -18.49 1.33
CA LEU F 396 -1.68 -17.83 0.64
C LEU F 396 -1.02 -18.77 -0.36
N LYS F 397 -0.88 -20.05 0.02
CA LYS F 397 -0.29 -21.00 -0.91
C LYS F 397 -1.12 -21.13 -2.19
N ILE F 398 -2.45 -21.06 -2.06
CA ILE F 398 -3.29 -21.12 -3.26
C ILE F 398 -3.47 -19.75 -3.93
N GLN F 399 -3.20 -18.65 -3.22
CA GLN F 399 -3.16 -17.35 -3.89
C GLN F 399 -1.89 -17.18 -4.71
N LEU F 400 -0.79 -17.83 -4.30
CA LEU F 400 0.47 -17.67 -4.99
C LEU F 400 0.50 -18.43 -6.31
N ASN F 401 -0.17 -19.57 -6.38
CA ASN F 401 -0.19 -20.39 -7.59
C ASN F 401 -1.45 -20.17 -8.42
N GLY F 402 -2.29 -19.20 -8.06
CA GLY F 402 -3.48 -18.91 -8.81
C GLY F 402 -4.67 -19.80 -8.52
N MET F 403 -4.54 -20.76 -7.59
CA MET F 403 -5.66 -21.61 -7.23
C MET F 403 -6.73 -20.84 -6.46
N TYR F 404 -6.39 -19.65 -5.94
CA TYR F 404 -7.35 -18.86 -5.17
C TYR F 404 -8.55 -18.50 -6.02
N ASN F 405 -8.32 -17.99 -7.23
CA ASN F 405 -9.40 -17.72 -8.17
C ASN F 405 -10.03 -18.99 -8.70
N GLN F 406 -9.42 -20.14 -8.46
CA GLN F 406 -9.91 -21.41 -8.96
C GLN F 406 -10.73 -22.17 -7.91
N ILE F 407 -11.10 -21.52 -6.83
CA ILE F 407 -11.96 -22.11 -5.81
C ILE F 407 -13.41 -21.83 -6.15
N LYS F 408 -14.24 -22.88 -6.07
CA LYS F 408 -15.67 -22.75 -6.34
C LYS F 408 -16.52 -22.69 -5.08
N SER F 409 -16.06 -23.23 -3.96
CA SER F 409 -16.86 -23.25 -2.75
C SER F 409 -17.15 -21.83 -2.27
N ILE F 410 -18.28 -21.67 -1.60
CA ILE F 410 -18.71 -20.35 -1.14
C ILE F 410 -17.65 -19.73 -0.24
N TRP F 411 -16.96 -20.55 0.55
CA TRP F 411 -16.14 -20.04 1.64
C TRP F 411 -14.96 -19.20 1.17
N ILE F 412 -14.62 -19.25 -0.12
CA ILE F 412 -13.62 -18.37 -0.70
C ILE F 412 -14.22 -17.43 -1.74
N THR F 413 -15.19 -17.91 -2.52
CA THR F 413 -15.85 -17.02 -3.48
C THR F 413 -16.50 -15.82 -2.79
N LYS F 414 -16.78 -15.91 -1.50
CA LYS F 414 -17.14 -14.75 -0.71
C LYS F 414 -16.03 -13.71 -0.69
N GLY F 415 -14.90 -14.06 -0.08
CA GLY F 415 -13.84 -13.11 0.24
C GLY F 415 -12.91 -12.78 -0.89
N ARG F 416 -13.19 -13.29 -2.09
CA ARG F 416 -12.41 -12.95 -3.27
C ARG F 416 -12.99 -11.71 -3.94
N ASP F 417 -13.05 -10.62 -3.18
CA ASP F 417 -13.71 -9.41 -3.65
C ASP F 417 -12.83 -8.16 -3.49
N GLN F 418 -12.01 -8.12 -2.44
CA GLN F 418 -11.07 -7.03 -2.17
C GLN F 418 -11.81 -5.78 -1.68
N GLU F 419 -13.14 -5.82 -1.72
CA GLU F 419 -13.98 -4.78 -1.12
C GLU F 419 -14.85 -5.30 0.00
N VAL F 420 -15.49 -6.46 -0.20
CA VAL F 420 -16.15 -7.13 0.91
C VAL F 420 -15.14 -7.48 1.99
N GLN F 421 -13.89 -7.74 1.60
CA GLN F 421 -12.82 -7.86 2.59
C GLN F 421 -12.68 -6.56 3.37
N VAL F 422 -12.58 -5.43 2.66
CA VAL F 422 -12.41 -4.14 3.32
C VAL F 422 -13.63 -3.80 4.14
N LYS F 423 -14.83 -4.03 3.59
CA LYS F 423 -16.05 -3.73 4.34
C LYS F 423 -16.15 -4.57 5.60
N ILE F 424 -15.83 -5.86 5.51
CA ILE F 424 -15.93 -6.75 6.66
C ILE F 424 -14.92 -6.35 7.73
N LEU F 425 -13.66 -6.14 7.34
CA LEU F 425 -12.66 -5.76 8.33
C LEU F 425 -12.99 -4.40 8.93
N GLY F 426 -13.49 -3.47 8.11
CA GLY F 426 -13.83 -2.16 8.63
C GLY F 426 -14.99 -2.18 9.59
N THR F 427 -16.02 -2.99 9.31
CA THR F 427 -17.15 -3.06 10.23
C THR F 427 -16.77 -3.81 11.51
N VAL F 428 -15.90 -4.83 11.41
CA VAL F 428 -15.39 -5.48 12.61
C VAL F 428 -14.59 -4.51 13.45
N MET F 429 -13.74 -3.70 12.80
CA MET F 429 -12.94 -2.72 13.52
C MET F 429 -13.83 -1.64 14.15
N ALA F 430 -14.86 -1.21 13.43
CA ALA F 430 -15.77 -0.20 13.99
C ALA F 430 -16.54 -0.74 15.18
N LEU F 431 -17.04 -1.99 15.09
CA LEU F 431 -17.73 -2.59 16.21
C LEU F 431 -16.80 -2.80 17.39
N CYS F 432 -15.56 -3.23 17.14
CA CYS F 432 -14.58 -3.37 18.20
C CYS F 432 -14.29 -2.03 18.85
N PHE F 433 -14.14 -0.98 18.04
CA PHE F 433 -13.89 0.35 18.57
C PHE F 433 -15.05 0.80 19.45
N ALA F 434 -16.28 0.64 18.97
CA ALA F 434 -17.44 1.06 19.74
C ALA F 434 -17.53 0.31 21.06
N THR F 435 -17.50 -1.02 21.00
CA THR F 435 -17.64 -1.83 22.21
C THR F 435 -16.51 -1.56 23.18
N MET F 436 -15.26 -1.58 22.70
CA MET F 436 -14.12 -1.41 23.57
C MET F 436 -14.09 -0.02 24.18
N LEU F 437 -14.36 1.02 23.38
CA LEU F 437 -14.39 2.38 23.91
C LEU F 437 -15.47 2.53 24.96
N SER F 438 -16.67 2.00 24.68
CA SER F 438 -17.76 2.14 25.64
C SER F 438 -17.44 1.42 26.94
N VAL F 439 -16.98 0.17 26.86
CA VAL F 439 -16.74 -0.61 28.07
C VAL F 439 -15.53 -0.06 28.83
N TYR F 440 -14.50 0.38 28.13
CA TYR F 440 -13.33 0.91 28.80
C TYR F 440 -13.64 2.25 29.46
N ALA F 441 -14.44 3.09 28.81
CA ALA F 441 -14.83 4.34 29.44
C ALA F 441 -15.73 4.08 30.65
N VAL F 442 -16.56 3.05 30.58
CA VAL F 442 -17.36 2.67 31.74
C VAL F 442 -16.46 2.23 32.89
N ILE F 443 -15.45 1.40 32.59
CA ILE F 443 -14.54 0.93 33.62
C ILE F 443 -13.75 2.09 34.23
N VAL F 444 -13.28 3.00 33.38
CA VAL F 444 -12.49 4.13 33.87
C VAL F 444 -13.34 5.07 34.70
N TRP F 445 -14.59 5.30 34.28
CA TRP F 445 -15.50 6.12 35.09
C TRP F 445 -15.80 5.45 36.41
N ASN F 446 -15.96 4.13 36.42
CA ASN F 446 -16.17 3.42 37.67
C ASN F 446 -14.98 3.59 38.61
N THR F 447 -13.77 3.47 38.07
CA THR F 447 -12.58 3.63 38.90
C THR F 447 -12.45 5.05 39.42
N ILE F 448 -12.76 6.04 38.57
CA ILE F 448 -12.73 7.44 38.99
C ILE F 448 -13.72 7.67 40.13
N CYS F 449 -14.93 7.14 39.98
CA CYS F 449 -15.94 7.31 41.01
C CYS F 449 -15.57 6.59 42.30
N GLU F 450 -14.87 5.46 42.20
CA GLU F 450 -14.32 4.80 43.38
C GLU F 450 -13.33 5.72 44.09
N LEU F 451 -12.25 6.07 43.39
CA LEU F 451 -11.21 6.90 43.99
C LEU F 451 -11.64 8.34 44.22
N ASN F 452 -12.82 8.73 43.74
CA ASN F 452 -13.35 10.09 43.89
C ASN F 452 -12.41 11.11 43.24
N ILE F 453 -11.73 10.70 42.16
CA ILE F 453 -10.91 11.64 41.40
C ILE F 453 -11.82 12.71 40.80
N PHE F 454 -11.32 13.94 40.76
CA PHE F 454 -12.10 15.11 40.36
C PHE F 454 -13.29 15.33 41.27
N GLY F 455 -13.20 14.87 42.51
CA GLY F 455 -14.29 15.02 43.45
C GLY F 455 -15.55 14.29 43.06
N THR F 456 -15.43 13.15 42.42
CA THR F 456 -16.59 12.34 42.05
C THR F 456 -17.05 11.52 43.25
N ASN F 457 -17.97 10.60 43.02
CA ASN F 457 -18.53 9.77 44.08
C ASN F 457 -18.98 8.46 43.48
N ILE F 458 -19.02 7.41 44.31
CA ILE F 458 -19.42 6.09 43.83
C ILE F 458 -20.86 6.08 43.34
N THR F 459 -21.69 7.02 43.80
CA THR F 459 -23.05 7.11 43.28
C THR F 459 -23.09 7.71 41.88
N MET F 460 -21.97 8.24 41.39
CA MET F 460 -21.84 8.71 40.02
C MET F 460 -21.35 7.61 39.08
N SER F 461 -21.08 6.42 39.61
CA SER F 461 -20.51 5.32 38.84
C SER F 461 -21.59 4.61 38.04
N PHE F 462 -21.19 3.59 37.30
CA PHE F 462 -22.14 2.76 36.57
C PHE F 462 -22.58 1.56 37.40
N TYR F 463 -23.01 1.81 38.63
CA TYR F 463 -23.52 0.74 39.47
C TYR F 463 -24.91 0.30 39.04
N TRP F 464 -25.65 1.18 38.36
CA TRP F 464 -26.99 0.87 37.88
C TRP F 464 -26.97 0.09 36.57
N LEU F 465 -25.85 0.03 35.87
CA LEU F 465 -25.77 -0.58 34.55
C LEU F 465 -25.60 -2.08 34.73
N LYS F 466 -26.73 -2.77 34.86
CA LYS F 466 -26.78 -4.22 34.96
C LYS F 466 -27.28 -4.82 33.66
N PRO F 467 -27.15 -6.13 33.50
CA PRO F 467 -27.83 -6.80 32.37
C PRO F 467 -29.33 -6.67 32.50
N LEU F 468 -30.01 -6.71 31.35
CA LEU F 468 -31.46 -6.66 31.33
C LEU F 468 -32.04 -7.84 32.12
N PRO F 469 -33.21 -7.68 32.71
CA PRO F 469 -33.85 -8.82 33.38
C PRO F 469 -34.06 -10.01 32.47
N ILE F 470 -34.24 -9.77 31.16
CA ILE F 470 -34.30 -10.85 30.20
C ILE F 470 -32.92 -11.45 29.95
N PHE F 471 -31.87 -10.80 30.44
CA PHE F 471 -30.50 -11.33 30.39
C PHE F 471 -29.95 -11.68 31.76
N GLN F 472 -30.69 -11.41 32.83
CA GLN F 472 -30.21 -11.67 34.18
C GLN F 472 -30.23 -13.14 34.55
N TRP F 473 -30.83 -13.99 33.73
CA TRP F 473 -30.94 -15.41 34.06
C TRP F 473 -29.61 -16.14 33.93
N MET F 474 -28.67 -15.62 33.13
CA MET F 474 -27.42 -16.32 32.88
C MET F 474 -26.31 -15.92 33.85
N PHE F 475 -26.61 -15.09 34.83
CA PHE F 475 -25.65 -14.69 35.84
C PHE F 475 -26.22 -14.95 37.22
N ALA F 476 -25.34 -15.28 38.18
CA ALA F 476 -25.73 -15.26 39.57
C ALA F 476 -25.22 -13.96 40.20
N ASP F 477 -26.12 -13.24 40.85
CA ASP F 477 -25.88 -11.87 41.31
C ASP F 477 -25.52 -11.00 40.11
N PRO F 478 -26.48 -10.71 39.22
CA PRO F 478 -26.18 -9.88 38.05
C PRO F 478 -25.95 -8.43 38.46
N SER F 479 -24.82 -7.89 38.04
CA SER F 479 -24.44 -6.52 38.40
C SER F 479 -23.66 -5.91 37.23
N ILE F 480 -23.06 -4.75 37.49
CA ILE F 480 -22.23 -4.09 36.48
C ILE F 480 -21.02 -4.96 36.14
N ASN F 481 -20.59 -5.82 37.06
CA ASN F 481 -19.48 -6.71 36.77
C ASN F 481 -19.80 -7.64 35.60
N ASP F 482 -21.01 -8.19 35.56
CA ASP F 482 -21.37 -9.13 34.50
C ASP F 482 -21.60 -8.41 33.18
N TRP F 483 -22.20 -7.22 33.23
CA TRP F 483 -22.32 -6.39 32.03
C TRP F 483 -20.96 -6.08 31.44
N VAL F 484 -20.03 -5.66 32.30
CA VAL F 484 -18.67 -5.36 31.86
C VAL F 484 -18.00 -6.62 31.31
N MET F 485 -18.28 -7.78 31.92
CA MET F 485 -17.70 -9.01 31.43
C MET F 485 -18.20 -9.34 30.03
N ALA F 486 -19.50 -9.21 29.80
CA ALA F 486 -20.03 -9.48 28.46
C ALA F 486 -19.43 -8.53 27.43
N HIS F 487 -19.36 -7.24 27.77
CA HIS F 487 -18.84 -6.27 26.80
C HIS F 487 -17.33 -6.40 26.61
N VAL F 488 -16.59 -6.79 27.64
CA VAL F 488 -15.17 -7.02 27.49
C VAL F 488 -14.91 -8.26 26.66
N ILE F 489 -15.73 -9.31 26.85
CA ILE F 489 -15.60 -10.49 26.00
C ILE F 489 -15.86 -10.13 24.55
N THR F 490 -16.92 -9.35 24.29
CA THR F 490 -17.21 -8.93 22.93
C THR F 490 -16.07 -8.09 22.35
N ALA F 491 -15.55 -7.15 23.14
CA ALA F 491 -14.49 -6.26 22.66
C ALA F 491 -13.22 -7.03 22.37
N GLY F 492 -12.81 -7.93 23.28
CA GLY F 492 -11.60 -8.70 23.04
C GLY F 492 -11.76 -9.69 21.89
N SER F 493 -12.93 -10.30 21.77
CA SER F 493 -13.18 -11.21 20.66
C SER F 493 -13.12 -10.47 19.33
N LEU F 494 -13.71 -9.27 19.27
CA LEU F 494 -13.62 -8.48 18.03
C LEU F 494 -12.20 -7.99 17.79
N PHE F 495 -11.47 -7.65 18.85
CA PHE F 495 -10.10 -7.19 18.70
C PHE F 495 -9.22 -8.28 18.09
N SER F 496 -9.35 -9.51 18.59
CA SER F 496 -8.65 -10.64 17.98
C SER F 496 -9.21 -11.00 16.61
N LEU F 497 -10.52 -10.82 16.43
CA LEU F 497 -11.15 -11.06 15.14
C LEU F 497 -10.59 -10.14 14.07
N ILE F 498 -10.13 -8.96 14.46
CA ILE F 498 -9.49 -8.06 13.49
C ILE F 498 -8.28 -8.74 12.85
N ALA F 499 -7.39 -9.28 13.69
CA ALA F 499 -6.21 -9.95 13.15
C ALA F 499 -6.57 -11.27 12.49
N LEU F 500 -7.60 -11.96 12.99
CA LEU F 500 -8.04 -13.19 12.32
C LEU F 500 -8.57 -12.91 10.92
N VAL F 501 -9.34 -11.83 10.77
CA VAL F 501 -9.84 -11.43 9.46
C VAL F 501 -8.69 -10.97 8.57
N ARG F 502 -7.69 -10.30 9.14
CA ARG F 502 -6.52 -9.91 8.36
C ARG F 502 -5.74 -11.13 7.88
N ILE F 503 -5.73 -12.22 8.67
CA ILE F 503 -5.15 -13.47 8.21
C ILE F 503 -5.98 -14.07 7.09
N ALA F 504 -7.31 -14.12 7.29
CA ALA F 504 -8.19 -14.77 6.32
C ALA F 504 -8.17 -14.06 4.98
N PHE F 505 -8.18 -12.73 4.99
CA PHE F 505 -8.30 -11.96 3.76
C PHE F 505 -6.94 -11.55 3.20
N PHE F 506 -6.14 -10.87 4.00
CA PHE F 506 -4.87 -10.32 3.51
C PHE F 506 -3.71 -11.28 3.74
N ALA F 507 -3.87 -12.52 3.27
CA ALA F 507 -2.78 -13.48 3.34
C ALA F 507 -1.71 -13.18 2.31
N HIS F 508 -2.12 -12.81 1.10
CA HIS F 508 -1.20 -12.52 0.00
C HIS F 508 -1.15 -11.04 -0.35
N THR F 509 -2.29 -10.36 -0.32
CA THR F 509 -2.34 -8.94 -0.65
C THR F 509 -3.41 -8.27 0.18
N SER F 510 -3.23 -6.98 0.40
CA SER F 510 -4.15 -6.14 1.14
C SER F 510 -4.38 -4.86 0.36
N PRO F 511 -5.50 -4.16 0.60
CA PRO F 511 -5.77 -2.92 -0.15
C PRO F 511 -4.66 -1.89 -0.02
N LEU F 512 -4.00 -1.83 1.14
CA LEU F 512 -2.80 -1.01 1.25
C LEU F 512 -1.71 -1.52 0.33
N TRP F 513 -1.41 -2.81 0.43
CA TRP F 513 -0.35 -3.41 -0.37
C TRP F 513 -0.80 -3.65 -1.81
N ASP F 514 -2.09 -3.62 -2.08
CA ASP F 514 -2.56 -3.52 -3.47
C ASP F 514 -2.30 -2.13 -4.02
N ASP F 515 -2.57 -1.09 -3.24
CA ASP F 515 -2.28 0.26 -3.67
C ASP F 515 -0.79 0.47 -3.86
N LEU F 516 0.01 0.05 -2.89
CA LEU F 516 1.45 -0.06 -3.12
C LEU F 516 1.73 -1.17 -4.11
N GLY F 517 2.92 -1.16 -4.67
CA GLY F 517 3.29 -2.21 -5.60
C GLY F 517 3.90 -3.40 -4.89
N LEU F 518 3.16 -4.01 -3.96
CA LEU F 518 3.72 -5.06 -3.11
C LEU F 518 2.74 -6.22 -3.01
N LYS F 519 3.28 -7.38 -2.61
CA LYS F 519 2.45 -8.55 -2.33
C LYS F 519 3.17 -9.43 -1.32
N LYS F 520 2.39 -10.10 -0.48
CA LYS F 520 2.92 -11.00 0.55
C LYS F 520 3.00 -12.41 -0.01
N ASN F 521 4.18 -13.03 0.11
CA ASN F 521 4.37 -14.35 -0.50
C ASN F 521 5.19 -15.29 0.37
N SER F 522 5.15 -15.13 1.69
CA SER F 522 5.90 -16.05 2.55
C SER F 522 5.17 -16.51 3.80
N TYR F 523 4.09 -15.86 4.22
CA TYR F 523 3.27 -16.14 5.39
C TYR F 523 4.09 -16.08 6.67
N SER F 524 5.40 -15.83 6.55
CA SER F 524 6.28 -15.78 7.69
C SER F 524 7.32 -14.68 7.60
N PHE F 525 7.39 -13.96 6.50
CA PHE F 525 8.30 -12.83 6.41
C PHE F 525 7.87 -11.74 7.39
N PRO F 526 8.78 -11.18 8.16
CA PRO F 526 8.38 -10.22 9.18
C PRO F 526 8.17 -8.81 8.67
N CYS F 527 8.71 -8.48 7.50
CA CYS F 527 8.78 -7.10 7.05
C CYS F 527 9.28 -7.05 5.63
N LEU F 528 9.15 -5.87 5.02
CA LEU F 528 9.90 -5.51 3.83
C LEU F 528 10.88 -4.39 4.09
N GLY F 529 10.85 -3.78 5.28
CA GLY F 529 11.80 -2.78 5.64
C GLY F 529 11.17 -1.48 6.11
N PRO F 530 12.02 -0.47 6.32
CA PRO F 530 11.51 0.85 6.72
C PRO F 530 10.84 1.62 5.59
N VAL F 531 10.75 1.05 4.39
CA VAL F 531 10.06 1.71 3.30
C VAL F 531 8.62 2.01 3.71
N TYR F 532 8.10 3.14 3.22
CA TYR F 532 6.76 3.61 3.59
C TYR F 532 6.66 3.80 5.10
N GLY F 533 7.79 4.15 5.71
CA GLY F 533 7.84 4.32 7.15
C GLY F 533 7.95 3.04 7.95
N GLY F 534 7.98 1.89 7.29
CA GLY F 534 8.06 0.62 7.98
C GLY F 534 6.97 -0.36 7.60
N THR F 535 7.35 -1.64 7.45
CA THR F 535 6.43 -2.69 7.01
C THR F 535 6.51 -3.88 7.95
N CYS F 536 6.59 -3.62 9.26
CA CYS F 536 6.77 -4.68 10.24
C CYS F 536 5.49 -5.50 10.41
N GLY F 537 5.65 -6.81 10.53
CA GLY F 537 4.58 -7.68 10.98
C GLY F 537 3.31 -7.68 10.16
N VAL F 538 3.44 -7.80 8.85
CA VAL F 538 2.27 -7.83 7.97
C VAL F 538 1.87 -9.24 7.56
N SER F 539 2.76 -10.23 7.71
CA SER F 539 2.43 -11.60 7.33
C SER F 539 1.39 -12.17 8.27
N ILE F 540 0.77 -13.28 7.82
CA ILE F 540 -0.26 -13.91 8.62
C ILE F 540 0.31 -14.56 9.88
N GLN F 541 1.60 -14.88 9.89
CA GLN F 541 2.22 -15.36 11.13
C GLN F 541 2.26 -14.26 12.18
N ASP F 542 2.69 -13.06 11.76
CA ASP F 542 2.72 -11.94 12.69
C ASP F 542 1.32 -11.49 13.04
N GLN F 543 0.38 -11.62 12.11
CA GLN F 543 -1.02 -11.34 12.44
C GLN F 543 -1.57 -12.35 13.44
N LEU F 544 -1.13 -13.61 13.33
CA LEU F 544 -1.45 -14.59 14.37
C LEU F 544 -0.89 -14.17 15.71
N TRP F 545 0.36 -13.70 15.73
CA TRP F 545 0.97 -13.29 16.98
C TRP F 545 0.20 -12.12 17.59
N PHE F 546 -0.20 -11.15 16.76
CA PHE F 546 -0.96 -10.01 17.26
C PHE F 546 -2.34 -10.44 17.73
N ALA F 547 -2.95 -11.41 17.05
CA ALA F 547 -4.23 -11.95 17.51
C ALA F 547 -4.09 -12.60 18.88
N MET F 548 -3.00 -13.35 19.08
CA MET F 548 -2.76 -13.97 20.38
C MET F 548 -2.57 -12.91 21.46
N LEU F 549 -1.76 -11.88 21.17
CA LEU F 549 -1.52 -10.84 22.15
C LEU F 549 -2.78 -10.05 22.47
N TRP F 550 -3.63 -9.83 21.47
CA TRP F 550 -4.87 -9.10 21.68
C TRP F 550 -5.88 -9.95 22.45
N GLY F 551 -5.94 -11.25 22.15
CA GLY F 551 -6.79 -12.15 22.90
C GLY F 551 -6.30 -12.44 24.29
N ILE F 552 -5.04 -12.11 24.59
CA ILE F 552 -4.54 -12.22 25.96
C ILE F 552 -5.44 -11.44 26.91
N LYS F 553 -5.83 -10.22 26.53
CA LYS F 553 -6.68 -9.39 27.39
C LYS F 553 -8.06 -10.00 27.54
N GLY F 554 -8.73 -10.33 26.43
CA GLY F 554 -10.07 -10.87 26.48
C GLY F 554 -10.14 -12.26 27.05
N LEU F 555 -8.99 -12.93 27.19
CA LEU F 555 -8.91 -14.27 27.73
C LEU F 555 -8.55 -14.24 29.22
N SER F 556 -7.64 -13.36 29.62
CA SER F 556 -7.39 -13.16 31.05
C SER F 556 -8.59 -12.52 31.73
N ALA F 557 -9.41 -11.78 30.97
CA ALA F 557 -10.66 -11.27 31.53
C ALA F 557 -11.54 -12.42 32.02
N VAL F 558 -11.39 -13.60 31.44
CA VAL F 558 -12.08 -14.78 31.94
C VAL F 558 -11.52 -15.20 33.28
N CYS F 559 -10.19 -15.18 33.43
CA CYS F 559 -9.56 -15.55 34.69
C CYS F 559 -10.02 -14.65 35.83
N TRP F 560 -10.09 -13.33 35.57
CA TRP F 560 -10.65 -12.41 36.54
C TRP F 560 -12.10 -12.79 36.87
N TYR F 561 -12.90 -13.10 35.84
CA TYR F 561 -14.31 -13.36 36.05
C TYR F 561 -14.54 -14.66 36.83
N ILE F 562 -13.91 -15.75 36.37
CA ILE F 562 -14.17 -17.05 37.00
C ILE F 562 -13.63 -17.09 38.42
N ASP F 563 -12.71 -16.20 38.75
CA ASP F 563 -12.27 -16.01 40.13
C ASP F 563 -13.09 -14.96 40.86
N GLY F 564 -14.05 -14.32 40.19
CA GLY F 564 -14.81 -13.25 40.80
C GLY F 564 -13.94 -12.08 41.18
N ALA F 565 -13.48 -11.30 40.19
CA ALA F 565 -12.51 -10.25 40.44
C ALA F 565 -12.96 -8.91 39.90
N TRP F 566 -14.27 -8.68 39.80
CA TRP F 566 -14.87 -7.35 39.62
C TRP F 566 -14.14 -6.52 38.57
N ILE F 567 -14.24 -6.98 37.31
CA ILE F 567 -13.55 -6.30 36.23
C ILE F 567 -14.27 -5.00 35.89
N ALA F 568 -15.40 -4.74 36.56
CA ALA F 568 -16.14 -3.51 36.32
C ALA F 568 -15.37 -2.27 36.72
N SER F 569 -14.28 -2.42 37.46
CA SER F 569 -13.43 -1.30 37.83
C SER F 569 -12.05 -1.82 38.17
N MET F 570 -11.07 -0.92 38.16
CA MET F 570 -9.67 -1.32 38.36
C MET F 570 -9.27 -1.34 39.82
N MET F 571 -10.01 -0.66 40.69
CA MET F 571 -9.67 -0.56 42.10
C MET F 571 -10.91 -0.87 42.92
N TYR F 572 -11.14 -2.17 43.19
CA TYR F 572 -12.30 -2.60 43.95
C TYR F 572 -11.83 -3.27 45.23
N GLY F 573 -12.54 -2.99 46.32
CA GLY F 573 -12.15 -3.48 47.63
C GLY F 573 -10.98 -2.75 48.24
N VAL F 574 -10.39 -1.80 47.52
CA VAL F 574 -9.29 -1.00 48.03
C VAL F 574 -9.87 0.08 48.95
N PRO F 575 -9.28 0.32 50.11
CA PRO F 575 -9.81 1.33 51.04
C PRO F 575 -9.32 2.75 50.77
N ALA F 576 -9.51 3.22 49.53
CA ALA F 576 -8.98 4.54 49.16
C ALA F 576 -10.01 5.64 49.39
N ALA F 577 -11.10 5.64 48.61
CA ALA F 577 -12.21 6.55 48.88
C ALA F 577 -13.54 5.83 49.02
N ASP F 578 -13.98 5.12 47.97
CA ASP F 578 -15.31 4.52 47.96
C ASP F 578 -15.33 3.12 47.35
N ALA F 579 -14.18 2.50 47.11
CA ALA F 579 -14.15 1.21 46.44
C ALA F 579 -14.77 0.09 47.27
N LYS F 580 -14.86 0.27 48.58
CA LYS F 580 -15.52 -0.71 49.43
C LYS F 580 -17.01 -0.47 49.54
N ALA F 581 -17.54 0.54 48.85
CA ALA F 581 -18.96 0.85 48.87
C ALA F 581 -19.71 0.20 47.72
N TRP F 582 -19.03 -0.57 46.87
CA TRP F 582 -19.72 -1.23 45.76
C TRP F 582 -20.77 -2.22 46.26
N ASP F 583 -20.45 -2.98 47.30
CA ASP F 583 -21.36 -4.00 47.81
C ASP F 583 -22.67 -3.39 48.28
N SER F 584 -22.65 -2.13 48.71
CA SER F 584 -23.85 -1.46 49.19
C SER F 584 -24.50 -0.59 48.12
N ILE F 585 -23.71 0.14 47.32
CA ILE F 585 -24.29 1.04 46.33
C ILE F 585 -24.96 0.24 45.22
N ALA F 586 -24.37 -0.89 44.83
CA ALA F 586 -24.93 -1.75 43.79
C ALA F 586 -25.70 -2.93 44.33
N HIS F 587 -25.86 -3.03 45.66
CA HIS F 587 -26.62 -4.09 46.30
C HIS F 587 -26.14 -5.48 45.85
N LEU F 588 -24.83 -5.68 45.90
CA LEU F 588 -24.25 -6.96 45.56
C LEU F 588 -24.67 -8.03 46.56
N HIS F 589 -24.73 -9.27 46.09
CA HIS F 589 -24.98 -10.43 46.93
C HIS F 589 -23.70 -11.16 47.31
N HIS F 590 -22.75 -11.27 46.39
CA HIS F 590 -21.44 -11.81 46.69
C HIS F 590 -20.50 -10.68 47.08
N HIS F 591 -19.23 -11.03 47.32
CA HIS F 591 -18.17 -10.04 47.50
C HIS F 591 -16.96 -10.54 46.74
N TYR F 592 -16.75 -9.99 45.55
CA TYR F 592 -15.65 -10.41 44.70
C TYR F 592 -14.31 -9.98 45.30
N THR F 593 -13.24 -10.60 44.79
CA THR F 593 -11.91 -10.45 45.37
C THR F 593 -11.47 -8.99 45.43
N SER F 594 -11.28 -8.38 44.26
CA SER F 594 -10.73 -7.03 44.16
C SER F 594 -10.75 -6.61 42.70
N GLY F 595 -10.55 -5.32 42.47
CA GLY F 595 -10.60 -4.76 41.13
C GLY F 595 -9.50 -5.32 40.24
N ILE F 596 -9.44 -4.76 39.03
CA ILE F 596 -8.49 -5.24 38.03
C ILE F 596 -7.06 -5.07 38.52
N PHE F 597 -6.74 -3.91 39.09
CA PHE F 597 -5.39 -3.66 39.57
C PHE F 597 -5.17 -4.24 40.96
N TYR F 598 -6.17 -4.10 41.85
CA TYR F 598 -6.04 -4.62 43.20
C TYR F 598 -6.15 -6.13 43.25
N TYR F 599 -6.50 -6.77 42.12
CA TYR F 599 -6.44 -8.22 42.00
C TYR F 599 -5.03 -8.75 42.13
N PHE F 600 -4.02 -7.96 41.78
CA PHE F 600 -2.64 -8.36 41.98
C PHE F 600 -2.15 -8.16 43.41
N TRP F 601 -2.93 -7.48 44.25
CA TRP F 601 -2.62 -7.37 45.67
C TRP F 601 -3.31 -8.48 46.46
N THR F 602 -4.64 -8.51 46.41
CA THR F 602 -5.38 -9.62 47.01
C THR F 602 -5.14 -10.91 46.22
N GLU F 603 -5.24 -12.03 46.93
CA GLU F 603 -5.13 -13.36 46.32
C GLU F 603 -3.72 -13.61 45.79
N THR F 604 -2.88 -12.57 45.78
CA THR F 604 -1.44 -12.74 45.72
C THR F 604 -0.85 -12.90 47.12
N VAL F 605 -1.66 -12.67 48.15
CA VAL F 605 -1.27 -12.98 49.52
C VAL F 605 -1.03 -14.48 49.69
N THR F 606 -1.64 -15.30 48.83
CA THR F 606 -1.46 -16.75 48.89
C THR F 606 -0.47 -17.27 47.87
N ILE F 607 -0.30 -16.58 46.74
CA ILE F 607 0.79 -16.91 45.83
C ILE F 607 2.13 -16.71 46.53
N PHE F 608 2.27 -15.59 47.23
CA PHE F 608 3.49 -15.32 47.98
C PHE F 608 3.63 -16.25 49.18
N SER F 609 2.52 -16.64 49.79
CA SER F 609 2.55 -17.49 50.98
C SER F 609 3.16 -18.86 50.72
N SER F 610 3.22 -19.31 49.48
CA SER F 610 3.73 -20.63 49.14
C SER F 610 4.97 -20.51 48.27
N SER F 611 5.89 -21.44 48.46
CA SER F 611 7.15 -21.42 47.73
C SER F 611 6.97 -21.77 46.25
N HIS F 612 6.13 -22.76 45.97
CA HIS F 612 5.96 -23.23 44.59
C HIS F 612 5.30 -22.15 43.74
N LEU F 613 4.24 -21.54 44.23
CA LEU F 613 3.60 -20.48 43.46
C LEU F 613 4.50 -19.26 43.34
N SER F 614 5.33 -18.99 44.35
CA SER F 614 6.26 -17.87 44.26
C SER F 614 7.29 -18.11 43.17
N THR F 615 7.86 -19.32 43.11
CA THR F 615 8.85 -19.58 42.07
C THR F 615 8.20 -19.65 40.69
N ILE F 616 6.94 -20.10 40.61
CA ILE F 616 6.24 -20.02 39.33
C ILE F 616 6.05 -18.57 38.91
N LEU F 617 5.74 -17.69 39.87
CA LEU F 617 5.62 -16.27 39.57
C LEU F 617 6.91 -15.71 39.00
N MET F 618 8.03 -16.04 39.67
CA MET F 618 9.32 -15.54 39.21
C MET F 618 9.66 -16.07 37.82
N ILE F 619 9.44 -17.37 37.60
CA ILE F 619 9.76 -17.96 36.30
C ILE F 619 8.89 -17.38 35.20
N GLY F 620 7.60 -17.20 35.48
CA GLY F 620 6.70 -16.63 34.49
C GLY F 620 7.08 -15.22 34.12
N HIS F 621 7.38 -14.38 35.12
CA HIS F 621 7.81 -13.02 34.82
C HIS F 621 9.12 -13.01 34.04
N LEU F 622 10.05 -13.89 34.43
CA LEU F 622 11.32 -13.99 33.71
C LEU F 622 11.11 -14.34 32.25
N VAL F 623 10.33 -15.38 31.98
CA VAL F 623 10.07 -15.79 30.61
C VAL F 623 9.37 -14.68 29.85
N TRP F 624 8.49 -13.95 30.54
CA TRP F 624 7.66 -12.97 29.85
C TRP F 624 8.46 -11.76 29.40
N PHE F 625 9.29 -11.18 30.28
CA PHE F 625 9.93 -9.93 29.86
C PHE F 625 11.03 -10.19 28.84
N ILE F 626 11.56 -11.42 28.78
CA ILE F 626 12.56 -11.76 27.78
C ILE F 626 12.00 -11.66 26.37
N SER F 627 10.67 -11.73 26.23
CA SER F 627 10.06 -11.52 24.92
C SER F 627 10.28 -10.11 24.38
N PHE F 628 10.67 -9.17 25.25
CA PHE F 628 11.03 -7.84 24.76
C PHE F 628 12.32 -7.88 23.95
N ALA F 629 13.24 -8.80 24.29
CA ALA F 629 14.50 -8.89 23.56
C ALA F 629 14.30 -9.28 22.10
N VAL F 630 13.11 -9.75 21.74
CA VAL F 630 12.85 -10.24 20.40
C VAL F 630 11.66 -9.57 19.72
N TRP F 631 10.69 -9.04 20.47
CA TRP F 631 9.68 -8.16 19.89
C TRP F 631 10.13 -6.72 19.67
N PHE F 632 10.96 -6.17 20.54
CA PHE F 632 11.43 -4.83 20.30
C PHE F 632 12.22 -4.82 19.00
N GLU F 633 12.10 -3.74 18.23
CA GLU F 633 12.69 -3.71 16.89
C GLU F 633 14.20 -3.57 17.07
N ASP F 634 14.83 -4.68 17.43
CA ASP F 634 16.23 -4.68 17.85
C ASP F 634 17.04 -5.83 17.27
N ARG F 635 16.51 -6.57 16.29
CA ARG F 635 17.20 -7.76 15.82
C ARG F 635 18.55 -7.42 15.21
N GLY F 636 18.62 -6.33 14.44
CA GLY F 636 19.89 -5.94 13.86
C GLY F 636 20.90 -5.49 14.90
N SER F 637 20.42 -4.85 15.96
CA SER F 637 21.30 -4.54 17.09
C SER F 637 21.85 -5.81 17.71
N ARG F 638 21.01 -6.83 17.86
CA ARG F 638 21.47 -8.10 18.38
C ARG F 638 22.48 -8.74 17.43
N LEU F 639 22.25 -8.64 16.13
CA LEU F 639 23.20 -9.21 15.16
C LEU F 639 24.55 -8.50 15.22
N GLU F 640 24.52 -7.17 15.28
CA GLU F 640 25.76 -6.39 15.38
C GLU F 640 26.50 -6.72 16.66
N GLY F 641 25.78 -6.77 17.79
CA GLY F 641 26.41 -7.10 19.04
C GLY F 641 26.93 -8.52 19.09
N ALA F 642 26.23 -9.44 18.43
CA ALA F 642 26.70 -10.82 18.37
C ALA F 642 27.95 -10.95 17.51
N ASP F 643 28.04 -10.16 16.44
CA ASP F 643 29.29 -10.09 15.68
C ASP F 643 30.42 -9.56 16.56
N ILE F 644 30.13 -8.53 17.36
CA ILE F 644 31.15 -8.00 18.26
C ILE F 644 31.57 -9.04 19.28
N GLN F 645 30.61 -9.75 19.85
CA GLN F 645 30.92 -10.79 20.84
C GLN F 645 31.69 -11.94 20.19
N THR F 646 31.38 -12.28 18.95
CA THR F 646 32.14 -13.30 18.24
C THR F 646 33.59 -12.89 18.06
N ARG F 647 33.80 -11.64 17.65
CA ARG F 647 35.17 -11.15 17.50
C ARG F 647 35.88 -11.09 18.85
N THR F 648 35.14 -10.78 19.92
CA THR F 648 35.72 -10.76 21.25
C THR F 648 36.16 -12.16 21.68
N ILE F 649 35.26 -13.13 21.55
CA ILE F 649 35.55 -14.50 21.96
C ILE F 649 36.70 -15.07 21.13
N ARG F 650 36.72 -14.77 19.83
CA ARG F 650 37.85 -15.17 19.00
C ARG F 650 39.13 -14.52 19.47
N TRP F 651 39.08 -13.23 19.83
CA TRP F 651 40.26 -12.54 20.34
C TRP F 651 40.58 -12.99 21.75
N LEU F 652 39.57 -13.16 22.60
CA LEU F 652 39.81 -13.65 23.95
C LEU F 652 40.33 -15.08 23.95
N GLY F 653 40.02 -15.84 22.91
CA GLY F 653 40.56 -17.18 22.76
C GLY F 653 41.96 -17.24 22.20
N LYS F 654 42.55 -16.09 21.87
CA LYS F 654 43.92 -16.02 21.39
C LYS F 654 44.83 -15.26 22.34
N LYS F 655 44.37 -14.15 22.93
CA LYS F 655 45.20 -13.38 23.84
C LYS F 655 45.51 -14.17 25.11
N PHE F 656 44.54 -14.93 25.60
CA PHE F 656 44.72 -15.76 26.80
C PHE F 656 44.78 -17.24 26.48
N LEU F 657 43.79 -17.75 25.74
CA LEU F 657 43.79 -19.14 25.31
C LEU F 657 44.57 -19.27 24.01
N ASN F 658 44.45 -20.43 23.35
CA ASN F 658 45.06 -20.63 22.05
C ASN F 658 44.06 -21.30 21.10
N ARG F 659 44.53 -21.71 19.92
CA ARG F 659 43.73 -22.40 18.92
C ARG F 659 42.61 -21.54 18.35
N ASP F 660 42.02 -22.00 17.25
CA ASP F 660 40.95 -21.26 16.60
C ASP F 660 39.67 -21.30 17.43
N VAL F 661 38.90 -20.22 17.34
CA VAL F 661 37.70 -20.03 18.15
C VAL F 661 36.53 -19.82 17.18
N ASN F 662 36.55 -20.54 16.07
CA ASN F 662 35.68 -20.30 14.91
C ASN F 662 34.20 -20.21 15.23
N PHE F 663 33.76 -20.67 16.41
CA PHE F 663 32.35 -20.60 16.75
C PHE F 663 31.86 -19.16 16.76
N ARG F 664 30.63 -18.97 16.26
CA ARG F 664 30.03 -17.65 16.16
C ARG F 664 28.63 -17.67 16.75
N PHE F 665 28.22 -16.55 17.34
CA PHE F 665 26.93 -16.47 18.03
C PHE F 665 25.81 -16.25 17.02
N PRO F 666 24.80 -17.11 16.99
CA PRO F 666 23.64 -16.87 16.12
C PRO F 666 22.55 -16.07 16.79
N VAL F 667 21.88 -15.24 15.99
CA VAL F 667 20.82 -14.37 16.44
C VAL F 667 19.52 -14.80 15.78
N LEU F 668 18.47 -14.94 16.59
CA LEU F 668 17.16 -15.28 16.05
C LEU F 668 16.66 -14.16 15.14
N THR F 669 16.31 -14.53 13.91
CA THR F 669 15.78 -13.56 12.97
C THR F 669 14.36 -13.16 13.37
N ILE F 670 13.87 -12.06 12.79
CA ILE F 670 12.62 -11.48 13.26
C ILE F 670 11.47 -12.46 13.08
N SER F 671 11.56 -13.37 12.10
CA SER F 671 10.59 -14.45 12.04
C SER F 671 10.74 -15.37 13.25
N ASP F 672 11.96 -15.87 13.48
CA ASP F 672 12.22 -16.66 14.67
C ASP F 672 12.07 -15.82 15.93
N SER F 673 12.47 -14.55 15.88
CA SER F 673 12.33 -13.68 17.03
C SER F 673 10.87 -13.50 17.41
N LYS F 674 10.00 -13.32 16.43
CA LYS F 674 8.58 -13.17 16.72
C LYS F 674 7.96 -14.48 17.20
N LEU F 675 8.35 -15.62 16.61
CA LEU F 675 7.86 -16.90 17.09
C LEU F 675 8.25 -17.13 18.54
N ALA F 676 9.54 -17.01 18.84
CA ALA F 676 10.01 -17.20 20.20
C ALA F 676 9.43 -16.16 21.15
N GLY F 677 9.24 -14.93 20.68
CA GLY F 677 8.67 -13.91 21.53
C GLY F 677 7.21 -14.14 21.84
N THR F 678 6.44 -14.61 20.85
CA THR F 678 5.05 -14.93 21.11
C THR F 678 4.94 -16.06 22.11
N PHE F 679 5.78 -17.08 21.95
CA PHE F 679 5.80 -18.17 22.91
C PHE F 679 6.17 -17.66 24.30
N LEU F 680 7.25 -16.88 24.40
CA LEU F 680 7.70 -16.40 25.71
C LEU F 680 6.65 -15.52 26.36
N TYR F 681 6.07 -14.59 25.60
CA TYR F 681 5.08 -13.68 26.15
C TYR F 681 3.83 -14.43 26.59
N PHE F 682 3.28 -15.27 25.71
CA PHE F 682 2.01 -15.92 26.00
C PHE F 682 2.17 -16.92 27.14
N GLY F 683 3.27 -17.68 27.14
CA GLY F 683 3.55 -18.57 28.25
C GLY F 683 3.82 -17.82 29.54
N GLY F 684 4.55 -16.71 29.47
CA GLY F 684 4.84 -15.96 30.67
C GLY F 684 3.60 -15.42 31.32
N THR F 685 2.64 -14.95 30.52
CA THR F 685 1.41 -14.46 31.12
C THR F 685 0.51 -15.59 31.61
N PHE F 686 0.50 -16.75 30.94
CA PHE F 686 -0.44 -17.80 31.33
C PHE F 686 0.18 -18.89 32.20
N MET F 687 1.45 -18.75 32.59
CA MET F 687 1.99 -19.43 33.75
C MET F 687 1.62 -18.74 35.05
N LEU F 688 1.16 -17.49 34.98
CA LEU F 688 0.75 -16.73 36.15
C LEU F 688 -0.75 -16.51 36.23
N VAL F 689 -1.44 -16.51 35.09
CA VAL F 689 -2.89 -16.67 35.13
C VAL F 689 -3.24 -17.97 35.83
N PHE F 690 -2.44 -19.02 35.61
CA PHE F 690 -2.57 -20.25 36.38
C PHE F 690 -2.41 -19.99 37.86
N LEU F 691 -1.47 -19.14 38.24
CA LEU F 691 -1.27 -18.82 39.65
C LEU F 691 -2.49 -18.11 40.23
N PHE F 692 -3.07 -17.18 39.48
CA PHE F 692 -4.35 -16.62 39.92
C PHE F 692 -5.40 -17.70 40.09
N LEU F 693 -5.41 -18.68 39.19
CA LEU F 693 -6.45 -19.72 39.24
C LEU F 693 -6.16 -20.75 40.32
N ALA F 694 -4.90 -21.13 40.52
CA ALA F 694 -4.55 -22.24 41.39
C ALA F 694 -4.17 -21.83 42.81
N ASN F 695 -4.24 -20.54 43.14
CA ASN F 695 -3.90 -20.09 44.48
C ASN F 695 -5.09 -20.04 45.42
N GLY F 696 -6.29 -20.33 44.92
CA GLY F 696 -7.50 -20.24 45.71
C GLY F 696 -8.56 -19.43 45.02
N PHE F 697 -9.78 -19.50 45.57
CA PHE F 697 -10.90 -18.76 45.02
C PHE F 697 -11.05 -17.41 45.70
N TYR F 698 -11.25 -17.42 47.03
CA TYR F 698 -11.28 -16.21 47.85
C TYR F 698 -12.31 -15.21 47.33
N GLN F 699 -13.50 -15.71 47.03
CA GLN F 699 -14.61 -14.92 46.48
C GLN F 699 -15.83 -15.09 47.38
N THR F 700 -15.61 -14.81 48.67
CA THR F 700 -16.62 -15.05 49.70
C THR F 700 -17.95 -14.42 49.34
N ASN F 701 -19.00 -14.96 49.95
CA ASN F 701 -20.39 -14.56 49.69
C ASN F 701 -20.91 -13.65 50.78
N SER F 702 -20.05 -12.76 51.28
CA SER F 702 -20.41 -11.82 52.35
C SER F 702 -20.11 -10.40 51.89
N PRO F 703 -21.06 -9.69 51.30
CA PRO F 703 -20.79 -8.32 50.84
C PRO F 703 -20.52 -7.39 52.02
N LEU F 704 -19.30 -6.86 52.07
CA LEU F 704 -18.89 -6.03 53.20
C LEU F 704 -19.66 -4.72 53.21
N PRO F 705 -19.91 -4.15 54.39
CA PRO F 705 -20.77 -2.96 54.47
C PRO F 705 -20.05 -1.73 53.97
N PRO F 706 -20.78 -0.65 53.68
CA PRO F 706 -20.14 0.54 53.15
C PRO F 706 -19.17 1.14 54.16
N PRO F 707 -18.14 1.84 53.69
CA PRO F 707 -17.18 2.44 54.62
C PRO F 707 -17.80 3.44 55.58
N VAL F 708 -18.86 4.14 55.16
CA VAL F 708 -19.56 5.12 55.99
C VAL F 708 -18.60 6.19 56.50
N ARG G 47 30.96 17.97 -3.60
CA ARG G 47 30.36 16.82 -2.92
C ARG G 47 29.55 17.29 -1.72
N ARG G 48 29.66 18.59 -1.41
CA ARG G 48 28.93 19.14 -0.27
C ARG G 48 27.43 19.03 -0.45
N PHE G 49 26.96 19.04 -1.70
CA PHE G 49 25.54 18.83 -1.96
C PHE G 49 25.10 17.43 -1.55
N LEU G 50 25.93 16.43 -1.83
CA LEU G 50 25.57 15.04 -1.56
C LEU G 50 25.23 14.83 -0.10
N PHE G 51 26.00 15.44 0.80
CA PHE G 51 25.72 15.33 2.22
C PHE G 51 24.35 15.89 2.57
N GLN G 52 24.00 17.03 1.98
CA GLN G 52 22.66 17.58 2.17
C GLN G 52 21.61 16.75 1.45
N ARG G 53 21.96 16.20 0.29
CA ARG G 53 21.04 15.31 -0.41
C ARG G 53 20.70 14.08 0.44
N THR G 54 21.72 13.45 1.01
CA THR G 54 21.55 12.22 1.77
C THR G 54 21.35 12.48 3.25
N GLU G 55 20.39 13.33 3.60
CA GLU G 55 20.05 13.59 4.99
C GLU G 55 18.60 13.23 5.26
N THR G 56 18.38 12.60 6.41
CA THR G 56 17.03 12.34 6.88
C THR G 56 16.35 13.66 7.23
N ARG G 57 15.02 13.68 7.03
CA ARG G 57 14.22 14.86 7.35
C ARG G 57 14.47 15.29 8.79
N SER G 58 15.06 16.49 8.96
CA SER G 58 15.39 17.02 10.27
C SER G 58 14.46 18.16 10.69
N THR G 59 13.27 18.22 10.10
CA THR G 59 12.30 19.26 10.40
C THR G 59 11.15 18.73 11.24
N LYS G 60 11.40 17.67 12.01
CA LYS G 60 10.36 17.10 12.85
C LYS G 60 10.05 18.02 14.02
N TRP G 61 8.85 17.85 14.59
CA TRP G 61 8.36 18.79 15.59
C TRP G 61 9.23 18.77 16.84
N TYR G 62 9.87 17.64 17.14
CA TYR G 62 10.79 17.53 18.25
C TYR G 62 12.23 17.84 17.86
N GLN G 63 12.43 18.54 16.74
CA GLN G 63 13.74 18.98 16.30
C GLN G 63 13.76 20.45 15.93
N ILE G 64 12.71 21.19 16.27
CA ILE G 64 12.62 22.61 15.90
C ILE G 64 13.69 23.43 16.62
N PHE G 65 14.11 23.00 17.81
CA PHE G 65 15.13 23.68 18.57
C PHE G 65 16.46 22.94 18.54
N ASP G 66 16.75 22.27 17.43
CA ASP G 66 18.02 21.57 17.28
C ASP G 66 19.17 22.56 17.24
N THR G 67 20.32 22.13 17.75
CA THR G 67 21.48 23.00 17.79
C THR G 67 21.98 23.36 16.39
N GLU G 68 21.84 22.45 15.44
CA GLU G 68 22.32 22.70 14.08
C GLU G 68 21.55 23.83 13.39
N LYS G 69 20.40 24.23 13.90
CA LYS G 69 19.63 25.34 13.36
C LYS G 69 19.54 26.51 14.33
N LEU G 70 20.49 26.60 15.27
CA LEU G 70 20.60 27.71 16.21
C LEU G 70 22.04 28.20 16.22
N ASP G 71 22.22 29.47 16.53
CA ASP G 71 23.56 30.03 16.71
C ASP G 71 23.81 30.29 18.20
N ASP G 72 24.94 30.94 18.49
CA ASP G 72 25.31 31.19 19.89
C ASP G 72 24.26 32.04 20.59
N GLU G 73 23.79 33.11 19.94
CA GLU G 73 22.95 34.08 20.63
C GLU G 73 21.53 33.54 20.81
N GLN G 74 21.03 32.73 19.87
CA GLN G 74 19.76 32.06 20.10
C GLN G 74 19.85 31.05 21.24
N VAL G 75 21.00 30.38 21.38
CA VAL G 75 21.18 29.49 22.53
C VAL G 75 21.19 30.27 23.82
N VAL G 76 21.86 31.43 23.83
CA VAL G 76 21.84 32.29 25.02
C VAL G 76 20.42 32.70 25.35
N GLY G 77 19.67 33.14 24.34
CA GLY G 77 18.29 33.55 24.58
C GLY G 77 17.40 32.42 25.05
N GLY G 78 17.59 31.23 24.48
CA GLY G 78 16.81 30.09 24.91
C GLY G 78 17.09 29.72 26.35
N HIS G 79 18.37 29.66 26.73
CA HIS G 79 18.71 29.35 28.11
C HIS G 79 18.21 30.43 29.06
N LEU G 80 18.29 31.70 28.64
CA LEU G 80 17.82 32.79 29.50
C LEU G 80 16.31 32.73 29.71
N ALA G 81 15.56 32.48 28.64
CA ALA G 81 14.10 32.39 28.79
C ALA G 81 13.72 31.15 29.59
N LEU G 82 14.42 30.04 29.40
CA LEU G 82 14.15 28.85 30.19
C LEU G 82 14.46 29.08 31.66
N LEU G 83 15.54 29.81 31.96
CA LEU G 83 15.85 30.13 33.34
C LEU G 83 14.83 31.09 33.93
N GLY G 84 14.30 32.00 33.12
CA GLY G 84 13.22 32.85 33.60
C GLY G 84 11.97 32.08 33.93
N VAL G 85 11.59 31.14 33.05
CA VAL G 85 10.45 30.27 33.34
C VAL G 85 10.76 29.39 34.55
N LEU G 86 12.02 29.00 34.72
CA LEU G 86 12.40 28.21 35.89
C LEU G 86 12.26 29.02 37.18
N GLY G 87 12.64 30.29 37.14
CA GLY G 87 12.40 31.15 38.29
C GLY G 87 10.91 31.35 38.54
N PHE G 88 10.12 31.40 37.48
CA PHE G 88 8.67 31.44 37.63
C PHE G 88 8.16 30.17 38.32
N ILE G 89 8.71 29.01 37.94
CA ILE G 89 8.33 27.75 38.56
C ILE G 89 8.73 27.72 40.03
N MET G 90 9.92 28.23 40.35
CA MET G 90 10.32 28.31 41.75
C MET G 90 9.40 29.24 42.52
N GLY G 91 8.98 30.34 41.90
CA GLY G 91 8.04 31.23 42.55
C GLY G 91 6.69 30.57 42.82
N ILE G 92 6.18 29.81 41.86
CA ILE G 92 4.90 29.15 42.08
C ILE G 92 5.05 28.02 43.10
N TYR G 93 6.23 27.37 43.16
CA TYR G 93 6.49 26.41 44.22
C TYR G 93 6.47 27.08 45.59
N TYR G 94 7.12 28.24 45.70
CA TYR G 94 7.11 28.98 46.97
C TYR G 94 5.69 29.40 47.34
N ILE G 95 4.89 29.77 46.34
CA ILE G 95 3.47 30.07 46.58
C ILE G 95 2.76 28.84 47.11
N SER G 96 3.03 27.68 46.51
CA SER G 96 2.47 26.42 47.00
C SER G 96 3.01 26.05 48.37
N GLY G 97 4.07 26.69 48.83
CA GLY G 97 4.59 26.44 50.15
C GLY G 97 3.92 27.17 51.29
N ILE G 98 2.98 28.06 51.00
CA ILE G 98 2.28 28.80 52.04
C ILE G 98 1.34 27.87 52.78
N GLN G 99 1.28 28.04 54.10
CA GLN G 99 0.35 27.29 54.94
C GLN G 99 -0.59 28.16 55.75
N VAL G 100 -0.30 29.45 55.92
CA VAL G 100 -1.07 30.28 56.85
C VAL G 100 -1.48 31.59 56.17
N PHE G 101 -0.90 31.90 55.01
CA PHE G 101 -1.34 33.03 54.21
C PHE G 101 -1.35 34.33 55.00
N PRO G 102 -0.19 34.99 55.15
CA PRO G 102 0.01 36.01 56.20
C PRO G 102 -1.16 36.93 56.53
N TRP G 103 -2.04 37.22 55.58
CA TRP G 103 -3.26 37.95 55.95
C TRP G 103 -4.14 37.13 56.88
N GLY G 104 -3.93 35.82 56.97
CA GLY G 104 -4.65 34.96 57.87
C GLY G 104 -5.73 34.15 57.17
N ALA G 105 -5.40 32.90 56.86
CA ALA G 105 -6.28 31.96 56.16
C ALA G 105 -5.59 30.61 56.05
N PRO G 106 -6.33 29.51 55.94
CA PRO G 106 -5.68 28.23 55.65
C PRO G 106 -4.94 28.29 54.33
N GLY G 107 -3.76 27.67 54.30
CA GLY G 107 -2.86 27.76 53.18
C GLY G 107 -2.94 26.57 52.25
N PHE G 108 -1.83 26.31 51.55
CA PHE G 108 -1.76 25.20 50.62
C PHE G 108 -1.52 23.89 51.36
N HIS G 109 -2.20 22.84 50.92
CA HIS G 109 -1.85 21.50 51.35
C HIS G 109 -0.47 21.13 50.82
N ASP G 110 0.21 20.25 51.55
CA ASP G 110 1.55 19.86 51.16
C ASP G 110 1.54 19.16 49.80
N ASN G 111 2.52 19.49 48.97
CA ASN G 111 2.67 18.87 47.66
C ASN G 111 4.13 18.51 47.44
N TRP G 112 4.36 17.49 46.62
CA TRP G 112 5.72 16.98 46.45
C TRP G 112 6.62 18.02 45.81
N PHE G 113 6.08 18.87 44.95
CA PHE G 113 6.87 19.93 44.34
C PHE G 113 7.44 20.88 45.40
N TYR G 114 6.63 21.23 46.41
CA TYR G 114 7.15 22.06 47.47
C TYR G 114 7.81 21.26 48.60
N LEU G 115 7.31 20.07 48.90
CA LEU G 115 7.92 19.26 49.95
C LEU G 115 9.33 18.84 49.58
N THR G 116 9.64 18.78 48.28
CA THR G 116 11.01 18.52 47.87
C THR G 116 11.96 19.62 48.31
N ILE G 117 11.55 20.89 48.14
CA ILE G 117 12.42 22.01 48.45
C ILE G 117 12.24 22.53 49.88
N LYS G 118 11.25 22.03 50.61
CA LYS G 118 11.04 22.52 51.97
C LYS G 118 12.25 22.37 52.88
N PRO G 119 12.98 21.24 52.89
CA PRO G 119 14.21 21.21 53.70
C PRO G 119 15.21 22.30 53.33
N ARG G 120 15.37 22.59 52.04
CA ARG G 120 16.29 23.65 51.63
C ARG G 120 15.77 25.03 52.04
N MET G 121 14.47 25.26 51.87
CA MET G 121 13.91 26.56 52.21
C MET G 121 14.00 26.80 53.70
N VAL G 122 13.84 25.76 54.50
CA VAL G 122 14.08 25.86 55.95
C VAL G 122 15.55 26.08 56.23
N SER G 123 16.43 25.45 55.45
CA SER G 123 17.86 25.61 55.66
C SER G 123 18.29 27.06 55.49
N LEU G 124 17.71 27.74 54.51
CA LEU G 124 17.96 29.16 54.31
C LEU G 124 17.17 30.04 55.27
N GLY G 125 16.29 29.46 56.08
CA GLY G 125 15.48 30.23 57.00
C GLY G 125 14.23 30.83 56.41
N ILE G 126 13.98 30.64 55.12
CA ILE G 126 12.79 31.22 54.50
C ILE G 126 11.53 30.52 55.00
N ASP G 127 11.59 29.20 55.15
CA ASP G 127 10.52 28.44 55.78
C ASP G 127 11.00 27.92 57.14
N THR G 128 10.05 27.44 57.94
CA THR G 128 10.36 26.96 59.27
C THR G 128 9.59 25.67 59.55
N TYR G 129 10.18 24.83 60.39
CA TYR G 129 9.51 23.66 60.93
C TYR G 129 8.83 23.99 62.26
N SER G 130 8.04 25.06 62.27
CA SER G 130 7.41 25.56 63.47
C SER G 130 5.94 25.15 63.51
N THR G 131 5.49 24.71 64.68
CA THR G 131 4.13 24.23 64.88
C THR G 131 3.17 25.34 65.31
N LYS G 132 3.66 26.55 65.55
CA LYS G 132 2.81 27.66 65.96
C LYS G 132 2.44 28.52 64.76
N THR G 133 1.24 29.08 64.80
CA THR G 133 0.70 29.80 63.66
C THR G 133 1.44 31.12 63.43
N ALA G 134 1.89 31.77 64.49
CA ALA G 134 2.56 33.07 64.34
C ALA G 134 3.89 32.94 63.61
N ASP G 135 4.64 31.87 63.88
CA ASP G 135 5.89 31.66 63.16
C ASP G 135 5.63 31.33 61.70
N LEU G 136 4.61 30.53 61.42
CA LEU G 136 4.25 30.24 60.05
C LEU G 136 3.70 31.47 59.33
N GLU G 137 3.19 32.47 60.07
CA GLU G 137 2.90 33.76 59.47
C GLU G 137 4.13 34.34 58.79
N ALA G 138 5.24 34.40 59.55
CA ALA G 138 6.48 34.95 58.99
C ALA G 138 7.04 34.04 57.91
N ALA G 139 6.92 32.73 58.08
CA ALA G 139 7.41 31.81 57.06
C ALA G 139 6.67 32.00 55.74
N GLY G 140 5.34 32.12 55.81
CA GLY G 140 4.57 32.37 54.61
C GLY G 140 4.84 33.74 54.01
N ALA G 141 5.07 34.75 54.85
CA ALA G 141 5.42 36.06 54.34
C ALA G 141 6.75 36.01 53.60
N ARG G 142 7.74 35.31 54.15
CA ARG G 142 9.03 35.17 53.48
C ARG G 142 8.90 34.39 52.18
N LEU G 143 8.11 33.32 52.19
CA LEU G 143 7.90 32.54 50.97
C LEU G 143 7.21 33.38 49.90
N LEU G 144 6.19 34.16 50.29
CA LEU G 144 5.49 35.02 49.34
C LEU G 144 6.42 36.11 48.79
N GLY G 145 7.22 36.72 49.65
CA GLY G 145 8.15 37.74 49.17
C GLY G 145 9.18 37.18 48.22
N TRP G 146 9.72 36.01 48.55
CA TRP G 146 10.68 35.38 47.65
C TRP G 146 10.03 34.94 46.35
N ALA G 147 8.76 34.53 46.39
CA ALA G 147 8.05 34.18 45.16
C ALA G 147 7.83 35.42 44.29
N ALA G 148 7.48 36.54 44.89
CA ALA G 148 7.32 37.78 44.12
C ALA G 148 8.65 38.23 43.54
N PHE G 149 9.74 38.11 44.31
CA PHE G 149 11.06 38.42 43.80
C PHE G 149 11.42 37.51 42.64
N HIS G 150 11.08 36.22 42.76
CA HIS G 150 11.33 35.28 41.67
C HIS G 150 10.52 35.65 40.44
N PHE G 151 9.28 36.10 40.63
CA PHE G 151 8.48 36.54 39.49
C PHE G 151 9.13 37.74 38.81
N LEU G 152 9.62 38.71 39.59
CA LEU G 152 10.24 39.90 39.00
C LEU G 152 11.51 39.51 38.23
N VAL G 153 12.39 38.73 38.86
CA VAL G 153 13.64 38.36 38.22
C VAL G 153 13.39 37.46 37.03
N GLY G 154 12.39 36.58 37.11
CA GLY G 154 12.05 35.75 35.97
C GLY G 154 11.46 36.54 34.81
N SER G 155 10.68 37.57 35.12
CA SER G 155 10.20 38.45 34.06
C SER G 155 11.36 39.15 33.37
N VAL G 156 12.30 39.68 34.16
CA VAL G 156 13.48 40.32 33.58
C VAL G 156 14.28 39.33 32.75
N LEU G 157 14.41 38.10 33.24
CA LEU G 157 15.27 37.11 32.59
C LEU G 157 14.62 36.53 31.35
N ILE G 158 13.30 36.36 31.35
CA ILE G 158 12.57 35.97 30.15
C ILE G 158 12.62 37.09 29.11
N PHE G 159 12.52 38.34 29.58
CA PHE G 159 12.70 39.49 28.69
C PHE G 159 14.07 39.45 28.03
N GLY G 160 15.11 39.15 28.82
CA GLY G 160 16.45 39.04 28.24
C GLY G 160 16.59 37.86 27.30
N GLY G 161 15.93 36.74 27.61
CA GLY G 161 16.00 35.59 26.72
C GLY G 161 15.33 35.85 25.38
N TRP G 162 14.17 36.50 25.40
CA TRP G 162 13.52 36.93 24.18
C TRP G 162 14.40 37.92 23.42
N ARG G 163 15.02 38.85 24.15
CA ARG G 163 15.75 39.95 23.53
C ARG G 163 17.08 39.46 22.93
N HIS G 164 17.67 38.41 23.51
CA HIS G 164 18.78 37.72 22.84
C HIS G 164 18.30 36.84 21.70
N TRP G 165 17.12 36.23 21.84
CA TRP G 165 16.65 35.31 20.81
C TRP G 165 16.39 36.02 19.49
N THR G 166 16.18 37.32 19.52
CA THR G 166 15.88 38.10 18.33
C THR G 166 17.05 38.96 17.84
N HIS G 167 18.22 38.83 18.47
CA HIS G 167 19.45 39.48 18.01
C HIS G 167 19.31 41.00 17.93
N ASN G 168 18.61 41.58 18.89
CA ASN G 168 18.34 43.02 18.93
C ASN G 168 18.76 43.60 20.28
N LEU G 169 20.01 43.33 20.68
CA LEU G 169 20.50 43.79 21.98
C LEU G 169 20.75 45.29 21.96
N THR G 170 19.68 46.07 22.02
CA THR G 170 19.76 47.51 22.15
C THR G 170 19.10 47.94 23.45
N ASN G 171 19.83 48.74 24.24
CA ASN G 171 19.31 49.20 25.52
C ASN G 171 18.15 50.16 25.31
N PRO G 172 16.97 49.91 25.91
CA PRO G 172 15.80 50.75 25.59
C PRO G 172 15.86 52.14 26.19
N PHE G 173 16.72 52.40 27.17
CA PHE G 173 16.73 53.70 27.82
C PHE G 173 17.72 54.66 27.15
N THR G 174 19.00 54.31 27.12
CA THR G 174 19.99 55.16 26.49
C THR G 174 20.02 55.04 24.97
N GLY G 175 19.43 53.98 24.42
CA GLY G 175 19.32 53.80 22.99
C GLY G 175 20.52 53.20 22.28
N ARG G 176 21.59 52.85 22.99
CA ARG G 176 22.71 52.24 22.30
C ARG G 176 22.35 50.80 21.92
N CYS G 177 23.30 50.10 21.33
CA CYS G 177 23.14 48.68 21.01
C CYS G 177 24.18 47.87 21.77
N GLY G 178 24.19 46.56 21.51
CA GLY G 178 25.18 45.68 22.10
C GLY G 178 25.62 44.60 21.16
N ASN G 179 26.92 44.52 20.90
CA ASN G 179 27.46 43.55 19.95
C ASN G 179 27.79 42.25 20.66
N PHE G 180 27.11 41.18 20.27
CA PHE G 180 27.32 39.88 20.89
C PHE G 180 28.74 39.38 20.67
N ARG G 181 29.31 39.63 19.49
CA ARG G 181 30.64 39.12 19.18
C ARG G 181 31.75 39.93 19.83
N ASP G 182 31.46 41.15 20.28
CA ASP G 182 32.48 41.97 20.95
C ASP G 182 31.77 42.98 21.84
N PHE G 183 31.97 42.87 23.15
CA PHE G 183 31.28 43.74 24.09
C PHE G 183 32.09 43.82 25.37
N ARG G 184 31.80 44.86 26.15
CA ARG G 184 32.29 44.96 27.52
C ARG G 184 31.24 44.37 28.44
N PHE G 185 31.67 43.50 29.36
CA PHE G 185 30.74 42.72 30.16
C PHE G 185 29.79 43.61 30.95
N LEU G 186 30.33 44.39 31.89
CA LEU G 186 29.50 45.22 32.74
C LEU G 186 29.98 46.66 32.84
N GLY G 187 30.97 47.06 32.04
CA GLY G 187 31.51 48.40 32.11
C GLY G 187 32.96 48.41 32.54
N LYS G 188 33.24 48.99 33.71
CA LYS G 188 34.60 48.99 34.22
C LYS G 188 35.07 47.59 34.57
N PHE G 189 34.14 46.69 34.90
CA PHE G 189 34.53 45.30 35.13
C PHE G 189 35.13 44.68 33.87
N GLY G 190 34.47 44.90 32.72
CA GLY G 190 34.98 44.46 31.45
C GLY G 190 36.17 45.23 30.94
N ASP G 191 36.61 46.24 31.66
CA ASP G 191 37.88 46.91 31.38
C ASP G 191 39.01 46.41 32.27
N VAL G 192 38.73 46.16 33.54
CA VAL G 192 39.73 45.55 34.42
C VAL G 192 40.07 44.14 33.95
N VAL G 193 39.05 43.35 33.62
CA VAL G 193 39.25 42.02 33.09
C VAL G 193 38.61 41.94 31.71
N PHE G 194 39.18 41.12 30.84
CA PHE G 194 38.75 41.03 29.44
C PHE G 194 38.87 42.39 28.76
N ASN G 195 40.13 42.81 28.60
CA ASN G 195 40.44 44.22 28.45
C ASN G 195 39.89 44.77 27.14
N GLY G 196 38.63 45.20 27.19
CA GLY G 196 37.94 45.73 26.03
C GLY G 196 37.30 44.66 25.17
N THR G 197 37.98 43.52 25.03
CA THR G 197 37.58 42.48 24.10
C THR G 197 36.47 41.62 24.71
N SER G 198 36.15 40.52 24.04
CA SER G 198 35.18 39.53 24.50
C SER G 198 35.60 38.17 23.98
N ALA G 199 34.76 37.17 24.20
CA ALA G 199 35.07 35.81 23.78
C ALA G 199 34.71 35.61 22.31
N LYS G 200 35.68 35.16 21.53
CA LYS G 200 35.46 34.88 20.11
C LYS G 200 35.06 33.43 19.87
N SER G 201 35.39 32.53 20.78
CA SER G 201 35.08 31.12 20.65
C SER G 201 34.79 30.55 22.03
N TYR G 202 34.18 29.36 22.07
CA TYR G 202 33.83 28.74 23.35
C TYR G 202 35.07 28.41 24.17
N LYS G 203 36.14 27.96 23.53
CA LYS G 203 37.37 27.71 24.28
C LYS G 203 37.89 29.00 24.90
N GLU G 204 37.56 30.14 24.30
CA GLU G 204 37.81 31.44 24.90
C GLU G 204 36.62 31.93 25.71
N ALA G 205 35.52 31.17 25.75
CA ALA G 205 34.35 31.54 26.54
C ALA G 205 34.26 30.80 27.87
N LEU G 206 34.90 29.62 28.00
CA LEU G 206 35.11 29.00 29.31
C LEU G 206 35.51 30.03 30.36
N GLY G 207 36.50 30.88 30.05
CA GLY G 207 37.06 31.80 31.01
C GLY G 207 36.09 32.85 31.49
N PRO G 208 35.54 33.65 30.57
CA PRO G 208 34.46 34.57 30.96
C PRO G 208 33.28 33.87 31.60
N HIS G 209 32.94 32.67 31.13
CA HIS G 209 31.91 31.89 31.81
C HIS G 209 32.34 31.53 33.23
N ALA G 210 33.61 31.18 33.40
CA ALA G 210 34.10 30.82 34.73
C ALA G 210 34.02 32.00 35.69
N VAL G 211 34.39 33.19 35.22
CA VAL G 211 34.29 34.36 36.11
C VAL G 211 32.84 34.76 36.30
N TYR G 212 31.97 34.46 35.34
CA TYR G 212 30.55 34.67 35.53
C TYR G 212 30.01 33.77 36.64
N MET G 213 30.44 32.51 36.66
CA MET G 213 30.03 31.61 37.73
C MET G 213 30.66 31.99 39.06
N SER G 214 31.88 32.53 39.03
CA SER G 214 32.47 33.07 40.24
C SER G 214 31.66 34.26 40.76
N LEU G 215 31.19 35.11 39.86
CA LEU G 215 30.31 36.21 40.24
C LEU G 215 29.00 35.69 40.80
N LEU G 216 28.49 34.58 40.26
CA LEU G 216 27.29 33.97 40.79
C LEU G 216 27.50 33.47 42.22
N PHE G 217 28.62 32.78 42.45
CA PHE G 217 28.94 32.30 43.79
C PHE G 217 29.10 33.46 44.76
N LEU G 218 29.83 34.50 44.35
CA LEU G 218 30.04 35.66 45.20
C LEU G 218 28.73 36.38 45.50
N GLY G 219 27.89 36.58 44.48
CA GLY G 219 26.61 37.21 44.71
C GLY G 219 25.71 36.41 45.63
N TRP G 220 25.73 35.08 45.50
CA TRP G 220 25.03 34.23 46.45
C TRP G 220 25.59 34.40 47.85
N GLY G 221 26.91 34.59 47.95
CA GLY G 221 27.51 34.85 49.25
C GLY G 221 26.96 36.10 49.91
N ILE G 222 26.90 37.21 49.16
CA ILE G 222 26.32 38.42 49.73
C ILE G 222 24.83 38.24 49.99
N VAL G 223 24.12 37.53 49.12
CA VAL G 223 22.70 37.30 49.35
C VAL G 223 22.48 36.61 50.68
N MET G 224 23.20 35.52 50.92
CA MET G 224 23.08 34.83 52.21
C MET G 224 23.47 35.76 53.34
N TRP G 225 24.67 36.38 53.25
CA TRP G 225 25.19 37.17 54.36
C TRP G 225 24.26 38.29 54.75
N ALA G 226 23.68 38.99 53.78
CA ALA G 226 22.81 40.13 54.08
C ALA G 226 21.38 39.70 54.35
N ILE G 227 20.73 39.08 53.36
CA ILE G 227 19.30 38.80 53.47
C ILE G 227 19.04 37.70 54.50
N LEU G 228 19.84 36.64 54.48
CA LEU G 228 19.56 35.43 55.26
C LEU G 228 20.39 35.34 56.53
N GLY G 229 21.07 36.43 56.92
CA GLY G 229 21.99 36.32 58.03
C GLY G 229 23.17 35.46 57.61
N PHE G 230 23.47 34.43 58.40
CA PHE G 230 24.42 33.38 58.02
C PHE G 230 25.76 33.96 57.58
N ALA G 231 26.45 34.55 58.56
CA ALA G 231 27.80 35.05 58.31
C ALA G 231 28.71 33.90 57.91
N PRO G 232 29.69 34.14 57.03
CA PRO G 232 30.52 33.03 56.53
C PRO G 232 31.54 32.58 57.56
N ILE G 233 31.31 31.41 58.14
CA ILE G 233 32.19 30.83 59.15
C ILE G 233 32.62 29.45 58.67
N PRO G 234 33.91 29.10 58.80
CA PRO G 234 34.36 27.78 58.33
C PRO G 234 33.97 26.66 59.28
N ASP G 235 32.71 26.64 59.70
CA ASP G 235 32.16 25.58 60.55
C ASP G 235 31.30 24.69 59.64
N PHE G 236 31.86 23.57 59.21
CA PHE G 236 31.16 22.71 58.26
C PHE G 236 30.14 21.83 58.97
N GLN G 237 29.30 22.46 59.79
CA GLN G 237 28.16 21.81 60.42
C GLN G 237 26.90 22.65 60.35
N THR G 238 26.98 23.90 59.92
CA THR G 238 25.84 24.80 59.81
C THR G 238 25.80 25.39 58.40
N ILE G 239 24.78 26.20 58.16
CA ILE G 239 24.61 26.82 56.84
C ILE G 239 25.61 27.96 56.64
N ASN G 240 26.34 28.33 57.70
CA ASN G 240 27.41 29.33 57.56
C ASN G 240 28.51 28.80 56.65
N SER G 241 28.76 27.49 56.69
CA SER G 241 29.77 26.87 55.85
C SER G 241 29.45 27.05 54.37
N GLU G 242 28.15 27.07 54.03
CA GLU G 242 27.79 27.28 52.63
C GLU G 242 28.16 28.68 52.17
N THR G 243 27.96 29.69 53.02
CA THR G 243 28.39 31.04 52.67
C THR G 243 29.91 31.11 52.52
N PHE G 244 30.63 30.50 53.47
CA PHE G 244 32.09 30.53 53.42
C PHE G 244 32.61 29.85 52.16
N MET G 245 32.06 28.68 51.83
CA MET G 245 32.49 27.97 50.64
C MET G 245 32.00 28.65 49.38
N SER G 246 30.91 29.42 49.46
CA SER G 246 30.48 30.23 48.32
C SER G 246 31.53 31.30 48.01
N PHE G 247 32.04 31.96 49.04
CA PHE G 247 33.12 32.93 48.83
C PHE G 247 34.38 32.24 48.33
N VAL G 248 34.68 31.06 48.87
CA VAL G 248 35.87 30.32 48.44
C VAL G 248 35.75 29.93 46.97
N PHE G 249 34.58 29.46 46.56
CA PHE G 249 34.37 29.07 45.16
C PHE G 249 34.38 30.28 44.25
N ALA G 250 33.85 31.42 44.73
CA ALA G 250 33.95 32.66 43.97
C ALA G 250 35.38 33.07 43.72
N VAL G 251 36.25 32.93 44.73
CA VAL G 251 37.66 33.20 44.53
C VAL G 251 38.28 32.21 43.55
N ILE G 252 37.96 30.92 43.71
CA ILE G 252 38.62 29.87 42.93
C ILE G 252 38.25 29.98 41.46
N PHE G 253 36.96 30.10 41.15
CA PHE G 253 36.54 30.17 39.75
C PHE G 253 36.95 31.49 39.13
N PHE G 254 37.03 32.56 39.91
CA PHE G 254 37.58 33.81 39.38
C PHE G 254 39.03 33.62 38.96
N ALA G 255 39.85 33.06 39.86
CA ALA G 255 41.26 32.85 39.54
C ALA G 255 41.44 31.86 38.40
N LEU G 256 40.51 30.93 38.22
CA LEU G 256 40.60 29.98 37.12
C LEU G 256 40.11 30.58 35.81
N GLY G 257 39.11 31.45 35.86
CA GLY G 257 38.67 32.16 34.68
C GLY G 257 39.72 33.12 34.16
N ILE G 258 40.48 33.74 35.06
CA ILE G 258 41.59 34.57 34.62
C ILE G 258 42.59 33.73 33.84
N TYR G 259 42.92 32.55 34.35
CA TYR G 259 43.87 31.66 33.66
C TYR G 259 43.32 31.22 32.31
N TRP G 260 42.04 30.86 32.26
CA TRP G 260 41.45 30.39 31.01
C TRP G 260 41.22 31.51 30.00
N TRP G 261 41.11 32.76 30.45
CA TRP G 261 41.13 33.90 29.55
C TRP G 261 42.52 34.21 29.03
N ASN G 262 43.55 34.09 29.87
CA ASN G 262 44.92 34.30 29.44
C ASN G 262 45.53 33.10 28.75
N ASN G 263 45.13 31.88 29.13
CA ASN G 263 45.62 30.65 28.51
C ASN G 263 44.41 29.80 28.16
N PRO G 264 43.72 30.10 27.06
CA PRO G 264 42.55 29.31 26.66
C PRO G 264 42.93 27.86 26.43
N PRO G 265 42.08 26.92 26.83
CA PRO G 265 42.40 25.50 26.64
C PRO G 265 42.20 25.08 25.19
N ASN G 266 42.81 23.95 24.84
CA ASN G 266 42.77 23.42 23.48
C ASN G 266 42.04 22.08 23.49
N ALA G 267 40.77 22.11 23.08
CA ALA G 267 40.03 20.91 22.72
C ALA G 267 39.63 20.88 21.25
N ALA G 268 39.71 22.03 20.58
CA ALA G 268 39.67 22.13 19.11
C ALA G 268 38.31 21.80 18.52
N ILE G 269 37.96 20.51 18.48
CA ILE G 269 36.85 20.07 17.63
C ILE G 269 35.51 20.56 18.15
N HIS G 270 35.38 20.78 19.46
CA HIS G 270 34.14 21.29 20.02
C HIS G 270 33.90 22.75 19.67
N LEU G 271 34.72 23.33 18.79
CA LEU G 271 34.60 24.72 18.40
C LEU G 271 34.02 24.93 17.01
N ASN G 272 34.30 24.02 16.06
CA ASN G 272 33.86 24.22 14.68
C ASN G 272 32.40 23.85 14.52
N ASP G 273 32.06 22.59 14.77
CA ASP G 273 30.66 22.17 14.92
C ASP G 273 30.23 22.32 16.37
N ASP G 274 30.45 23.52 16.92
CA ASP G 274 30.29 23.76 18.35
C ASP G 274 28.86 23.59 18.81
N MET G 275 27.89 23.60 17.89
CA MET G 275 26.50 23.49 18.30
C MET G 275 26.19 22.13 18.93
N LYS G 276 26.80 21.06 18.43
CA LYS G 276 26.46 19.73 18.90
C LYS G 276 27.58 19.03 19.65
N ALA G 277 28.83 19.17 19.20
CA ALA G 277 29.92 18.45 19.86
C ALA G 277 30.14 18.97 21.29
N ALA G 278 30.32 20.29 21.42
CA ALA G 278 30.52 20.88 22.73
C ALA G 278 29.28 20.69 23.62
N PHE G 279 28.09 20.84 23.02
CA PHE G 279 26.87 20.65 23.79
C PHE G 279 26.76 19.23 24.32
N SER G 280 27.10 18.23 23.50
CA SER G 280 27.01 16.84 23.94
C SER G 280 28.04 16.52 25.01
N VAL G 281 29.27 17.00 24.84
CA VAL G 281 30.30 16.77 25.85
C VAL G 281 29.87 17.38 27.17
N HIS G 282 29.38 18.62 27.12
CA HIS G 282 28.94 19.26 28.35
C HIS G 282 27.68 18.61 28.92
N LEU G 283 26.83 18.06 28.06
CA LEU G 283 25.61 17.40 28.55
C LEU G 283 25.96 16.12 29.31
N THR G 284 26.89 15.32 28.78
CA THR G 284 27.27 14.12 29.51
C THR G 284 28.07 14.49 30.77
N ALA G 285 28.85 15.56 30.72
CA ALA G 285 29.53 16.02 31.94
C ALA G 285 28.52 16.43 33.00
N ILE G 286 27.49 17.18 32.61
CA ILE G 286 26.44 17.57 33.55
C ILE G 286 25.65 16.36 34.05
N GLY G 287 25.45 15.35 33.20
CA GLY G 287 24.81 14.14 33.66
C GLY G 287 25.60 13.45 34.76
N TYR G 288 26.91 13.32 34.56
CA TYR G 288 27.74 12.71 35.61
C TYR G 288 27.79 13.59 36.85
N ILE G 289 27.80 14.91 36.66
CA ILE G 289 27.75 15.82 37.81
C ILE G 289 26.44 15.66 38.56
N ASN G 290 25.34 15.42 37.85
CA ASN G 290 24.05 15.26 38.50
C ASN G 290 23.97 13.94 39.24
N ILE G 291 24.57 12.88 38.69
CA ILE G 291 24.66 11.62 39.42
C ILE G 291 25.48 11.82 40.70
N ALA G 292 26.62 12.52 40.58
CA ALA G 292 27.45 12.81 41.74
C ALA G 292 26.68 13.62 42.77
N LEU G 293 25.90 14.60 42.33
CA LEU G 293 25.14 15.43 43.26
C LEU G 293 24.03 14.64 43.93
N GLY G 294 23.40 13.71 43.21
CA GLY G 294 22.46 12.81 43.83
C GLY G 294 23.09 11.97 44.93
N CYS G 295 24.28 11.43 44.65
CA CYS G 295 24.99 10.67 45.68
C CYS G 295 25.37 11.56 46.87
N ILE G 296 25.84 12.77 46.59
CA ILE G 296 26.17 13.73 47.64
C ILE G 296 24.96 14.01 48.51
N ALA G 297 23.80 14.23 47.88
CA ALA G 297 22.57 14.48 48.62
C ALA G 297 22.19 13.28 49.47
N PHE G 298 22.31 12.08 48.91
CA PHE G 298 21.95 10.87 49.66
C PHE G 298 22.81 10.73 50.90
N VAL G 299 24.12 10.94 50.77
CA VAL G 299 24.99 10.81 51.94
C VAL G 299 24.76 11.95 52.92
N ALA G 300 24.58 13.17 52.43
CA ALA G 300 24.55 14.35 53.29
C ALA G 300 23.24 14.47 54.06
N PHE G 301 22.11 14.19 53.41
CA PHE G 301 20.82 14.44 54.04
C PHE G 301 20.57 13.52 55.24
N GLN G 302 21.32 12.44 55.38
CA GLN G 302 21.23 11.57 56.55
C GLN G 302 22.26 11.93 57.62
N GLN G 303 23.09 12.93 57.38
CA GLN G 303 24.10 13.32 58.36
C GLN G 303 23.46 14.10 59.51
N PRO G 304 24.07 14.07 60.69
CA PRO G 304 23.52 14.85 61.81
C PRO G 304 23.46 16.34 61.55
N SER G 305 24.33 16.86 60.69
CA SER G 305 24.30 18.29 60.38
C SER G 305 23.06 18.65 59.57
N PHE G 306 22.57 17.74 58.73
CA PHE G 306 21.35 17.94 57.97
C PHE G 306 20.10 17.51 58.73
N ALA G 307 20.25 17.02 59.96
CA ALA G 307 19.09 16.62 60.74
C ALA G 307 18.10 17.75 61.00
N PRO G 308 18.50 18.97 61.36
CA PRO G 308 17.49 20.01 61.60
C PRO G 308 16.65 20.36 60.40
N TYR G 309 17.09 19.99 59.19
CA TYR G 309 16.38 20.34 57.96
C TYR G 309 15.69 19.16 57.29
N TYR G 310 16.20 17.94 57.47
CA TYR G 310 15.58 16.75 56.91
C TYR G 310 14.97 15.85 57.97
N LYS G 311 15.73 15.51 59.01
CA LYS G 311 15.21 14.61 60.05
C LYS G 311 13.98 15.18 60.74
N GLU G 312 13.86 16.50 60.83
CA GLU G 312 12.68 17.09 61.45
C GLU G 312 11.43 16.98 60.58
N LEU G 313 11.57 16.53 59.33
CA LEU G 313 10.38 16.20 58.55
C LEU G 313 9.56 15.08 59.19
N ASP G 314 10.23 14.15 59.88
CA ASP G 314 9.53 13.08 60.57
C ASP G 314 8.72 13.57 61.75
N LYS G 315 8.98 14.78 62.24
CA LYS G 315 8.33 15.32 63.42
C LYS G 315 7.10 16.16 63.08
N LEU G 316 6.64 16.12 61.83
CA LEU G 316 5.49 16.88 61.39
C LEU G 316 4.49 15.97 60.71
N VAL G 317 3.23 16.40 60.71
CA VAL G 317 2.18 15.70 59.98
C VAL G 317 1.93 16.43 58.66
N PHE G 318 1.69 15.68 57.60
CA PHE G 318 1.65 16.21 56.25
C PHE G 318 0.28 15.97 55.63
N TYR G 319 -0.30 17.03 55.07
CA TYR G 319 -1.59 16.96 54.39
C TYR G 319 -1.30 17.01 52.89
N LEU G 320 -0.96 15.87 52.32
CA LEU G 320 -0.63 15.81 50.90
C LEU G 320 -1.90 15.84 50.07
N TYR G 321 -1.79 16.39 48.86
CA TYR G 321 -2.92 16.48 47.96
C TYR G 321 -3.29 15.09 47.42
N GLY G 322 -4.58 14.80 47.39
CA GLY G 322 -5.07 13.54 46.89
C GLY G 322 -5.00 12.38 47.86
N GLU G 323 -4.47 12.59 49.07
CA GLU G 323 -4.41 11.54 50.06
C GLU G 323 -5.80 11.27 50.64
N PRO G 324 -6.00 10.12 51.31
CA PRO G 324 -7.32 9.80 51.86
C PRO G 324 -7.90 10.94 52.68
N PHE G 325 -9.02 11.49 52.20
CA PHE G 325 -9.70 12.59 52.86
C PHE G 325 -10.67 12.02 53.90
N ASN G 326 -11.46 12.90 54.51
CA ASN G 326 -12.47 12.49 55.48
C ASN G 326 -13.64 11.88 54.71
N ARG G 327 -13.58 10.56 54.53
CA ARG G 327 -14.58 9.88 53.72
C ARG G 327 -15.97 10.02 54.36
N VAL G 328 -16.99 10.02 53.50
CA VAL G 328 -18.33 10.42 53.90
C VAL G 328 -19.33 9.35 53.47
N SER G 329 -20.41 9.21 54.25
CA SER G 329 -21.47 8.27 53.94
C SER G 329 -22.30 8.77 52.75
N PHE G 330 -23.29 7.97 52.37
CA PHE G 330 -24.08 8.26 51.17
C PHE G 330 -25.06 9.41 51.39
N ASN G 331 -25.75 9.40 52.53
CA ASN G 331 -26.87 10.30 52.77
C ASN G 331 -26.47 11.58 53.50
N PHE G 332 -25.27 12.08 53.24
CA PHE G 332 -24.79 13.29 53.91
C PHE G 332 -25.46 14.52 53.30
N VAL G 333 -25.82 15.48 54.15
CA VAL G 333 -26.51 16.68 53.71
C VAL G 333 -25.80 17.96 54.11
N GLU G 334 -24.63 17.87 54.74
CA GLU G 334 -23.85 19.02 55.23
C GLU G 334 -24.73 20.14 55.78
N GLN G 335 -25.34 20.95 54.91
CA GLN G 335 -26.22 22.06 55.29
C GLN G 335 -25.52 22.96 56.31
N GLY G 336 -26.22 23.39 57.36
CA GLY G 336 -25.63 24.26 58.36
C GLY G 336 -25.31 23.56 59.67
N GLY G 337 -26.03 22.48 59.96
CA GLY G 337 -25.81 21.69 61.15
C GLY G 337 -24.73 20.64 61.00
N LYS G 338 -24.03 20.62 59.87
CA LYS G 338 -22.91 19.72 59.61
C LYS G 338 -23.35 18.26 59.52
N VAL G 339 -23.83 17.69 60.61
CA VAL G 339 -23.96 16.24 60.74
C VAL G 339 -25.42 15.82 60.86
N ILE G 340 -26.31 16.53 60.16
CA ILE G 340 -27.74 16.26 60.25
C ILE G 340 -28.03 14.79 59.93
N SER G 341 -27.46 14.29 58.83
CA SER G 341 -27.66 12.91 58.43
C SER G 341 -26.37 12.35 57.84
N GLY G 342 -26.10 11.08 58.14
CA GLY G 342 -24.94 10.43 57.56
C GLY G 342 -23.62 10.96 58.08
N ALA G 343 -23.34 10.72 59.37
CA ALA G 343 -22.12 11.21 59.97
C ALA G 343 -20.90 10.73 59.21
N LYS G 344 -19.95 11.64 59.00
CA LYS G 344 -18.74 11.37 58.24
C LYS G 344 -17.80 10.47 59.03
N GLU G 345 -16.64 10.18 58.44
CA GLU G 345 -15.71 9.22 59.03
C GLU G 345 -15.17 9.70 60.37
N PHE G 346 -14.87 11.00 60.48
CA PHE G 346 -14.32 11.58 61.70
C PHE G 346 -15.22 12.72 62.16
N ALA G 347 -15.38 12.84 63.49
CA ALA G 347 -16.22 13.91 64.03
C ALA G 347 -15.63 15.29 63.69
N ASP G 348 -14.32 15.44 63.86
CA ASP G 348 -13.63 16.64 63.41
C ASP G 348 -13.32 16.51 61.92
N PHE G 349 -12.44 17.38 61.41
CA PHE G 349 -12.05 17.38 60.00
C PHE G 349 -13.29 17.48 59.12
N PRO G 350 -13.94 18.64 59.09
CA PRO G 350 -15.28 18.73 58.48
C PRO G 350 -15.29 18.35 57.00
N ALA G 351 -16.40 17.74 56.60
CA ALA G 351 -16.68 17.37 55.21
C ALA G 351 -15.63 16.41 54.65
N TYR G 352 -14.84 16.88 53.69
CA TYR G 352 -13.90 16.04 52.96
C TYR G 352 -12.47 16.53 53.15
N ALA G 353 -12.15 16.97 54.37
CA ALA G 353 -10.82 17.46 54.66
C ALA G 353 -9.79 16.34 54.52
N ILE G 354 -8.61 16.69 54.03
CA ILE G 354 -7.54 15.73 53.85
C ILE G 354 -7.01 15.30 55.22
N LEU G 355 -7.01 14.00 55.47
CA LEU G 355 -6.60 13.49 56.77
C LEU G 355 -5.09 13.64 56.96
N PRO G 356 -4.65 13.86 58.20
CA PRO G 356 -3.20 14.02 58.44
C PRO G 356 -2.44 12.74 58.20
N LYS G 357 -1.17 12.88 57.86
CA LYS G 357 -0.26 11.76 57.67
C LYS G 357 0.96 11.98 58.54
N SER G 358 1.25 11.01 59.42
CA SER G 358 2.40 11.13 60.30
C SER G 358 3.70 11.10 59.49
N GLY G 359 4.71 11.79 60.01
CA GLY G 359 6.01 11.82 59.38
C GLY G 359 6.93 10.73 59.91
N GLU G 360 6.49 10.02 60.94
CA GLU G 360 7.29 8.96 61.55
C GLU G 360 7.09 7.62 60.86
N ALA G 361 5.85 7.12 60.83
CA ALA G 361 5.58 5.89 60.08
C ALA G 361 5.83 6.09 58.60
N PHE G 362 5.30 7.18 58.04
CA PHE G 362 5.63 7.62 56.70
C PHE G 362 6.91 8.44 56.82
N GLY G 363 8.06 7.80 56.62
CA GLY G 363 9.34 8.45 56.86
C GLY G 363 9.65 9.49 55.80
N MET G 364 8.90 10.60 55.82
CA MET G 364 9.01 11.57 54.74
C MET G 364 10.36 12.29 54.75
N ALA G 365 11.13 12.21 55.82
CA ALA G 365 12.53 12.63 55.73
C ALA G 365 13.25 11.79 54.69
N ARG G 366 13.19 10.47 54.83
CA ARG G 366 13.80 9.59 53.85
C ARG G 366 13.05 9.62 52.53
N VAL G 367 11.74 9.87 52.55
CA VAL G 367 10.99 9.95 51.30
C VAL G 367 11.46 11.14 50.48
N VAL G 368 11.62 12.29 51.11
CA VAL G 368 12.08 13.48 50.41
C VAL G 368 13.53 13.32 49.99
N THR G 369 14.37 12.74 50.84
CA THR G 369 15.75 12.46 50.46
C THR G 369 15.79 11.57 49.22
N ASN G 370 14.99 10.50 49.22
CA ASN G 370 14.96 9.58 48.09
C ASN G 370 14.44 10.28 46.85
N LEU G 371 13.41 11.11 46.99
CA LEU G 371 12.88 11.84 45.83
C LEU G 371 13.96 12.71 45.20
N ILE G 372 14.63 13.54 46.00
CA ILE G 372 15.65 14.42 45.45
C ILE G 372 16.80 13.62 44.85
N VAL G 373 17.28 12.63 45.59
CA VAL G 373 18.46 11.88 45.16
C VAL G 373 18.16 11.12 43.88
N PHE G 374 17.03 10.41 43.83
CA PHE G 374 16.71 9.62 42.66
C PHE G 374 16.36 10.51 41.47
N ASN G 375 15.71 11.65 41.72
CA ASN G 375 15.45 12.59 40.62
C ASN G 375 16.76 13.04 39.99
N HIS G 376 17.72 13.46 40.82
CA HIS G 376 18.99 13.90 40.27
C HIS G 376 19.75 12.74 39.62
N ILE G 377 19.63 11.52 40.16
CA ILE G 377 20.35 10.39 39.58
C ILE G 377 19.76 10.00 38.23
N ILE G 378 18.42 9.93 38.14
CA ILE G 378 17.80 9.60 36.85
C ILE G 378 18.06 10.70 35.84
N CYS G 379 18.01 11.96 36.27
CA CYS G 379 18.33 13.05 35.36
C CYS G 379 19.77 12.97 34.90
N GLY G 380 20.69 12.61 35.79
CA GLY G 380 22.07 12.48 35.39
C GLY G 380 22.31 11.34 34.42
N VAL G 381 21.69 10.18 34.68
CA VAL G 381 21.83 9.05 33.77
C VAL G 381 21.22 9.39 32.41
N LEU G 382 20.06 10.04 32.40
CA LEU G 382 19.43 10.44 31.15
C LEU G 382 20.29 11.46 30.41
N TYR G 383 20.90 12.39 31.13
CA TYR G 383 21.75 13.39 30.48
C TYR G 383 23.02 12.77 29.95
N VAL G 384 23.56 11.76 30.63
CA VAL G 384 24.72 11.04 30.11
C VAL G 384 24.35 10.31 28.82
N PHE G 385 23.21 9.61 28.83
CA PHE G 385 22.76 8.92 27.63
C PHE G 385 22.53 9.90 26.49
N ALA G 386 21.88 11.03 26.79
CA ALA G 386 21.58 12.01 25.75
C ALA G 386 22.84 12.69 25.25
N GLY G 387 23.82 12.93 26.12
CA GLY G 387 25.08 13.50 25.67
C GLY G 387 25.82 12.55 24.76
N VAL G 388 25.85 11.26 25.10
CA VAL G 388 26.46 10.28 24.21
C VAL G 388 25.69 10.21 22.89
N TYR G 389 24.37 10.32 22.94
CA TYR G 389 23.56 10.25 21.73
C TYR G 389 23.80 11.44 20.81
N HIS G 390 23.77 12.65 21.37
CA HIS G 390 24.02 13.84 20.56
C HIS G 390 25.46 13.89 20.08
N GLY G 391 26.40 13.38 20.89
CA GLY G 391 27.77 13.27 20.43
C GLY G 391 27.91 12.29 19.29
N GLY G 392 27.18 11.18 19.33
CA GLY G 392 27.13 10.28 18.21
C GLY G 392 26.48 10.89 16.99
N GLN G 393 25.50 11.76 17.19
CA GLN G 393 24.93 12.53 16.09
C GLN G 393 26.00 13.36 15.40
N TYR G 394 26.75 14.13 16.19
CA TYR G 394 27.86 14.91 15.64
C TYR G 394 28.91 14.01 15.00
N LEU G 395 29.14 12.83 15.61
CA LEU G 395 30.17 11.93 15.11
C LEU G 395 29.79 11.35 13.76
N LEU G 396 28.52 10.96 13.59
CA LEU G 396 28.06 10.52 12.28
C LEU G 396 28.09 11.68 11.28
N LYS G 397 27.77 12.88 11.73
CA LYS G 397 27.85 14.04 10.85
C LYS G 397 29.27 14.24 10.32
N ILE G 398 30.27 14.08 11.18
CA ILE G 398 31.65 14.28 10.74
C ILE G 398 32.25 13.04 10.08
N GLN G 399 31.67 11.86 10.29
CA GLN G 399 32.08 10.67 9.56
C GLN G 399 31.53 10.67 8.15
N LEU G 400 30.34 11.24 7.95
CA LEU G 400 29.75 11.31 6.62
C LEU G 400 30.55 12.27 5.73
N ASN G 401 30.86 13.46 6.23
CA ASN G 401 31.54 14.46 5.44
C ASN G 401 33.05 14.25 5.33
N GLY G 402 33.59 13.24 6.01
CA GLY G 402 34.95 12.81 5.79
C GLY G 402 36.01 13.42 6.70
N MET G 403 35.64 14.40 7.54
CA MET G 403 36.62 15.01 8.43
C MET G 403 36.75 14.26 9.76
N TYR G 404 36.29 13.01 9.81
CA TYR G 404 36.54 12.19 10.99
C TYR G 404 38.03 11.95 11.19
N ASN G 405 38.76 11.66 10.11
CA ASN G 405 40.19 11.43 10.18
C ASN G 405 41.01 12.72 10.16
N GLN G 406 40.35 13.86 9.96
CA GLN G 406 41.01 15.16 10.05
C GLN G 406 41.13 15.66 11.48
N ILE G 407 40.60 14.91 12.44
CA ILE G 407 40.60 15.29 13.85
C ILE G 407 41.91 14.86 14.48
N LYS G 408 42.45 15.72 15.36
CA LYS G 408 43.72 15.44 16.02
C LYS G 408 43.58 15.15 17.51
N SER G 409 42.45 15.50 18.13
CA SER G 409 42.27 15.28 19.55
C SER G 409 42.23 13.78 19.86
N ILE G 410 42.81 13.41 21.00
CA ILE G 410 42.84 12.00 21.40
C ILE G 410 41.42 11.48 21.61
N TRP G 411 40.49 12.35 22.00
CA TRP G 411 39.09 11.97 22.20
C TRP G 411 38.44 11.45 20.93
N ILE G 412 39.13 11.53 19.79
CA ILE G 412 38.66 10.95 18.54
C ILE G 412 39.65 9.94 17.97
N THR G 413 40.94 10.28 17.96
CA THR G 413 41.94 9.40 17.39
C THR G 413 42.09 8.11 18.20
N LYS G 414 41.85 8.16 19.51
CA LYS G 414 42.01 6.96 20.33
C LYS G 414 41.00 5.90 19.92
N GLY G 415 39.76 6.29 19.67
CA GLY G 415 38.72 5.38 19.23
C GLY G 415 38.55 5.27 17.74
N ARG G 416 39.45 5.83 16.94
CA ARG G 416 39.37 5.76 15.49
C ARG G 416 40.32 4.68 14.95
N ASP G 417 40.04 3.43 15.29
CA ASP G 417 40.89 2.34 14.84
C ASP G 417 40.09 1.19 14.22
N GLN G 418 38.85 1.01 14.68
CA GLN G 418 37.95 -0.05 14.23
C GLN G 418 38.41 -1.40 14.74
N GLU G 419 39.59 -1.44 15.37
CA GLU G 419 40.07 -2.60 16.12
C GLU G 419 40.23 -2.29 17.59
N VAL G 420 40.65 -1.07 17.94
CA VAL G 420 40.59 -0.62 19.31
C VAL G 420 39.14 -0.48 19.76
N GLN G 421 38.27 -0.04 18.84
CA GLN G 421 36.84 0.01 19.14
C GLN G 421 36.31 -1.38 19.49
N VAL G 422 36.71 -2.37 18.69
CA VAL G 422 36.26 -3.74 18.94
C VAL G 422 36.77 -4.22 20.28
N LYS G 423 38.03 -3.93 20.60
CA LYS G 423 38.59 -4.39 21.88
C LYS G 423 37.90 -3.73 23.06
N ILE G 424 37.63 -2.41 22.97
CA ILE G 424 36.97 -1.72 24.06
C ILE G 424 35.55 -2.25 24.26
N LEU G 425 34.80 -2.40 23.16
CA LEU G 425 33.44 -2.90 23.28
C LEU G 425 33.42 -4.34 23.77
N GLY G 426 34.40 -5.14 23.33
CA GLY G 426 34.46 -6.53 23.75
C GLY G 426 34.79 -6.66 25.23
N THR G 427 35.73 -5.86 25.73
CA THR G 427 36.04 -5.92 27.15
C THR G 427 34.89 -5.36 27.99
N VAL G 428 34.18 -4.35 27.47
CA VAL G 428 32.99 -3.86 28.17
C VAL G 428 31.93 -4.95 28.26
N MET G 429 31.68 -5.65 27.15
CA MET G 429 30.71 -6.74 27.16
C MET G 429 31.16 -7.89 28.05
N ALA G 430 32.47 -8.20 28.05
CA ALA G 430 32.97 -9.29 28.88
C ALA G 430 32.82 -8.96 30.36
N LEU G 431 33.20 -7.75 30.77
CA LEU G 431 33.03 -7.34 32.16
C LEU G 431 31.55 -7.30 32.54
N CYS G 432 30.70 -6.79 31.65
CA CYS G 432 29.28 -6.77 31.91
C CYS G 432 28.73 -8.18 32.09
N PHE G 433 29.10 -9.10 31.21
CA PHE G 433 28.63 -10.47 31.29
C PHE G 433 29.09 -11.13 32.58
N ALA G 434 30.38 -10.97 32.93
CA ALA G 434 30.89 -11.58 34.14
C ALA G 434 30.18 -11.04 35.37
N THR G 435 30.14 -9.71 35.51
CA THR G 435 29.55 -9.10 36.71
C THR G 435 28.07 -9.43 36.82
N MET G 436 27.32 -9.30 35.72
CA MET G 436 25.89 -9.54 35.78
C MET G 436 25.57 -11.01 35.99
N LEU G 437 26.32 -11.91 35.35
CA LEU G 437 26.13 -13.33 35.60
C LEU G 437 26.36 -13.66 37.07
N SER G 438 27.46 -13.15 37.64
CA SER G 438 27.76 -13.41 39.04
C SER G 438 26.64 -12.89 39.94
N VAL G 439 26.27 -11.62 39.78
CA VAL G 439 25.32 -11.01 40.70
C VAL G 439 23.92 -11.59 40.52
N TYR G 440 23.51 -11.86 39.28
CA TYR G 440 22.18 -12.43 39.06
C TYR G 440 22.11 -13.86 39.57
N ALA G 441 23.16 -14.65 39.37
CA ALA G 441 23.16 -15.99 39.93
C ALA G 441 23.18 -15.96 41.45
N VAL G 442 23.85 -14.96 42.04
CA VAL G 442 23.82 -14.81 43.49
C VAL G 442 22.40 -14.51 43.96
N ILE G 443 21.71 -13.59 43.28
CA ILE G 443 20.35 -13.25 43.67
C ILE G 443 19.43 -14.46 43.54
N VAL G 444 19.55 -15.18 42.41
CA VAL G 444 18.68 -16.32 42.17
C VAL G 444 18.97 -17.44 43.18
N TRP G 445 20.23 -17.66 43.51
CA TRP G 445 20.57 -18.66 44.52
C TRP G 445 20.06 -18.26 45.89
N ASN G 446 20.14 -16.98 46.23
CA ASN G 446 19.58 -16.51 47.50
C ASN G 446 18.08 -16.77 47.56
N THR G 447 17.37 -16.47 46.47
CA THR G 447 15.93 -16.69 46.45
C THR G 447 15.59 -18.18 46.49
N ILE G 448 16.40 -19.01 45.82
CA ILE G 448 16.19 -20.46 45.85
C ILE G 448 16.37 -20.98 47.26
N CYS G 449 17.42 -20.54 47.95
CA CYS G 449 17.65 -20.97 49.31
C CYS G 449 16.56 -20.47 50.24
N GLU G 450 16.01 -19.28 49.96
CA GLU G 450 14.85 -18.80 50.70
C GLU G 450 13.68 -19.75 50.53
N LEU G 451 13.20 -19.89 49.29
CA LEU G 451 12.03 -20.70 48.98
C LEU G 451 12.27 -22.20 49.16
N ASN G 452 13.49 -22.59 49.53
CA ASN G 452 13.84 -24.00 49.75
C ASN G 452 13.60 -24.85 48.53
N ILE G 453 13.81 -24.29 47.34
CA ILE G 453 13.71 -25.05 46.10
C ILE G 453 14.87 -26.03 46.03
N PHE G 454 14.58 -27.24 45.55
CA PHE G 454 15.56 -28.34 45.50
C PHE G 454 16.05 -28.70 46.90
N GLY G 455 15.20 -28.52 47.91
CA GLY G 455 15.59 -28.84 49.27
C GLY G 455 16.70 -27.99 49.83
N THR G 456 17.00 -26.87 49.20
CA THR G 456 18.05 -25.99 49.69
C THR G 456 17.62 -25.28 50.97
N ASN G 457 18.61 -24.81 51.72
CA ASN G 457 18.38 -24.10 52.97
C ASN G 457 18.99 -22.72 52.89
N ILE G 458 18.47 -21.80 53.71
CA ILE G 458 18.99 -20.44 53.73
C ILE G 458 20.43 -20.40 54.22
N THR G 459 20.88 -21.44 54.92
CA THR G 459 22.30 -21.54 55.28
C THR G 459 23.19 -21.80 54.07
N MET G 460 22.61 -22.20 52.94
CA MET G 460 23.35 -22.38 51.70
C MET G 460 23.39 -21.13 50.85
N SER G 461 22.70 -20.06 51.26
CA SER G 461 22.61 -18.85 50.46
C SER G 461 23.87 -18.02 50.64
N PHE G 462 23.91 -16.87 49.96
CA PHE G 462 25.04 -15.96 50.07
C PHE G 462 24.81 -14.92 51.16
N TYR G 463 24.45 -15.38 52.36
CA TYR G 463 24.29 -14.46 53.47
C TYR G 463 25.62 -13.98 54.02
N TRP G 464 26.70 -14.67 53.69
CA TRP G 464 28.05 -14.33 54.15
C TRP G 464 28.79 -13.40 53.21
N LEU G 465 28.25 -13.15 52.01
CA LEU G 465 28.97 -12.37 51.00
C LEU G 465 28.70 -10.87 51.22
N LYS G 466 29.24 -10.37 52.32
CA LYS G 466 29.23 -8.95 52.61
C LYS G 466 30.39 -8.27 51.89
N PRO G 467 30.33 -6.95 51.74
CA PRO G 467 31.50 -6.22 51.23
C PRO G 467 32.69 -6.39 52.15
N LEU G 468 33.88 -6.33 51.57
CA LEU G 468 35.10 -6.45 52.36
C LEU G 468 35.16 -5.30 53.37
N PRO G 469 35.85 -5.51 54.51
CA PRO G 469 35.86 -4.46 55.55
C PRO G 469 36.39 -3.12 55.05
N ILE G 470 37.30 -3.13 54.07
CA ILE G 470 37.80 -1.88 53.52
C ILE G 470 36.73 -1.16 52.70
N PHE G 471 35.63 -1.84 52.37
CA PHE G 471 34.50 -1.21 51.69
C PHE G 471 33.29 -1.03 52.59
N GLN G 472 33.31 -1.56 53.81
CA GLN G 472 32.14 -1.50 54.67
C GLN G 472 31.88 -0.11 55.23
N TRP G 473 32.84 0.81 55.13
CA TRP G 473 32.57 2.19 55.50
C TRP G 473 31.58 2.86 54.56
N MET G 474 31.50 2.39 53.32
CA MET G 474 30.56 2.91 52.35
C MET G 474 29.10 2.64 52.71
N PHE G 475 28.85 1.69 53.60
CA PHE G 475 27.51 1.23 53.90
C PHE G 475 27.24 1.29 55.39
N ALA G 476 25.97 1.46 55.76
CA ALA G 476 25.55 1.20 57.13
C ALA G 476 24.94 -0.20 57.18
N ASP G 477 25.40 -1.00 58.14
CA ASP G 477 25.08 -2.42 58.24
C ASP G 477 25.38 -3.12 56.92
N PRO G 478 26.65 -3.31 56.59
CA PRO G 478 26.99 -4.03 55.35
C PRO G 478 26.48 -5.46 55.38
N SER G 479 26.01 -5.91 54.22
CA SER G 479 25.44 -7.24 54.09
C SER G 479 25.50 -7.66 52.64
N ILE G 480 24.85 -8.79 52.32
CA ILE G 480 24.73 -9.21 50.93
C ILE G 480 23.92 -8.22 50.12
N ASN G 481 23.03 -7.47 50.78
CA ASN G 481 22.27 -6.46 50.06
C ASN G 481 23.18 -5.41 49.46
N ASP G 482 24.18 -4.95 50.21
CA ASP G 482 25.05 -3.90 49.72
C ASP G 482 26.02 -4.41 48.66
N TRP G 483 26.54 -5.63 48.86
CA TRP G 483 27.39 -6.25 47.85
C TRP G 483 26.63 -6.45 46.53
N VAL G 484 25.42 -6.99 46.62
CA VAL G 484 24.58 -7.18 45.45
C VAL G 484 24.26 -5.84 44.81
N MET G 485 24.05 -4.80 45.62
CA MET G 485 23.79 -3.47 45.07
C MET G 485 24.98 -2.94 44.28
N ALA G 486 26.18 -3.05 44.85
CA ALA G 486 27.36 -2.57 44.14
C ALA G 486 27.56 -3.34 42.83
N HIS G 487 27.40 -4.66 42.87
CA HIS G 487 27.61 -5.44 41.67
C HIS G 487 26.50 -5.23 40.65
N VAL G 488 25.28 -4.95 41.11
CA VAL G 488 24.18 -4.65 40.19
C VAL G 488 24.39 -3.29 39.53
N ILE G 489 24.89 -2.31 40.29
CA ILE G 489 25.24 -1.03 39.69
C ILE G 489 26.32 -1.20 38.65
N THR G 490 27.36 -1.98 38.96
CA THR G 490 28.40 -2.24 37.97
C THR G 490 27.83 -2.92 36.74
N ALA G 491 26.98 -3.94 36.94
CA ALA G 491 26.42 -4.68 35.82
C ALA G 491 25.55 -3.79 34.94
N GLY G 492 24.66 -3.01 35.55
CA GLY G 492 23.79 -2.14 34.78
C GLY G 492 24.55 -1.02 34.09
N SER G 493 25.54 -0.44 34.77
CA SER G 493 26.34 0.61 34.16
C SER G 493 27.10 0.08 32.96
N LEU G 494 27.73 -1.09 33.08
CA LEU G 494 28.41 -1.68 31.94
C LEU G 494 27.43 -2.11 30.85
N PHE G 495 26.24 -2.54 31.24
CA PHE G 495 25.27 -3.07 30.28
C PHE G 495 24.73 -1.95 29.42
N SER G 496 24.40 -0.79 30.02
CA SER G 496 24.07 0.39 29.22
C SER G 496 25.29 1.00 28.55
N LEU G 497 26.49 0.81 29.13
CA LEU G 497 27.71 1.27 28.51
C LEU G 497 27.98 0.53 27.22
N ILE G 498 27.47 -0.69 27.09
CA ILE G 498 27.58 -1.40 25.81
C ILE G 498 26.92 -0.58 24.70
N ALA G 499 25.68 -0.15 24.93
CA ALA G 499 24.98 0.66 23.95
C ALA G 499 25.63 2.03 23.78
N LEU G 500 26.11 2.62 24.88
CA LEU G 500 26.78 3.91 24.79
C LEU G 500 28.05 3.82 23.94
N VAL G 501 28.82 2.75 24.11
CA VAL G 501 30.03 2.55 23.33
C VAL G 501 29.69 2.27 21.88
N ARG G 502 28.61 1.53 21.63
CA ARG G 502 28.19 1.33 20.24
C ARG G 502 27.78 2.64 19.60
N ILE G 503 27.15 3.52 20.36
CA ILE G 503 26.87 4.87 19.85
C ILE G 503 28.16 5.60 19.55
N ALA G 504 29.11 5.55 20.48
CA ALA G 504 30.35 6.32 20.38
C ALA G 504 31.29 5.80 19.29
N PHE G 505 31.13 4.55 18.87
CA PHE G 505 32.00 3.96 17.86
C PHE G 505 31.26 3.60 16.58
N PHE G 506 30.16 2.87 16.68
CA PHE G 506 29.42 2.42 15.50
C PHE G 506 28.29 3.37 15.18
N ALA G 507 28.66 4.64 14.98
CA ALA G 507 27.72 5.66 14.55
C ALA G 507 27.52 5.65 13.04
N HIS G 508 28.59 5.38 12.30
CA HIS G 508 28.55 5.28 10.84
C HIS G 508 28.78 3.87 10.33
N THR G 509 29.70 3.13 10.92
CA THR G 509 29.97 1.77 10.49
C THR G 509 30.50 0.96 11.67
N SER G 510 30.35 -0.34 11.54
CA SER G 510 30.82 -1.33 12.52
C SER G 510 31.55 -2.43 11.77
N PRO G 511 32.38 -3.22 12.46
CA PRO G 511 33.08 -4.31 11.76
C PRO G 511 32.15 -5.28 11.08
N LEU G 512 30.96 -5.52 11.62
CA LEU G 512 29.97 -6.33 10.90
C LEU G 512 29.53 -5.63 9.63
N TRP G 513 29.18 -4.34 9.74
CA TRP G 513 28.69 -3.61 8.57
C TRP G 513 29.81 -3.21 7.63
N ASP G 514 31.06 -3.23 8.08
CA ASP G 514 32.18 -3.13 7.15
C ASP G 514 32.26 -4.36 6.27
N ASP G 515 32.07 -5.55 6.85
CA ASP G 515 32.17 -6.77 6.08
C ASP G 515 30.96 -6.96 5.18
N LEU G 516 29.81 -6.44 5.59
CA LEU G 516 28.69 -6.29 4.67
C LEU G 516 28.90 -5.03 3.82
N GLY G 517 28.09 -4.88 2.79
CA GLY G 517 28.14 -3.70 1.98
C GLY G 517 27.20 -2.62 2.47
N LEU G 518 27.31 -2.27 3.75
CA LEU G 518 26.34 -1.40 4.40
C LEU G 518 27.03 -0.29 5.16
N LYS G 519 26.36 0.86 5.25
CA LYS G 519 26.83 1.99 6.04
C LYS G 519 25.63 2.67 6.70
N LYS G 520 25.89 3.30 7.84
CA LYS G 520 24.89 4.06 8.57
C LYS G 520 25.02 5.53 8.22
N ASN G 521 23.90 6.18 7.87
CA ASN G 521 23.97 7.56 7.42
C ASN G 521 22.78 8.40 7.89
N SER G 522 22.08 7.98 8.94
CA SER G 522 20.87 8.69 9.37
C SER G 522 20.78 8.96 10.86
N TYR G 523 21.46 8.17 11.71
CA TYR G 523 21.46 8.29 13.17
C TYR G 523 20.06 8.13 13.75
N SER G 524 19.07 7.95 12.90
CA SER G 524 17.69 7.75 13.34
C SER G 524 16.97 6.70 12.54
N PHE G 525 17.59 6.15 11.49
CA PHE G 525 16.95 5.12 10.69
C PHE G 525 16.80 3.84 11.54
N PRO G 526 15.71 3.11 11.37
CA PRO G 526 15.47 1.98 12.26
C PRO G 526 16.16 0.70 11.83
N CYS G 527 16.38 0.52 10.53
CA CYS G 527 16.74 -0.79 10.00
C CYS G 527 17.02 -0.66 8.50
N LEU G 528 17.41 -1.77 7.90
CA LEU G 528 17.53 -1.91 6.45
C LEU G 528 16.70 -3.09 5.96
N GLY G 529 15.59 -3.36 6.64
CA GLY G 529 14.69 -4.40 6.21
C GLY G 529 15.07 -5.79 6.68
N PRO G 530 14.40 -6.80 6.12
CA PRO G 530 14.66 -8.19 6.50
C PRO G 530 15.94 -8.78 5.91
N VAL G 531 16.82 -7.96 5.35
CA VAL G 531 18.06 -8.45 4.78
C VAL G 531 18.95 -9.03 5.88
N TYR G 532 19.80 -9.99 5.51
CA TYR G 532 20.73 -10.64 6.43
C TYR G 532 20.04 -11.22 7.65
N GLY G 533 18.75 -11.53 7.53
CA GLY G 533 17.95 -11.94 8.66
C GLY G 533 17.41 -10.81 9.49
N GLY G 534 17.74 -9.57 9.17
CA GLY G 534 17.25 -8.43 9.90
C GLY G 534 18.32 -7.45 10.33
N THR G 535 17.98 -6.16 10.31
CA THR G 535 18.90 -5.08 10.67
C THR G 535 18.21 -4.08 11.59
N CYS G 536 17.35 -4.57 12.46
CA CYS G 536 16.54 -3.71 13.32
C CYS G 536 17.40 -2.97 14.34
N GLY G 537 17.07 -1.70 14.56
CA GLY G 537 17.61 -0.96 15.68
C GLY G 537 19.11 -0.79 15.74
N VAL G 538 19.74 -0.45 14.61
CA VAL G 538 21.19 -0.31 14.57
C VAL G 538 21.67 1.14 14.63
N SER G 539 20.77 2.11 14.51
CA SER G 539 21.17 3.50 14.55
C SER G 539 21.54 3.92 15.98
N ILE G 540 22.21 5.06 16.08
CA ILE G 540 22.58 5.58 17.39
C ILE G 540 21.36 6.00 18.19
N GLN G 541 20.28 6.40 17.52
CA GLN G 541 19.04 6.69 18.24
C GLN G 541 18.48 5.42 18.86
N ASP G 542 18.53 4.31 18.11
CA ASP G 542 18.02 3.05 18.63
C ASP G 542 18.92 2.51 19.73
N GLN G 543 20.24 2.67 19.58
CA GLN G 543 21.15 2.29 20.65
C GLN G 543 20.96 3.16 21.88
N LEU G 544 20.58 4.43 21.71
CA LEU G 544 20.23 5.26 22.85
C LEU G 544 18.98 4.74 23.54
N TRP G 545 17.98 4.32 22.76
CA TRP G 545 16.79 3.73 23.35
C TRP G 545 17.14 2.46 24.13
N PHE G 546 18.01 1.64 23.56
CA PHE G 546 18.43 0.42 24.25
C PHE G 546 19.20 0.75 25.52
N ALA G 547 20.06 1.77 25.47
CA ALA G 547 20.79 2.19 26.67
C ALA G 547 19.83 2.65 27.76
N MET G 548 18.79 3.38 27.38
CA MET G 548 17.79 3.81 28.36
C MET G 548 17.07 2.61 28.97
N LEU G 549 16.58 1.70 28.12
CA LEU G 549 15.84 0.55 28.63
C LEU G 549 16.73 -0.34 29.49
N TRP G 550 18.03 -0.39 29.17
CA TRP G 550 18.97 -1.19 29.93
C TRP G 550 19.32 -0.55 31.26
N GLY G 551 19.49 0.77 31.28
CA GLY G 551 19.70 1.48 32.53
C GLY G 551 18.46 1.57 33.38
N ILE G 552 17.29 1.25 32.83
CA ILE G 552 16.09 1.17 33.64
C ILE G 552 16.28 0.19 34.79
N LYS G 553 16.92 -0.95 34.52
CA LYS G 553 17.15 -1.93 35.57
C LYS G 553 18.17 -1.45 36.60
N GLY G 554 19.30 -0.93 36.13
CA GLY G 554 20.33 -0.45 37.04
C GLY G 554 19.91 0.77 37.82
N LEU G 555 18.86 1.45 37.39
CA LEU G 555 18.34 2.62 38.09
C LEU G 555 17.18 2.26 39.01
N SER G 556 16.36 1.28 38.62
CA SER G 556 15.42 0.68 39.56
C SER G 556 16.17 0.05 40.73
N ALA G 557 17.39 -0.45 40.48
CA ALA G 557 18.22 -0.90 41.58
C ALA G 557 18.49 0.22 42.57
N VAL G 558 18.79 1.43 42.06
CA VAL G 558 19.01 2.58 42.93
C VAL G 558 17.73 2.90 43.69
N CYS G 559 16.59 2.90 43.00
CA CYS G 559 15.32 3.16 43.66
C CYS G 559 15.08 2.20 44.81
N TRP G 560 15.35 0.91 44.60
CA TRP G 560 15.03 -0.09 45.60
C TRP G 560 16.07 -0.14 46.71
N TYR G 561 17.29 0.29 46.44
CA TYR G 561 18.30 0.37 47.48
C TYR G 561 18.04 1.56 48.40
N ILE G 562 17.75 2.72 47.81
CA ILE G 562 17.45 3.90 48.63
C ILE G 562 16.12 3.78 49.35
N ASP G 563 15.30 2.79 48.97
CA ASP G 563 14.11 2.44 49.73
C ASP G 563 14.34 1.29 50.69
N GLY G 564 15.55 0.73 50.73
CA GLY G 564 15.83 -0.41 51.57
C GLY G 564 14.96 -1.61 51.22
N ALA G 565 15.00 -2.05 49.97
CA ALA G 565 14.11 -3.09 49.49
C ALA G 565 14.84 -4.39 49.14
N TRP G 566 16.00 -4.63 49.74
CA TRP G 566 16.68 -5.93 49.73
C TRP G 566 16.72 -6.54 48.33
N ILE G 567 17.48 -5.87 47.46
CA ILE G 567 17.62 -6.34 46.08
C ILE G 567 18.50 -7.58 46.05
N ALA G 568 19.03 -7.98 47.21
CA ALA G 568 19.89 -9.15 47.29
C ALA G 568 19.17 -10.45 46.97
N SER G 569 17.84 -10.44 46.99
CA SER G 569 17.07 -11.63 46.65
C SER G 569 15.67 -11.20 46.25
N MET G 570 14.97 -12.11 45.55
CA MET G 570 13.68 -11.76 44.99
C MET G 570 12.54 -11.93 45.96
N MET G 571 12.77 -12.57 47.11
CA MET G 571 11.78 -12.69 48.16
C MET G 571 12.43 -12.30 49.48
N TYR G 572 11.67 -11.61 50.32
CA TYR G 572 12.17 -11.21 51.64
C TYR G 572 10.99 -10.73 52.48
N GLY G 573 10.90 -11.22 53.71
CA GLY G 573 9.75 -10.92 54.53
C GLY G 573 8.48 -11.61 54.08
N VAL G 574 8.56 -12.51 53.11
CA VAL G 574 7.41 -13.27 52.65
C VAL G 574 7.42 -14.61 53.36
N PRO G 575 6.29 -15.06 53.92
CA PRO G 575 6.28 -16.26 54.77
C PRO G 575 6.14 -17.55 53.97
N ALA G 576 7.09 -17.81 53.07
CA ALA G 576 7.04 -19.06 52.30
C ALA G 576 7.90 -20.14 52.96
N ALA G 577 9.22 -19.98 52.92
CA ALA G 577 10.08 -20.89 53.66
C ALA G 577 11.06 -20.19 54.58
N ASP G 578 11.85 -19.26 54.04
CA ASP G 578 12.93 -18.67 54.82
C ASP G 578 13.16 -17.19 54.56
N ALA G 579 12.32 -16.54 53.75
CA ALA G 579 12.55 -15.13 53.42
C ALA G 579 12.40 -14.24 54.64
N LYS G 580 11.76 -14.71 55.70
CA LYS G 580 11.68 -13.98 56.95
C LYS G 580 12.82 -14.32 57.90
N ALA G 581 13.72 -15.22 57.51
CA ALA G 581 14.85 -15.63 58.35
C ALA G 581 16.15 -14.95 57.96
N TRP G 582 16.11 -13.98 57.03
CA TRP G 582 17.33 -13.30 56.62
C TRP G 582 17.94 -12.51 57.77
N ASP G 583 17.12 -11.71 58.46
CA ASP G 583 17.63 -10.81 59.49
C ASP G 583 18.35 -11.54 60.60
N SER G 584 18.01 -12.80 60.86
CA SER G 584 18.67 -13.58 61.89
C SER G 584 19.95 -14.23 61.38
N ILE G 585 19.89 -14.92 60.24
CA ILE G 585 21.06 -15.63 59.74
C ILE G 585 22.12 -14.66 59.24
N ALA G 586 21.69 -13.57 58.58
CA ALA G 586 22.64 -12.60 58.06
C ALA G 586 23.10 -11.59 59.10
N HIS G 587 22.53 -11.63 60.30
CA HIS G 587 22.88 -10.71 61.38
C HIS G 587 22.74 -9.26 60.93
N LEU G 588 21.53 -8.91 60.52
CA LEU G 588 21.21 -7.58 60.05
C LEU G 588 20.78 -6.69 61.20
N HIS G 589 21.06 -5.40 61.07
CA HIS G 589 20.59 -4.39 62.02
C HIS G 589 19.39 -3.62 61.50
N HIS G 590 18.88 -3.97 60.32
CA HIS G 590 17.72 -3.32 59.72
C HIS G 590 16.78 -4.38 59.19
N HIS G 591 15.49 -4.03 59.14
CA HIS G 591 14.47 -4.88 58.52
C HIS G 591 14.06 -4.19 57.22
N TYR G 592 14.67 -4.61 56.12
CA TYR G 592 14.34 -4.06 54.81
C TYR G 592 12.91 -4.40 54.44
N THR G 593 12.34 -3.59 53.56
CA THR G 593 10.91 -3.66 53.28
C THR G 593 10.50 -5.06 52.83
N SER G 594 11.15 -5.58 51.80
CA SER G 594 10.83 -6.88 51.22
C SER G 594 11.91 -7.22 50.20
N GLY G 595 11.69 -8.27 49.43
CA GLY G 595 12.60 -8.68 48.38
C GLY G 595 12.36 -7.92 47.09
N ILE G 596 12.83 -8.50 46.00
CA ILE G 596 12.63 -7.89 44.68
C ILE G 596 11.18 -8.05 44.24
N PHE G 597 10.69 -9.29 44.21
CA PHE G 597 9.33 -9.53 43.76
C PHE G 597 8.32 -9.14 44.82
N TYR G 598 8.63 -9.38 46.10
CA TYR G 598 7.75 -9.00 47.18
C TYR G 598 7.70 -7.50 47.39
N TYR G 599 8.58 -6.75 46.72
CA TYR G 599 8.55 -5.29 46.81
C TYR G 599 7.28 -4.71 46.22
N PHE G 600 6.60 -5.46 45.35
CA PHE G 600 5.37 -4.98 44.75
C PHE G 600 4.13 -5.28 45.57
N TRP G 601 4.23 -6.16 46.57
CA TRP G 601 3.12 -6.37 47.50
C TRP G 601 3.22 -5.42 48.69
N THR G 602 4.31 -5.51 49.44
CA THR G 602 4.59 -4.51 50.46
C THR G 602 4.94 -3.18 49.82
N GLU G 603 4.80 -2.10 50.59
CA GLU G 603 4.98 -0.74 50.11
C GLU G 603 4.04 -0.39 48.96
N THR G 604 3.06 -1.26 48.71
CA THR G 604 1.96 -0.96 47.81
C THR G 604 0.63 -0.89 48.56
N VAL G 605 0.61 -1.36 49.81
CA VAL G 605 -0.56 -1.18 50.67
C VAL G 605 -0.85 0.29 50.89
N THR G 606 0.18 1.13 50.82
CA THR G 606 0.03 2.57 50.96
C THR G 606 -0.26 3.26 49.64
N ILE G 607 0.25 2.72 48.54
CA ILE G 607 -0.13 3.22 47.22
C ILE G 607 -1.62 3.01 47.00
N PHE G 608 -2.12 1.83 47.36
CA PHE G 608 -3.54 1.54 47.18
C PHE G 608 -4.41 2.37 48.11
N SER G 609 -3.97 2.61 49.35
CA SER G 609 -4.81 3.27 50.34
C SER G 609 -5.10 4.72 50.00
N SER G 610 -4.41 5.30 49.02
CA SER G 610 -4.65 6.68 48.60
C SER G 610 -5.09 6.71 47.15
N SER G 611 -6.08 7.56 46.86
CA SER G 611 -6.64 7.62 45.51
C SER G 611 -5.61 8.14 44.51
N HIS G 612 -4.82 9.15 44.90
CA HIS G 612 -3.89 9.78 43.97
C HIS G 612 -2.80 8.80 43.54
N LEU G 613 -2.23 8.06 44.50
CA LEU G 613 -1.18 7.11 44.16
C LEU G 613 -1.73 5.97 43.31
N SER G 614 -2.95 5.53 43.57
CA SER G 614 -3.57 4.49 42.74
C SER G 614 -3.80 5.00 41.31
N THR G 615 -4.25 6.24 41.17
CA THR G 615 -4.43 6.82 39.85
C THR G 615 -3.10 6.91 39.11
N ILE G 616 -2.04 7.33 39.80
CA ILE G 616 -0.72 7.37 39.19
C ILE G 616 -0.28 5.97 38.78
N LEU G 617 -0.55 4.97 39.63
CA LEU G 617 -0.21 3.59 39.33
C LEU G 617 -0.87 3.14 38.04
N MET G 618 -2.18 3.35 37.94
CA MET G 618 -2.92 2.92 36.76
C MET G 618 -2.45 3.65 35.50
N ILE G 619 -2.23 4.97 35.60
CA ILE G 619 -1.79 5.74 34.44
C ILE G 619 -0.40 5.31 34.00
N GLY G 620 0.50 5.07 34.96
CA GLY G 620 1.83 4.62 34.61
C GLY G 620 1.81 3.27 33.93
N HIS G 621 1.01 2.33 34.45
CA HIS G 621 0.91 1.03 33.81
C HIS G 621 0.34 1.14 32.40
N LEU G 622 -0.68 2.00 32.22
CA LEU G 622 -1.29 2.18 30.91
C LEU G 622 -0.29 2.74 29.91
N VAL G 623 0.38 3.83 30.29
CA VAL G 623 1.37 4.46 29.42
C VAL G 623 2.49 3.49 29.11
N TRP G 624 2.88 2.67 30.09
CA TRP G 624 3.97 1.74 29.87
C TRP G 624 3.60 0.67 28.86
N PHE G 625 2.45 0.01 29.03
CA PHE G 625 2.16 -1.08 28.10
C PHE G 625 1.77 -0.56 26.73
N ILE G 626 1.32 0.70 26.62
CA ILE G 626 1.03 1.26 25.31
C ILE G 626 2.29 1.27 24.44
N SER G 627 3.47 1.33 25.07
CA SER G 627 4.73 1.33 24.32
C SER G 627 4.93 0.06 23.52
N PHE G 628 4.24 -1.03 23.86
CA PHE G 628 4.36 -2.27 23.08
C PHE G 628 3.78 -2.09 21.68
N ALA G 629 2.77 -1.23 21.54
CA ALA G 629 2.15 -1.01 20.24
C ALA G 629 3.13 -0.42 19.23
N VAL G 630 4.24 0.13 19.68
CA VAL G 630 5.20 0.76 18.79
C VAL G 630 6.59 0.18 18.87
N TRP G 631 7.00 -0.42 19.99
CA TRP G 631 8.28 -1.11 20.02
C TRP G 631 8.24 -2.48 19.35
N PHE G 632 7.11 -3.17 19.42
CA PHE G 632 7.02 -4.48 18.78
C PHE G 632 7.17 -4.33 17.27
N GLU G 633 7.68 -5.39 16.63
CA GLU G 633 7.85 -5.31 15.18
C GLU G 633 6.46 -5.41 14.58
N ASP G 634 5.75 -4.27 14.59
CA ASP G 634 4.36 -4.26 14.16
C ASP G 634 3.98 -3.02 13.36
N ARG G 635 4.96 -2.19 12.95
CA ARG G 635 4.64 -0.92 12.31
C ARG G 635 3.86 -1.13 11.02
N GLY G 636 4.27 -2.11 10.21
CA GLY G 636 3.55 -2.37 8.98
C GLY G 636 2.14 -2.87 9.21
N SER G 637 1.95 -3.67 10.27
CA SER G 637 0.61 -4.09 10.63
C SER G 637 -0.26 -2.89 10.99
N ARG G 638 0.30 -1.96 11.77
CA ARG G 638 -0.44 -0.75 12.12
C ARG G 638 -0.74 0.08 10.88
N LEU G 639 0.19 0.14 9.94
CA LEU G 639 -0.03 0.91 8.71
C LEU G 639 -1.12 0.29 7.85
N GLU G 640 -1.09 -1.03 7.68
CA GLU G 640 -2.14 -1.72 6.93
C GLU G 640 -3.50 -1.53 7.60
N GLY G 641 -3.55 -1.70 8.92
CA GLY G 641 -4.78 -1.49 9.64
C GLY G 641 -5.27 -0.06 9.58
N ALA G 642 -4.34 0.91 9.57
CA ALA G 642 -4.73 2.30 9.49
C ALA G 642 -5.28 2.66 8.11
N ASP G 643 -4.72 2.05 7.06
CA ASP G 643 -5.33 2.22 5.75
C ASP G 643 -6.73 1.62 5.74
N ILE G 644 -6.91 0.49 6.42
CA ILE G 644 -8.26 -0.07 6.57
C ILE G 644 -9.17 0.92 7.31
N GLN G 645 -8.65 1.57 8.35
CA GLN G 645 -9.43 2.57 9.08
C GLN G 645 -9.81 3.73 8.18
N THR G 646 -8.88 4.19 7.36
CA THR G 646 -9.16 5.29 6.42
C THR G 646 -10.26 4.90 5.46
N ARG G 647 -10.15 3.70 4.85
CA ARG G 647 -11.16 3.27 3.90
C ARG G 647 -12.51 3.06 4.57
N THR G 648 -12.51 2.63 5.84
CA THR G 648 -13.77 2.45 6.56
C THR G 648 -14.42 3.78 6.88
N ILE G 649 -13.63 4.72 7.40
CA ILE G 649 -14.17 6.02 7.79
C ILE G 649 -14.66 6.78 6.58
N ARG G 650 -13.98 6.63 5.44
CA ARG G 650 -14.43 7.29 4.22
C ARG G 650 -15.59 6.55 3.56
N TRP G 651 -15.65 5.22 3.71
CA TRP G 651 -16.82 4.48 3.25
C TRP G 651 -18.04 4.78 4.09
N LEU G 652 -17.88 4.77 5.42
CA LEU G 652 -18.99 5.09 6.31
C LEU G 652 -19.42 6.56 6.23
N GLY G 653 -18.60 7.42 5.65
CA GLY G 653 -18.91 8.83 5.54
C GLY G 653 -19.34 9.27 4.16
N LYS G 654 -19.38 8.35 3.20
CA LYS G 654 -19.71 8.70 1.83
C LYS G 654 -21.11 8.29 1.42
N LYS G 655 -21.51 7.05 1.68
CA LYS G 655 -22.84 6.57 1.33
C LYS G 655 -23.76 6.46 2.55
N PHE G 656 -23.31 6.88 3.71
CA PHE G 656 -24.15 7.03 4.89
C PHE G 656 -24.13 8.44 5.45
N LEU G 657 -22.96 9.07 5.49
CA LEU G 657 -22.84 10.51 5.49
C LEU G 657 -22.65 10.95 4.04
N ASN G 658 -22.23 12.19 3.81
CA ASN G 658 -21.96 12.65 2.44
C ASN G 658 -20.60 13.34 2.40
N ARG G 659 -20.21 13.69 1.17
CA ARG G 659 -18.97 14.41 0.86
C ARG G 659 -17.73 13.60 1.19
N ASP G 660 -16.58 14.02 0.64
CA ASP G 660 -15.34 13.28 0.80
C ASP G 660 -14.87 13.30 2.25
N VAL G 661 -14.10 12.27 2.61
CA VAL G 661 -13.62 12.05 3.97
C VAL G 661 -12.09 12.03 3.89
N ASN G 662 -11.54 12.95 3.10
CA ASN G 662 -10.13 12.99 2.68
C ASN G 662 -9.13 12.67 3.80
N PHE G 663 -9.49 12.93 5.05
CA PHE G 663 -8.62 12.58 6.17
C PHE G 663 -8.21 11.10 6.11
N ARG G 664 -6.93 10.85 6.36
CA ARG G 664 -6.39 9.49 6.45
C ARG G 664 -5.65 9.34 7.77
N PHE G 665 -5.72 8.14 8.34
CA PHE G 665 -5.14 7.88 9.65
C PHE G 665 -3.62 7.79 9.54
N PRO G 666 -2.88 8.56 10.34
CA PRO G 666 -1.42 8.47 10.32
C PRO G 666 -0.89 7.44 11.29
N VAL G 667 0.22 6.82 10.88
CA VAL G 667 0.92 5.83 11.69
C VAL G 667 2.35 6.30 11.88
N LEU G 668 2.81 6.29 13.13
CA LEU G 668 4.20 6.65 13.41
C LEU G 668 5.14 5.73 12.67
N THR G 669 6.11 6.30 11.96
CA THR G 669 7.14 5.50 11.32
C THR G 669 7.96 4.78 12.40
N ILE G 670 8.80 3.84 11.95
CA ILE G 670 9.52 3.01 12.91
C ILE G 670 10.42 3.87 13.80
N SER G 671 11.00 4.92 13.24
CA SER G 671 11.77 5.85 14.06
C SER G 671 10.88 6.56 15.06
N ASP G 672 9.76 7.11 14.58
CA ASP G 672 8.79 7.74 15.48
C ASP G 672 8.21 6.72 16.44
N SER G 673 7.95 5.50 15.96
CA SER G 673 7.41 4.46 16.83
C SER G 673 8.38 4.12 17.95
N LYS G 674 9.66 3.99 17.64
CA LYS G 674 10.65 3.67 18.67
C LYS G 674 10.84 4.82 19.64
N LEU G 675 10.85 6.05 19.14
CA LEU G 675 10.94 7.22 20.01
C LEU G 675 9.77 7.28 20.98
N ALA G 676 8.56 7.20 20.45
CA ALA G 676 7.37 7.26 21.29
C ALA G 676 7.31 6.08 22.25
N GLY G 677 7.74 4.90 21.80
CA GLY G 677 7.73 3.74 22.67
C GLY G 677 8.74 3.84 23.79
N THR G 678 9.93 4.38 23.51
CA THR G 678 10.92 4.56 24.56
C THR G 678 10.41 5.55 25.59
N PHE G 679 9.82 6.66 25.15
CA PHE G 679 9.26 7.59 26.12
C PHE G 679 8.10 6.97 26.91
N LEU G 680 7.23 6.22 26.23
CA LEU G 680 6.12 5.59 26.93
C LEU G 680 6.61 4.58 27.96
N TYR G 681 7.58 3.74 27.58
CA TYR G 681 8.15 2.76 28.50
C TYR G 681 8.82 3.43 29.69
N PHE G 682 9.71 4.39 29.42
CA PHE G 682 10.48 5.03 30.46
C PHE G 682 9.58 5.82 31.41
N GLY G 683 8.62 6.57 30.86
CA GLY G 683 7.67 7.26 31.70
C GLY G 683 6.79 6.32 32.48
N GLY G 684 6.30 5.26 31.84
CA GLY G 684 5.44 4.33 32.55
C GLY G 684 6.12 3.68 33.73
N THR G 685 7.42 3.35 33.58
CA THR G 685 8.11 2.75 34.70
C THR G 685 8.51 3.77 35.76
N PHE G 686 8.86 5.00 35.38
CA PHE G 686 9.37 5.95 36.36
C PHE G 686 8.32 6.92 36.88
N MET G 687 7.07 6.80 36.43
CA MET G 687 5.93 7.37 37.10
C MET G 687 5.47 6.51 38.27
N LEU G 688 5.96 5.27 38.35
CA LEU G 688 5.66 4.35 39.44
C LEU G 688 6.86 4.07 40.33
N VAL G 689 8.06 4.17 39.78
CA VAL G 689 9.24 4.26 40.63
C VAL G 689 9.09 5.44 41.59
N PHE G 690 8.39 6.48 41.14
CA PHE G 690 8.00 7.58 42.02
C PHE G 690 7.11 7.07 43.16
N LEU G 691 6.18 6.16 42.85
CA LEU G 691 5.31 5.60 43.89
C LEU G 691 6.12 4.78 44.90
N PHE G 692 7.09 4.01 44.42
CA PHE G 692 8.10 3.47 45.33
C PHE G 692 8.71 4.55 46.22
N LEU G 693 9.17 5.65 45.62
CA LEU G 693 9.88 6.64 46.40
C LEU G 693 8.92 7.45 47.28
N ALA G 694 7.84 7.95 46.69
CA ALA G 694 6.90 8.83 47.40
C ALA G 694 5.70 8.07 47.96
N ASN G 695 5.93 7.02 48.75
CA ASN G 695 4.82 6.42 49.49
C ASN G 695 5.22 6.00 50.89
N GLY G 696 6.43 6.30 51.33
CA GLY G 696 6.90 5.91 52.64
C GLY G 696 8.22 5.17 52.54
N PHE G 697 8.94 5.09 53.66
CA PHE G 697 10.22 4.37 53.69
C PHE G 697 10.00 2.92 54.12
N TYR G 698 9.41 2.72 55.29
CA TYR G 698 9.00 1.40 55.78
C TYR G 698 10.18 0.42 55.82
N GLN G 699 11.31 0.91 56.33
CA GLN G 699 12.56 0.18 56.41
C GLN G 699 13.07 0.17 57.84
N THR G 700 12.16 -0.17 58.76
CA THR G 700 12.39 -0.03 60.19
C THR G 700 13.62 -0.79 60.65
N ASN G 701 14.16 -0.35 61.79
CA ASN G 701 15.35 -0.96 62.40
C ASN G 701 14.92 -1.95 63.47
N SER G 702 14.35 -3.06 63.01
CA SER G 702 13.89 -4.13 63.91
C SER G 702 14.02 -5.44 63.17
N PRO G 703 15.16 -6.13 63.31
CA PRO G 703 15.51 -7.25 62.43
C PRO G 703 14.75 -8.56 62.70
N LEU G 704 13.41 -8.47 62.77
CA LEU G 704 12.48 -9.55 62.43
C LEU G 704 12.96 -10.91 62.94
N PRO G 705 12.82 -11.21 64.22
CA PRO G 705 13.39 -12.46 64.75
C PRO G 705 12.81 -13.65 64.01
N PRO G 706 13.60 -14.72 63.87
CA PRO G 706 13.22 -15.79 62.95
C PRO G 706 11.96 -16.49 63.41
N PRO G 707 11.20 -17.09 62.49
CA PRO G 707 9.95 -17.74 62.88
C PRO G 707 10.13 -19.11 63.53
N VAL G 708 11.34 -19.67 63.48
CA VAL G 708 11.65 -20.96 64.12
C VAL G 708 10.71 -22.05 63.64
N GLY H 5 6.11 35.29 20.41
CA GLY H 5 6.08 35.32 18.95
C GLY H 5 6.48 36.66 18.37
N SER H 6 7.05 36.64 17.17
CA SER H 6 7.48 37.86 16.50
C SER H 6 7.35 37.66 15.00
N ASN H 7 7.73 38.69 14.24
CA ASN H 7 7.69 38.63 12.80
C ASN H 7 8.80 37.72 12.27
N ASP H 8 8.82 37.53 10.96
CA ASP H 8 9.87 36.75 10.32
C ASP H 8 11.19 37.49 10.47
N VAL H 9 12.06 36.99 11.35
CA VAL H 9 13.28 37.70 11.72
C VAL H 9 14.34 37.51 10.64
N THR H 10 14.75 36.26 10.43
CA THR H 10 15.72 35.89 9.40
C THR H 10 17.02 36.67 9.58
N THR H 11 17.68 36.40 10.71
CA THR H 11 18.89 37.13 11.07
C THR H 11 20.00 36.87 10.06
N ALA H 12 20.84 37.88 9.86
CA ALA H 12 22.01 37.80 9.01
C ALA H 12 23.23 38.27 9.79
N HIS H 13 24.27 37.45 9.82
CA HIS H 13 25.48 37.74 10.57
C HIS H 13 26.65 37.94 9.63
N SER H 14 27.43 38.98 9.89
CA SER H 14 28.59 39.29 9.05
C SER H 14 29.55 40.18 9.82
N ASP H 15 30.84 39.95 9.59
CA ASP H 15 31.89 40.80 10.14
C ASP H 15 32.82 41.23 9.00
N TYR H 16 33.38 42.43 9.15
CA TYR H 16 34.28 42.99 8.16
C TYR H 16 35.50 43.58 8.86
N GLU H 17 36.68 43.32 8.31
CA GLU H 17 37.93 43.83 8.89
C GLU H 17 38.76 44.47 7.79
N ILE H 18 39.19 45.71 8.03
CA ILE H 18 40.07 46.44 7.12
C ILE H 18 41.30 46.88 7.89
N VAL H 19 42.47 46.55 7.38
CA VAL H 19 43.75 46.95 7.98
C VAL H 19 44.54 47.69 6.92
N LEU H 20 44.82 48.96 7.16
CA LEU H 20 45.44 49.82 6.17
C LEU H 20 46.94 49.92 6.37
N GLU H 21 47.60 50.63 5.46
CA GLU H 21 49.04 50.87 5.53
C GLU H 21 49.30 52.37 5.45
N GLY H 22 50.42 52.78 6.05
CA GLY H 22 50.70 54.19 6.23
C GLY H 22 51.50 54.80 5.09
N GLY H 23 51.71 56.11 5.19
CA GLY H 23 52.45 56.82 4.17
C GLY H 23 51.67 56.88 2.87
N SER H 24 52.42 56.96 1.76
CA SER H 24 51.82 57.00 0.44
C SER H 24 51.19 55.67 0.04
N SER H 25 51.44 54.60 0.79
CA SER H 25 50.87 53.30 0.45
C SER H 25 49.36 53.33 0.56
N SER H 26 48.70 52.61 -0.36
CA SER H 26 47.25 52.53 -0.40
C SER H 26 46.75 51.11 -0.14
N TRP H 27 47.60 50.22 0.34
CA TRP H 27 47.23 48.83 0.50
C TRP H 27 46.22 48.67 1.64
N GLY H 28 45.66 47.48 1.74
CA GLY H 28 44.72 47.18 2.81
C GLY H 28 44.32 45.73 2.90
N LYS H 29 44.39 45.16 4.10
CA LYS H 29 43.92 43.79 4.35
C LYS H 29 42.42 43.84 4.63
N VAL H 30 41.63 43.38 3.67
CA VAL H 30 40.19 43.27 3.83
C VAL H 30 39.85 41.82 4.16
N LYS H 31 39.06 41.63 5.21
CA LYS H 31 38.63 40.31 5.66
C LYS H 31 37.16 40.36 6.00
N ALA H 32 36.38 39.50 5.36
CA ALA H 32 34.94 39.54 5.52
C ALA H 32 34.38 38.14 5.56
N ARG H 33 33.52 37.89 6.55
CA ARG H 33 32.73 36.67 6.64
C ARG H 33 31.27 37.06 6.77
N ALA H 34 30.38 36.23 6.24
CA ALA H 34 28.96 36.53 6.29
C ALA H 34 28.18 35.22 6.40
N LYS H 35 26.99 35.32 7.00
CA LYS H 35 26.07 34.20 7.09
C LYS H 35 24.66 34.74 7.09
N VAL H 36 23.92 34.47 6.01
CA VAL H 36 22.52 34.83 5.90
C VAL H 36 21.71 33.54 5.95
N ASN H 37 20.70 33.52 6.83
CA ASN H 37 19.81 32.36 6.93
C ASN H 37 18.57 32.59 6.06
N ALA H 38 18.81 32.76 4.76
CA ALA H 38 17.77 33.00 3.78
C ALA H 38 18.07 32.19 2.53
N PRO H 39 17.05 31.79 1.77
CA PRO H 39 17.29 31.01 0.56
C PRO H 39 17.86 31.89 -0.55
N PRO H 40 19.01 31.52 -1.09
CA PRO H 40 19.60 32.28 -2.19
C PRO H 40 18.69 32.28 -3.42
N ALA H 41 18.74 33.38 -4.17
CA ALA H 41 17.89 33.55 -5.35
C ALA H 41 18.54 32.92 -6.59
N SER H 42 18.87 31.64 -6.49
CA SER H 42 19.46 30.91 -7.59
C SER H 42 18.51 29.79 -8.02
N PRO H 43 18.22 29.64 -9.31
CA PRO H 43 17.30 28.58 -9.74
C PRO H 43 17.89 27.18 -9.63
N LEU H 44 19.20 27.06 -9.40
CA LEU H 44 19.85 25.77 -9.18
C LEU H 44 20.59 25.82 -7.86
N LEU H 45 20.22 24.95 -6.94
CA LEU H 45 20.80 24.92 -5.61
C LEU H 45 21.10 23.48 -5.22
N PRO H 46 22.12 23.25 -4.38
CA PRO H 46 23.00 24.27 -3.80
C PRO H 46 24.11 24.72 -4.75
N ALA H 47 24.60 25.94 -4.51
CA ALA H 47 25.70 26.51 -5.28
C ALA H 47 26.90 26.72 -4.37
N ASP H 48 28.09 26.52 -4.93
CA ASP H 48 29.34 26.81 -4.25
C ASP H 48 30.26 27.51 -5.23
N CYS H 49 31.22 28.26 -4.69
CA CYS H 49 32.21 28.91 -5.55
C CYS H 49 33.47 29.20 -4.73
N ASP H 50 34.61 29.14 -5.42
CA ASP H 50 35.90 29.38 -4.79
C ASP H 50 36.69 30.31 -5.70
N VAL H 51 36.65 31.60 -5.41
CA VAL H 51 37.21 32.64 -6.26
C VAL H 51 38.61 32.96 -5.77
N LYS H 52 39.59 32.81 -6.66
CA LYS H 52 40.97 33.18 -6.38
C LYS H 52 41.42 34.27 -7.33
N LEU H 53 41.87 35.39 -6.77
CA LEU H 53 42.52 36.45 -7.54
C LEU H 53 43.97 36.55 -7.10
N ASN H 54 44.89 36.43 -8.06
CA ASN H 54 46.31 36.56 -7.80
C ASN H 54 46.89 37.59 -8.77
N VAL H 55 47.69 38.51 -8.22
CA VAL H 55 48.23 39.62 -9.00
C VAL H 55 49.70 39.79 -8.61
N LYS H 56 50.57 39.95 -9.61
CA LYS H 56 51.97 40.23 -9.38
C LYS H 56 52.47 41.26 -10.37
N PRO H 57 53.26 42.23 -9.93
CA PRO H 57 53.82 43.22 -10.86
C PRO H 57 54.84 42.59 -11.80
N LEU H 58 54.60 42.68 -13.11
CA LEU H 58 55.51 42.10 -14.07
C LEU H 58 56.73 43.00 -14.28
N ASP H 59 56.50 44.22 -14.77
CA ASP H 59 57.58 45.15 -15.04
C ASP H 59 57.05 46.57 -14.97
N PRO H 60 57.53 47.39 -14.03
CA PRO H 60 57.07 48.77 -13.92
C PRO H 60 57.69 49.72 -14.93
N ALA H 61 58.41 49.21 -15.93
CA ALA H 61 58.96 50.08 -16.97
C ALA H 61 57.85 50.79 -17.74
N LYS H 62 56.79 50.06 -18.10
CA LYS H 62 55.62 50.68 -18.71
C LYS H 62 54.29 50.27 -18.12
N GLY H 63 54.23 49.22 -17.30
CA GLY H 63 53.01 48.93 -16.57
C GLY H 63 52.40 47.55 -16.72
N PHE H 64 53.16 46.57 -17.20
CA PHE H 64 52.65 45.19 -17.22
C PHE H 64 52.39 44.69 -15.81
N VAL H 65 51.27 44.01 -15.65
CA VAL H 65 50.94 43.30 -14.42
C VAL H 65 50.33 41.96 -14.79
N ARG H 66 50.66 40.93 -14.03
CA ARG H 66 50.16 39.57 -14.28
C ARG H 66 49.02 39.29 -13.32
N ILE H 67 47.80 39.24 -13.87
CA ILE H 67 46.60 39.00 -13.07
C ILE H 67 46.06 37.61 -13.42
N SER H 68 45.76 36.84 -12.38
CA SER H 68 45.25 35.48 -12.52
C SER H 68 43.98 35.35 -11.71
N ALA H 69 42.89 34.95 -12.36
CA ALA H 69 41.59 34.79 -11.72
C ALA H 69 41.11 33.37 -11.96
N VAL H 70 40.96 32.60 -10.89
CA VAL H 70 40.52 31.21 -10.95
C VAL H 70 39.19 31.11 -10.22
N PHE H 71 38.15 30.69 -10.94
CA PHE H 71 36.84 30.46 -10.36
C PHE H 71 36.52 28.97 -10.43
N GLU H 72 36.22 28.39 -9.27
CA GLU H 72 35.77 27.01 -9.18
C GLU H 72 34.41 26.98 -8.51
N SER H 73 33.46 26.28 -9.12
CA SER H 73 32.09 26.34 -8.64
C SER H 73 31.44 24.97 -8.70
N ILE H 74 30.50 24.75 -7.78
CA ILE H 74 29.67 23.55 -7.74
C ILE H 74 28.23 24.03 -7.71
N VAL H 75 27.50 23.81 -8.79
CA VAL H 75 26.11 24.25 -8.91
C VAL H 75 25.26 23.04 -9.28
N ASP H 76 24.48 22.55 -8.32
CA ASP H 76 23.58 21.41 -8.53
C ASP H 76 24.32 20.23 -9.15
N SER H 77 25.42 19.84 -8.50
CA SER H 77 26.30 18.72 -8.86
C SER H 77 27.16 19.01 -10.08
N THR H 78 27.01 20.16 -10.72
CA THR H 78 27.82 20.51 -11.88
C THR H 78 29.08 21.22 -11.40
N LYS H 79 30.24 20.66 -11.74
CA LYS H 79 31.52 21.24 -11.36
C LYS H 79 31.94 22.24 -12.43
N ASN H 80 31.90 23.53 -12.09
CA ASN H 80 32.24 24.60 -13.01
C ASN H 80 33.59 25.20 -12.63
N LYS H 81 34.40 25.49 -13.63
CA LYS H 81 35.71 26.08 -13.40
C LYS H 81 36.04 27.04 -14.53
N LEU H 82 36.79 28.08 -14.21
CA LEU H 82 37.22 29.07 -15.19
C LEU H 82 38.41 29.82 -14.64
N THR H 83 39.54 29.75 -15.34
CA THR H 83 40.77 30.42 -14.98
C THR H 83 41.17 31.39 -16.07
N ILE H 84 41.71 32.54 -15.68
CA ILE H 84 42.14 33.57 -16.62
C ILE H 84 43.51 34.08 -16.20
N GLU H 85 44.55 33.67 -16.92
CA GLU H 85 45.83 34.36 -16.85
C GLU H 85 45.82 35.52 -17.83
N ALA H 86 46.21 36.70 -17.35
CA ALA H 86 46.13 37.89 -18.18
C ALA H 86 47.26 38.85 -17.81
N ASP H 87 47.79 39.53 -18.83
CA ASP H 87 48.87 40.49 -18.67
C ASP H 87 48.32 41.86 -19.05
N ILE H 88 47.80 42.59 -18.07
CA ILE H 88 47.12 43.86 -18.31
C ILE H 88 48.12 45.00 -18.07
N ALA H 89 47.95 46.07 -18.83
CA ALA H 89 48.80 47.24 -18.69
C ALA H 89 48.05 48.47 -19.19
N ASN H 90 48.50 49.64 -18.74
CA ASN H 90 47.92 50.91 -19.15
C ASN H 90 48.85 51.53 -20.20
N GLU H 91 48.56 51.25 -21.47
CA GLU H 91 49.32 51.87 -22.54
C GLU H 91 49.13 53.37 -22.59
N THR H 92 48.00 53.88 -22.10
CA THR H 92 47.71 55.30 -22.10
C THR H 92 46.82 55.58 -20.90
N LYS H 93 46.80 56.84 -20.48
CA LYS H 93 45.95 57.23 -19.35
C LYS H 93 44.49 56.90 -19.61
N GLU H 94 44.08 56.85 -20.88
CA GLU H 94 42.71 56.57 -21.26
C GLU H 94 42.52 55.20 -21.90
N ARG H 95 43.60 54.52 -22.28
CA ARG H 95 43.53 53.26 -23.01
C ARG H 95 44.22 52.17 -22.20
N ARG H 96 43.60 50.99 -22.13
CA ARG H 96 44.16 49.84 -21.43
C ARG H 96 44.29 48.67 -22.39
N ILE H 97 45.39 47.92 -22.25
CA ILE H 97 45.63 46.74 -23.08
C ILE H 97 45.75 45.52 -22.17
N SER H 98 45.65 44.34 -22.78
CA SER H 98 45.77 43.09 -22.04
C SER H 98 46.01 41.95 -23.02
N VAL H 99 47.06 41.17 -22.76
CA VAL H 99 47.30 39.91 -23.43
C VAL H 99 47.11 38.79 -22.40
N GLY H 100 46.19 37.89 -22.68
CA GLY H 100 45.82 36.89 -21.69
C GLY H 100 45.45 35.57 -22.31
N GLU H 101 45.28 34.56 -21.45
CA GLU H 101 44.86 33.24 -21.87
C GLU H 101 44.26 32.51 -20.67
N GLY H 102 43.33 31.62 -20.95
CA GLY H 102 42.70 30.88 -19.86
C GLY H 102 41.91 29.71 -20.38
N MET H 103 41.14 29.10 -19.48
CA MET H 103 40.32 27.95 -19.83
C MET H 103 39.06 27.95 -18.97
N VAL H 104 38.03 27.29 -19.47
CA VAL H 104 36.78 27.10 -18.76
C VAL H 104 36.40 25.63 -18.85
N SER H 105 35.98 25.05 -17.73
CA SER H 105 35.59 23.65 -17.69
C SER H 105 34.27 23.49 -16.94
N VAL H 106 33.32 22.84 -17.59
CA VAL H 106 32.02 22.53 -16.98
C VAL H 106 31.82 21.02 -17.06
N GLY H 107 31.75 20.38 -15.90
CA GLY H 107 31.66 18.93 -15.86
C GLY H 107 32.84 18.26 -16.52
N ASP H 108 32.61 17.66 -17.70
CA ASP H 108 33.68 17.07 -18.47
C ASP H 108 34.14 17.93 -19.63
N PHE H 109 33.29 18.84 -20.12
CA PHE H 109 33.67 19.73 -21.20
C PHE H 109 34.63 20.81 -20.71
N SER H 110 35.60 21.14 -21.55
CA SER H 110 36.59 22.17 -21.22
C SER H 110 37.23 22.66 -22.50
N HIS H 111 37.31 23.98 -22.66
CA HIS H 111 37.98 24.57 -23.81
C HIS H 111 38.87 25.72 -23.37
N THR H 112 40.10 25.72 -23.90
CA THR H 112 41.09 26.74 -23.61
C THR H 112 40.88 27.95 -24.52
N PHE H 113 41.27 29.13 -24.03
CA PHE H 113 41.19 30.34 -24.84
C PHE H 113 42.41 31.21 -24.56
N SER H 114 42.82 31.96 -25.58
CA SER H 114 43.85 32.98 -25.45
C SER H 114 43.36 34.24 -26.12
N PHE H 115 43.53 35.37 -25.43
CA PHE H 115 42.94 36.61 -25.91
C PHE H 115 43.93 37.76 -25.83
N GLU H 116 43.80 38.67 -26.79
CA GLU H 116 44.50 39.96 -26.78
C GLU H 116 43.45 41.06 -26.82
N GLY H 117 43.19 41.68 -25.67
CA GLY H 117 42.11 42.62 -25.56
C GLY H 117 42.60 44.02 -25.24
N SER H 118 41.82 45.00 -25.66
CA SER H 118 42.10 46.41 -25.40
C SER H 118 40.79 47.13 -25.09
N VAL H 119 40.76 47.83 -23.97
CA VAL H 119 39.57 48.55 -23.52
C VAL H 119 39.90 50.04 -23.48
N VAL H 120 39.04 50.84 -24.08
CA VAL H 120 39.17 52.30 -24.08
C VAL H 120 37.98 52.87 -23.33
N ASN H 121 38.26 53.50 -22.19
CA ASN H 121 37.22 54.08 -21.35
C ASN H 121 37.24 55.60 -21.53
N LEU H 122 36.20 56.13 -22.17
CA LEU H 122 36.10 57.55 -22.46
C LEU H 122 34.96 58.16 -21.65
N PHE H 123 35.26 59.22 -20.91
CA PHE H 123 34.23 59.97 -20.21
C PHE H 123 33.66 61.03 -21.16
N TYR H 124 32.35 61.24 -21.06
CA TYR H 124 31.67 62.14 -21.99
C TYR H 124 32.15 63.59 -21.81
N TYR H 125 32.49 63.97 -20.59
CA TYR H 125 32.91 65.33 -20.31
C TYR H 125 34.09 65.36 -19.34
N ARG H 126 34.88 66.42 -19.45
CA ARG H 126 36.05 66.71 -18.61
C ARG H 126 35.95 68.13 -18.06
N SER H 127 34.78 68.50 -17.55
CA SER H 127 34.54 69.87 -17.13
C SER H 127 35.26 70.17 -15.82
N ASP H 128 36.04 71.25 -15.81
CA ASP H 128 36.72 71.68 -14.59
C ASP H 128 35.73 72.13 -13.52
N ALA H 129 34.58 72.68 -13.93
CA ALA H 129 33.58 73.14 -12.97
C ALA H 129 33.04 72.00 -12.11
N VAL H 130 33.24 70.77 -12.53
CA VAL H 130 32.88 69.61 -11.72
C VAL H 130 34.04 69.19 -10.82
N ARG H 131 35.26 69.19 -11.35
CA ARG H 131 36.41 68.67 -10.60
C ARG H 131 36.72 69.54 -9.39
N ARG H 132 36.80 70.86 -9.59
CA ARG H 132 37.21 71.74 -8.50
C ARG H 132 36.05 72.13 -7.58
N ASN H 133 34.81 71.79 -7.93
CA ASN H 133 33.68 72.15 -7.10
C ASN H 133 32.98 70.95 -6.46
N VAL H 134 33.28 69.74 -6.92
CA VAL H 134 32.76 68.53 -6.28
C VAL H 134 33.94 67.77 -5.71
N PRO H 135 34.21 67.89 -4.40
CA PRO H 135 35.37 67.21 -3.82
C PRO H 135 35.32 65.70 -3.95
N ASN H 136 34.13 65.11 -3.92
CA ASN H 136 33.96 63.65 -4.00
C ASN H 136 32.93 63.35 -5.09
N PRO H 137 33.34 63.36 -6.35
CA PRO H 137 32.40 63.03 -7.43
C PRO H 137 32.17 61.53 -7.51
N ILE H 138 30.92 61.11 -7.37
CA ILE H 138 30.59 59.70 -7.37
C ILE H 138 30.30 59.24 -8.79
N TYR H 139 29.24 59.78 -9.37
CA TYR H 139 28.85 59.43 -10.73
C TYR H 139 29.74 60.17 -11.72
N MET H 140 30.11 59.47 -12.78
CA MET H 140 30.86 60.10 -13.89
C MET H 140 30.59 59.25 -15.12
N GLN H 141 29.72 59.74 -16.00
CA GLN H 141 29.30 58.96 -17.14
C GLN H 141 30.44 58.75 -18.12
N GLY H 142 30.42 57.61 -18.80
CA GLY H 142 31.44 57.32 -19.77
C GLY H 142 31.03 56.17 -20.66
N ARG H 143 32.01 55.64 -21.39
CA ARG H 143 31.77 54.54 -22.31
C ARG H 143 33.08 53.78 -22.51
N GLN H 144 33.03 52.46 -22.34
CA GLN H 144 34.17 51.59 -22.54
C GLN H 144 34.04 50.89 -23.88
N PHE H 145 35.12 50.91 -24.66
CA PHE H 145 35.16 50.24 -25.96
C PHE H 145 36.08 49.04 -25.85
N HIS H 146 35.50 47.85 -25.89
CA HIS H 146 36.25 46.60 -25.84
C HIS H 146 36.66 46.20 -27.25
N ASP H 147 37.90 45.73 -27.39
CA ASP H 147 38.43 45.20 -28.65
C ASP H 147 39.20 43.94 -28.31
N ILE H 148 38.62 42.78 -28.64
CA ILE H 148 39.08 41.50 -28.13
C ILE H 148 39.54 40.62 -29.28
N LEU H 149 40.72 40.02 -29.11
CA LEU H 149 41.28 39.05 -30.05
C LEU H 149 41.39 37.71 -29.32
N MET H 150 40.29 36.96 -29.26
CA MET H 150 40.25 35.70 -28.53
C MET H 150 40.38 34.54 -29.50
N LYS H 151 41.33 33.65 -29.23
CA LYS H 151 41.61 32.50 -30.06
C LYS H 151 41.33 31.24 -29.26
N VAL H 152 40.38 30.44 -29.73
CA VAL H 152 39.94 29.24 -29.03
C VAL H 152 40.24 28.04 -29.91
N PRO H 153 41.11 27.12 -29.49
CA PRO H 153 41.28 25.88 -30.24
C PRO H 153 40.00 25.08 -30.29
N LEU H 154 39.76 24.41 -31.42
CA LEU H 154 38.59 23.57 -31.61
C LEU H 154 39.06 22.13 -31.69
N ASP H 155 39.17 21.48 -30.52
CA ASP H 155 39.56 20.09 -30.44
C ASP H 155 38.46 19.19 -29.89
N ASN H 156 37.35 19.76 -29.43
CA ASN H 156 36.19 18.99 -29.02
C ASN H 156 35.11 19.05 -30.09
N ASN H 157 34.20 18.08 -30.05
CA ASN H 157 33.10 18.06 -31.00
C ASN H 157 32.18 19.27 -30.80
N ASP H 158 31.88 19.60 -29.54
CA ASP H 158 30.98 20.72 -29.28
C ASP H 158 31.64 22.06 -29.58
N LEU H 159 32.97 22.15 -29.48
CA LEU H 159 33.65 23.37 -29.91
C LEU H 159 33.41 23.62 -31.40
N ILE H 160 33.57 22.58 -32.22
CA ILE H 160 33.31 22.70 -33.65
C ILE H 160 31.85 23.02 -33.90
N ASP H 161 30.95 22.33 -33.20
CA ASP H 161 29.52 22.57 -33.39
C ASP H 161 29.16 24.02 -33.06
N THR H 162 29.71 24.53 -31.94
CA THR H 162 29.51 25.93 -31.60
C THR H 162 30.04 26.84 -32.69
N TRP H 163 31.20 26.51 -33.25
CA TRP H 163 31.81 27.38 -34.26
C TRP H 163 30.93 27.49 -35.50
N GLU H 164 30.53 26.35 -36.09
CA GLU H 164 29.66 26.48 -37.26
C GLU H 164 28.27 27.00 -36.93
N GLY H 165 27.73 26.70 -35.76
CA GLY H 165 26.47 27.32 -35.38
C GLY H 165 26.57 28.83 -35.34
N THR H 166 27.66 29.35 -34.76
CA THR H 166 27.86 30.78 -34.67
C THR H 166 28.05 31.42 -36.05
N VAL H 167 28.86 30.79 -36.90
CA VAL H 167 29.10 31.39 -38.21
C VAL H 167 27.85 31.35 -39.06
N LYS H 168 27.05 30.28 -38.95
CA LYS H 168 25.77 30.23 -39.64
C LYS H 168 24.83 31.31 -39.13
N ALA H 169 24.81 31.54 -37.81
CA ALA H 169 23.99 32.59 -37.26
C ALA H 169 24.39 33.96 -37.78
N ILE H 170 25.71 34.21 -37.86
CA ILE H 170 26.19 35.49 -38.37
C ILE H 170 25.82 35.66 -39.84
N GLY H 171 26.03 34.61 -40.64
CA GLY H 171 25.75 34.72 -42.07
C GLY H 171 24.27 34.88 -42.36
N SER H 172 23.41 34.15 -41.65
CA SER H 172 21.98 34.15 -41.94
C SER H 172 21.25 35.27 -41.22
N THR H 173 21.34 35.30 -39.89
CA THR H 173 20.61 36.29 -39.13
C THR H 173 21.30 37.65 -39.19
N GLY H 174 20.58 38.65 -39.69
CA GLY H 174 21.10 40.00 -39.72
C GLY H 174 21.01 40.75 -38.41
N ALA H 175 20.33 40.17 -37.43
CA ALA H 175 20.17 40.78 -36.12
C ALA H 175 21.09 40.19 -35.07
N PHE H 176 22.05 39.34 -35.48
CA PHE H 176 22.98 38.72 -34.54
C PHE H 176 23.76 39.75 -33.73
N ASN H 177 23.94 40.96 -34.25
CA ASN H 177 24.75 41.96 -33.57
C ASN H 177 24.11 42.37 -32.24
N ASP H 178 22.79 42.46 -32.19
CA ASP H 178 22.11 42.83 -30.95
C ASP H 178 21.39 41.67 -30.26
N TRP H 179 21.03 40.61 -30.98
CA TRP H 179 20.45 39.45 -30.33
C TRP H 179 21.49 38.67 -29.55
N ILE H 180 22.77 38.95 -29.76
CA ILE H 180 23.82 38.33 -28.96
C ILE H 180 23.72 38.74 -27.51
N ARG H 181 23.14 39.91 -27.24
CA ARG H 181 23.01 40.38 -25.86
C ARG H 181 22.02 39.55 -25.06
N ASP H 182 21.06 38.91 -25.72
CA ASP H 182 20.11 38.05 -25.01
C ASP H 182 20.79 36.77 -24.53
N PHE H 183 21.54 36.11 -25.42
CA PHE H 183 22.29 34.93 -25.02
C PHE H 183 23.42 35.29 -24.06
N TRP H 184 24.01 36.46 -24.24
CA TRP H 184 25.25 36.87 -23.59
C TRP H 184 25.02 37.44 -22.20
N PHE H 185 23.77 37.55 -21.77
CA PHE H 185 23.41 37.86 -20.38
C PHE H 185 22.46 36.78 -19.90
N ILE H 186 23.02 35.76 -19.25
CA ILE H 186 22.26 34.58 -18.86
C ILE H 186 21.29 34.98 -17.74
N GLY H 187 20.00 34.77 -17.96
CA GLY H 187 18.99 34.99 -16.96
C GLY H 187 18.91 36.42 -16.48
N PRO H 188 19.10 36.63 -15.17
CA PRO H 188 18.94 37.98 -14.62
C PRO H 188 20.12 38.90 -14.88
N ALA H 189 21.11 38.46 -15.64
CA ALA H 189 22.22 39.35 -15.99
C ALA H 189 21.73 40.54 -16.81
N PHE H 190 20.81 40.30 -17.74
CA PHE H 190 20.26 41.39 -18.53
C PHE H 190 19.45 42.35 -17.66
N THR H 191 18.76 41.82 -16.65
CA THR H 191 18.01 42.70 -15.75
C THR H 191 18.97 43.53 -14.90
N ALA H 192 20.07 42.94 -14.45
CA ALA H 192 21.08 43.70 -13.73
C ALA H 192 21.81 44.69 -14.61
N LEU H 193 21.78 44.49 -15.94
CA LEU H 193 22.35 45.46 -16.86
C LEU H 193 21.71 46.84 -16.69
N ASN H 194 20.38 46.89 -16.60
CA ASN H 194 19.70 48.16 -16.45
C ASN H 194 19.88 48.73 -15.05
N GLU H 195 20.00 47.87 -14.03
CA GLU H 195 20.02 48.34 -12.65
C GLU H 195 21.21 49.27 -12.41
N GLY H 196 22.37 48.92 -12.96
CA GLY H 196 23.53 49.77 -12.87
C GLY H 196 23.65 50.81 -13.95
N GLY H 197 22.64 50.94 -14.81
CA GLY H 197 22.72 51.87 -15.92
C GLY H 197 23.62 51.44 -17.04
N GLN H 198 23.92 50.15 -17.14
CA GLN H 198 24.78 49.65 -18.19
C GLN H 198 23.98 49.46 -19.48
N ARG H 199 24.44 50.10 -20.56
CA ARG H 199 23.89 49.91 -21.89
C ARG H 199 24.94 49.26 -22.76
N ILE H 200 24.65 48.04 -23.20
CA ILE H 200 25.53 47.32 -24.11
C ILE H 200 25.15 47.70 -25.53
N SER H 201 26.09 48.29 -26.26
CA SER H 201 25.87 48.53 -27.68
C SER H 201 25.94 47.21 -28.43
N ARG H 202 25.36 47.20 -29.62
CA ARG H 202 25.45 46.03 -30.48
C ARG H 202 26.91 45.69 -30.73
N ILE H 203 27.27 44.43 -30.58
CA ILE H 203 28.64 44.04 -30.87
C ILE H 203 28.88 44.21 -32.35
N GLU H 204 30.10 44.63 -32.71
CA GLU H 204 30.49 44.74 -34.10
C GLU H 204 31.70 43.86 -34.33
N VAL H 205 31.62 43.01 -35.34
CA VAL H 205 32.53 41.90 -35.53
C VAL H 205 33.47 42.21 -36.69
N ASN H 206 34.77 42.16 -36.43
CA ASN H 206 35.75 42.29 -37.49
C ASN H 206 35.94 41.01 -38.29
N GLY H 207 35.39 39.90 -37.83
CA GLY H 207 35.39 38.65 -38.58
C GLY H 207 35.67 37.41 -37.75
N LEU H 208 35.07 36.30 -38.15
CA LEU H 208 35.36 34.98 -37.59
C LEU H 208 36.03 34.12 -38.65
N ASN H 209 37.16 33.52 -38.30
CA ASN H 209 37.86 32.59 -39.16
C ASN H 209 38.65 31.63 -38.31
N THR H 210 39.05 30.51 -38.92
CA THR H 210 39.85 29.51 -38.25
C THR H 210 41.12 29.25 -39.07
N GLU H 211 42.20 28.92 -38.37
CA GLU H 211 43.46 28.64 -39.03
C GLU H 211 44.14 27.48 -38.32
N SER H 212 45.10 26.87 -39.01
CA SER H 212 45.84 25.75 -38.44
C SER H 212 46.71 26.23 -37.29
N GLY H 213 46.34 25.84 -36.08
CA GLY H 213 47.10 26.20 -34.89
C GLY H 213 48.26 25.26 -34.67
N PRO H 214 48.86 25.33 -33.47
CA PRO H 214 49.99 24.43 -33.17
C PRO H 214 49.63 22.96 -33.26
N LYS H 215 48.40 22.58 -32.91
CA LYS H 215 48.00 21.18 -32.94
C LYS H 215 46.66 20.93 -33.60
N GLY H 216 45.90 21.98 -33.96
CA GLY H 216 44.61 21.80 -34.57
C GLY H 216 43.97 23.11 -34.94
N PRO H 217 42.72 23.07 -35.42
CA PRO H 217 42.02 24.30 -35.78
C PRO H 217 41.83 25.20 -34.56
N VAL H 218 41.95 26.51 -34.79
CA VAL H 218 41.81 27.51 -33.73
C VAL H 218 40.81 28.55 -34.22
N GLY H 219 39.69 28.67 -33.52
CA GLY H 219 38.70 29.66 -33.87
C GLY H 219 39.10 31.04 -33.36
N VAL H 220 39.39 31.95 -34.29
CA VAL H 220 39.84 33.30 -33.94
C VAL H 220 38.70 34.25 -34.24
N SER H 221 38.28 35.02 -33.23
CA SER H 221 37.15 35.93 -33.35
C SER H 221 37.59 37.34 -32.98
N ARG H 222 37.44 38.26 -33.91
CA ARG H 222 37.69 39.69 -33.67
C ARG H 222 36.35 40.38 -33.54
N TRP H 223 36.00 40.80 -32.33
CA TRP H 223 34.74 41.49 -32.13
C TRP H 223 34.94 42.67 -31.19
N ARG H 224 34.10 43.68 -31.36
CA ARG H 224 34.13 44.87 -30.53
C ARG H 224 32.74 45.13 -29.98
N PHE H 225 32.67 45.59 -28.74
CA PHE H 225 31.43 46.07 -28.16
C PHE H 225 31.75 47.22 -27.22
N SER H 226 30.73 48.02 -26.93
CA SER H 226 30.90 49.16 -26.06
C SER H 226 29.74 49.21 -25.07
N HIS H 227 30.06 49.51 -23.81
CA HIS H 227 29.05 49.66 -22.78
C HIS H 227 29.22 51.02 -22.11
N GLY H 228 28.12 51.74 -21.98
CA GLY H 228 28.12 53.08 -21.40
C GLY H 228 27.31 53.09 -20.11
N GLY H 229 27.76 53.88 -19.16
CA GLY H 229 27.14 53.92 -17.84
C GLY H 229 26.62 55.30 -17.50
N SER H 230 25.55 55.32 -16.71
CA SER H 230 24.93 56.56 -16.25
C SER H 230 25.61 57.14 -15.02
N GLY H 231 26.59 56.46 -14.46
CA GLY H 231 27.29 56.94 -13.28
C GLY H 231 27.53 55.89 -12.23
N MET H 232 26.61 54.92 -12.10
CA MET H 232 26.84 53.82 -11.17
C MET H 232 27.94 52.88 -11.63
N VAL H 233 28.23 52.83 -12.93
CA VAL H 233 29.10 51.79 -13.47
C VAL H 233 30.51 52.04 -12.94
N ASP H 234 30.93 51.23 -11.97
CA ASP H 234 32.25 51.38 -11.38
C ASP H 234 33.37 51.01 -12.34
N SER H 235 33.10 50.11 -13.30
CA SER H 235 34.07 49.82 -14.34
C SER H 235 34.26 50.97 -15.31
N ILE H 236 33.40 51.98 -15.27
CA ILE H 236 33.51 53.14 -16.15
C ILE H 236 33.80 54.37 -15.31
N SER H 237 32.88 54.71 -14.39
CA SER H 237 32.99 55.94 -13.62
C SER H 237 34.23 55.97 -12.74
N ARG H 238 34.76 54.80 -12.38
CA ARG H 238 35.93 54.70 -11.52
C ARG H 238 37.02 53.90 -12.22
N TRP H 239 37.17 54.10 -13.53
CA TRP H 239 38.05 53.26 -14.33
C TRP H 239 39.51 53.43 -13.93
N ALA H 240 39.94 54.67 -13.72
CA ALA H 240 41.36 54.96 -13.52
C ALA H 240 41.93 54.29 -12.28
N GLU H 241 41.20 54.28 -11.16
CA GLU H 241 41.75 53.76 -9.93
C GLU H 241 41.19 52.41 -9.52
N LEU H 242 40.38 51.76 -10.38
CA LEU H 242 40.05 50.37 -10.16
C LEU H 242 41.18 49.45 -10.59
N PHE H 243 42.21 49.99 -11.22
CA PHE H 243 43.37 49.23 -11.69
C PHE H 243 44.62 49.91 -11.16
N PRO H 244 44.88 49.80 -9.84
CA PRO H 244 46.09 50.43 -9.26
C PRO H 244 47.35 49.65 -9.58
N SER H 245 47.86 49.85 -10.81
CA SER H 245 49.09 49.19 -11.21
C SER H 245 50.31 50.04 -10.90
N ASP H 246 50.17 51.37 -10.95
CA ASP H 246 51.29 52.24 -10.61
C ASP H 246 51.66 52.12 -9.13
N LYS H 247 50.67 51.96 -8.27
CA LYS H 247 50.89 51.80 -6.83
C LYS H 247 50.85 50.34 -6.40
N LEU H 248 51.33 49.45 -7.26
CA LEU H 248 51.44 48.02 -6.98
C LEU H 248 52.92 47.66 -7.05
N ASN H 249 53.50 47.30 -5.90
CA ASN H 249 54.91 46.91 -5.84
C ASN H 249 55.13 45.48 -5.39
N ARG H 250 54.15 44.85 -4.76
CA ARG H 250 54.28 43.49 -4.25
C ARG H 250 53.01 42.72 -4.61
N PRO H 251 53.08 41.39 -4.65
CA PRO H 251 51.94 40.59 -5.11
C PRO H 251 50.67 40.85 -4.32
N ALA H 252 49.54 40.85 -5.03
CA ALA H 252 48.24 41.12 -4.46
C ALA H 252 47.35 39.89 -4.64
N GLN H 253 46.57 39.57 -3.61
CA GLN H 253 45.74 38.37 -3.62
C GLN H 253 44.38 38.65 -3.00
N VAL H 254 43.35 38.05 -3.57
CA VAL H 254 42.01 38.05 -3.00
C VAL H 254 41.45 36.64 -3.09
N GLU H 255 40.99 36.11 -1.96
CA GLU H 255 40.37 34.79 -1.92
C GLU H 255 38.93 34.94 -1.43
N ALA H 256 37.98 34.55 -2.26
CA ALA H 256 36.57 34.69 -1.94
C ALA H 256 35.85 33.38 -2.20
N GLY H 257 34.70 33.23 -1.57
CA GLY H 257 33.90 32.03 -1.74
C GLY H 257 32.62 32.15 -0.96
N PHE H 258 31.63 31.37 -1.38
CA PHE H 258 30.35 31.35 -0.71
C PHE H 258 29.73 29.95 -0.80
N ARG H 259 28.90 29.63 0.18
CA ARG H 259 28.12 28.40 0.21
C ARG H 259 26.65 28.76 0.13
N SER H 260 25.93 28.12 -0.79
CA SER H 260 24.59 28.50 -1.20
C SER H 260 23.63 27.32 -1.08
N ASP H 261 23.57 26.74 0.12
CA ASP H 261 22.98 25.43 0.35
C ASP H 261 21.46 25.45 0.44
N SER H 262 20.80 26.47 -0.13
CA SER H 262 19.35 26.60 -0.22
C SER H 262 18.68 26.87 1.11
N GLN H 263 19.43 26.87 2.21
CA GLN H 263 18.93 27.33 3.50
C GLN H 263 19.73 28.52 4.00
N GLY H 264 20.71 28.98 3.24
CA GLY H 264 21.50 30.13 3.64
C GLY H 264 22.71 30.38 2.77
N ILE H 265 23.34 31.54 2.93
CA ILE H 265 24.56 31.90 2.23
C ILE H 265 25.65 32.15 3.27
N GLU H 266 26.78 31.47 3.10
CA GLU H 266 27.93 31.60 4.00
C GLU H 266 29.12 32.06 3.16
N VAL H 267 29.59 33.28 3.42
CA VAL H 267 30.57 33.95 2.57
C VAL H 267 31.88 34.05 3.33
N LYS H 268 32.98 33.75 2.64
CA LYS H 268 34.33 33.96 3.16
C LYS H 268 35.13 34.77 2.14
N VAL H 269 35.57 35.96 2.54
CA VAL H 269 36.30 36.85 1.65
C VAL H 269 37.60 37.26 2.33
N ASP H 270 38.70 37.09 1.62
CA ASP H 270 40.01 37.59 2.01
C ASP H 270 40.36 38.79 1.13
N GLY H 271 41.58 39.31 1.31
CA GLY H 271 42.01 40.39 0.46
C GLY H 271 43.33 41.05 0.81
N GLU H 272 44.14 41.30 -0.23
CA GLU H 272 45.40 42.02 -0.09
C GLU H 272 45.65 42.72 -1.42
N PHE H 273 45.33 44.00 -1.50
CA PHE H 273 45.46 44.72 -2.76
C PHE H 273 45.57 46.22 -2.48
N PRO H 274 46.32 46.95 -3.30
CA PRO H 274 46.42 48.40 -3.09
C PRO H 274 45.15 49.13 -3.50
N GLY H 275 45.13 50.44 -3.30
CA GLY H 275 43.98 51.24 -3.66
C GLY H 275 42.89 51.29 -2.63
N VAL H 276 43.01 50.54 -1.53
CA VAL H 276 41.97 50.53 -0.50
C VAL H 276 41.81 51.91 0.10
N SER H 277 42.92 52.57 0.40
CA SER H 277 42.91 53.92 0.93
C SER H 277 43.19 54.91 -0.18
N VAL H 278 42.28 55.85 -0.39
CA VAL H 278 42.41 56.88 -1.42
C VAL H 278 42.44 58.24 -0.73
N ASP H 279 43.34 59.11 -1.19
CA ASP H 279 43.54 60.41 -0.56
C ASP H 279 42.33 61.31 -0.79
N ALA H 280 42.06 62.18 0.19
CA ALA H 280 40.96 63.11 0.12
C ALA H 280 41.40 64.57 0.21
N GLY H 281 42.69 64.83 0.17
CA GLY H 281 43.19 66.19 0.14
C GLY H 281 43.57 66.70 1.52
N GLY H 282 44.58 67.58 1.55
CA GLY H 282 45.04 68.17 2.80
C GLY H 282 45.60 67.17 3.78
N GLY H 283 46.25 66.11 3.30
CA GLY H 283 46.75 65.07 4.16
C GLY H 283 45.70 64.11 4.68
N LEU H 284 44.43 64.32 4.33
CA LEU H 284 43.33 63.48 4.80
C LEU H 284 43.10 62.37 3.81
N ARG H 285 43.08 61.13 4.29
CA ARG H 285 42.81 59.97 3.46
C ARG H 285 41.39 59.48 3.71
N ARG H 286 40.99 58.46 2.95
CA ARG H 286 39.70 57.83 3.17
C ARG H 286 39.74 56.42 2.57
N ILE H 287 38.90 55.55 3.13
CA ILE H 287 38.59 54.29 2.47
C ILE H 287 37.93 54.60 1.14
N LEU H 288 38.26 53.83 0.11
CA LEU H 288 37.66 54.10 -1.19
C LEU H 288 36.14 54.00 -1.06
N ASN H 289 35.47 55.05 -1.51
CA ASN H 289 34.01 55.08 -1.40
C ASN H 289 33.39 53.94 -2.18
N HIS H 290 32.32 53.39 -1.65
CA HIS H 290 31.92 52.03 -2.00
C HIS H 290 31.55 51.95 -3.49
N PRO H 291 31.94 50.87 -4.17
CA PRO H 291 31.49 50.67 -5.55
C PRO H 291 29.97 50.60 -5.63
N LEU H 292 29.42 51.20 -6.68
CA LEU H 292 27.98 51.27 -6.86
C LEU H 292 27.40 50.00 -7.43
N ILE H 293 28.11 49.37 -8.37
CA ILE H 293 27.56 48.19 -9.06
C ILE H 293 27.34 47.02 -8.10
N PRO H 294 28.29 46.66 -7.22
CA PRO H 294 28.00 45.57 -6.28
C PRO H 294 26.75 45.79 -5.47
N LEU H 295 26.58 47.00 -4.90
CA LEU H 295 25.40 47.26 -4.08
C LEU H 295 24.12 47.19 -4.89
N VAL H 296 24.09 47.87 -6.05
CA VAL H 296 22.87 47.92 -6.84
C VAL H 296 22.51 46.54 -7.35
N HIS H 297 23.52 45.74 -7.71
CA HIS H 297 23.25 44.40 -8.21
C HIS H 297 22.78 43.46 -7.10
N HIS H 298 23.43 43.51 -5.94
CA HIS H 298 23.02 42.68 -4.81
C HIS H 298 21.66 43.10 -4.27
N GLY H 299 21.21 44.32 -4.56
CA GLY H 299 19.87 44.69 -4.18
C GLY H 299 18.81 43.88 -4.89
N MET H 300 19.15 43.35 -6.06
CA MET H 300 18.23 42.51 -6.82
C MET H 300 17.97 41.16 -6.16
N VAL H 301 18.76 40.79 -5.16
CA VAL H 301 18.54 39.54 -4.44
C VAL H 301 18.35 39.74 -2.94
N GLY H 302 18.75 40.88 -2.38
CA GLY H 302 18.65 41.12 -0.96
C GLY H 302 17.32 41.62 -0.45
N LYS H 303 16.33 41.80 -1.33
CA LYS H 303 15.03 42.32 -0.92
C LYS H 303 13.96 41.24 -0.86
N PHE H 304 14.33 39.96 -0.99
CA PHE H 304 13.33 38.90 -0.97
C PHE H 304 12.97 38.45 0.44
N ASN H 305 13.90 38.56 1.38
CA ASN H 305 13.63 38.25 2.77
C ASN H 305 13.99 39.44 3.64
N ASN H 306 13.06 39.88 4.48
CA ASN H 306 13.39 40.87 5.48
C ASN H 306 14.30 40.26 6.53
N PHE H 307 15.22 41.06 7.05
CA PHE H 307 16.28 40.53 7.89
C PHE H 307 16.74 41.57 8.89
N ASN H 308 17.08 41.09 10.09
CA ASN H 308 17.70 41.91 11.12
C ASN H 308 19.20 41.61 11.08
N VAL H 309 19.94 42.45 10.36
CA VAL H 309 21.36 42.19 10.18
C VAL H 309 22.13 42.47 11.48
N ASP H 310 23.18 41.67 11.69
CA ASP H 310 24.07 41.83 12.84
C ASP H 310 25.48 42.00 12.26
N ALA H 311 25.83 43.23 11.93
CA ALA H 311 27.08 43.51 11.25
C ALA H 311 28.14 43.97 12.23
N GLN H 312 29.40 43.89 11.79
CA GLN H 312 30.53 44.31 12.62
C GLN H 312 31.71 44.70 11.75
N LEU H 313 32.00 45.98 11.66
CA LEU H 313 33.12 46.48 10.89
C LEU H 313 34.27 46.81 11.83
N LYS H 314 35.47 46.35 11.47
CA LYS H 314 36.67 46.56 12.27
C LYS H 314 37.75 47.13 11.36
N VAL H 315 37.96 48.45 11.46
CA VAL H 315 38.97 49.14 10.68
C VAL H 315 40.21 49.32 11.55
N VAL H 316 41.36 48.95 11.01
CA VAL H 316 42.64 49.03 11.71
C VAL H 316 43.53 49.98 10.94
N LEU H 317 44.10 50.96 11.64
CA LEU H 317 44.86 52.03 11.05
C LEU H 317 46.34 51.92 11.40
N PRO H 318 47.22 52.47 10.56
CA PRO H 318 48.64 52.43 10.87
C PRO H 318 49.00 53.45 11.94
N LYS H 319 50.22 53.31 12.47
CA LYS H 319 50.64 54.10 13.62
C LYS H 319 50.57 55.59 13.32
N GLY H 320 49.90 56.33 14.20
CA GLY H 320 49.79 57.77 14.12
C GLY H 320 48.55 58.28 13.41
N TYR H 321 47.88 57.47 12.61
CA TYR H 321 46.72 57.92 11.85
C TYR H 321 45.45 57.85 12.68
N LYS H 322 44.73 58.97 12.74
CA LYS H 322 43.54 59.13 13.56
C LYS H 322 42.34 59.40 12.66
N ILE H 323 41.24 58.71 12.93
CA ILE H 323 40.04 58.77 12.09
C ILE H 323 39.22 59.99 12.49
N ARG H 324 38.61 60.64 11.50
CA ARG H 324 37.70 61.74 11.77
C ARG H 324 36.61 61.77 10.72
N TYR H 325 35.42 62.22 11.14
CA TYR H 325 34.22 62.26 10.32
C TYR H 325 33.94 60.89 9.70
N ALA H 326 33.67 59.93 10.57
CA ALA H 326 33.13 58.64 10.17
C ALA H 326 31.62 58.67 10.39
N ALA H 327 30.86 58.58 9.30
CA ALA H 327 29.40 58.70 9.35
C ALA H 327 28.77 57.47 8.71
N PRO H 328 28.05 56.64 9.47
CA PRO H 328 27.73 56.77 10.90
C PRO H 328 28.93 56.61 11.84
N GLN H 329 28.80 57.15 13.04
CA GLN H 329 29.92 57.21 13.98
C GLN H 329 30.36 55.81 14.39
N TYR H 330 31.68 55.66 14.59
CA TYR H 330 32.23 54.40 15.07
C TYR H 330 31.76 54.12 16.48
N ARG H 331 31.44 52.85 16.74
CA ARG H 331 30.88 52.46 18.03
C ARG H 331 31.91 52.61 19.15
N SER H 332 33.12 52.11 18.94
CA SER H 332 34.15 52.11 19.96
C SER H 332 35.50 52.40 19.33
N GLN H 333 36.49 52.63 20.18
CA GLN H 333 37.87 52.83 19.73
C GLN H 333 38.78 52.17 20.75
N ASN H 334 39.33 51.02 20.39
CA ASN H 334 40.34 50.35 21.23
C ASN H 334 41.72 50.78 20.74
N LEU H 335 42.20 51.88 21.34
CA LEU H 335 43.44 52.52 20.95
C LEU H 335 43.34 53.00 19.51
N GLU H 336 43.69 52.12 18.57
CA GLU H 336 43.96 52.48 17.18
C GLU H 336 43.00 51.82 16.20
N GLU H 337 42.17 50.88 16.67
CA GLU H 337 41.24 50.14 15.82
C GLU H 337 39.82 50.54 16.19
N TYR H 338 39.05 50.97 15.19
CA TYR H 338 37.69 51.40 15.43
C TYR H 338 36.69 50.34 14.95
N ARG H 339 35.55 50.28 15.63
CA ARG H 339 34.56 49.25 15.40
C ARG H 339 33.18 49.86 15.19
N TRP H 340 32.44 49.33 14.22
CA TRP H 340 31.07 49.71 13.96
C TRP H 340 30.15 48.53 14.21
N SER H 341 29.03 48.79 14.90
CA SER H 341 28.06 47.74 15.18
C SER H 341 26.77 48.38 15.67
N GLY H 342 25.64 47.85 15.21
CA GLY H 342 24.33 48.29 15.67
C GLY H 342 24.03 49.75 15.40
N GLY H 343 22.85 50.20 15.84
CA GLY H 343 22.49 51.60 15.67
C GLY H 343 22.37 51.97 14.21
N ALA H 344 23.04 53.07 13.84
CA ALA H 344 22.97 53.56 12.47
C ALA H 344 23.81 52.72 11.51
N TYR H 345 24.89 52.10 12.00
CA TYR H 345 25.72 51.30 11.10
C TYR H 345 25.00 50.03 10.65
N ALA H 346 24.28 49.37 11.56
CA ALA H 346 23.51 48.20 11.17
C ALA H 346 22.41 48.58 10.19
N ARG H 347 21.80 49.74 10.39
CA ARG H 347 20.80 50.22 9.44
C ARG H 347 21.43 50.47 8.07
N TRP H 348 22.64 51.05 8.04
CA TRP H 348 23.33 51.23 6.77
C TRP H 348 23.67 49.90 6.12
N VAL H 349 24.06 48.91 6.92
CA VAL H 349 24.40 47.61 6.37
C VAL H 349 23.18 46.95 5.75
N GLU H 350 22.03 47.03 6.43
CA GLU H 350 20.80 46.53 5.83
C GLU H 350 20.44 47.31 4.57
N HIS H 351 20.64 48.64 4.61
CA HIS H 351 20.36 49.50 3.47
C HIS H 351 21.16 49.08 2.24
N VAL H 352 22.45 48.78 2.43
CA VAL H 352 23.29 48.39 1.30
C VAL H 352 23.13 46.93 0.93
N CYS H 353 22.72 46.07 1.86
CA CYS H 353 22.43 44.69 1.52
C CYS H 353 21.14 44.58 0.70
N LYS H 354 20.21 45.50 0.91
CA LYS H 354 19.00 45.56 0.10
C LYS H 354 19.18 46.38 -1.16
N GLY H 355 20.40 46.88 -1.43
CA GLY H 355 20.69 47.59 -2.66
C GLY H 355 20.95 49.06 -2.52
N GLY H 356 20.75 49.64 -1.34
CA GLY H 356 20.97 51.06 -1.18
C GLY H 356 22.42 51.44 -1.38
N VAL H 357 22.62 52.72 -1.71
CA VAL H 357 23.95 53.21 -2.05
C VAL H 357 24.28 54.40 -1.15
N GLY H 358 23.77 54.37 0.08
CA GLY H 358 24.02 55.47 1.00
C GLY H 358 25.50 55.64 1.28
N GLN H 359 25.89 56.89 1.54
CA GLN H 359 27.29 57.21 1.76
C GLN H 359 27.72 56.79 3.16
N PHE H 360 28.83 56.06 3.23
CA PHE H 360 29.48 55.70 4.48
C PHE H 360 30.96 55.97 4.27
N GLU H 361 31.37 57.21 4.54
CA GLU H 361 32.73 57.65 4.29
C GLU H 361 33.54 57.59 5.58
N ILE H 362 34.72 57.00 5.50
CA ILE H 362 35.64 56.90 6.62
C ILE H 362 36.87 57.73 6.25
N LEU H 363 37.07 58.84 6.94
CA LEU H 363 38.19 59.73 6.69
C LEU H 363 39.20 59.61 7.81
N TYR H 364 40.48 59.58 7.46
CA TYR H 364 41.53 59.38 8.45
C TYR H 364 42.82 60.04 7.99
N ALA H 365 43.52 60.66 8.93
CA ALA H 365 44.80 61.29 8.67
C ALA H 365 45.64 61.25 9.93
N GLN H 366 46.74 61.99 9.94
CA GLN H 366 47.61 62.05 11.11
C GLN H 366 48.14 63.47 11.32
N VAL I 9 14.24 48.50 14.08
CA VAL I 9 13.45 49.64 14.52
C VAL I 9 13.04 50.46 13.30
N THR I 10 13.82 51.51 13.01
CA THR I 10 13.60 52.37 11.84
C THR I 10 12.17 52.90 11.81
N THR I 11 11.82 53.68 12.82
CA THR I 11 10.50 54.29 12.88
C THR I 11 10.36 55.38 11.83
N ALA I 12 9.21 55.41 11.17
CA ALA I 12 8.89 56.43 10.17
C ALA I 12 7.69 57.22 10.64
N HIS I 13 7.86 58.53 10.78
CA HIS I 13 6.81 59.43 11.22
C HIS I 13 6.49 60.43 10.13
N SER I 14 5.20 60.69 9.92
CA SER I 14 4.77 61.59 8.86
C SER I 14 3.37 62.07 9.14
N ASP I 15 3.12 63.36 8.85
CA ASP I 15 1.80 63.97 8.99
C ASP I 15 1.46 64.67 7.68
N TYR I 16 0.26 64.41 7.17
CA TYR I 16 -0.21 65.01 5.92
C TYR I 16 -1.49 65.80 6.17
N GLU I 17 -1.55 67.01 5.63
CA GLU I 17 -2.71 67.88 5.79
C GLU I 17 -3.18 68.36 4.42
N ILE I 18 -4.49 68.32 4.21
CA ILE I 18 -5.11 68.78 2.97
C ILE I 18 -6.39 69.52 3.36
N VAL I 19 -6.35 70.84 3.33
CA VAL I 19 -7.53 71.66 3.56
C VAL I 19 -8.01 72.15 2.19
N LEU I 20 -9.28 71.94 1.90
CA LEU I 20 -9.79 72.14 0.55
C LEU I 20 -10.64 73.40 0.45
N GLU I 21 -11.10 73.70 -0.77
CA GLU I 21 -11.98 74.82 -1.04
C GLU I 21 -13.19 74.32 -1.82
N GLY I 22 -14.35 74.90 -1.54
CA GLY I 22 -15.60 74.44 -2.08
C GLY I 22 -15.95 75.07 -3.42
N GLY I 23 -17.17 74.80 -3.86
CA GLY I 23 -17.66 75.32 -5.12
C GLY I 23 -16.90 74.73 -6.32
N SER I 24 -16.85 75.53 -7.38
CA SER I 24 -16.11 75.13 -8.57
C SER I 24 -14.60 75.11 -8.33
N SER I 25 -14.13 75.73 -7.26
CA SER I 25 -12.71 75.76 -6.96
C SER I 25 -12.21 74.37 -6.59
N SER I 26 -11.06 73.99 -7.16
CA SER I 26 -10.38 72.76 -6.81
C SER I 26 -9.16 73.02 -5.94
N TRP I 27 -9.07 74.22 -5.38
CA TRP I 27 -7.88 74.63 -4.63
C TRP I 27 -7.77 73.87 -3.31
N GLY I 28 -6.54 73.77 -2.82
CA GLY I 28 -6.31 73.11 -1.54
C GLY I 28 -4.90 73.27 -1.02
N LYS I 29 -4.76 73.66 0.25
CA LYS I 29 -3.45 73.74 0.88
C LYS I 29 -3.01 72.34 1.26
N VAL I 30 -1.86 71.92 0.75
CA VAL I 30 -1.28 70.63 1.09
C VAL I 30 0.07 70.88 1.72
N LYS I 31 0.17 70.66 3.03
CA LYS I 31 1.46 70.73 3.71
C LYS I 31 1.67 69.42 4.45
N ALA I 32 2.86 68.86 4.32
CA ALA I 32 3.16 67.54 4.85
C ALA I 32 4.53 67.53 5.52
N ARG I 33 4.68 66.68 6.53
CA ARG I 33 5.93 66.52 7.25
C ARG I 33 6.28 65.04 7.25
N ALA I 34 7.58 64.74 7.31
CA ALA I 34 8.03 63.36 7.31
C ALA I 34 9.34 63.25 8.06
N LYS I 35 9.49 62.16 8.82
CA LYS I 35 10.72 61.88 9.54
C LYS I 35 11.02 60.40 9.37
N VAL I 36 12.20 60.10 8.84
CA VAL I 36 12.65 58.72 8.60
C VAL I 36 14.01 58.56 9.26
N ASN I 37 14.22 57.42 9.93
CA ASN I 37 15.46 57.13 10.60
C ASN I 37 16.38 56.23 9.78
N ALA I 38 16.04 55.99 8.51
CA ALA I 38 16.83 55.12 7.65
C ALA I 38 17.78 55.94 6.79
N PRO I 39 18.99 55.44 6.54
CA PRO I 39 19.93 56.16 5.69
C PRO I 39 19.39 56.32 4.28
N PRO I 40 19.60 57.47 3.67
CA PRO I 40 19.18 57.65 2.28
C PRO I 40 20.15 57.00 1.31
N ALA I 41 19.65 56.67 0.13
CA ALA I 41 20.46 56.03 -0.90
C ALA I 41 21.12 57.05 -1.81
N SER I 42 21.81 58.01 -1.21
CA SER I 42 22.58 59.00 -1.96
C SER I 42 24.06 58.74 -1.73
N PRO I 43 24.84 58.47 -2.78
CA PRO I 43 26.27 58.17 -2.57
C PRO I 43 27.05 59.33 -1.98
N LEU I 44 26.53 60.55 -2.03
CA LEU I 44 27.12 61.69 -1.35
C LEU I 44 26.19 62.12 -0.23
N LEU I 45 26.73 62.22 0.98
CA LEU I 45 25.97 62.62 2.15
C LEU I 45 26.83 63.52 3.02
N PRO I 46 26.21 64.46 3.75
CA PRO I 46 24.76 64.73 3.79
C PRO I 46 24.27 65.55 2.59
N ALA I 47 23.01 65.34 2.20
CA ALA I 47 22.40 66.03 1.09
C ALA I 47 21.17 66.78 1.58
N ASP I 48 21.06 68.06 1.20
CA ASP I 48 19.93 68.89 1.57
C ASP I 48 19.31 69.52 0.33
N CYS I 49 18.03 69.85 0.42
CA CYS I 49 17.35 70.57 -0.66
C CYS I 49 16.43 71.63 -0.10
N ASP I 50 16.25 72.70 -0.87
CA ASP I 50 15.21 73.69 -0.66
C ASP I 50 14.54 73.95 -2.00
N VAL I 51 13.23 73.70 -2.08
CA VAL I 51 12.49 73.83 -3.32
C VAL I 51 11.39 74.85 -3.11
N LYS I 52 11.33 75.84 -4.01
CA LYS I 52 10.33 76.91 -3.93
C LYS I 52 9.71 77.09 -5.31
N LEU I 53 8.50 76.57 -5.48
CA LEU I 53 7.76 76.73 -6.73
C LEU I 53 6.65 77.75 -6.53
N ASN I 54 6.69 78.83 -7.30
CA ASN I 54 5.68 79.86 -7.25
C ASN I 54 5.12 80.09 -8.65
N VAL I 55 3.80 80.15 -8.76
CA VAL I 55 3.13 80.36 -10.03
C VAL I 55 2.16 81.52 -9.91
N LYS I 56 2.19 82.43 -10.88
CA LYS I 56 1.23 83.52 -10.98
C LYS I 56 0.92 83.74 -12.46
N PRO I 57 -0.31 84.08 -12.80
CA PRO I 57 -0.68 84.24 -14.22
C PRO I 57 -0.28 85.62 -14.74
N LEU I 58 0.24 85.65 -15.98
CA LEU I 58 0.44 86.94 -16.64
C LEU I 58 -0.90 87.59 -16.95
N ASP I 59 -1.75 86.90 -17.70
CA ASP I 59 -3.06 87.38 -18.13
C ASP I 59 -3.85 86.22 -18.73
N PRO I 60 -5.16 86.14 -18.47
CA PRO I 60 -5.98 85.08 -19.06
C PRO I 60 -6.12 85.14 -20.58
N ALA I 61 -5.59 86.19 -21.22
CA ALA I 61 -5.77 86.37 -22.66
C ALA I 61 -5.22 85.19 -23.45
N LYS I 62 -4.04 84.71 -23.09
CA LYS I 62 -3.44 83.60 -23.82
C LYS I 62 -2.92 82.48 -22.92
N GLY I 63 -3.18 82.51 -21.62
CA GLY I 63 -2.80 81.43 -20.73
C GLY I 63 -1.40 81.49 -20.19
N PHE I 64 -0.65 82.55 -20.48
CA PHE I 64 0.68 82.71 -19.90
C PHE I 64 0.59 82.78 -18.38
N VAL I 65 1.43 82.00 -17.71
CA VAL I 65 1.55 82.03 -16.25
C VAL I 65 3.02 82.04 -15.89
N ARG I 66 3.42 82.98 -15.04
CA ARG I 66 4.77 82.96 -14.49
C ARG I 66 4.90 81.79 -13.54
N ILE I 67 5.95 80.98 -13.73
CA ILE I 67 6.24 79.89 -12.80
C ILE I 67 7.73 79.97 -12.47
N SER I 68 8.04 80.13 -11.19
CA SER I 68 9.42 80.28 -10.73
C SER I 68 9.75 79.12 -9.80
N ALA I 69 10.89 78.47 -10.07
CA ALA I 69 11.34 77.34 -9.27
C ALA I 69 12.77 77.60 -8.79
N VAL I 70 12.99 77.48 -7.49
CA VAL I 70 14.29 77.65 -6.89
C VAL I 70 14.68 76.34 -6.21
N PHE I 71 15.83 75.79 -6.59
CA PHE I 71 16.33 74.54 -6.02
C PHE I 71 17.66 74.81 -5.33
N GLU I 72 17.60 75.15 -4.04
CA GLU I 72 18.79 75.29 -3.23
C GLU I 72 19.17 73.94 -2.64
N SER I 73 20.45 73.62 -2.65
CA SER I 73 20.89 72.30 -2.20
C SER I 73 22.33 72.38 -1.71
N ILE I 74 22.67 71.47 -0.80
CA ILE I 74 24.02 71.32 -0.28
C ILE I 74 24.28 69.81 -0.16
N VAL I 75 25.11 69.28 -1.04
CA VAL I 75 25.44 67.86 -1.07
C VAL I 75 26.93 67.70 -0.87
N ASP I 76 27.32 67.02 0.19
CA ASP I 76 28.74 66.83 0.54
C ASP I 76 29.45 68.17 0.63
N SER I 77 28.76 69.15 1.24
CA SER I 77 29.23 70.52 1.43
C SER I 77 29.36 71.29 0.13
N THR I 78 28.86 70.75 -0.99
CA THR I 78 28.90 71.43 -2.28
C THR I 78 27.60 72.21 -2.45
N LYS I 79 27.72 73.53 -2.61
CA LYS I 79 26.57 74.39 -2.78
C LYS I 79 25.99 74.24 -4.18
N ASN I 80 24.69 74.00 -4.26
CA ASN I 80 23.99 73.85 -5.53
C ASN I 80 22.76 74.74 -5.54
N LYS I 81 22.48 75.32 -6.70
CA LYS I 81 21.33 76.21 -6.85
C LYS I 81 20.81 76.11 -8.27
N LEU I 82 19.50 76.27 -8.43
CA LEU I 82 18.86 76.25 -9.74
C LEU I 82 17.59 77.08 -9.66
N THR I 83 17.63 78.28 -10.22
CA THR I 83 16.48 79.18 -10.26
C THR I 83 16.02 79.32 -11.71
N ILE I 84 14.77 78.96 -11.96
CA ILE I 84 14.19 79.04 -13.30
C ILE I 84 12.83 79.72 -13.24
N GLU I 85 12.60 80.66 -14.14
CA GLU I 85 11.29 81.27 -14.33
C GLU I 85 10.94 81.18 -15.81
N ALA I 86 9.67 80.91 -16.10
CA ALA I 86 9.26 80.65 -17.47
C ALA I 86 7.78 81.01 -17.67
N ASP I 87 7.47 81.61 -18.81
CA ASP I 87 6.08 81.84 -19.20
C ASP I 87 5.56 80.62 -19.93
N ILE I 88 4.65 79.88 -19.30
CA ILE I 88 4.18 78.60 -19.80
C ILE I 88 2.69 78.70 -20.09
N ALA I 89 2.28 78.23 -21.27
CA ALA I 89 0.87 78.28 -21.66
C ALA I 89 0.56 77.16 -22.63
N ASN I 90 -0.70 76.70 -22.58
CA ASN I 90 -1.21 75.71 -23.53
C ASN I 90 -1.79 76.44 -24.73
N GLU I 91 -1.03 76.51 -25.83
CA GLU I 91 -1.54 77.15 -27.03
C GLU I 91 -2.60 76.29 -27.71
N THR I 92 -2.49 74.97 -27.60
CA THR I 92 -3.53 74.05 -28.04
C THR I 92 -3.75 73.02 -26.93
N LYS I 93 -4.78 72.20 -27.10
CA LYS I 93 -5.11 71.19 -26.10
C LYS I 93 -4.03 70.12 -25.98
N GLU I 94 -3.18 69.97 -26.99
CA GLU I 94 -2.14 68.94 -26.98
C GLU I 94 -0.73 69.52 -26.94
N ARG I 95 -0.56 70.81 -27.25
CA ARG I 95 0.76 71.42 -27.33
C ARG I 95 0.86 72.56 -26.34
N ARG I 96 2.01 72.64 -25.66
CA ARG I 96 2.29 73.67 -24.68
C ARG I 96 3.54 74.41 -25.10
N ILE I 97 3.56 75.73 -24.88
CA ILE I 97 4.67 76.58 -25.26
C ILE I 97 5.20 77.29 -24.02
N SER I 98 6.52 77.39 -23.91
CA SER I 98 7.17 78.03 -22.78
C SER I 98 8.35 78.87 -23.22
N VAL I 99 8.53 80.01 -22.56
CA VAL I 99 9.71 80.85 -22.73
C VAL I 99 10.19 81.26 -21.35
N GLY I 100 11.50 81.13 -21.10
CA GLY I 100 12.01 81.47 -19.78
C GLY I 100 13.53 81.46 -19.75
N GLU I 101 14.05 81.95 -18.62
CA GLU I 101 15.48 81.98 -18.37
C GLU I 101 15.79 81.16 -17.12
N GLY I 102 17.04 81.19 -16.69
CA GLY I 102 17.43 80.49 -15.49
C GLY I 102 18.93 80.44 -15.36
N MET I 103 19.38 80.01 -14.18
CA MET I 103 20.79 79.92 -13.87
C MET I 103 21.04 78.69 -12.99
N VAL I 104 22.19 78.06 -13.21
CA VAL I 104 22.61 76.89 -12.45
C VAL I 104 23.98 77.16 -11.86
N SER I 105 24.10 77.05 -10.53
CA SER I 105 25.36 77.34 -9.86
C SER I 105 25.76 76.15 -8.98
N VAL I 106 27.00 75.72 -9.13
CA VAL I 106 27.59 74.68 -8.30
C VAL I 106 28.90 75.23 -7.73
N GLY I 107 28.94 75.41 -6.42
CA GLY I 107 30.10 76.02 -5.81
C GLY I 107 30.29 77.43 -6.35
N ASP I 108 31.48 77.71 -6.87
CA ASP I 108 31.76 79.00 -7.49
C ASP I 108 31.28 79.10 -8.93
N PHE I 109 31.17 77.97 -9.63
CA PHE I 109 30.72 77.98 -11.01
C PHE I 109 29.24 78.32 -11.09
N SER I 110 28.87 79.02 -12.17
CA SER I 110 27.48 79.37 -12.42
C SER I 110 27.33 79.73 -13.88
N HIS I 111 26.27 79.22 -14.52
CA HIS I 111 25.93 79.62 -15.88
C HIS I 111 24.44 79.90 -15.98
N THR I 112 24.10 81.11 -16.43
CA THR I 112 22.73 81.48 -16.70
C THR I 112 22.33 81.01 -18.10
N PHE I 113 21.08 80.60 -18.24
CA PHE I 113 20.58 80.09 -19.51
C PHE I 113 19.21 80.69 -19.82
N SER I 114 18.93 80.81 -21.11
CA SER I 114 17.65 81.27 -21.61
C SER I 114 17.13 80.27 -22.64
N PHE I 115 15.82 80.05 -22.64
CA PHE I 115 15.26 79.03 -23.52
C PHE I 115 13.86 79.41 -23.96
N GLU I 116 13.46 78.90 -25.12
CA GLU I 116 12.11 79.00 -25.64
C GLU I 116 11.68 77.61 -26.08
N GLY I 117 10.99 76.89 -25.20
CA GLY I 117 10.64 75.51 -25.47
C GLY I 117 9.15 75.33 -25.66
N SER I 118 8.80 74.51 -26.64
CA SER I 118 7.42 74.17 -26.95
C SER I 118 7.27 72.66 -26.89
N VAL I 119 6.27 72.19 -26.15
CA VAL I 119 6.09 70.77 -25.89
C VAL I 119 4.68 70.39 -26.34
N VAL I 120 4.58 69.35 -27.16
CA VAL I 120 3.30 68.81 -27.61
C VAL I 120 3.18 67.39 -27.09
N ASN I 121 2.03 67.08 -26.49
CA ASN I 121 1.77 65.77 -25.91
C ASN I 121 0.65 65.10 -26.71
N LEU I 122 0.92 63.90 -27.19
CA LEU I 122 -0.01 63.17 -28.05
C LEU I 122 -0.27 61.79 -27.47
N PHE I 123 -1.53 61.48 -27.23
CA PHE I 123 -1.92 60.13 -26.82
C PHE I 123 -1.98 59.22 -28.04
N TYR I 124 -1.74 57.92 -27.80
CA TYR I 124 -1.80 56.96 -28.90
C TYR I 124 -3.23 56.75 -29.38
N TYR I 125 -4.21 56.87 -28.49
CA TYR I 125 -5.61 56.68 -28.85
C TYR I 125 -6.47 57.65 -28.05
N ARG I 126 -7.63 57.97 -28.60
CA ARG I 126 -8.67 58.74 -27.93
C ARG I 126 -10.02 58.07 -28.15
N SER I 127 -10.06 56.76 -27.96
CA SER I 127 -11.28 56.00 -28.21
C SER I 127 -12.37 56.34 -27.20
N ASP I 128 -13.59 56.48 -27.69
CA ASP I 128 -14.73 56.71 -26.82
C ASP I 128 -15.13 55.46 -26.05
N ALA I 129 -14.67 54.28 -26.48
CA ALA I 129 -14.98 53.05 -25.75
C ALA I 129 -14.38 53.08 -24.35
N VAL I 130 -13.14 53.58 -24.23
CA VAL I 130 -12.51 53.68 -22.93
C VAL I 130 -13.16 54.77 -22.09
N ARG I 131 -13.40 55.94 -22.68
CA ARG I 131 -13.84 57.10 -21.90
C ARG I 131 -15.24 56.88 -21.31
N ARG I 132 -16.13 56.24 -22.07
CA ARG I 132 -17.49 56.07 -21.57
C ARG I 132 -17.64 54.86 -20.64
N ASN I 133 -16.61 54.03 -20.50
CA ASN I 133 -16.69 52.82 -19.69
C ASN I 133 -15.83 52.87 -18.44
N VAL I 134 -14.57 53.29 -18.57
CA VAL I 134 -13.66 53.42 -17.42
C VAL I 134 -13.94 54.77 -16.76
N PRO I 135 -14.45 54.79 -15.53
CA PRO I 135 -14.80 56.07 -14.91
C PRO I 135 -13.59 56.82 -14.39
N ASN I 136 -12.58 56.09 -13.92
CA ASN I 136 -11.35 56.68 -13.38
C ASN I 136 -10.16 56.02 -14.07
N PRO I 137 -9.91 56.35 -15.34
CA PRO I 137 -8.76 55.77 -16.03
C PRO I 137 -7.47 56.29 -15.45
N ILE I 138 -6.45 55.42 -15.46
CA ILE I 138 -5.16 55.76 -14.86
C ILE I 138 -4.10 55.84 -15.94
N TYR I 139 -3.97 54.78 -16.73
CA TYR I 139 -2.93 54.68 -17.75
C TYR I 139 -3.40 55.28 -19.07
N MET I 140 -2.62 56.22 -19.60
CA MET I 140 -2.79 56.70 -20.98
C MET I 140 -1.42 56.64 -21.65
N GLN I 141 -1.20 55.58 -22.44
CA GLN I 141 0.03 55.47 -23.20
C GLN I 141 0.09 56.58 -24.24
N GLY I 142 1.27 57.17 -24.40
CA GLY I 142 1.43 58.24 -25.36
C GLY I 142 2.87 58.71 -25.41
N ARG I 143 3.12 59.63 -26.33
CA ARG I 143 4.43 60.23 -26.51
C ARG I 143 4.34 61.73 -26.28
N GLN I 144 5.29 62.27 -25.54
CA GLN I 144 5.37 63.70 -25.27
C GLN I 144 6.60 64.23 -26.01
N PHE I 145 6.38 65.18 -26.91
CA PHE I 145 7.43 65.65 -27.81
C PHE I 145 7.96 66.98 -27.28
N HIS I 146 9.26 67.00 -26.97
CA HIS I 146 9.95 68.20 -26.51
C HIS I 146 10.60 68.90 -27.69
N ASP I 147 10.64 70.23 -27.64
CA ASP I 147 11.30 71.05 -28.65
C ASP I 147 11.89 72.26 -27.93
N ILE I 148 13.20 72.25 -27.71
CA ILE I 148 13.86 73.26 -26.89
C ILE I 148 14.90 73.99 -27.72
N LEU I 149 14.82 75.31 -27.72
CA LEU I 149 15.95 76.16 -28.11
C LEU I 149 16.44 76.83 -26.84
N MET I 150 17.71 76.60 -26.50
CA MET I 150 18.28 77.13 -25.27
C MET I 150 19.56 77.86 -25.58
N LYS I 151 19.65 79.11 -25.12
CA LYS I 151 20.80 79.96 -25.35
C LYS I 151 21.50 80.22 -24.02
N VAL I 152 22.78 79.87 -23.94
CA VAL I 152 23.56 80.01 -22.73
C VAL I 152 24.76 80.89 -23.03
N PRO I 153 24.90 82.06 -22.40
CA PRO I 153 26.09 82.88 -22.62
C PRO I 153 27.36 82.14 -22.22
N LEU I 154 28.39 82.28 -23.03
CA LEU I 154 29.69 81.66 -22.76
C LEU I 154 30.64 82.75 -22.28
N ASP I 155 30.54 83.06 -21.00
CA ASP I 155 31.35 84.11 -20.39
C ASP I 155 32.58 83.58 -19.66
N ASN I 156 32.41 82.59 -18.80
CA ASN I 156 33.56 81.97 -18.15
C ASN I 156 34.18 80.92 -19.05
N ASN I 157 35.40 80.51 -18.70
CA ASN I 157 36.16 79.61 -19.57
C ASN I 157 35.56 78.22 -19.61
N ASP I 158 35.00 77.74 -18.50
CA ASP I 158 34.49 76.38 -18.44
C ASP I 158 33.29 76.19 -19.36
N LEU I 159 32.44 77.20 -19.47
CA LEU I 159 31.34 77.13 -20.43
C LEU I 159 31.86 77.02 -21.85
N ILE I 160 32.89 77.78 -22.18
CA ILE I 160 33.48 77.71 -23.52
C ILE I 160 34.05 76.32 -23.77
N ASP I 161 34.72 75.76 -22.76
CA ASP I 161 35.26 74.41 -22.91
C ASP I 161 34.16 73.38 -23.13
N THR I 162 33.08 73.45 -22.35
CA THR I 162 31.96 72.53 -22.56
C THR I 162 31.37 72.69 -23.95
N TRP I 163 31.17 73.95 -24.39
CA TRP I 163 30.58 74.20 -25.70
C TRP I 163 31.44 73.63 -26.82
N GLU I 164 32.76 73.89 -26.76
CA GLU I 164 33.64 73.40 -27.81
C GLU I 164 33.72 71.88 -27.81
N GLY I 165 33.82 71.26 -26.62
CA GLY I 165 33.83 69.81 -26.56
C GLY I 165 32.55 69.20 -27.10
N THR I 166 31.41 69.82 -26.80
CA THR I 166 30.14 69.28 -27.26
C THR I 166 29.98 69.41 -28.77
N VAL I 167 30.34 70.56 -29.34
CA VAL I 167 30.21 70.71 -30.79
C VAL I 167 31.19 69.77 -31.49
N LYS I 168 32.39 69.59 -30.93
CA LYS I 168 33.33 68.64 -31.52
C LYS I 168 32.80 67.21 -31.46
N ALA I 169 32.21 66.83 -30.32
CA ALA I 169 31.68 65.48 -30.17
C ALA I 169 30.51 65.23 -31.12
N ILE I 170 29.62 66.21 -31.25
CA ILE I 170 28.46 66.02 -32.13
C ILE I 170 28.90 65.99 -33.59
N GLY I 171 29.83 66.85 -33.98
CA GLY I 171 30.32 66.81 -35.35
C GLY I 171 31.05 65.53 -35.68
N SER I 172 31.90 65.06 -34.76
CA SER I 172 32.71 63.88 -35.03
C SER I 172 31.93 62.59 -34.76
N THR I 173 31.51 62.40 -33.52
CA THR I 173 30.87 61.14 -33.14
C THR I 173 29.45 61.07 -33.66
N GLY I 174 29.13 59.97 -34.36
CA GLY I 174 27.80 59.76 -34.89
C GLY I 174 26.82 59.10 -33.95
N ALA I 175 27.30 58.56 -32.82
CA ALA I 175 26.46 57.92 -31.84
C ALA I 175 26.03 58.85 -30.73
N PHE I 176 26.31 60.15 -30.85
CA PHE I 176 25.93 61.11 -29.83
C PHE I 176 24.43 61.11 -29.55
N ASN I 177 23.60 60.94 -30.59
CA ASN I 177 22.17 61.12 -30.42
C ASN I 177 21.54 60.10 -29.47
N ASP I 178 22.16 58.95 -29.27
CA ASP I 178 21.70 58.02 -28.25
C ASP I 178 22.66 57.85 -27.08
N TRP I 179 23.93 58.23 -27.23
CA TRP I 179 24.83 58.20 -26.08
C TRP I 179 24.63 59.41 -25.19
N ILE I 180 23.87 60.40 -25.63
CA ILE I 180 23.54 61.54 -24.79
C ILE I 180 22.61 61.13 -23.66
N ARG I 181 21.87 60.03 -23.85
CA ARG I 181 21.01 59.54 -22.78
C ARG I 181 21.79 58.90 -21.66
N ASP I 182 23.02 58.46 -21.92
CA ASP I 182 23.86 57.94 -20.85
C ASP I 182 24.36 59.05 -19.94
N PHE I 183 24.95 60.10 -20.53
CA PHE I 183 25.39 61.25 -19.76
C PHE I 183 24.21 61.98 -19.12
N TRP I 184 23.10 62.04 -19.84
CA TRP I 184 22.00 62.97 -19.56
C TRP I 184 21.07 62.44 -18.48
N PHE I 185 21.31 61.24 -17.97
CA PHE I 185 20.61 60.71 -16.81
C PHE I 185 21.64 60.32 -15.76
N ILE I 186 21.86 61.22 -14.80
CA ILE I 186 22.87 61.05 -13.76
C ILE I 186 22.52 59.82 -12.92
N GLY I 187 23.40 58.82 -12.96
CA GLY I 187 23.29 57.67 -12.08
C GLY I 187 21.99 56.92 -12.18
N PRO I 188 21.26 56.86 -11.06
CA PRO I 188 20.00 56.09 -11.04
C PRO I 188 18.89 56.68 -11.88
N ALA I 189 19.09 57.86 -12.46
CA ALA I 189 18.07 58.44 -13.33
C ALA I 189 17.80 57.54 -14.52
N PHE I 190 18.85 56.90 -15.05
CA PHE I 190 18.68 56.01 -16.19
C PHE I 190 17.82 54.79 -15.83
N THR I 191 18.03 54.24 -14.63
CA THR I 191 17.22 53.10 -14.21
C THR I 191 15.79 53.51 -13.91
N ALA I 192 15.61 54.69 -13.31
CA ALA I 192 14.26 55.19 -13.05
C ALA I 192 13.54 55.54 -14.34
N LEU I 193 14.28 55.77 -15.41
CA LEU I 193 13.66 55.97 -16.71
C LEU I 193 12.78 54.79 -17.10
N ASN I 194 13.28 53.57 -16.91
CA ASN I 194 12.53 52.39 -17.30
C ASN I 194 11.67 51.86 -16.17
N GLU I 195 12.08 52.04 -14.91
CA GLU I 195 11.27 51.62 -13.78
C GLU I 195 9.96 52.38 -13.68
N GLY I 196 9.82 53.50 -14.38
CA GLY I 196 8.57 54.24 -14.39
C GLY I 196 7.84 54.14 -15.72
N GLY I 197 8.52 53.62 -16.73
CA GLY I 197 7.94 53.42 -18.04
C GLY I 197 8.36 54.41 -19.11
N GLN I 198 9.22 55.36 -18.79
CA GLN I 198 9.64 56.35 -19.77
C GLN I 198 10.59 55.73 -20.80
N ARG I 199 10.43 56.17 -22.05
CA ARG I 199 11.39 55.89 -23.12
C ARG I 199 11.84 57.20 -23.74
N ILE I 200 13.12 57.52 -23.59
CA ILE I 200 13.69 58.71 -24.21
C ILE I 200 14.15 58.32 -25.61
N SER I 201 13.51 58.90 -26.62
CA SER I 201 13.97 58.70 -27.99
C SER I 201 15.29 59.42 -28.21
N ARG I 202 15.99 59.02 -29.27
CA ARG I 202 17.21 59.73 -29.64
C ARG I 202 16.91 61.19 -29.89
N ILE I 203 17.68 62.07 -29.26
CA ILE I 203 17.54 63.49 -29.54
C ILE I 203 18.07 63.78 -30.93
N GLU I 204 17.42 64.69 -31.63
CA GLU I 204 17.91 65.19 -32.90
C GLU I 204 18.17 66.69 -32.75
N VAL I 205 19.35 67.12 -33.16
CA VAL I 205 19.82 68.49 -32.92
C VAL I 205 19.72 69.25 -34.23
N ASN I 206 18.96 70.35 -34.21
CA ASN I 206 18.78 71.17 -35.40
C ASN I 206 19.95 72.12 -35.64
N GLY I 207 20.91 72.19 -34.72
CA GLY I 207 22.07 73.02 -34.91
C GLY I 207 22.66 73.56 -33.63
N LEU I 208 23.98 73.75 -33.61
CA LEU I 208 24.68 74.37 -32.49
C LEU I 208 25.43 75.58 -33.03
N ASN I 209 24.76 76.71 -33.06
CA ASN I 209 25.35 77.97 -33.51
C ASN I 209 25.59 78.90 -32.33
N THR I 210 26.37 79.95 -32.57
CA THR I 210 26.72 80.90 -31.54
C THR I 210 26.80 82.29 -32.16
N GLU I 211 26.65 83.31 -31.30
CA GLU I 211 26.70 84.69 -31.74
C GLU I 211 27.03 85.56 -30.54
N SER I 212 27.42 86.81 -30.83
CA SER I 212 27.70 87.78 -29.79
C SER I 212 26.41 88.48 -29.37
N GLY I 213 26.12 88.45 -28.07
CA GLY I 213 24.91 89.03 -27.55
C GLY I 213 25.14 90.35 -26.86
N PRO I 214 24.74 90.45 -25.59
CA PRO I 214 24.91 91.71 -24.87
C PRO I 214 26.36 91.98 -24.47
N LYS I 215 27.09 90.93 -24.09
CA LYS I 215 28.47 91.09 -23.64
C LYS I 215 29.45 90.14 -24.32
N GLY I 216 29.04 88.94 -24.72
CA GLY I 216 29.95 87.99 -25.30
C GLY I 216 29.26 86.86 -26.03
N PRO I 217 30.02 85.81 -26.37
CA PRO I 217 29.44 84.69 -27.11
C PRO I 217 28.34 84.00 -26.31
N VAL I 218 27.33 83.54 -27.03
CA VAL I 218 26.19 82.83 -26.43
C VAL I 218 26.06 81.50 -27.16
N GLY I 219 26.03 80.41 -26.41
CA GLY I 219 25.86 79.09 -26.99
C GLY I 219 24.40 78.74 -27.21
N VAL I 220 23.93 78.83 -28.45
CA VAL I 220 22.54 78.63 -28.79
C VAL I 220 22.38 77.20 -29.30
N SER I 221 21.51 76.43 -28.66
CA SER I 221 21.27 75.03 -28.98
C SER I 221 19.80 74.85 -29.32
N ARG I 222 19.53 74.32 -30.52
CA ARG I 222 18.18 74.02 -30.96
C ARG I 222 18.04 72.51 -31.10
N TRP I 223 17.48 71.88 -30.09
CA TRP I 223 17.35 70.42 -30.05
C TRP I 223 15.92 70.05 -29.73
N ARG I 224 15.61 68.77 -29.92
CA ARG I 224 14.27 68.27 -29.63
C ARG I 224 14.37 66.78 -29.36
N PHE I 225 13.47 66.29 -28.51
CA PHE I 225 13.37 64.86 -28.22
C PHE I 225 11.93 64.55 -27.86
N SER I 226 11.65 63.26 -27.67
CA SER I 226 10.32 62.81 -27.28
C SER I 226 10.46 61.66 -26.32
N HIS I 227 9.76 61.75 -25.19
CA HIS I 227 9.75 60.68 -24.20
C HIS I 227 8.39 60.02 -24.20
N GLY I 228 8.38 58.70 -24.32
CA GLY I 228 7.15 57.92 -24.41
C GLY I 228 6.92 57.16 -23.12
N GLY I 229 5.66 57.04 -22.74
CA GLY I 229 5.29 56.39 -21.50
C GLY I 229 4.25 55.31 -21.71
N SER I 230 4.30 54.29 -20.87
CA SER I 230 3.38 53.16 -20.94
C SER I 230 2.13 53.37 -20.10
N GLY I 231 1.98 54.52 -19.46
CA GLY I 231 0.76 54.81 -18.72
C GLY I 231 1.03 55.34 -17.32
N MET I 232 2.07 54.85 -16.66
CA MET I 232 2.40 55.36 -15.34
C MET I 232 2.97 56.77 -15.41
N VAL I 233 3.52 57.16 -16.55
CA VAL I 233 4.21 58.45 -16.68
C VAL I 233 3.15 59.55 -16.60
N ASP I 234 3.14 60.27 -15.48
CA ASP I 234 2.14 61.30 -15.26
C ASP I 234 2.33 62.53 -16.12
N SER I 235 3.54 62.74 -16.64
CA SER I 235 3.76 63.84 -17.57
C SER I 235 3.11 63.60 -18.92
N ILE I 236 2.63 62.38 -19.18
CA ILE I 236 1.95 62.04 -20.42
C ILE I 236 0.48 61.72 -20.16
N SER I 237 0.20 60.75 -19.29
CA SER I 237 -1.16 60.29 -19.08
C SER I 237 -2.06 61.34 -18.43
N ARG I 238 -1.48 62.34 -17.76
CA ARG I 238 -2.24 63.38 -17.08
C ARG I 238 -1.85 64.76 -17.58
N TRP I 239 -1.66 64.87 -18.90
CA TRP I 239 -1.16 66.12 -19.48
C TRP I 239 -2.09 67.29 -19.19
N ALA I 240 -3.39 67.06 -19.23
CA ALA I 240 -4.36 68.13 -18.98
C ALA I 240 -4.50 68.47 -17.50
N GLU I 241 -3.90 67.68 -16.60
CA GLU I 241 -4.08 67.87 -15.17
C GLU I 241 -2.85 68.43 -14.46
N LEU I 242 -1.66 68.29 -15.03
CA LEU I 242 -0.46 68.83 -14.42
C LEU I 242 -0.38 70.34 -14.48
N PHE I 243 -1.10 70.97 -15.41
CA PHE I 243 -0.97 72.39 -15.71
C PHE I 243 -2.35 73.02 -15.74
N PRO I 244 -3.02 73.12 -14.58
CA PRO I 244 -4.37 73.69 -14.53
C PRO I 244 -4.38 75.22 -14.52
N SER I 245 -4.26 75.80 -15.71
CA SER I 245 -4.22 77.26 -15.82
C SER I 245 -5.59 77.91 -15.65
N ASP I 246 -6.65 77.25 -16.12
CA ASP I 246 -7.97 77.89 -16.11
C ASP I 246 -8.46 78.12 -14.68
N LYS I 247 -8.06 77.25 -13.75
CA LYS I 247 -8.48 77.35 -12.35
C LYS I 247 -7.44 78.05 -11.49
N LEU I 248 -6.41 78.65 -12.10
CA LEU I 248 -5.43 79.45 -11.37
C LEU I 248 -5.88 80.91 -11.42
N ASN I 249 -6.47 81.39 -10.33
CA ASN I 249 -6.92 82.76 -10.24
C ASN I 249 -6.12 83.61 -9.26
N ARG I 250 -5.34 82.99 -8.39
CA ARG I 250 -4.47 83.66 -7.45
C ARG I 250 -3.10 82.99 -7.49
N PRO I 251 -2.04 83.69 -7.11
CA PRO I 251 -0.71 83.08 -7.09
C PRO I 251 -0.68 81.82 -6.24
N ALA I 252 -0.04 80.78 -6.78
CA ALA I 252 0.08 79.49 -6.12
C ALA I 252 1.54 79.23 -5.81
N GLN I 253 1.84 78.89 -4.55
CA GLN I 253 3.20 78.65 -4.10
C GLN I 253 3.31 77.28 -3.45
N VAL I 254 4.44 76.62 -3.66
CA VAL I 254 4.71 75.32 -3.05
C VAL I 254 6.16 75.32 -2.57
N GLU I 255 6.35 75.28 -1.26
CA GLU I 255 7.67 75.25 -0.65
C GLU I 255 7.93 73.86 -0.09
N ALA I 256 9.11 73.31 -0.38
CA ALA I 256 9.45 71.98 0.07
C ALA I 256 10.96 71.86 0.17
N GLY I 257 11.41 70.83 0.86
CA GLY I 257 12.82 70.57 1.04
C GLY I 257 13.06 69.55 2.13
N PHE I 258 14.18 68.83 2.06
CA PHE I 258 14.50 67.80 3.05
C PHE I 258 15.89 68.04 3.62
N ARG I 259 16.04 67.74 4.91
CA ARG I 259 17.32 67.79 5.60
C ARG I 259 17.74 66.34 5.81
N SER I 260 18.58 65.83 4.92
CA SER I 260 18.97 64.43 4.94
C SER I 260 20.40 64.28 5.41
N ASP I 261 20.62 63.40 6.37
CA ASP I 261 21.93 63.10 6.93
C ASP I 261 22.27 61.64 6.65
N SER I 262 23.37 61.18 7.24
CA SER I 262 23.79 59.79 7.07
C SER I 262 22.89 58.80 7.80
N GLN I 263 21.99 59.27 8.66
CA GLN I 263 21.16 58.36 9.43
C GLN I 263 19.70 58.82 9.52
N GLY I 264 19.24 59.66 8.59
CA GLY I 264 17.85 60.09 8.62
C GLY I 264 17.47 61.06 7.54
N ILE I 265 16.16 61.17 7.28
CA ILE I 265 15.61 62.10 6.30
C ILE I 265 14.48 62.87 6.97
N GLU I 266 14.51 64.19 6.85
CA GLU I 266 13.54 65.08 7.48
C GLU I 266 12.91 65.92 6.39
N VAL I 267 11.63 65.66 6.09
CA VAL I 267 10.95 66.25 4.95
C VAL I 267 9.88 67.21 5.44
N LYS I 268 9.89 68.43 4.90
CA LYS I 268 8.80 69.38 5.06
C LYS I 268 8.32 69.80 3.69
N VAL I 269 7.01 69.74 3.49
CA VAL I 269 6.37 70.15 2.24
C VAL I 269 5.26 71.13 2.58
N ASP I 270 5.23 72.26 1.89
CA ASP I 270 4.16 73.24 2.00
C ASP I 270 3.61 73.50 0.60
N GLY I 271 2.29 73.61 0.49
CA GLY I 271 1.68 73.79 -0.81
C GLY I 271 0.36 74.53 -0.73
N GLU I 272 0.06 75.27 -1.80
CA GLU I 272 -1.22 75.93 -1.98
C GLU I 272 -1.40 76.14 -3.48
N PHE I 273 -2.30 75.38 -4.08
CA PHE I 273 -2.41 75.33 -5.53
C PHE I 273 -3.74 74.66 -5.89
N PRO I 274 -4.24 74.90 -7.10
CA PRO I 274 -5.45 74.21 -7.56
C PRO I 274 -5.11 72.81 -8.06
N GLY I 275 -6.16 72.06 -8.40
CA GLY I 275 -6.00 70.72 -8.89
C GLY I 275 -5.84 69.66 -7.83
N VAL I 276 -5.96 70.02 -6.54
CA VAL I 276 -5.93 69.01 -5.49
C VAL I 276 -7.16 68.12 -5.57
N SER I 277 -8.30 68.68 -5.94
CA SER I 277 -9.55 67.93 -6.05
C SER I 277 -9.98 67.90 -7.51
N VAL I 278 -10.48 66.74 -7.94
CA VAL I 278 -11.00 66.57 -9.29
C VAL I 278 -12.41 66.02 -9.21
N ASP I 279 -13.27 66.51 -10.09
CA ASP I 279 -14.67 66.08 -10.11
C ASP I 279 -14.76 64.63 -10.59
N ALA I 280 -15.70 63.89 -10.01
CA ALA I 280 -15.94 62.51 -10.37
C ALA I 280 -17.33 62.27 -10.96
N GLY I 281 -18.14 63.31 -11.09
CA GLY I 281 -19.44 63.18 -11.73
C GLY I 281 -20.58 63.36 -10.77
N GLY I 282 -21.65 64.00 -11.24
CA GLY I 282 -22.85 64.19 -10.43
C GLY I 282 -22.65 65.05 -9.21
N GLY I 283 -21.88 66.12 -9.33
CA GLY I 283 -21.62 66.98 -8.19
C GLY I 283 -20.75 66.36 -7.12
N LEU I 284 -20.12 65.23 -7.42
CA LEU I 284 -19.29 64.52 -6.46
C LEU I 284 -17.82 64.70 -6.83
N ARG I 285 -17.03 65.24 -5.90
CA ARG I 285 -15.63 65.49 -6.13
C ARG I 285 -14.78 64.42 -5.46
N ARG I 286 -13.47 64.51 -5.67
CA ARG I 286 -12.53 63.57 -5.07
C ARG I 286 -11.14 64.17 -5.11
N ILE I 287 -10.27 63.65 -4.24
CA ILE I 287 -8.85 63.98 -4.32
C ILE I 287 -8.29 63.41 -5.61
N LEU I 288 -7.35 64.13 -6.20
CA LEU I 288 -6.77 63.70 -7.47
C LEU I 288 -6.08 62.36 -7.31
N ASN I 289 -6.11 61.55 -8.37
CA ASN I 289 -5.40 60.29 -8.36
C ASN I 289 -3.93 60.52 -8.10
N HIS I 290 -3.33 59.66 -7.31
CA HIS I 290 -1.93 59.85 -6.93
C HIS I 290 -1.03 59.67 -8.15
N PRO I 291 -0.16 60.63 -8.45
CA PRO I 291 0.79 60.44 -9.56
C PRO I 291 1.66 59.21 -9.31
N LEU I 292 1.64 58.30 -10.28
CA LEU I 292 2.33 57.02 -10.10
C LEU I 292 3.84 57.16 -10.23
N ILE I 293 4.33 58.14 -10.97
CA ILE I 293 5.77 58.32 -11.13
C ILE I 293 6.47 58.57 -9.80
N PRO I 294 6.01 59.49 -8.94
CA PRO I 294 6.67 59.62 -7.63
C PRO I 294 6.66 58.34 -6.81
N LEU I 295 5.57 57.59 -6.86
CA LEU I 295 5.49 56.37 -6.05
C LEU I 295 6.45 55.30 -6.56
N VAL I 296 6.43 55.04 -7.87
CA VAL I 296 7.32 54.03 -8.43
C VAL I 296 8.76 54.46 -8.40
N HIS I 297 9.02 55.77 -8.30
CA HIS I 297 10.40 56.25 -8.22
C HIS I 297 10.93 56.15 -6.80
N HIS I 298 10.12 56.57 -5.81
CA HIS I 298 10.50 56.39 -4.42
C HIS I 298 10.58 54.93 -4.02
N GLY I 299 9.85 54.06 -4.72
CA GLY I 299 9.98 52.63 -4.45
C GLY I 299 11.35 52.10 -4.76
N MET I 300 11.98 52.63 -5.81
CA MET I 300 13.37 52.27 -6.10
C MET I 300 14.30 52.64 -4.96
N VAL I 301 13.92 53.61 -4.14
CA VAL I 301 14.77 54.08 -3.05
C VAL I 301 14.18 53.80 -1.68
N GLY I 302 12.88 53.51 -1.58
CA GLY I 302 12.26 53.28 -0.30
C GLY I 302 11.99 51.83 0.03
N LYS I 303 12.93 50.95 -0.35
CA LYS I 303 12.82 49.52 -0.04
C LYS I 303 14.09 48.98 0.59
N PHE I 304 15.02 49.85 0.98
CA PHE I 304 16.31 49.40 1.47
C PHE I 304 16.33 49.15 2.97
N ASN I 305 15.33 49.62 3.71
CA ASN I 305 15.26 49.39 5.15
C ASN I 305 13.82 49.10 5.53
N ASN I 306 13.62 48.01 6.27
CA ASN I 306 12.31 47.74 6.83
C ASN I 306 11.99 48.77 7.90
N PHE I 307 10.74 49.25 7.91
CA PHE I 307 10.37 50.36 8.77
C PHE I 307 8.96 50.19 9.29
N ASN I 308 8.72 50.71 10.48
CA ASN I 308 7.39 50.80 11.06
C ASN I 308 6.93 52.25 10.90
N VAL I 309 5.76 52.43 10.29
CA VAL I 309 5.29 53.74 9.87
C VAL I 309 4.20 54.23 10.83
N ASP I 310 4.29 55.50 11.20
CA ASP I 310 3.27 56.18 12.00
C ASP I 310 2.83 57.41 11.20
N ALA I 311 1.86 57.23 10.32
CA ALA I 311 1.39 58.28 9.42
C ALA I 311 0.02 58.77 9.83
N GLN I 312 -0.18 60.08 9.69
CA GLN I 312 -1.46 60.71 10.01
C GLN I 312 -1.87 61.60 8.85
N LEU I 313 -2.80 61.11 8.03
CA LEU I 313 -3.42 61.94 7.00
C LEU I 313 -4.57 62.71 7.63
N LYS I 314 -4.76 63.95 7.20
CA LYS I 314 -5.81 64.79 7.74
C LYS I 314 -6.31 65.71 6.64
N VAL I 315 -7.53 65.47 6.18
CA VAL I 315 -8.18 66.33 5.18
C VAL I 315 -9.28 67.12 5.85
N VAL I 316 -9.36 68.40 5.52
CA VAL I 316 -10.38 69.29 6.06
C VAL I 316 -11.23 69.75 4.89
N LEU I 317 -12.39 69.14 4.73
CA LEU I 317 -13.30 69.56 3.68
C LEU I 317 -13.91 70.92 4.00
N PRO I 318 -14.36 71.65 2.99
CA PRO I 318 -15.09 72.89 3.25
C PRO I 318 -16.40 72.61 3.96
N LYS I 319 -17.05 73.68 4.40
CA LYS I 319 -18.30 73.56 5.12
C LYS I 319 -19.37 72.94 4.23
N GLY I 320 -19.95 71.83 4.70
CA GLY I 320 -21.01 71.12 4.01
C GLY I 320 -20.55 69.88 3.27
N TYR I 321 -19.25 69.78 2.97
CA TYR I 321 -18.72 68.61 2.28
C TYR I 321 -18.49 67.46 3.25
N LYS I 322 -18.83 66.25 2.82
CA LYS I 322 -18.68 65.05 3.63
C LYS I 322 -18.08 63.93 2.78
N ILE I 323 -17.05 63.28 3.32
CA ILE I 323 -16.40 62.17 2.61
C ILE I 323 -17.32 60.96 2.59
N ARG I 324 -17.45 60.35 1.43
CA ARG I 324 -18.17 59.09 1.25
C ARG I 324 -17.27 58.12 0.51
N TYR I 325 -17.23 56.88 1.00
CA TYR I 325 -16.34 55.83 0.49
C TYR I 325 -14.87 56.28 0.57
N ALA I 326 -14.40 56.33 1.81
CA ALA I 326 -12.97 56.45 2.09
C ALA I 326 -12.39 55.05 2.16
N ALA I 327 -11.39 54.76 1.33
CA ALA I 327 -10.84 53.42 1.24
C ALA I 327 -9.32 53.45 1.17
N PRO I 328 -8.61 53.05 2.24
CA PRO I 328 -9.12 52.61 3.54
C PRO I 328 -9.89 53.67 4.33
N GLN I 329 -10.73 53.20 5.25
CA GLN I 329 -11.70 54.05 5.92
C GLN I 329 -11.00 55.04 6.86
N TYR I 330 -11.59 56.22 7.02
CA TYR I 330 -11.03 57.17 7.97
C TYR I 330 -11.31 56.73 9.40
N ARG I 331 -10.66 57.39 10.35
CA ARG I 331 -10.78 57.01 11.75
C ARG I 331 -11.80 57.86 12.48
N SER I 332 -11.63 59.18 12.45
CA SER I 332 -12.49 60.08 13.21
C SER I 332 -12.88 61.26 12.34
N GLN I 333 -14.19 61.52 12.25
CA GLN I 333 -14.70 62.69 11.53
C GLN I 333 -15.17 63.73 12.54
N ASN I 334 -14.21 64.49 13.05
CA ASN I 334 -14.53 65.61 13.92
C ASN I 334 -15.07 66.76 13.07
N LEU I 335 -16.33 66.63 12.64
CA LEU I 335 -16.91 67.50 11.62
C LEU I 335 -16.19 67.25 10.29
N GLU I 336 -15.89 68.31 9.56
CA GLU I 336 -15.18 68.18 8.29
C GLU I 336 -13.72 67.77 8.50
N GLU I 337 -13.29 67.71 9.76
CA GLU I 337 -11.91 67.37 10.11
C GLU I 337 -11.78 65.85 10.09
N TYR I 338 -11.34 65.29 8.96
CA TYR I 338 -11.21 63.85 8.79
C TYR I 338 -9.76 63.44 8.96
N ARG I 339 -9.53 62.30 9.62
CA ARG I 339 -8.19 61.86 9.97
C ARG I 339 -8.00 60.38 9.65
N TRP I 340 -6.82 60.05 9.13
CA TRP I 340 -6.38 58.68 8.94
C TRP I 340 -5.13 58.43 9.77
N SER I 341 -5.07 57.25 10.39
CA SER I 341 -3.89 56.85 11.15
C SER I 341 -3.97 55.37 11.47
N GLY I 342 -2.84 54.69 11.34
CA GLY I 342 -2.76 53.27 11.68
C GLY I 342 -3.73 52.40 10.89
N GLY I 343 -3.81 51.15 11.35
CA GLY I 343 -4.72 50.21 10.73
C GLY I 343 -4.34 49.95 9.28
N ALA I 344 -5.34 50.04 8.40
CA ALA I 344 -5.08 49.81 6.98
C ALA I 344 -4.38 50.99 6.33
N TYR I 345 -4.62 52.22 6.84
CA TYR I 345 -3.99 53.38 6.24
C TYR I 345 -2.47 53.35 6.41
N ALA I 346 -1.98 52.92 7.58
CA ALA I 346 -0.54 52.79 7.76
C ALA I 346 0.03 51.74 6.81
N ARG I 347 -0.72 50.66 6.58
CA ARG I 347 -0.31 49.65 5.63
C ARG I 347 -0.20 50.23 4.22
N TRP I 348 -1.17 51.05 3.82
CA TRP I 348 -1.11 51.68 2.51
C TRP I 348 0.03 52.69 2.43
N VAL I 349 0.33 53.37 3.53
CA VAL I 349 1.45 54.31 3.53
C VAL I 349 2.77 53.57 3.35
N GLU I 350 2.95 52.45 4.05
CA GLU I 350 4.13 51.62 3.82
C GLU I 350 4.14 51.11 2.38
N HIS I 351 2.97 50.77 1.85
CA HIS I 351 2.84 50.30 0.47
C HIS I 351 3.39 51.34 -0.51
N VAL I 352 2.91 52.58 -0.40
CA VAL I 352 3.36 53.62 -1.33
C VAL I 352 4.79 54.03 -1.06
N CYS I 353 5.25 53.97 0.19
CA CYS I 353 6.63 54.29 0.50
C CYS I 353 7.58 53.26 -0.10
N LYS I 354 7.14 52.01 -0.22
CA LYS I 354 7.94 50.97 -0.83
C LYS I 354 7.75 50.88 -2.33
N GLY I 355 6.88 51.71 -2.90
CA GLY I 355 6.66 51.75 -4.33
C GLY I 355 5.27 51.37 -4.79
N GLY I 356 4.37 51.05 -3.87
CA GLY I 356 3.03 50.65 -4.27
C GLY I 356 2.26 51.78 -4.91
N VAL I 357 1.32 51.41 -5.77
CA VAL I 357 0.50 52.38 -6.48
C VAL I 357 -0.97 52.06 -6.25
N GLY I 358 -1.27 51.38 -5.15
CA GLY I 358 -2.64 51.02 -4.86
C GLY I 358 -3.52 52.23 -4.65
N GLN I 359 -4.81 52.07 -4.94
CA GLN I 359 -5.77 53.16 -4.86
C GLN I 359 -6.08 53.52 -3.41
N PHE I 360 -5.78 54.76 -3.04
CA PHE I 360 -6.39 55.41 -1.88
C PHE I 360 -7.06 56.68 -2.40
N GLU I 361 -8.33 56.58 -2.74
CA GLU I 361 -9.10 57.71 -3.24
C GLU I 361 -10.13 58.12 -2.20
N ILE I 362 -10.34 59.42 -2.08
CA ILE I 362 -11.28 59.98 -1.12
C ILE I 362 -12.35 60.73 -1.92
N LEU I 363 -13.59 60.30 -1.76
CA LEU I 363 -14.72 60.88 -2.49
C LEU I 363 -15.60 61.66 -1.53
N TYR I 364 -16.05 62.83 -1.96
CA TYR I 364 -16.90 63.66 -1.12
C TYR I 364 -17.79 64.52 -2.00
N ALA I 365 -18.88 65.01 -1.40
CA ALA I 365 -19.81 65.89 -2.08
C ALA I 365 -20.57 66.69 -1.02
N GLN I 366 -21.17 67.79 -1.46
CA GLN I 366 -21.93 68.64 -0.55
C GLN I 366 -23.44 68.46 -0.76
N VAL J 9 0.52 44.05 11.18
CA VAL J 9 0.78 42.63 11.16
C VAL J 9 0.97 42.14 9.73
N THR J 10 -0.09 42.25 8.93
CA THR J 10 -0.05 41.90 7.50
C THR J 10 0.38 40.44 7.32
N THR J 11 -0.45 39.53 7.83
CA THR J 11 -0.15 38.11 7.73
C THR J 11 -0.69 37.56 6.41
N ALA J 12 0.11 36.73 5.75
CA ALA J 12 -0.21 36.19 4.44
C ALA J 12 -0.48 34.70 4.57
N HIS J 13 -1.75 34.33 4.63
CA HIS J 13 -2.16 32.94 4.68
C HIS J 13 -2.25 32.36 3.28
N SER J 14 -1.82 31.11 3.14
CA SER J 14 -1.83 30.45 1.84
C SER J 14 -1.71 28.95 2.02
N ASP J 15 -2.58 28.19 1.35
CA ASP J 15 -2.53 26.73 1.37
C ASP J 15 -2.43 26.24 -0.07
N TYR J 16 -1.42 25.41 -0.34
CA TYR J 16 -1.20 24.84 -1.66
C TYR J 16 -1.34 23.33 -1.58
N GLU J 17 -2.03 22.76 -2.56
CA GLU J 17 -2.21 21.30 -2.64
C GLU J 17 -1.81 20.83 -4.02
N ILE J 18 -0.93 19.82 -4.06
CA ILE J 18 -0.47 19.23 -5.32
C ILE J 18 -0.76 17.74 -5.23
N VAL J 19 -1.70 17.25 -6.03
CA VAL J 19 -2.02 15.83 -6.09
C VAL J 19 -1.62 15.31 -7.46
N LEU J 20 -0.61 14.46 -7.49
CA LEU J 20 -0.05 13.96 -8.73
C LEU J 20 -0.69 12.63 -9.14
N GLU J 21 -0.42 12.23 -10.38
CA GLU J 21 -0.85 10.94 -10.91
C GLU J 21 0.37 10.17 -11.38
N GLY J 22 0.28 8.84 -11.30
CA GLY J 22 1.44 7.98 -11.43
C GLY J 22 1.59 7.37 -12.81
N GLY J 23 2.54 6.44 -12.90
CA GLY J 23 2.82 5.79 -14.17
C GLY J 23 3.46 6.76 -15.14
N SER J 24 3.12 6.60 -16.43
CA SER J 24 3.55 7.54 -17.44
C SER J 24 2.79 8.86 -17.38
N SER J 25 1.69 8.92 -16.65
CA SER J 25 0.91 10.15 -16.53
C SER J 25 1.70 11.22 -15.79
N SER J 26 1.48 12.47 -16.18
CA SER J 26 2.14 13.62 -15.57
C SER J 26 1.12 14.62 -15.05
N TRP J 27 -0.12 14.19 -14.87
CA TRP J 27 -1.19 15.10 -14.50
C TRP J 27 -1.07 15.48 -13.03
N GLY J 28 -1.91 16.41 -12.60
CA GLY J 28 -1.88 16.84 -11.21
C GLY J 28 -2.99 17.78 -10.83
N LYS J 29 -3.67 17.49 -9.71
CA LYS J 29 -4.63 18.41 -9.15
C LYS J 29 -3.88 19.48 -8.36
N VAL J 30 -4.06 20.74 -8.75
CA VAL J 30 -3.41 21.86 -8.11
C VAL J 30 -4.48 22.84 -7.68
N LYS J 31 -4.72 22.93 -6.37
CA LYS J 31 -5.62 23.93 -5.82
C LYS J 31 -4.85 24.73 -4.78
N ALA J 32 -4.92 26.05 -4.87
CA ALA J 32 -4.19 26.93 -3.99
C ALA J 32 -5.09 28.06 -3.52
N ARG J 33 -4.89 28.48 -2.27
CA ARG J 33 -5.61 29.58 -1.67
C ARG J 33 -4.60 30.60 -1.16
N ALA J 34 -4.97 31.88 -1.22
CA ALA J 34 -4.15 32.94 -0.65
C ALA J 34 -5.05 33.98 -0.01
N LYS J 35 -4.64 34.46 1.16
CA LYS J 35 -5.37 35.49 1.89
C LYS J 35 -4.35 36.46 2.46
N VAL J 36 -4.10 37.55 1.75
CA VAL J 36 -3.11 38.55 2.15
C VAL J 36 -3.86 39.81 2.53
N ASN J 37 -3.71 40.24 3.77
CA ASN J 37 -4.38 41.44 4.28
C ASN J 37 -3.56 42.69 4.00
N ALA J 38 -3.17 42.87 2.75
CA ALA J 38 -2.33 43.98 2.33
C ALA J 38 -2.95 44.68 1.12
N PRO J 39 -2.67 45.96 0.93
CA PRO J 39 -3.23 46.67 -0.23
C PRO J 39 -2.53 46.24 -1.51
N PRO J 40 -3.28 45.81 -2.52
CA PRO J 40 -2.68 45.51 -3.82
C PRO J 40 -2.16 46.76 -4.50
N ALA J 41 -1.12 46.58 -5.30
CA ALA J 41 -0.53 47.70 -6.03
C ALA J 41 -1.23 47.92 -7.37
N SER J 42 -2.55 48.02 -7.33
CA SER J 42 -3.36 48.28 -8.50
C SER J 42 -3.83 49.73 -8.45
N PRO J 43 -3.47 50.57 -9.42
CA PRO J 43 -3.93 51.97 -9.38
C PRO J 43 -5.44 52.11 -9.42
N LEU J 44 -6.16 51.07 -9.84
CA LEU J 44 -7.61 51.03 -9.78
C LEU J 44 -8.04 49.91 -8.84
N LEU J 45 -8.89 50.26 -7.88
CA LEU J 45 -9.41 49.31 -6.89
C LEU J 45 -10.88 49.63 -6.63
N PRO J 46 -11.70 48.62 -6.28
CA PRO J 46 -11.33 47.21 -6.14
C PRO J 46 -11.17 46.50 -7.48
N ALA J 47 -10.29 45.49 -7.52
CA ALA J 47 -9.99 44.74 -8.74
C ALA J 47 -10.34 43.28 -8.50
N ASP J 48 -11.59 42.92 -8.83
CA ASP J 48 -12.06 41.55 -8.70
C ASP J 48 -11.97 40.86 -10.05
N CYS J 49 -11.34 39.68 -10.08
CA CYS J 49 -11.10 38.98 -11.34
C CYS J 49 -11.52 37.53 -11.22
N ASP J 50 -11.99 36.97 -12.34
CA ASP J 50 -12.31 35.55 -12.46
C ASP J 50 -11.68 35.03 -13.74
N VAL J 51 -10.85 34.00 -13.62
CA VAL J 51 -10.14 33.43 -14.75
C VAL J 51 -10.50 31.95 -14.83
N LYS J 52 -10.96 31.51 -16.01
CA LYS J 52 -11.31 30.12 -16.25
C LYS J 52 -10.62 29.66 -17.52
N LEU J 53 -9.85 28.58 -17.43
CA LEU J 53 -9.16 28.00 -18.57
C LEU J 53 -9.62 26.57 -18.79
N ASN J 54 -9.65 26.17 -20.06
CA ASN J 54 -9.99 24.81 -20.44
C ASN J 54 -9.21 24.45 -21.69
N VAL J 55 -8.96 23.16 -21.87
CA VAL J 55 -8.30 22.66 -23.08
C VAL J 55 -8.65 21.19 -23.23
N LYS J 56 -8.85 20.76 -24.49
CA LYS J 56 -9.17 19.38 -24.81
C LYS J 56 -8.66 19.11 -26.21
N PRO J 57 -8.20 17.88 -26.49
CA PRO J 57 -7.73 17.58 -27.84
C PRO J 57 -8.85 17.71 -28.88
N LEU J 58 -8.50 18.24 -30.05
CA LEU J 58 -9.42 18.28 -31.17
C LEU J 58 -9.23 17.07 -32.07
N ASP J 59 -8.02 16.90 -32.60
CA ASP J 59 -7.61 15.65 -33.24
C ASP J 59 -6.14 15.42 -32.89
N PRO J 60 -5.85 14.54 -31.92
CA PRO J 60 -4.45 14.26 -31.57
C PRO J 60 -3.66 13.59 -32.67
N ALA J 61 -4.29 13.28 -33.81
CA ALA J 61 -3.54 12.75 -34.95
C ALA J 61 -2.51 13.75 -35.44
N LYS J 62 -2.79 15.04 -35.34
CA LYS J 62 -1.82 16.07 -35.69
C LYS J 62 -1.68 17.17 -34.66
N GLY J 63 -2.24 17.01 -33.46
CA GLY J 63 -1.88 17.83 -32.32
C GLY J 63 -2.81 18.97 -31.96
N PHE J 64 -3.89 19.20 -32.71
CA PHE J 64 -4.81 20.27 -32.35
C PHE J 64 -5.41 20.03 -30.97
N VAL J 65 -5.38 21.06 -30.14
CA VAL J 65 -6.09 21.09 -28.86
C VAL J 65 -6.90 22.37 -28.80
N ARG J 66 -8.16 22.26 -28.39
CA ARG J 66 -9.02 23.44 -28.28
C ARG J 66 -8.90 24.01 -26.87
N ILE J 67 -8.10 25.06 -26.73
CA ILE J 67 -7.87 25.72 -25.45
C ILE J 67 -8.75 26.96 -25.39
N SER J 68 -9.57 27.06 -24.36
CA SER J 68 -10.48 28.18 -24.19
C SER J 68 -10.24 28.83 -22.84
N ALA J 69 -10.09 30.15 -22.85
CA ALA J 69 -9.84 30.93 -21.64
C ALA J 69 -10.85 32.06 -21.55
N VAL J 70 -11.49 32.18 -20.40
CA VAL J 70 -12.45 33.25 -20.14
C VAL J 70 -11.95 34.05 -18.95
N PHE J 71 -11.71 35.34 -19.16
CA PHE J 71 -11.34 36.26 -18.10
C PHE J 71 -12.50 37.19 -17.82
N GLU J 72 -13.00 37.15 -16.58
CA GLU J 72 -14.05 38.05 -16.13
C GLU J 72 -13.51 38.88 -14.98
N SER J 73 -13.67 40.21 -15.08
CA SER J 73 -13.07 41.08 -14.08
C SER J 73 -13.97 42.30 -13.89
N ILE J 74 -13.90 42.85 -12.68
CA ILE J 74 -14.59 44.09 -12.32
C ILE J 74 -13.58 44.96 -11.60
N VAL J 75 -13.00 45.91 -12.32
CA VAL J 75 -11.97 46.80 -11.77
C VAL J 75 -12.59 48.20 -11.67
N ASP J 76 -12.75 48.67 -10.44
CA ASP J 76 -13.37 49.97 -10.16
C ASP J 76 -14.76 50.06 -10.80
N SER J 77 -15.56 49.03 -10.55
CA SER J 77 -16.94 48.94 -11.06
C SER J 77 -16.98 49.02 -12.58
N THR J 78 -16.00 48.38 -13.23
CA THR J 78 -15.94 48.28 -14.69
C THR J 78 -15.84 46.81 -15.05
N LYS J 79 -16.95 46.23 -15.49
CA LYS J 79 -17.00 44.81 -15.82
C LYS J 79 -16.23 44.55 -17.10
N ASN J 80 -15.13 43.80 -17.00
CA ASN J 80 -14.29 43.47 -18.13
C ASN J 80 -14.35 41.97 -18.39
N LYS J 81 -14.54 41.60 -19.64
CA LYS J 81 -14.57 40.19 -20.01
C LYS J 81 -13.73 39.97 -21.26
N LEU J 82 -12.99 38.86 -21.26
CA LEU J 82 -12.19 38.45 -22.43
C LEU J 82 -12.30 36.94 -22.54
N THR J 83 -13.03 36.48 -23.56
CA THR J 83 -13.10 35.07 -23.89
C THR J 83 -12.26 34.83 -25.13
N ILE J 84 -11.55 33.71 -25.16
CA ILE J 84 -10.73 33.34 -26.31
C ILE J 84 -10.74 31.82 -26.45
N GLU J 85 -10.87 31.35 -27.68
CA GLU J 85 -10.75 29.93 -28.02
C GLU J 85 -9.66 29.80 -29.08
N ALA J 86 -8.81 28.79 -28.93
CA ALA J 86 -7.71 28.59 -29.85
C ALA J 86 -7.54 27.11 -30.14
N ASP J 87 -7.05 26.80 -31.35
CA ASP J 87 -6.75 25.44 -31.77
C ASP J 87 -5.25 25.39 -32.01
N ILE J 88 -4.49 25.13 -30.94
CA ILE J 88 -3.04 25.21 -30.96
C ILE J 88 -2.47 23.81 -31.17
N ALA J 89 -1.41 23.73 -31.98
CA ALA J 89 -0.74 22.46 -32.23
C ALA J 89 0.71 22.73 -32.57
N ASN J 90 1.58 21.82 -32.15
CA ASN J 90 3.01 21.91 -32.46
C ASN J 90 3.23 21.37 -33.86
N GLU J 91 3.31 22.28 -34.84
CA GLU J 91 3.60 21.86 -36.21
C GLU J 91 4.97 21.22 -36.31
N THR J 92 5.94 21.76 -35.58
CA THR J 92 7.31 21.25 -35.59
C THR J 92 7.84 21.28 -34.16
N LYS J 93 9.00 20.67 -33.96
CA LYS J 93 9.66 20.71 -32.66
C LYS J 93 9.91 22.14 -32.21
N GLU J 94 10.19 23.05 -33.14
CA GLU J 94 10.41 24.45 -32.81
C GLU J 94 9.29 25.37 -33.25
N ARG J 95 8.37 24.90 -34.09
CA ARG J 95 7.30 25.73 -34.62
C ARG J 95 5.95 25.28 -34.07
N ARG J 96 5.09 26.25 -33.79
CA ARG J 96 3.74 25.98 -33.31
C ARG J 96 2.76 26.81 -34.14
N ILE J 97 1.57 26.26 -34.36
CA ILE J 97 0.54 26.94 -35.13
C ILE J 97 -0.74 26.95 -34.31
N SER J 98 -1.55 27.98 -34.53
CA SER J 98 -2.80 28.12 -33.79
C SER J 98 -3.80 28.90 -34.62
N VAL J 99 -5.08 28.70 -34.33
CA VAL J 99 -6.17 29.40 -34.98
C VAL J 99 -7.36 29.42 -34.03
N GLY J 100 -8.06 30.54 -33.98
CA GLY J 100 -9.20 30.65 -33.09
C GLY J 100 -9.82 32.02 -33.14
N GLU J 101 -10.71 32.27 -32.20
CA GLU J 101 -11.46 33.52 -32.14
C GLU J 101 -11.70 33.90 -30.69
N GLY J 102 -12.39 35.01 -30.48
CA GLY J 102 -12.70 35.46 -29.15
C GLY J 102 -13.46 36.77 -29.18
N MET J 103 -13.68 37.33 -27.99
CA MET J 103 -14.36 38.61 -27.87
C MET J 103 -13.84 39.32 -26.64
N VAL J 104 -13.83 40.65 -26.71
CA VAL J 104 -13.38 41.50 -25.62
C VAL J 104 -14.48 42.50 -25.30
N SER J 105 -14.95 42.48 -24.06
CA SER J 105 -16.04 43.36 -23.65
C SER J 105 -15.64 44.15 -22.40
N VAL J 106 -15.88 45.46 -22.45
CA VAL J 106 -15.64 46.36 -21.34
C VAL J 106 -16.86 47.25 -21.21
N GLY J 107 -17.66 47.04 -20.17
CA GLY J 107 -18.89 47.80 -20.02
C GLY J 107 -19.84 47.53 -21.18
N ASP J 108 -20.34 48.59 -21.79
CA ASP J 108 -21.21 48.44 -22.95
C ASP J 108 -20.44 48.05 -24.19
N PHE J 109 -19.19 48.50 -24.32
CA PHE J 109 -18.40 48.20 -25.50
C PHE J 109 -18.00 46.73 -25.53
N SER J 110 -17.99 46.17 -26.74
CA SER J 110 -17.57 44.78 -26.93
C SER J 110 -17.23 44.58 -28.40
N HIS J 111 -16.00 44.15 -28.68
CA HIS J 111 -15.59 43.83 -30.04
C HIS J 111 -15.06 42.42 -30.09
N THR J 112 -15.57 41.64 -31.04
CA THR J 112 -15.18 40.25 -31.24
C THR J 112 -14.02 40.18 -32.21
N PHE J 113 -13.16 39.17 -32.04
CA PHE J 113 -12.00 39.01 -32.89
C PHE J 113 -11.82 37.55 -33.24
N SER J 114 -11.30 37.31 -34.45
CA SER J 114 -10.86 36.01 -34.89
C SER J 114 -9.44 36.14 -35.42
N PHE J 115 -8.65 35.09 -35.23
CA PHE J 115 -7.22 35.22 -35.52
C PHE J 115 -6.65 33.90 -36.01
N GLU J 116 -5.45 34.00 -36.57
CA GLU J 116 -4.64 32.84 -36.95
C GLU J 116 -3.19 33.25 -36.78
N GLY J 117 -2.45 32.50 -35.95
CA GLY J 117 -1.09 32.89 -35.65
C GLY J 117 -0.19 31.68 -35.55
N SER J 118 1.10 31.93 -35.79
CA SER J 118 2.13 30.91 -35.68
C SER J 118 3.30 31.49 -34.89
N VAL J 119 3.75 30.76 -33.88
CA VAL J 119 4.86 31.18 -33.03
C VAL J 119 5.99 30.20 -33.24
N VAL J 120 7.15 30.72 -33.62
CA VAL J 120 8.34 29.91 -33.88
C VAL J 120 9.37 30.29 -32.84
N ASN J 121 9.78 29.32 -32.02
CA ASN J 121 10.68 29.55 -30.90
C ASN J 121 12.05 28.98 -31.23
N LEU J 122 13.06 29.84 -31.20
CA LEU J 122 14.43 29.45 -31.50
C LEU J 122 15.29 29.58 -30.24
N PHE J 123 16.22 28.66 -30.07
CA PHE J 123 17.26 28.78 -29.06
C PHE J 123 18.56 29.20 -29.71
N TYR J 124 19.29 30.09 -29.04
CA TYR J 124 20.50 30.66 -29.65
C TYR J 124 21.57 29.60 -29.87
N TYR J 125 21.58 28.54 -29.06
CA TYR J 125 22.53 27.46 -29.21
C TYR J 125 21.85 26.14 -28.89
N ARG J 126 22.45 25.05 -29.37
CA ARG J 126 22.02 23.70 -29.03
C ARG J 126 23.23 22.83 -28.72
N SER J 127 24.16 23.37 -27.93
CA SER J 127 25.34 22.61 -27.53
C SER J 127 24.95 21.46 -26.63
N ASP J 128 25.55 20.29 -26.88
CA ASP J 128 25.31 19.13 -26.04
C ASP J 128 26.29 19.01 -24.89
N ALA J 129 27.32 19.86 -24.84
CA ALA J 129 28.14 19.94 -23.63
C ALA J 129 27.34 20.46 -22.45
N VAL J 130 26.45 21.43 -22.70
CA VAL J 130 25.53 21.87 -21.66
C VAL J 130 24.57 20.76 -21.30
N ARG J 131 24.05 20.05 -22.30
CA ARG J 131 23.03 19.03 -22.05
C ARG J 131 23.58 17.87 -21.21
N ARG J 132 24.81 17.44 -21.50
CA ARG J 132 25.39 16.29 -20.81
C ARG J 132 26.14 16.67 -19.54
N ASN J 133 26.21 17.96 -19.21
CA ASN J 133 26.88 18.40 -17.99
C ASN J 133 25.96 19.17 -17.04
N VAL J 134 24.89 19.76 -17.52
CA VAL J 134 23.92 20.43 -16.66
C VAL J 134 22.70 19.53 -16.55
N PRO J 135 22.51 18.83 -15.43
CA PRO J 135 21.38 17.88 -15.35
C PRO J 135 20.03 18.56 -15.34
N ASN J 136 19.93 19.78 -14.83
CA ASN J 136 18.67 20.52 -14.77
C ASN J 136 18.91 21.92 -15.31
N PRO J 137 19.04 22.06 -16.63
CA PRO J 137 19.17 23.41 -17.20
C PRO J 137 17.94 24.24 -16.90
N ILE J 138 18.16 25.52 -16.59
CA ILE J 138 17.10 26.45 -16.25
C ILE J 138 17.09 27.65 -17.19
N TYR J 139 18.24 28.30 -17.35
CA TYR J 139 18.34 29.51 -18.15
C TYR J 139 18.66 29.10 -19.58
N MET J 140 17.72 29.31 -20.49
CA MET J 140 17.91 28.92 -21.89
C MET J 140 17.50 30.10 -22.75
N GLN J 141 18.47 30.87 -23.20
CA GLN J 141 18.21 32.07 -23.98
C GLN J 141 17.68 31.72 -25.37
N GLY J 142 16.80 32.57 -25.87
CA GLY J 142 16.23 32.32 -27.18
C GLY J 142 15.29 33.43 -27.60
N ARG J 143 14.60 33.20 -28.72
CA ARG J 143 13.76 34.23 -29.32
C ARG J 143 12.54 33.57 -29.95
N GLN J 144 11.36 34.04 -29.57
CA GLN J 144 10.11 33.61 -30.18
C GLN J 144 9.75 34.56 -31.33
N PHE J 145 9.40 33.99 -32.48
CA PHE J 145 9.00 34.75 -33.65
C PHE J 145 7.50 34.55 -33.83
N HIS J 146 6.71 35.42 -33.21
CA HIS J 146 5.27 35.44 -33.41
C HIS J 146 4.98 35.91 -34.82
N ASP J 147 4.03 35.26 -35.48
CA ASP J 147 3.51 35.70 -36.78
C ASP J 147 1.99 35.65 -36.67
N ILE J 148 1.38 36.81 -36.46
CA ILE J 148 -0.01 36.90 -36.03
C ILE J 148 -0.85 37.50 -37.15
N LEU J 149 -1.89 36.79 -37.54
CA LEU J 149 -2.90 37.27 -38.48
C LEU J 149 -4.23 37.31 -37.75
N MET J 150 -4.77 38.51 -37.56
CA MET J 150 -5.99 38.68 -36.79
C MET J 150 -6.99 39.52 -37.57
N LYS J 151 -8.24 39.07 -37.58
CA LYS J 151 -9.33 39.77 -38.25
C LYS J 151 -10.38 40.14 -37.21
N VAL J 152 -10.75 41.42 -37.18
CA VAL J 152 -11.73 41.94 -36.23
C VAL J 152 -12.86 42.59 -37.00
N PRO J 153 -14.10 42.12 -36.88
CA PRO J 153 -15.22 42.85 -37.48
C PRO J 153 -15.32 44.24 -36.91
N LEU J 154 -15.64 45.20 -37.78
CA LEU J 154 -15.75 46.61 -37.40
C LEU J 154 -17.23 46.98 -37.46
N ASP J 155 -17.94 46.75 -36.36
CA ASP J 155 -19.37 47.05 -36.26
C ASP J 155 -19.64 48.38 -35.58
N ASN J 156 -19.13 48.57 -34.36
CA ASN J 156 -19.33 49.81 -33.64
C ASN J 156 -18.58 50.95 -34.33
N ASN J 157 -19.10 52.17 -34.16
CA ASN J 157 -18.38 53.35 -34.64
C ASN J 157 -17.04 53.48 -33.94
N ASP J 158 -16.90 52.92 -32.74
CA ASP J 158 -15.62 52.92 -32.05
C ASP J 158 -14.63 52.00 -32.74
N LEU J 159 -15.09 50.88 -33.30
CA LEU J 159 -14.22 50.03 -34.10
C LEU J 159 -13.74 50.77 -35.34
N ILE J 160 -14.65 51.50 -36.00
CA ILE J 160 -14.28 52.32 -37.14
C ILE J 160 -13.23 53.34 -36.74
N ASP J 161 -13.43 53.99 -35.59
CA ASP J 161 -12.50 55.02 -35.14
C ASP J 161 -11.13 54.43 -34.84
N THR J 162 -11.09 53.29 -34.13
CA THR J 162 -9.81 52.65 -33.83
C THR J 162 -9.09 52.27 -35.11
N TRP J 163 -9.81 51.66 -36.06
CA TRP J 163 -9.18 51.21 -37.29
C TRP J 163 -8.65 52.38 -38.11
N GLU J 164 -9.46 53.43 -38.26
CA GLU J 164 -9.04 54.58 -39.05
C GLU J 164 -7.86 55.29 -38.40
N GLY J 165 -7.91 55.48 -37.08
CA GLY J 165 -6.80 56.10 -36.39
C GLY J 165 -5.53 55.28 -36.51
N THR J 166 -5.64 53.95 -36.40
CA THR J 166 -4.47 53.09 -36.51
C THR J 166 -3.86 53.14 -37.90
N VAL J 167 -4.68 53.06 -38.95
CA VAL J 167 -4.13 53.08 -40.30
C VAL J 167 -3.53 54.46 -40.61
N LYS J 168 -4.17 55.54 -40.13
CA LYS J 168 -3.62 56.86 -40.35
C LYS J 168 -2.29 57.02 -39.61
N ALA J 169 -2.20 56.50 -38.39
CA ALA J 169 -0.95 56.56 -37.64
C ALA J 169 0.16 55.78 -38.32
N ILE J 170 -0.16 54.58 -38.83
CA ILE J 170 0.84 53.78 -39.52
C ILE J 170 1.32 54.50 -40.77
N GLY J 171 0.39 55.08 -41.53
CA GLY J 171 0.78 55.82 -42.71
C GLY J 171 1.59 57.08 -42.39
N SER J 172 1.30 57.70 -41.26
CA SER J 172 1.91 59.00 -40.95
C SER J 172 3.33 58.85 -40.41
N THR J 173 3.49 58.17 -39.29
CA THR J 173 4.79 58.10 -38.62
C THR J 173 5.52 56.82 -39.00
N GLY J 174 6.84 56.92 -39.18
CA GLY J 174 7.68 55.76 -39.41
C GLY J 174 8.17 55.08 -38.16
N ALA J 175 7.88 55.64 -36.99
CA ALA J 175 8.29 55.07 -35.71
C ALA J 175 7.12 54.36 -35.02
N PHE J 176 6.09 54.02 -35.78
CA PHE J 176 4.99 53.24 -35.24
C PHE J 176 5.45 51.86 -34.79
N ASN J 177 6.48 51.31 -35.45
CA ASN J 177 6.94 49.96 -35.13
C ASN J 177 7.48 49.86 -33.71
N ASP J 178 8.21 50.87 -33.26
CA ASP J 178 8.78 50.84 -31.91
C ASP J 178 7.95 51.59 -30.88
N TRP J 179 7.19 52.60 -31.29
CA TRP J 179 6.33 53.31 -30.35
C TRP J 179 5.07 52.55 -30.01
N ILE J 180 4.75 51.48 -30.75
CA ILE J 180 3.61 50.66 -30.38
C ILE J 180 3.87 49.92 -29.07
N ARG J 181 5.15 49.61 -28.79
CA ARG J 181 5.49 48.92 -27.55
C ARG J 181 5.10 49.73 -26.33
N ASP J 182 5.11 51.05 -26.43
CA ASP J 182 4.62 51.88 -25.34
C ASP J 182 3.12 51.65 -25.12
N PHE J 183 2.35 51.62 -26.20
CA PHE J 183 0.93 51.29 -26.09
C PHE J 183 0.71 49.82 -25.77
N TRP J 184 1.47 48.93 -26.41
CA TRP J 184 1.21 47.50 -26.31
C TRP J 184 1.31 47.01 -24.88
N PHE J 185 2.28 47.51 -24.13
CA PHE J 185 2.51 47.09 -22.75
C PHE J 185 2.10 48.24 -21.83
N ILE J 186 0.83 48.23 -21.43
CA ILE J 186 0.25 49.33 -20.68
C ILE J 186 0.80 49.31 -19.26
N GLY J 187 1.20 50.48 -18.76
CA GLY J 187 1.67 50.63 -17.42
C GLY J 187 2.94 49.85 -17.11
N PRO J 188 2.96 49.18 -15.96
CA PRO J 188 4.19 48.50 -15.51
C PRO J 188 4.54 47.25 -16.31
N ALA J 189 3.72 46.89 -17.29
CA ALA J 189 4.06 45.75 -18.15
C ALA J 189 5.39 45.97 -18.85
N PHE J 190 5.70 47.23 -19.20
CA PHE J 190 6.96 47.53 -19.86
C PHE J 190 8.14 47.24 -18.95
N THR J 191 8.04 47.63 -17.67
CA THR J 191 9.10 47.34 -16.72
C THR J 191 9.19 45.84 -16.46
N ALA J 192 8.05 45.16 -16.44
CA ALA J 192 8.06 43.70 -16.27
C ALA J 192 8.80 43.03 -17.41
N LEU J 193 8.64 43.54 -18.64
CA LEU J 193 9.38 43.00 -19.78
C LEU J 193 10.87 42.99 -19.51
N ASN J 194 11.41 44.13 -19.04
CA ASN J 194 12.85 44.19 -18.83
C ASN J 194 13.27 43.34 -17.65
N GLU J 195 12.51 43.32 -16.55
CA GLU J 195 12.97 42.53 -15.42
C GLU J 195 12.92 41.05 -15.69
N GLY J 196 12.00 40.60 -16.53
CA GLY J 196 11.93 39.18 -16.84
C GLY J 196 12.92 38.71 -17.88
N GLY J 197 13.73 39.62 -18.42
CA GLY J 197 14.66 39.30 -19.48
C GLY J 197 14.09 39.41 -20.87
N GLN J 198 12.80 39.67 -21.01
CA GLN J 198 12.15 39.79 -22.31
C GLN J 198 12.58 41.08 -23.01
N ARG J 199 12.61 41.01 -24.33
CA ARG J 199 12.80 42.20 -25.17
C ARG J 199 11.92 42.07 -26.39
N ILE J 200 11.08 43.07 -26.62
CA ILE J 200 10.15 43.07 -27.75
C ILE J 200 10.82 43.81 -28.90
N SER J 201 10.99 43.11 -30.02
CA SER J 201 11.52 43.76 -31.20
C SER J 201 10.45 44.64 -31.85
N ARG J 202 10.90 45.57 -32.67
CA ARG J 202 9.95 46.41 -33.41
C ARG J 202 9.08 45.54 -34.29
N ILE J 203 7.76 45.69 -34.13
CA ILE J 203 6.83 44.85 -34.86
C ILE J 203 6.90 45.17 -36.34
N GLU J 204 6.68 44.15 -37.17
CA GLU J 204 6.69 44.30 -38.62
C GLU J 204 5.26 44.17 -39.10
N VAL J 205 4.59 45.30 -39.26
CA VAL J 205 3.23 45.31 -39.78
C VAL J 205 3.27 44.98 -41.26
N ASN J 206 2.77 43.80 -41.61
CA ASN J 206 2.82 43.31 -42.98
C ASN J 206 1.63 43.73 -43.81
N GLY J 207 0.73 44.54 -43.25
CA GLY J 207 -0.41 45.04 -44.00
C GLY J 207 -1.67 45.15 -43.16
N LEU J 208 -2.33 46.29 -43.23
CA LEU J 208 -3.60 46.52 -42.55
C LEU J 208 -4.64 46.86 -43.61
N ASN J 209 -5.46 45.87 -43.95
CA ASN J 209 -6.48 46.03 -44.98
C ASN J 209 -7.83 45.60 -44.43
N THR J 210 -8.88 46.30 -44.87
CA THR J 210 -10.24 45.99 -44.47
C THR J 210 -11.03 45.50 -45.69
N GLU J 211 -11.88 44.50 -45.46
CA GLU J 211 -12.76 43.99 -46.51
C GLU J 211 -14.14 43.75 -45.92
N SER J 212 -15.15 43.90 -46.76
CA SER J 212 -16.54 43.68 -46.33
C SER J 212 -16.76 42.19 -46.11
N GLY J 213 -16.84 41.77 -44.85
CA GLY J 213 -17.02 40.38 -44.51
C GLY J 213 -18.45 39.92 -44.65
N PRO J 214 -18.89 39.08 -43.72
CA PRO J 214 -20.26 38.56 -43.79
C PRO J 214 -21.32 39.64 -43.60
N LYS J 215 -21.19 40.43 -42.54
CA LYS J 215 -22.17 41.47 -42.23
C LYS J 215 -21.64 42.88 -42.36
N GLY J 216 -20.33 43.07 -42.41
CA GLY J 216 -19.75 44.39 -42.51
C GLY J 216 -18.26 44.35 -42.78
N PRO J 217 -17.58 45.47 -42.58
CA PRO J 217 -16.13 45.49 -42.81
C PRO J 217 -15.37 44.87 -41.67
N VAL J 218 -14.30 44.16 -42.02
CA VAL J 218 -13.50 43.41 -41.05
C VAL J 218 -12.05 43.89 -41.19
N GLY J 219 -11.45 44.30 -40.07
CA GLY J 219 -10.08 44.76 -40.10
C GLY J 219 -9.09 43.63 -39.99
N VAL J 220 -8.50 43.24 -41.12
CA VAL J 220 -7.53 42.16 -41.19
C VAL J 220 -6.14 42.78 -41.18
N SER J 221 -5.34 42.43 -40.17
CA SER J 221 -4.04 43.05 -39.97
C SER J 221 -3.00 41.95 -39.78
N ARG J 222 -2.11 41.82 -40.76
CA ARG J 222 -0.93 40.98 -40.61
C ARG J 222 0.14 41.75 -39.84
N TRP J 223 0.70 41.11 -38.83
CA TRP J 223 1.83 41.70 -38.11
C TRP J 223 2.61 40.58 -37.43
N ARG J 224 3.87 40.87 -37.13
CA ARG J 224 4.72 39.89 -36.47
C ARG J 224 5.72 40.63 -35.60
N PHE J 225 6.21 39.94 -34.58
CA PHE J 225 7.24 40.46 -33.71
C PHE J 225 8.11 39.31 -33.24
N SER J 226 9.28 39.65 -32.71
CA SER J 226 10.24 38.65 -32.24
C SER J 226 10.68 39.06 -30.85
N HIS J 227 10.11 38.41 -29.82
CA HIS J 227 10.41 38.74 -28.44
C HIS J 227 11.39 37.71 -27.88
N GLY J 228 12.51 38.21 -27.37
CA GLY J 228 13.60 37.34 -26.95
C GLY J 228 13.63 37.09 -25.46
N GLY J 229 14.63 36.32 -25.05
CA GLY J 229 14.77 35.96 -23.66
C GLY J 229 16.21 35.81 -23.20
N SER J 230 16.52 36.36 -22.03
CA SER J 230 17.83 36.22 -21.44
C SER J 230 18.01 34.90 -20.71
N GLY J 231 16.96 34.09 -20.62
CA GLY J 231 17.04 32.81 -19.94
C GLY J 231 15.94 32.62 -18.91
N MET J 232 15.55 33.72 -18.26
CA MET J 232 14.45 33.67 -17.31
C MET J 232 13.10 33.51 -17.98
N VAL J 233 12.98 33.90 -19.24
CA VAL J 233 11.66 33.99 -19.87
C VAL J 233 11.08 32.60 -20.04
N ASP J 234 9.85 32.42 -19.55
CA ASP J 234 9.22 31.11 -19.51
C ASP J 234 8.79 30.66 -20.90
N SER J 235 8.27 31.60 -21.71
CA SER J 235 7.75 31.25 -23.02
C SER J 235 8.82 30.71 -23.96
N ILE J 236 10.09 31.02 -23.75
CA ILE J 236 11.18 30.52 -24.58
C ILE J 236 11.89 29.33 -23.93
N SER J 237 12.45 29.53 -22.74
CA SER J 237 13.36 28.52 -22.16
C SER J 237 12.68 27.19 -21.94
N ARG J 238 11.35 27.20 -21.81
CA ARG J 238 10.56 25.99 -21.60
C ARG J 238 9.44 25.90 -22.63
N TRP J 239 9.82 26.11 -23.89
CA TRP J 239 8.86 26.13 -24.98
C TRP J 239 8.14 24.79 -25.12
N ALA J 240 8.89 23.69 -25.04
CA ALA J 240 8.29 22.36 -25.15
C ALA J 240 7.61 21.90 -23.88
N GLU J 241 7.81 22.60 -22.77
CA GLU J 241 7.22 22.20 -21.49
C GLU J 241 5.90 22.89 -21.20
N LEU J 242 5.74 24.15 -21.61
CA LEU J 242 4.52 24.90 -21.30
C LEU J 242 3.32 24.44 -22.10
N PHE J 243 3.52 23.61 -23.12
CA PHE J 243 2.44 23.14 -23.99
C PHE J 243 2.52 21.63 -24.10
N PRO J 244 2.12 20.89 -23.05
CA PRO J 244 2.13 19.44 -23.13
C PRO J 244 0.99 18.89 -23.99
N SER J 245 1.12 19.01 -25.31
CA SER J 245 0.11 18.47 -26.20
C SER J 245 0.22 16.95 -26.32
N ASP J 246 1.45 16.43 -26.29
CA ASP J 246 1.65 15.00 -26.44
C ASP J 246 1.05 14.22 -25.27
N LYS J 247 1.20 14.74 -24.07
CA LYS J 247 0.72 14.08 -22.86
C LYS J 247 -0.56 14.72 -22.33
N LEU J 248 -1.44 15.13 -23.25
CA LEU J 248 -2.81 15.50 -22.95
C LEU J 248 -3.73 14.42 -23.49
N ASN J 249 -4.67 13.95 -22.65
CA ASN J 249 -5.60 12.91 -23.10
C ASN J 249 -7.04 13.14 -22.66
N ARG J 250 -7.32 14.18 -21.90
CA ARG J 250 -8.68 14.46 -21.43
C ARG J 250 -8.78 15.94 -21.15
N PRO J 251 -10.00 16.49 -21.05
CA PRO J 251 -10.14 17.92 -20.79
C PRO J 251 -9.39 18.34 -19.53
N ALA J 252 -8.61 19.41 -19.67
CA ALA J 252 -7.80 19.95 -18.58
C ALA J 252 -8.31 21.34 -18.24
N GLN J 253 -8.51 21.59 -16.95
CA GLN J 253 -9.17 22.81 -16.49
C GLN J 253 -8.36 23.46 -15.39
N VAL J 254 -8.27 24.79 -15.45
CA VAL J 254 -7.69 25.61 -14.40
C VAL J 254 -8.63 26.77 -14.13
N GLU J 255 -9.12 26.89 -12.90
CA GLU J 255 -10.01 27.98 -12.51
C GLU J 255 -9.30 28.84 -11.47
N ALA J 256 -8.81 30.00 -11.91
CA ALA J 256 -8.17 30.97 -11.04
C ALA J 256 -9.16 32.11 -10.76
N GLY J 257 -8.68 33.15 -10.11
CA GLY J 257 -9.48 34.33 -9.82
C GLY J 257 -9.18 34.86 -8.44
N PHE J 258 -9.15 36.19 -8.34
CA PHE J 258 -8.89 36.85 -7.06
C PHE J 258 -9.96 37.90 -6.79
N ARG J 259 -10.39 37.96 -5.54
CA ARG J 259 -11.22 39.07 -5.06
C ARG J 259 -10.33 40.01 -4.27
N SER J 260 -10.19 41.23 -4.74
CA SER J 260 -9.23 42.18 -4.19
C SER J 260 -9.90 43.52 -3.96
N ASP J 261 -9.52 44.17 -2.86
CA ASP J 261 -10.02 45.49 -2.52
C ASP J 261 -8.89 46.29 -1.91
N SER J 262 -9.25 47.45 -1.36
CA SER J 262 -8.24 48.37 -0.83
C SER J 262 -7.50 47.82 0.39
N GLN J 263 -7.99 46.75 1.02
CA GLN J 263 -7.42 46.30 2.27
C GLN J 263 -7.24 44.79 2.33
N GLY J 264 -7.07 44.13 1.19
CA GLY J 264 -6.84 42.71 1.19
C GLY J 264 -6.77 42.14 -0.21
N ILE J 265 -6.15 40.97 -0.29
CA ILE J 265 -6.07 40.19 -1.53
C ILE J 265 -6.45 38.75 -1.21
N GLU J 266 -7.48 38.24 -1.87
CA GLU J 266 -7.95 36.88 -1.69
C GLU J 266 -7.82 36.14 -3.01
N VAL J 267 -7.08 35.03 -3.00
CA VAL J 267 -6.78 34.28 -4.21
C VAL J 267 -7.23 32.84 -4.02
N LYS J 268 -7.86 32.27 -5.04
CA LYS J 268 -8.26 30.87 -5.04
C LYS J 268 -8.15 30.33 -6.45
N VAL J 269 -7.16 29.47 -6.68
CA VAL J 269 -6.92 28.88 -8.00
C VAL J 269 -7.04 27.38 -7.91
N ASP J 270 -7.84 26.79 -8.80
CA ASP J 270 -7.95 25.35 -8.94
C ASP J 270 -7.20 24.90 -10.18
N GLY J 271 -7.01 23.59 -10.30
CA GLY J 271 -6.26 23.09 -11.44
C GLY J 271 -6.43 21.63 -11.79
N GLU J 272 -6.32 21.33 -13.08
CA GLU J 272 -6.34 19.96 -13.58
C GLU J 272 -5.64 20.00 -14.93
N PHE J 273 -4.41 19.47 -14.99
CA PHE J 273 -3.63 19.57 -16.22
C PHE J 273 -2.37 18.71 -16.14
N PRO J 274 -1.85 18.25 -17.26
CA PRO J 274 -0.58 17.53 -17.27
C PRO J 274 0.59 18.49 -17.11
N GLY J 275 1.79 17.94 -17.04
CA GLY J 275 3.00 18.73 -16.92
C GLY J 275 3.32 19.20 -15.53
N VAL J 276 2.52 18.85 -14.52
CA VAL J 276 2.84 19.21 -13.15
C VAL J 276 4.13 18.52 -12.73
N SER J 277 4.27 17.23 -13.06
CA SER J 277 5.46 16.47 -12.76
C SER J 277 6.14 16.06 -14.06
N VAL J 278 7.40 16.44 -14.23
CA VAL J 278 8.18 16.11 -15.41
C VAL J 278 9.30 15.18 -15.00
N ASP J 279 9.67 14.26 -15.89
CA ASP J 279 10.78 13.36 -15.63
C ASP J 279 12.06 14.16 -15.49
N ALA J 280 12.70 14.04 -14.32
CA ALA J 280 13.95 14.75 -14.07
C ALA J 280 15.13 14.13 -14.79
N GLY J 281 14.98 12.91 -15.32
CA GLY J 281 16.05 12.23 -16.02
C GLY J 281 16.30 10.84 -15.47
N GLY J 282 16.24 9.85 -16.34
CA GLY J 282 16.49 8.47 -15.95
C GLY J 282 15.44 7.88 -15.02
N GLY J 283 14.16 8.11 -15.31
CA GLY J 283 13.09 7.56 -14.51
C GLY J 283 12.75 8.35 -13.27
N LEU J 284 13.57 9.32 -12.89
CA LEU J 284 13.30 10.13 -11.71
C LEU J 284 12.34 11.24 -12.07
N ARG J 285 11.14 11.22 -11.49
CA ARG J 285 10.20 12.31 -11.71
C ARG J 285 10.51 13.47 -10.78
N ARG J 286 9.96 14.62 -11.10
CA ARG J 286 10.11 15.82 -10.28
C ARG J 286 8.96 16.76 -10.56
N ILE J 287 8.60 17.55 -9.56
CA ILE J 287 7.77 18.71 -9.82
C ILE J 287 8.50 19.62 -10.78
N LEU J 288 7.79 20.12 -11.79
CA LEU J 288 8.43 20.94 -12.81
C LEU J 288 9.10 22.14 -12.16
N ASN J 289 10.29 22.49 -12.66
CA ASN J 289 11.00 23.65 -12.17
C ASN J 289 10.09 24.87 -12.21
N HIS J 290 10.09 25.65 -11.14
CA HIS J 290 9.09 26.69 -10.99
C HIS J 290 9.19 27.70 -12.13
N PRO J 291 8.08 28.01 -12.80
CA PRO J 291 8.11 29.04 -13.85
C PRO J 291 8.57 30.37 -13.29
N LEU J 292 9.68 30.87 -13.85
CA LEU J 292 10.38 32.01 -13.25
C LEU J 292 9.68 33.33 -13.52
N ILE J 293 9.07 33.47 -14.70
CA ILE J 293 8.40 34.73 -15.05
C ILE J 293 7.31 35.12 -14.07
N PRO J 294 6.41 34.22 -13.65
CA PRO J 294 5.43 34.62 -12.62
C PRO J 294 6.09 35.11 -11.34
N LEU J 295 7.18 34.46 -10.91
CA LEU J 295 7.87 34.90 -9.69
C LEU J 295 8.45 36.29 -9.86
N VAL J 296 9.20 36.53 -10.94
CA VAL J 296 9.85 37.82 -11.11
C VAL J 296 8.81 38.92 -11.37
N HIS J 297 7.69 38.59 -12.00
CA HIS J 297 6.66 39.57 -12.28
C HIS J 297 5.86 39.92 -11.03
N HIS J 298 5.62 38.94 -10.16
CA HIS J 298 5.11 39.23 -8.84
C HIS J 298 6.18 39.92 -7.99
N GLY J 299 7.42 39.94 -8.49
CA GLY J 299 8.51 40.58 -7.78
C GLY J 299 8.36 42.08 -7.58
N MET J 300 7.95 42.82 -8.61
CA MET J 300 7.82 44.26 -8.35
C MET J 300 6.65 44.58 -7.45
N VAL J 301 5.75 43.61 -7.19
CA VAL J 301 4.50 43.88 -6.52
C VAL J 301 4.38 43.15 -5.19
N GLY J 302 5.27 42.22 -4.90
CA GLY J 302 5.22 41.52 -3.62
C GLY J 302 6.16 42.09 -2.58
N LYS J 303 6.96 43.08 -2.97
CA LYS J 303 7.96 43.67 -2.08
C LYS J 303 7.48 44.93 -1.38
N PHE J 304 6.23 45.33 -1.59
CA PHE J 304 5.75 46.60 -1.06
C PHE J 304 5.35 46.53 0.41
N ASN J 305 5.16 45.34 0.97
CA ASN J 305 4.83 45.20 2.37
C ASN J 305 5.57 44.02 2.96
N ASN J 306 6.09 44.21 4.17
CA ASN J 306 6.62 43.10 4.95
C ASN J 306 5.46 42.29 5.53
N PHE J 307 5.56 40.97 5.41
CA PHE J 307 4.43 40.10 5.72
C PHE J 307 4.90 38.88 6.50
N ASN J 308 4.03 38.41 7.38
CA ASN J 308 4.20 37.13 8.07
C ASN J 308 3.48 36.07 7.26
N VAL J 309 4.20 35.00 6.92
CA VAL J 309 3.68 33.96 6.04
C VAL J 309 3.51 32.67 6.85
N ASP J 310 2.34 32.06 6.70
CA ASP J 310 2.08 30.71 7.20
C ASP J 310 1.59 29.91 5.99
N ALA J 311 2.53 29.43 5.19
CA ALA J 311 2.23 28.77 3.93
C ALA J 311 2.30 27.25 4.12
N GLN J 312 1.28 26.56 3.61
CA GLN J 312 1.15 25.12 3.76
C GLN J 312 1.10 24.49 2.37
N LEU J 313 2.16 23.78 2.01
CA LEU J 313 2.20 23.01 0.77
C LEU J 313 1.89 21.56 1.08
N LYS J 314 0.85 21.03 0.46
CA LYS J 314 0.41 19.65 0.70
C LYS J 314 0.53 18.89 -0.61
N VAL J 315 1.68 18.26 -0.83
CA VAL J 315 1.96 17.50 -2.03
C VAL J 315 1.55 16.06 -1.76
N VAL J 316 0.59 15.56 -2.55
CA VAL J 316 0.10 14.20 -2.40
C VAL J 316 0.60 13.38 -3.58
N LEU J 317 1.61 12.55 -3.34
CA LEU J 317 2.13 11.65 -4.34
C LEU J 317 1.15 10.50 -4.58
N PRO J 318 1.25 9.83 -5.72
CA PRO J 318 0.48 8.60 -5.92
C PRO J 318 1.07 7.43 -5.14
N LYS J 319 0.32 6.34 -5.10
CA LYS J 319 0.71 5.19 -4.29
C LYS J 319 2.02 4.58 -4.81
N GLY J 320 2.87 4.20 -3.87
CA GLY J 320 4.17 3.64 -4.17
C GLY J 320 5.26 4.66 -4.45
N TYR J 321 4.88 5.93 -4.60
CA TYR J 321 5.81 6.99 -4.98
C TYR J 321 6.46 7.60 -3.76
N LYS J 322 7.76 7.39 -3.62
CA LYS J 322 8.55 7.97 -2.56
C LYS J 322 9.14 9.30 -3.00
N ILE J 323 9.92 9.93 -2.13
CA ILE J 323 10.50 11.23 -2.39
C ILE J 323 11.99 11.15 -2.10
N ARG J 324 12.74 12.09 -2.69
CA ARG J 324 14.15 12.25 -2.39
C ARG J 324 14.55 13.68 -2.72
N TYR J 325 15.46 14.23 -1.94
CA TYR J 325 15.97 15.59 -2.12
C TYR J 325 14.83 16.61 -2.21
N ALA J 326 14.13 16.77 -1.08
CA ALA J 326 13.24 17.90 -0.90
C ALA J 326 14.02 19.02 -0.22
N ALA J 327 14.12 20.16 -0.87
CA ALA J 327 14.90 21.29 -0.37
C ALA J 327 14.16 22.59 -0.68
N PRO J 328 13.51 23.21 0.33
CA PRO J 328 13.47 22.83 1.75
C PRO J 328 12.74 21.51 2.03
N GLN J 329 13.17 20.84 3.08
CA GLN J 329 12.64 19.52 3.41
C GLN J 329 11.16 19.60 3.81
N TYR J 330 10.42 18.55 3.48
CA TYR J 330 9.03 18.46 3.89
C TYR J 330 8.93 18.40 5.40
N ARG J 331 7.95 19.12 5.95
CA ARG J 331 7.89 19.30 7.40
C ARG J 331 7.25 18.09 8.06
N SER J 332 6.10 17.67 7.56
CA SER J 332 5.42 16.49 8.08
C SER J 332 5.02 15.60 6.91
N GLN J 333 4.64 14.36 7.22
CA GLN J 333 4.34 13.37 6.20
C GLN J 333 3.23 12.47 6.70
N ASN J 334 2.44 11.95 5.74
CA ASN J 334 1.45 10.93 6.04
C ASN J 334 1.45 9.84 4.98
N LEU J 335 2.65 9.45 4.53
CA LEU J 335 2.81 8.39 3.54
C LEU J 335 2.03 8.73 2.28
N GLU J 336 2.51 9.75 1.55
CA GLU J 336 1.94 10.38 0.35
C GLU J 336 1.73 11.86 0.60
N GLU J 337 0.91 12.18 1.60
CA GLU J 337 0.54 13.57 1.88
C GLU J 337 1.72 14.27 2.55
N TYR J 338 2.79 14.48 1.79
CA TYR J 338 3.90 15.28 2.28
C TYR J 338 3.45 16.72 2.45
N ARG J 339 3.91 17.34 3.53
CA ARG J 339 3.47 18.68 3.86
C ARG J 339 4.68 19.57 4.15
N TRP J 340 4.70 20.73 3.52
CA TRP J 340 5.72 21.76 3.77
C TRP J 340 5.06 22.90 4.53
N SER J 341 5.62 23.25 5.69
CA SER J 341 5.06 24.32 6.50
C SER J 341 6.12 24.82 7.46
N GLY J 342 6.21 26.14 7.60
CA GLY J 342 7.15 26.78 8.50
C GLY J 342 8.59 26.43 8.20
N GLY J 343 9.46 26.86 9.11
CA GLY J 343 10.87 26.59 8.98
C GLY J 343 11.43 27.18 7.71
N ALA J 344 12.18 26.36 6.97
CA ALA J 344 12.78 26.82 5.72
C ALA J 344 11.75 26.97 4.60
N TYR J 345 10.64 26.25 4.66
CA TYR J 345 9.66 26.35 3.58
C TYR J 345 8.93 27.69 3.61
N ALA J 346 8.51 28.15 4.78
CA ALA J 346 7.88 29.47 4.85
C ALA J 346 8.87 30.56 4.47
N ARG J 347 10.14 30.38 4.80
CA ARG J 347 11.17 31.31 4.37
C ARG J 347 11.28 31.35 2.85
N TRP J 348 11.27 30.17 2.21
CA TRP J 348 11.31 30.12 0.75
C TRP J 348 10.04 30.73 0.14
N VAL J 349 8.90 30.55 0.81
CA VAL J 349 7.66 31.13 0.30
C VAL J 349 7.72 32.66 0.35
N GLU J 350 8.22 33.20 1.46
CA GLU J 350 8.42 34.66 1.52
C GLU J 350 9.39 35.10 0.43
N HIS J 351 10.48 34.34 0.24
CA HIS J 351 11.48 34.67 -0.77
C HIS J 351 10.85 34.75 -2.16
N VAL J 352 10.04 33.76 -2.53
CA VAL J 352 9.46 33.75 -3.87
C VAL J 352 8.25 34.69 -4.00
N CYS J 353 7.56 35.00 -2.89
CA CYS J 353 6.48 35.97 -2.96
C CYS J 353 7.02 37.39 -3.09
N LYS J 354 8.23 37.64 -2.59
CA LYS J 354 8.87 38.93 -2.79
C LYS J 354 9.68 38.99 -4.08
N GLY J 355 9.54 38.00 -4.96
CA GLY J 355 10.22 37.99 -6.23
C GLY J 355 11.40 37.05 -6.33
N GLY J 356 11.60 36.17 -5.36
CA GLY J 356 12.77 35.32 -5.37
C GLY J 356 12.72 34.25 -6.44
N VAL J 357 13.88 33.66 -6.69
CA VAL J 357 14.06 32.76 -7.82
C VAL J 357 14.66 31.45 -7.26
N GLY J 358 14.76 31.39 -5.93
CA GLY J 358 15.42 30.25 -5.31
C GLY J 358 14.74 28.93 -5.63
N GLN J 359 15.55 27.89 -5.83
CA GLN J 359 15.05 26.60 -6.25
C GLN J 359 14.43 25.83 -5.09
N PHE J 360 13.31 25.18 -5.35
CA PHE J 360 12.66 24.24 -4.42
C PHE J 360 12.27 23.04 -5.27
N GLU J 361 13.18 22.07 -5.37
CA GLU J 361 13.00 20.91 -6.22
C GLU J 361 12.51 19.72 -5.40
N ILE J 362 11.53 19.00 -5.95
CA ILE J 362 10.94 17.83 -5.31
C ILE J 362 11.18 16.65 -6.25
N LEU J 363 12.22 15.88 -5.99
CA LEU J 363 12.61 14.74 -6.83
C LEU J 363 11.93 13.50 -6.27
N TYR J 364 10.88 13.03 -6.93
CA TYR J 364 10.09 11.92 -6.44
C TYR J 364 10.03 10.81 -7.47
N ALA J 365 10.05 9.56 -7.01
CA ALA J 365 9.93 8.40 -7.88
C ALA J 365 9.63 7.18 -7.02
N GLN J 366 8.93 6.22 -7.61
CA GLN J 366 8.53 5.03 -6.89
C GLN J 366 9.62 3.98 -6.93
N UNK K 1 -13.63 40.62 15.13
CA UNK K 1 -13.16 39.89 13.96
C UNK K 1 -13.56 38.42 14.04
N UNK K 2 -13.24 37.66 12.99
CA UNK K 2 -13.52 36.23 12.94
C UNK K 2 -12.21 35.50 13.23
N UNK K 3 -11.94 35.30 14.52
CA UNK K 3 -10.70 34.66 14.95
C UNK K 3 -10.86 33.19 15.32
N UNK K 4 -12.08 32.69 15.42
CA UNK K 4 -12.34 31.30 15.78
C UNK K 4 -12.76 30.53 14.55
N UNK K 5 -12.13 29.39 14.31
CA UNK K 5 -12.43 28.55 13.17
C UNK K 5 -13.65 27.67 13.47
N UNK K 6 -13.97 26.78 12.51
CA UNK K 6 -15.10 25.88 12.71
C UNK K 6 -14.76 24.78 13.70
N UNK K 7 -13.55 24.22 13.61
CA UNK K 7 -13.16 23.18 14.56
C UNK K 7 -13.03 23.74 15.98
N UNK K 8 -12.48 24.94 16.12
CA UNK K 8 -12.39 25.56 17.44
C UNK K 8 -13.77 25.84 18.02
N UNK K 9 -14.68 26.36 17.19
CA UNK K 9 -16.04 26.61 17.67
C UNK K 9 -16.77 25.30 17.98
N UNK K 10 -16.55 24.28 17.15
CA UNK K 10 -17.15 22.98 17.43
C UNK K 10 -16.62 22.39 18.74
N UNK K 11 -15.31 22.47 18.95
CA UNK K 11 -14.74 22.04 20.22
C UNK K 11 -15.07 23.00 21.35
N UNK K 12 -15.55 24.20 21.05
CA UNK K 12 -16.04 25.13 22.06
C UNK K 12 -17.55 25.08 22.21
N UNK K 13 -18.26 24.51 21.23
CA UNK K 13 -19.67 24.21 21.43
C UNK K 13 -19.83 23.05 22.41
N UNK K 14 -19.06 21.99 22.20
CA UNK K 14 -18.87 20.99 23.24
C UNK K 14 -17.91 21.53 24.30
N UNK K 15 -17.90 20.87 25.45
CA UNK K 15 -17.11 21.28 26.62
C UNK K 15 -17.66 22.57 27.22
N UNK K 16 -18.64 23.18 26.54
CA UNK K 16 -19.43 24.27 27.07
C UNK K 16 -20.89 23.89 27.23
N UNK K 17 -21.50 23.35 26.16
CA UNK K 17 -22.79 22.70 26.33
C UNK K 17 -22.67 21.45 27.19
N UNK K 18 -21.55 20.73 27.06
CA UNK K 18 -21.26 19.64 28.00
C UNK K 18 -21.06 20.19 29.41
N UNK K 19 -20.37 21.32 29.53
CA UNK K 19 -20.30 22.01 30.81
C UNK K 19 -21.66 22.56 31.22
N UNK K 20 -22.47 22.99 30.25
CA UNK K 20 -23.84 23.38 30.56
C UNK K 20 -24.72 22.17 30.80
N UNK K 21 -24.38 21.03 30.20
CA UNK K 21 -25.04 19.78 30.58
C UNK K 21 -24.73 19.44 32.04
N UNK K 22 -23.47 19.59 32.43
CA UNK K 22 -23.12 19.59 33.84
C UNK K 22 -23.67 20.86 34.49
N UNK K 23 -23.54 20.94 35.81
CA UNK K 23 -24.09 22.01 36.65
C UNK K 23 -25.61 21.99 36.68
N UNK K 24 -26.25 21.13 35.90
CA UNK K 24 -27.67 20.84 35.99
C UNK K 24 -27.93 19.38 36.33
N UNK K 25 -27.23 18.46 35.67
CA UNK K 25 -27.22 17.08 36.13
C UNK K 25 -26.57 16.96 37.49
N UNK K 26 -25.48 17.70 37.71
CA UNK K 26 -24.81 17.74 39.00
C UNK K 26 -25.55 18.59 40.02
N UNK K 27 -26.49 19.44 39.59
CA UNK K 27 -27.28 20.29 40.48
C UNK K 27 -26.39 21.17 41.36
N UNK K 28 -25.30 21.69 40.77
CA UNK K 28 -24.40 22.60 41.45
C UNK K 28 -24.12 23.77 40.51
N UNK K 29 -24.28 25.00 41.02
CA UNK K 29 -24.20 26.17 40.16
C UNK K 29 -22.76 26.45 39.76
N UNK K 30 -22.33 25.86 38.64
CA UNK K 30 -20.99 26.05 38.11
C UNK K 30 -21.07 26.29 36.60
N UNK K 31 -21.99 27.15 36.18
CA UNK K 31 -22.21 27.45 34.77
C UNK K 31 -21.10 28.37 34.25
N UNK K 32 -19.90 27.79 34.14
CA UNK K 32 -18.73 28.50 33.64
C UNK K 32 -18.51 28.29 32.15
N UNK K 33 -19.58 28.04 31.39
CA UNK K 33 -19.47 27.77 29.95
C UNK K 33 -19.30 29.11 29.22
N UNK K 34 -18.07 29.63 29.28
CA UNK K 34 -17.74 30.85 28.57
C UNK K 34 -17.39 30.62 27.11
N UNK K 35 -17.39 29.36 26.66
CA UNK K 35 -17.13 29.04 25.26
C UNK K 35 -18.40 28.99 24.43
N UNK K 36 -19.54 28.69 25.05
CA UNK K 36 -20.81 28.71 24.33
C UNK K 36 -21.18 30.13 23.91
N UNK K 37 -20.93 31.11 24.79
CA UNK K 37 -21.17 32.50 24.43
C UNK K 37 -20.24 32.95 23.30
N UNK K 38 -19.00 32.48 23.32
CA UNK K 38 -18.04 32.80 22.27
C UNK K 38 -18.34 32.09 20.96
N UNK K 39 -19.28 31.14 20.96
CA UNK K 39 -19.64 30.43 19.73
C UNK K 39 -20.78 31.11 18.99
N UNK K 40 -21.80 31.59 19.71
CA UNK K 40 -22.87 32.33 19.07
C UNK K 40 -22.36 33.60 18.39
N UNK K 41 -21.47 34.33 19.08
CA UNK K 41 -20.76 35.45 18.51
C UNK K 41 -19.31 35.02 18.33
N UNK K 42 -18.96 34.61 17.11
CA UNK K 42 -17.66 33.98 16.87
C UNK K 42 -16.53 34.99 17.02
N UNK K 43 -15.97 35.07 18.23
CA UNK K 43 -14.83 35.94 18.50
C UNK K 43 -14.17 35.43 19.78
N UNK K 44 -12.93 34.95 19.66
CA UNK K 44 -12.24 34.37 20.80
C UNK K 44 -11.95 35.40 21.88
N UNK K 45 -11.87 36.68 21.53
CA UNK K 45 -11.67 37.77 22.49
C UNK K 45 -10.33 37.64 23.23
N UNK K 46 -10.18 36.58 24.02
CA UNK K 46 -8.93 36.35 24.72
C UNK K 46 -7.78 36.09 23.75
N UNK K 47 -8.08 35.54 22.58
CA UNK K 47 -7.07 35.28 21.56
C UNK K 47 -6.90 36.44 20.58
N UNK K 48 -7.61 37.55 20.79
CA UNK K 48 -7.38 38.73 19.96
C UNK K 48 -5.96 39.25 20.13
N UNK K 49 -5.47 39.30 21.37
CA UNK K 49 -4.08 39.66 21.60
C UNK K 49 -3.14 38.56 21.13
N UNK K 50 -3.59 37.30 21.16
CA UNK K 50 -2.81 36.17 20.69
C UNK K 50 -3.11 35.93 19.21
N UNK K 51 -2.67 34.78 18.69
CA UNK K 51 -2.97 34.42 17.32
C UNK K 51 -4.42 33.93 17.19
N UNK K 52 -4.90 33.94 15.96
CA UNK K 52 -6.27 33.51 15.66
C UNK K 52 -6.28 32.03 15.30
N UNK K 53 -7.48 31.47 15.15
CA UNK K 53 -7.64 30.06 14.84
C UNK K 53 -8.12 29.79 13.43
N UNK K 54 -8.64 30.80 12.73
CA UNK K 54 -9.13 30.64 11.36
C UNK K 54 -8.08 31.19 10.40
N UNK K 55 -7.60 30.33 9.51
CA UNK K 55 -6.58 30.74 8.54
C UNK K 55 -7.13 31.61 7.42
N UNK K 56 -8.44 31.57 7.17
CA UNK K 56 -9.05 32.36 6.11
C UNK K 56 -9.98 33.45 6.60
N UNK K 57 -10.24 33.54 7.90
CA UNK K 57 -11.14 34.53 8.49
C UNK K 57 -12.51 34.52 7.83
N ILE L 3 -45.28 -10.87 6.43
CA ILE L 3 -45.42 -12.07 5.62
C ILE L 3 -44.38 -13.12 6.01
N ARG L 4 -43.99 -13.95 5.04
CA ARG L 4 -42.98 -14.96 5.30
C ARG L 4 -41.63 -14.33 5.62
N ARG L 5 -41.26 -13.26 4.90
CA ARG L 5 -39.96 -12.65 5.12
C ARG L 5 -39.90 -11.89 6.42
N LEU L 6 -40.99 -11.23 6.81
CA LEU L 6 -41.03 -10.58 8.11
C LEU L 6 -40.92 -11.60 9.25
N ILE L 7 -41.60 -12.73 9.11
CA ILE L 7 -41.50 -13.79 10.10
C ILE L 7 -40.07 -14.32 10.16
N LEU L 8 -39.44 -14.49 9.00
CA LEU L 8 -38.05 -14.94 8.97
C LEU L 8 -37.14 -13.95 9.67
N ALA L 9 -37.33 -12.66 9.41
CA ALA L 9 -36.51 -11.64 10.05
C ALA L 9 -36.69 -11.64 11.57
N PHE L 10 -37.94 -11.81 12.04
CA PHE L 10 -38.17 -11.88 13.47
C PHE L 10 -37.56 -13.13 14.09
N ILE L 11 -37.59 -14.25 13.37
CA ILE L 11 -37.10 -15.52 13.90
C ILE L 11 -35.60 -15.64 13.67
N LEU L 12 -35.17 -15.62 12.41
CA LEU L 12 -33.77 -15.73 12.03
C LEU L 12 -33.44 -14.57 11.11
N PRO L 13 -33.06 -13.43 11.66
CA PRO L 13 -32.90 -12.21 10.85
C PRO L 13 -31.95 -12.40 9.67
N PRO L 14 -30.86 -13.18 9.82
CA PRO L 14 -30.05 -13.47 8.62
C PRO L 14 -30.84 -14.18 7.54
N ALA L 15 -31.78 -15.06 7.91
CA ALA L 15 -32.48 -15.86 6.91
C ALA L 15 -33.29 -14.98 5.97
N ALA L 16 -34.00 -13.99 6.51
CA ALA L 16 -34.75 -13.08 5.66
C ALA L 16 -33.83 -12.24 4.79
N VAL L 17 -32.72 -11.77 5.35
CA VAL L 17 -31.79 -10.89 4.65
C VAL L 17 -30.71 -11.78 4.02
N MET L 18 -30.98 -12.25 2.81
CA MET L 18 -29.97 -12.87 1.98
C MET L 18 -29.69 -12.10 0.70
N ASN L 19 -30.41 -11.01 0.45
CA ASN L 19 -30.19 -10.23 -0.77
C ASN L 19 -28.90 -9.43 -0.71
N LYS L 20 -28.64 -8.75 0.40
CA LYS L 20 -27.79 -7.56 0.39
C LYS L 20 -26.35 -7.80 -0.06
N GLU L 21 -25.55 -8.51 0.74
CA GLU L 21 -24.12 -8.60 0.49
C GLU L 21 -23.54 -9.80 1.22
N ALA L 22 -22.29 -10.11 0.89
CA ALA L 22 -21.56 -11.17 1.59
C ALA L 22 -21.09 -10.73 2.97
N GLY L 23 -20.91 -9.43 3.18
CA GLY L 23 -20.44 -8.92 4.45
C GLY L 23 -21.56 -8.36 5.30
N THR L 24 -22.60 -7.86 4.65
CA THR L 24 -23.78 -7.38 5.38
C THR L 24 -24.47 -8.51 6.13
N ILE L 25 -24.45 -9.71 5.57
CA ILE L 25 -25.09 -10.85 6.23
C ILE L 25 -24.36 -11.21 7.51
N MET L 26 -23.03 -11.13 7.53
CA MET L 26 -22.32 -11.26 8.80
C MET L 26 -22.74 -10.19 9.79
N LEU L 27 -22.91 -8.96 9.33
CA LEU L 27 -23.32 -7.90 10.25
C LEU L 27 -24.66 -8.21 10.88
N THR L 28 -25.63 -8.63 10.06
CA THR L 28 -26.94 -9.00 10.59
C THR L 28 -26.83 -10.19 11.53
N GLY L 29 -25.99 -11.18 11.19
CA GLY L 29 -25.87 -12.36 12.03
C GLY L 29 -25.24 -12.06 13.37
N ILE L 30 -24.19 -11.24 13.39
CA ILE L 30 -23.54 -10.91 14.65
C ILE L 30 -24.41 -9.97 15.48
N LEU L 31 -25.19 -9.10 14.83
CA LEU L 31 -26.16 -8.31 15.57
C LEU L 31 -27.22 -9.20 16.19
N THR L 32 -27.62 -10.26 15.48
CA THR L 32 -28.51 -11.27 16.05
C THR L 32 -27.85 -12.01 17.20
N LEU L 33 -26.55 -12.25 17.12
CA LEU L 33 -25.83 -12.91 18.20
C LEU L 33 -25.87 -12.08 19.47
N TRP L 34 -25.73 -10.77 19.35
CA TRP L 34 -25.81 -9.85 20.48
C TRP L 34 -27.28 -9.67 20.84
N GLY L 35 -27.71 -10.34 21.92
CA GLY L 35 -29.12 -10.38 22.24
C GLY L 35 -29.89 -11.05 21.12
N TRP L 36 -31.04 -10.46 20.78
CA TRP L 36 -31.71 -10.82 19.53
C TRP L 36 -32.28 -9.61 18.80
N ILE L 37 -32.37 -8.45 19.44
CA ILE L 37 -33.01 -7.27 18.87
C ILE L 37 -32.14 -6.56 17.85
N PRO L 38 -30.82 -6.41 18.04
CA PRO L 38 -30.03 -5.73 17.00
C PRO L 38 -30.12 -6.38 15.62
N GLY L 39 -30.10 -7.72 15.57
CA GLY L 39 -30.20 -8.38 14.28
C GLY L 39 -31.55 -8.17 13.62
N VAL L 40 -32.62 -8.25 14.41
CA VAL L 40 -33.96 -8.01 13.87
C VAL L 40 -34.09 -6.58 13.39
N VAL L 41 -33.55 -5.63 14.15
CA VAL L 41 -33.62 -4.23 13.76
C VAL L 41 -32.88 -3.99 12.45
N ALA L 42 -31.68 -4.57 12.32
CA ALA L 42 -30.94 -4.44 11.07
C ALA L 42 -31.70 -5.07 9.91
N ALA L 43 -32.29 -6.25 10.14
CA ALA L 43 -33.02 -6.93 9.08
C ALA L 43 -34.21 -6.11 8.61
N LEU L 44 -34.99 -5.58 9.53
CA LEU L 44 -36.11 -4.72 9.15
C LEU L 44 -35.65 -3.43 8.48
N ILE L 45 -34.54 -2.85 8.95
CA ILE L 45 -34.05 -1.60 8.36
C ILE L 45 -33.64 -1.83 6.91
N MET L 46 -32.92 -2.91 6.63
CA MET L 46 -32.47 -3.16 5.26
C MET L 46 -33.44 -3.99 4.44
N ILE L 47 -34.58 -4.38 5.01
CA ILE L 47 -35.67 -4.95 4.24
C ILE L 47 -36.73 -3.90 3.89
N SER L 48 -36.79 -2.80 4.64
CA SER L 48 -37.66 -1.67 4.30
C SER L 48 -36.92 -0.58 3.53
N LYS L 49 -35.63 -0.76 3.26
CA LYS L 49 -34.85 0.24 2.55
C LYS L 49 -34.96 0.12 1.04
N GLU L 50 -35.06 -1.10 0.52
CA GLU L 50 -35.26 -1.27 -0.92
C GLU L 50 -36.70 -1.03 -1.35
N GLN L 51 -37.64 -1.00 -0.41
CA GLN L 51 -39.05 -0.78 -0.71
C GLN L 51 -39.48 0.66 -0.46
N SER L 52 -39.16 1.22 0.71
CA SER L 52 -39.53 2.60 1.02
C SER L 52 -38.56 3.59 0.36
N ASN M 6 -17.42 19.20 7.77
CA ASN M 6 -18.42 20.26 7.58
C ASN M 6 -19.19 20.52 8.88
N GLY M 7 -20.51 20.56 8.77
CA GLY M 7 -21.35 20.77 9.93
C GLY M 7 -22.17 19.54 10.29
N LYS M 8 -22.21 18.56 9.38
CA LYS M 8 -22.94 17.34 9.67
C LYS M 8 -22.19 16.48 10.69
N LEU M 9 -20.87 16.64 10.75
CA LEU M 9 -20.10 15.93 11.76
C LEU M 9 -20.40 16.44 13.16
N ILE M 10 -20.41 17.77 13.34
CA ILE M 10 -20.76 18.35 14.62
C ILE M 10 -22.23 18.20 14.94
N ALA M 11 -23.05 17.86 13.94
CA ALA M 11 -24.44 17.46 14.15
C ALA M 11 -24.55 15.96 14.38
N LEU M 12 -23.45 15.22 14.27
CA LEU M 12 -23.41 13.79 14.57
C LEU M 12 -22.55 13.47 15.78
N ALA M 13 -21.46 14.20 15.99
CA ALA M 13 -20.73 14.07 17.25
C ALA M 13 -21.61 14.45 18.43
N VAL M 14 -22.36 15.56 18.29
CA VAL M 14 -23.42 15.86 19.25
C VAL M 14 -24.57 14.89 19.08
N GLY M 15 -24.91 14.55 17.83
CA GLY M 15 -26.01 13.64 17.59
C GLY M 15 -25.74 12.24 18.16
N GLY M 16 -24.51 11.76 18.01
CA GLY M 16 -24.15 10.48 18.62
C GLY M 16 -24.15 10.56 20.14
N ALA M 17 -23.65 11.67 20.69
CA ALA M 17 -23.60 11.83 22.13
C ALA M 17 -25.00 11.93 22.73
N VAL M 18 -25.89 12.69 22.10
CA VAL M 18 -27.25 12.81 22.63
C VAL M 18 -27.99 11.48 22.47
N LEU M 19 -27.62 10.67 21.48
CA LEU M 19 -28.16 9.32 21.37
C LEU M 19 -27.77 8.49 22.59
N MET M 20 -26.49 8.58 22.98
CA MET M 20 -26.04 7.91 24.21
C MET M 20 -26.76 8.45 25.43
N GLY M 21 -27.02 9.76 25.46
CA GLY M 21 -27.76 10.34 26.57
C GLY M 21 -29.17 9.79 26.67
N ALA M 22 -29.83 9.62 25.52
CA ALA M 22 -31.16 9.03 25.51
C ALA M 22 -31.15 7.51 25.54
N LEU M 23 -29.98 6.88 25.42
CA LEU M 23 -29.87 5.43 25.46
C LEU M 23 -29.42 4.90 26.81
N PHE M 24 -28.43 5.53 27.43
CA PHE M 24 -28.07 5.17 28.81
C PHE M 24 -29.20 5.50 29.77
N PHE M 25 -29.86 6.64 29.56
CA PHE M 25 -30.98 7.02 30.42
C PHE M 25 -32.18 6.12 30.20
N SER M 26 -32.36 5.58 28.99
CA SER M 26 -33.50 4.71 28.72
C SER M 26 -33.30 3.31 29.28
N VAL M 27 -32.05 2.81 29.31
CA VAL M 27 -31.83 1.46 29.81
C VAL M 27 -31.75 1.42 31.33
N SER M 28 -31.53 2.56 31.98
CA SER M 28 -31.57 2.58 33.44
C SER M 28 -32.95 2.25 33.97
N PHE M 29 -34.00 2.59 33.23
CA PHE M 29 -35.36 2.30 33.64
C PHE M 29 -35.78 0.87 33.31
N LEU M 30 -34.93 0.10 32.64
CA LEU M 30 -35.18 -1.30 32.33
C LEU M 30 -34.31 -2.25 33.15
N THR M 31 -33.03 -1.94 33.30
CA THR M 31 -32.14 -2.73 34.15
C THR M 31 -32.45 -2.36 35.60
N GLY M 32 -33.49 -3.00 36.14
CA GLY M 32 -34.02 -2.65 37.45
C GLY M 32 -33.00 -2.63 38.56
N TYR M 33 -32.69 -1.44 39.06
CA TYR M 33 -31.69 -1.25 40.10
C TYR M 33 -32.29 -0.41 41.21
N ILE M 34 -31.71 -0.54 42.40
CA ILE M 34 -32.04 0.31 43.54
C ILE M 34 -30.98 1.41 43.61
N PRO M 35 -31.34 2.68 43.44
CA PRO M 35 -30.32 3.74 43.43
C PRO M 35 -29.75 4.03 44.80
N ALA M 36 -28.94 5.09 44.90
CA ALA M 36 -28.32 5.45 46.16
C ALA M 36 -29.40 5.81 47.18
N PRO M 37 -29.08 5.68 48.49
CA PRO M 37 -30.08 5.92 49.54
C PRO M 37 -30.90 7.20 49.36
N ASN M 38 -30.23 8.32 49.09
CA ASN M 38 -30.89 9.60 48.85
C ASN M 38 -30.51 10.07 47.45
N HIS M 39 -31.26 9.60 46.45
CA HIS M 39 -30.99 9.94 45.06
C HIS M 39 -32.27 9.77 44.25
N SER M 40 -32.27 10.36 43.07
CA SER M 40 -33.38 10.24 42.13
C SER M 40 -32.93 9.45 40.91
N ALA M 41 -33.82 8.59 40.42
CA ALA M 41 -33.50 7.74 39.26
C ALA M 41 -33.45 8.52 37.97
N ILE M 42 -33.95 9.76 37.94
CA ILE M 42 -33.90 10.56 36.72
C ILE M 42 -32.48 11.03 36.44
N LEU M 43 -31.75 11.44 37.49
CA LEU M 43 -30.46 12.08 37.31
C LEU M 43 -29.27 11.16 37.56
N THR M 44 -29.46 10.06 38.28
CA THR M 44 -28.33 9.19 38.61
C THR M 44 -27.74 8.45 37.40
N PRO M 45 -28.51 8.12 36.33
CA PRO M 45 -27.83 7.57 35.14
C PRO M 45 -27.25 8.68 34.27
N LEU M 46 -27.88 9.85 34.32
CA LEU M 46 -27.39 10.99 33.53
C LEU M 46 -26.02 11.44 34.01
N ARG M 47 -25.79 11.43 35.32
CA ARG M 47 -24.47 11.81 35.84
C ARG M 47 -23.39 10.85 35.36
N SER M 48 -23.68 9.54 35.40
CA SER M 48 -22.72 8.57 34.90
C SER M 48 -22.48 8.71 33.41
N PHE M 49 -23.54 8.96 32.64
CA PHE M 49 -23.38 9.21 31.21
C PHE M 49 -22.53 10.44 30.95
N MET M 50 -22.76 11.52 31.71
CA MET M 50 -21.98 12.74 31.53
C MET M 50 -20.51 12.48 31.84
N GLY M 51 -20.23 11.73 32.91
CA GLY M 51 -18.84 11.40 33.20
C GLY M 51 -18.20 10.56 32.10
N TRP M 52 -18.95 9.58 31.58
CA TRP M 52 -18.44 8.71 30.52
C TRP M 52 -18.16 9.51 29.25
N PHE M 53 -19.11 10.36 28.85
CA PHE M 53 -18.95 11.18 27.66
C PHE M 53 -17.82 12.19 27.85
N LEU M 54 -17.68 12.75 29.05
CA LEU M 54 -16.58 13.66 29.32
C LEU M 54 -15.25 12.94 29.22
N LEU M 55 -15.17 11.70 29.70
CA LEU M 55 -13.95 10.92 29.55
C LEU M 55 -13.57 10.76 28.08
N ILE M 56 -14.52 10.29 27.27
CA ILE M 56 -14.23 10.08 25.85
C ILE M 56 -13.89 11.40 25.15
N PHE M 57 -14.67 12.44 25.42
CA PHE M 57 -14.46 13.72 24.75
C PHE M 57 -13.14 14.34 25.16
N CYS M 58 -12.77 14.24 26.44
CA CYS M 58 -11.49 14.76 26.90
C CYS M 58 -10.33 14.00 26.25
N ALA M 59 -10.44 12.68 26.16
CA ALA M 59 -9.39 11.91 25.49
C ALA M 59 -9.27 12.33 24.03
N SER M 60 -10.41 12.48 23.34
CA SER M 60 -10.38 12.85 21.93
C SER M 60 -9.80 14.24 21.73
N ILE M 61 -10.18 15.20 22.58
CA ILE M 61 -9.68 16.56 22.40
C ILE M 61 -8.21 16.65 22.78
N ILE M 62 -7.76 15.85 23.75
CA ILE M 62 -6.33 15.80 24.06
C ILE M 62 -5.56 15.26 22.86
N ILE M 63 -6.08 14.19 22.24
CA ILE M 63 -5.40 13.62 21.08
C ILE M 63 -5.35 14.64 19.94
N MET M 64 -6.49 15.28 19.65
CA MET M 64 -6.54 16.25 18.56
C MET M 64 -5.64 17.44 18.85
N GLY M 65 -5.66 17.96 20.08
CA GLY M 65 -4.85 19.10 20.42
C GLY M 65 -3.36 18.81 20.37
N LEU M 66 -2.94 17.66 20.90
CA LEU M 66 -1.52 17.32 20.88
C LEU M 66 -1.05 16.84 19.52
N GLY M 67 -1.97 16.48 18.62
CA GLY M 67 -1.59 16.28 17.24
C GLY M 67 -1.52 17.57 16.46
N LYS M 68 -2.36 18.54 16.80
CA LYS M 68 -2.35 19.83 16.10
C LYS M 68 -1.16 20.68 16.53
N MET M 69 -0.86 20.71 17.84
CA MET M 69 0.33 21.43 18.28
C MET M 69 1.52 20.50 18.22
N SER M 70 1.62 19.80 17.09
CA SER M 70 2.82 19.12 16.63
C SER M 70 3.07 19.37 15.16
N SER M 71 2.03 19.69 14.40
CA SER M 71 2.16 20.23 13.06
C SER M 71 2.26 21.75 13.06
N ALA M 72 1.64 22.41 14.04
CA ALA M 72 1.69 23.86 14.15
C ALA M 72 2.88 24.35 14.97
N ILE M 73 3.49 23.48 15.77
CA ILE M 73 4.64 23.90 16.57
C ILE M 73 5.83 24.13 15.65
N SER M 74 6.62 25.15 15.95
CA SER M 74 7.75 25.54 15.11
C SER M 74 8.74 26.31 15.96
N ASP M 75 9.76 26.88 15.31
CA ASP M 75 10.72 27.73 16.00
C ASP M 75 10.09 29.03 16.48
N LYS M 76 8.93 29.40 15.94
CA LYS M 76 8.25 30.61 16.38
C LYS M 76 7.56 30.45 17.73
N TRP M 77 7.53 29.23 18.28
CA TRP M 77 6.97 28.97 19.59
C TRP M 77 8.03 29.05 20.69
N PHE M 78 9.06 29.87 20.49
CA PHE M 78 10.07 30.06 21.52
C PHE M 78 9.44 30.56 22.81
N LEU M 79 8.62 31.60 22.72
CA LEU M 79 7.80 32.04 23.83
C LEU M 79 6.38 31.49 23.66
N SER M 80 5.63 31.52 24.76
CA SER M 80 4.24 31.08 24.84
C SER M 80 4.09 29.58 24.66
N PHE M 81 5.18 28.87 24.37
CA PHE M 81 5.18 27.43 24.59
C PHE M 81 5.56 27.14 26.05
N PRO M 82 6.65 27.72 26.58
CA PRO M 82 6.89 27.58 28.01
C PRO M 82 5.98 28.45 28.85
N LEU M 83 5.50 29.56 28.30
CA LEU M 83 4.60 30.44 29.06
C LEU M 83 3.22 29.82 29.17
N SER M 84 2.75 29.14 28.13
CA SER M 84 1.47 28.42 28.24
C SER M 84 1.58 27.28 29.25
N ILE M 85 2.69 26.54 29.23
CA ILE M 85 2.90 25.49 30.22
C ILE M 85 2.93 26.08 31.62
N PHE M 86 3.61 27.23 31.78
CA PHE M 86 3.70 27.86 33.08
C PHE M 86 2.35 28.35 33.57
N VAL M 87 1.53 28.93 32.69
CA VAL M 87 0.22 29.41 33.13
C VAL M 87 -0.71 28.23 33.42
N ILE M 88 -0.54 27.11 32.71
CA ILE M 88 -1.29 25.90 33.06
C ILE M 88 -0.88 25.42 34.44
N VAL M 89 0.42 25.44 34.73
CA VAL M 89 0.90 25.07 36.06
C VAL M 89 0.31 26.00 37.12
N MET M 90 0.29 27.31 36.83
CA MET M 90 -0.25 28.27 37.77
C MET M 90 -1.73 28.02 38.04
N VAL M 91 -2.52 27.79 36.98
CA VAL M 91 -3.94 27.61 37.19
C VAL M 91 -4.21 26.32 37.94
N MET M 92 -3.42 25.26 37.68
CA MET M 92 -3.56 24.04 38.47
C MET M 92 -3.24 24.29 39.94
N PHE M 93 -2.13 24.98 40.21
CA PHE M 93 -1.73 25.22 41.59
C PHE M 93 -2.74 26.09 42.32
N LEU M 94 -3.29 27.10 41.65
CA LEU M 94 -4.27 27.96 42.30
C LEU M 94 -5.62 27.28 42.43
N SER M 95 -5.99 26.38 41.51
CA SER M 95 -7.19 25.58 41.71
C SER M 95 -7.01 24.60 42.86
N LEU M 96 -5.76 24.24 43.17
CA LEU M 96 -5.48 23.46 44.36
C LEU M 96 -5.78 24.22 45.66
N ARG M 97 -6.17 25.49 45.58
CA ARG M 97 -6.41 26.29 46.78
C ARG M 97 -7.76 26.99 46.73
N VAL M 98 -8.25 27.31 45.53
CA VAL M 98 -9.50 28.06 45.40
C VAL M 98 -10.67 27.14 45.09
N TYR M 99 -10.40 26.02 44.41
CA TYR M 99 -11.47 25.09 44.04
C TYR M 99 -11.31 23.73 44.72
N TRP M 100 -10.17 23.07 44.56
CA TRP M 100 -9.94 21.78 45.19
C TRP M 100 -9.24 21.99 46.53
N GLU M 101 -9.83 21.44 47.59
CA GLU M 101 -9.27 21.57 48.94
C GLU M 101 -9.07 23.05 49.29
N LYS M 102 -10.21 23.74 49.39
CA LYS M 102 -10.20 25.20 49.47
C LYS M 102 -9.32 25.71 50.61
N GLY M 103 -9.22 24.95 51.70
CA GLY M 103 -8.38 25.31 52.81
C GLY M 103 -7.45 24.17 53.22
N ARG M 104 -6.40 24.56 53.95
CA ARG M 104 -5.49 23.60 54.58
C ARG M 104 -6.22 22.98 55.76
N THR M 105 -6.16 21.66 55.86
CA THR M 105 -7.03 20.93 56.77
C THR M 105 -6.84 21.38 58.22
N THR M 106 -7.96 21.66 58.88
CA THR M 106 -8.01 21.97 60.30
C THR M 106 -9.04 21.04 60.94
N THR M 107 -9.16 21.14 62.27
CA THR M 107 -10.19 20.40 62.97
C THR M 107 -11.53 21.09 62.79
N VAL M 108 -12.59 20.49 63.34
CA VAL M 108 -13.91 21.09 63.22
C VAL M 108 -13.98 22.39 64.01
N ASP M 109 -13.23 22.49 65.11
CA ASP M 109 -13.19 23.74 65.87
C ASP M 109 -12.35 24.80 65.17
N GLY M 110 -11.43 24.39 64.32
CA GLY M 110 -10.55 25.32 63.61
C GLY M 110 -9.10 25.26 64.02
N LYS M 111 -8.72 24.38 64.94
CA LYS M 111 -7.34 24.29 65.40
C LYS M 111 -6.47 23.59 64.35
N TYR M 112 -5.21 24.02 64.29
CA TYR M 112 -4.21 23.43 63.42
C TYR M 112 -3.38 22.43 64.21
N ILE M 113 -3.20 21.24 63.64
CA ILE M 113 -2.26 20.26 64.17
C ILE M 113 -1.23 20.00 63.08
N ARG M 114 0.04 20.30 63.37
CA ARG M 114 1.10 20.22 62.39
C ARG M 114 2.25 19.31 62.79
N THR M 115 2.38 18.99 64.07
CA THR M 115 3.45 18.13 64.57
C THR M 115 2.86 16.78 64.98
N THR M 116 3.74 15.92 65.50
CA THR M 116 3.30 14.61 65.97
C THR M 116 2.77 14.73 67.39
N ALA M 117 1.76 15.58 67.57
CA ALA M 117 1.04 15.69 68.84
C ALA M 117 -0.20 14.82 68.89
N GLU M 118 -0.46 14.06 67.83
CA GLU M 118 -1.65 13.21 67.74
C GLU M 118 -1.30 11.76 68.07
N ASN N 6 38.22 -29.68 21.83
CA ASN N 6 39.52 -30.02 22.37
C ASN N 6 39.47 -30.15 23.90
N GLY N 7 40.46 -30.86 24.46
CA GLY N 7 40.54 -31.02 25.89
C GLY N 7 41.08 -29.82 26.64
N LYS N 8 41.59 -28.82 25.92
CA LYS N 8 42.07 -27.60 26.58
C LYS N 8 40.94 -26.72 27.04
N LEU N 9 39.78 -26.77 26.36
CA LEU N 9 38.65 -25.95 26.77
C LEU N 9 38.04 -26.46 28.07
N ILE N 10 37.84 -27.77 28.19
CA ILE N 10 37.33 -28.33 29.44
C ILE N 10 38.35 -28.15 30.56
N ALA N 11 39.64 -28.24 30.24
CA ALA N 11 40.67 -27.97 31.22
C ALA N 11 40.66 -26.53 31.70
N LEU N 12 40.00 -25.63 30.97
CA LEU N 12 39.83 -24.24 31.40
C LEU N 12 38.45 -23.98 31.99
N ALA N 13 37.40 -24.59 31.43
CA ALA N 13 36.07 -24.45 32.03
C ALA N 13 36.05 -25.06 33.43
N VAL N 14 36.55 -26.29 33.57
CA VAL N 14 36.73 -26.86 34.90
C VAL N 14 37.78 -26.08 35.67
N GLY N 15 38.87 -25.70 35.01
CA GLY N 15 39.89 -24.90 35.67
C GLY N 15 39.37 -23.55 36.11
N GLY N 16 38.60 -22.88 35.26
CA GLY N 16 38.02 -21.61 35.65
C GLY N 16 37.03 -21.75 36.79
N ALA N 17 36.20 -22.80 36.74
CA ALA N 17 35.23 -23.03 37.81
C ALA N 17 35.92 -23.28 39.13
N VAL N 18 36.97 -24.11 39.14
CA VAL N 18 37.67 -24.40 40.39
C VAL N 18 38.45 -23.18 40.87
N LEU N 19 39.01 -22.39 39.95
CA LEU N 19 39.70 -21.17 40.35
C LEU N 19 38.74 -20.19 41.01
N MET N 20 37.56 -20.01 40.43
CA MET N 20 36.61 -19.06 41.01
C MET N 20 36.00 -19.60 42.29
N GLY N 21 35.88 -20.92 42.41
CA GLY N 21 35.47 -21.50 43.68
C GLY N 21 36.49 -21.29 44.78
N ALA N 22 37.77 -21.46 44.46
CA ALA N 22 38.82 -21.14 45.42
C ALA N 22 38.80 -19.65 45.76
N LEU N 23 38.48 -18.80 44.78
CA LEU N 23 38.37 -17.37 45.06
C LEU N 23 37.21 -17.08 46.00
N PHE N 24 36.08 -17.76 45.81
CA PHE N 24 34.97 -17.64 46.75
C PHE N 24 35.37 -18.11 48.15
N PHE N 25 36.09 -19.23 48.23
CA PHE N 25 36.55 -19.74 49.51
C PHE N 25 37.49 -18.75 50.20
N SER N 26 38.31 -18.06 49.40
CA SER N 26 39.23 -17.07 49.96
C SER N 26 38.49 -15.84 50.45
N VAL N 27 37.53 -15.34 49.67
CA VAL N 27 36.80 -14.14 50.08
C VAL N 27 35.82 -14.42 51.20
N SER N 28 35.45 -15.69 51.42
CA SER N 28 34.60 -16.01 52.55
C SER N 28 35.34 -15.81 53.88
N PHE N 29 36.65 -16.04 53.89
CA PHE N 29 37.45 -15.83 55.09
C PHE N 29 37.76 -14.36 55.35
N LEU N 30 37.62 -13.52 54.33
CA LEU N 30 37.93 -12.10 54.48
C LEU N 30 36.77 -11.29 55.03
N THR N 31 35.54 -11.74 54.81
CA THR N 31 34.36 -11.08 55.34
C THR N 31 34.01 -11.69 56.69
N GLY N 32 34.03 -10.87 57.73
CA GLY N 32 33.67 -11.36 59.05
C GLY N 32 32.18 -11.60 59.17
N TYR N 33 31.78 -12.87 59.20
CA TYR N 33 30.38 -13.24 59.27
C TYR N 33 30.20 -14.33 60.32
N ILE N 34 29.02 -14.36 60.92
CA ILE N 34 28.66 -15.36 61.91
C ILE N 34 27.83 -16.44 61.21
N PRO N 35 28.35 -17.66 61.04
CA PRO N 35 27.58 -18.70 60.34
C PRO N 35 26.38 -19.17 61.14
N ALA N 36 25.62 -20.11 60.58
CA ALA N 36 24.45 -20.65 61.26
C ALA N 36 24.87 -21.42 62.51
N PRO N 37 23.94 -21.58 63.48
CA PRO N 37 24.29 -22.20 64.77
C PRO N 37 25.21 -23.41 64.72
N ASN N 38 24.84 -24.43 63.93
CA ASN N 38 25.63 -25.67 63.83
C ASN N 38 26.09 -25.82 62.38
N HIS N 39 27.19 -25.15 62.05
CA HIS N 39 27.76 -25.20 60.71
C HIS N 39 29.25 -24.94 60.78
N SER N 40 29.96 -25.34 59.73
CA SER N 40 31.39 -25.13 59.62
C SER N 40 31.66 -23.99 58.66
N ALA N 41 32.56 -23.09 59.05
CA ALA N 41 32.89 -21.93 58.22
C ALA N 41 33.54 -22.33 56.90
N ILE N 42 34.03 -23.55 56.79
CA ILE N 42 34.66 -24.00 55.55
C ILE N 42 33.61 -24.46 54.55
N LEU N 43 32.63 -25.26 54.99
CA LEU N 43 31.67 -25.85 54.07
C LEU N 43 30.58 -24.88 53.65
N THR N 44 30.17 -23.97 54.53
CA THR N 44 29.01 -23.14 54.24
C THR N 44 29.19 -22.16 53.08
N PRO N 45 30.42 -21.70 52.71
CA PRO N 45 30.56 -20.98 51.44
C PRO N 45 30.76 -21.92 50.27
N LEU N 46 31.28 -23.12 50.55
CA LEU N 46 31.44 -24.11 49.50
C LEU N 46 30.10 -24.58 48.97
N ARG N 47 29.12 -24.75 49.86
CA ARG N 47 27.78 -25.10 49.39
C ARG N 47 27.16 -23.98 48.56
N SER N 48 27.40 -22.74 48.96
CA SER N 48 26.91 -21.60 48.19
C SER N 48 27.53 -21.58 46.79
N PHE N 49 28.84 -21.84 46.70
CA PHE N 49 29.48 -21.85 45.39
C PHE N 49 29.03 -23.05 44.57
N MET N 50 28.81 -24.21 45.21
CA MET N 50 28.20 -25.34 44.51
C MET N 50 26.87 -24.94 43.90
N GLY N 51 26.01 -24.27 44.67
CA GLY N 51 24.73 -23.86 44.14
C GLY N 51 24.85 -22.87 43.00
N TRP N 52 25.73 -21.88 43.17
CA TRP N 52 25.92 -20.85 42.14
C TRP N 52 26.45 -21.45 40.84
N PHE N 53 27.50 -22.27 40.95
CA PHE N 53 28.10 -22.89 39.77
C PHE N 53 27.15 -23.90 39.13
N LEU N 54 26.40 -24.65 39.93
CA LEU N 54 25.44 -25.58 39.37
C LEU N 54 24.32 -24.84 38.67
N LEU N 55 23.91 -23.69 39.19
CA LEU N 55 22.90 -22.87 38.51
C LEU N 55 23.40 -22.41 37.15
N ILE N 56 24.61 -21.83 37.11
CA ILE N 56 25.12 -21.34 35.82
C ILE N 56 25.39 -22.49 34.87
N PHE N 57 25.82 -23.64 35.40
CA PHE N 57 26.12 -24.79 34.55
C PHE N 57 24.85 -25.42 34.00
N CYS N 58 23.79 -25.49 34.81
CA CYS N 58 22.50 -25.95 34.31
C CYS N 58 21.96 -25.02 33.24
N ALA N 59 22.10 -23.70 33.45
CA ALA N 59 21.68 -22.76 32.41
C ALA N 59 22.46 -22.98 31.12
N SER N 60 23.77 -23.19 31.25
CA SER N 60 24.60 -23.42 30.07
C SER N 60 24.18 -24.68 29.33
N ILE N 61 24.05 -25.79 30.06
CA ILE N 61 23.74 -27.07 29.40
C ILE N 61 22.32 -27.05 28.82
N ILE N 62 21.40 -26.30 29.43
CA ILE N 62 20.08 -26.13 28.83
C ILE N 62 20.20 -25.34 27.53
N ILE N 63 20.99 -24.26 27.55
CA ILE N 63 21.26 -23.52 26.31
C ILE N 63 22.09 -24.38 25.36
N MET N 64 23.09 -25.09 25.89
CA MET N 64 23.95 -25.92 25.07
C MET N 64 23.19 -27.12 24.51
N GLY N 65 22.28 -27.69 25.29
CA GLY N 65 21.58 -28.90 24.88
C GLY N 65 20.35 -28.64 24.04
N LEU N 66 19.43 -27.81 24.54
CA LEU N 66 18.19 -27.53 23.83
C LEU N 66 18.45 -26.82 22.50
N GLY N 67 19.55 -26.06 22.40
CA GLY N 67 19.90 -25.48 21.12
C GLY N 67 20.43 -26.50 20.13
N LYS N 68 21.16 -27.50 20.62
CA LYS N 68 21.63 -28.60 19.78
C LYS N 68 20.53 -29.61 19.46
N MET N 69 19.44 -29.61 20.22
CA MET N 69 18.31 -30.49 19.92
C MET N 69 17.67 -30.11 18.59
N SER N 70 17.53 -28.81 18.32
CA SER N 70 16.92 -28.37 17.06
C SER N 70 17.78 -28.74 15.87
N SER N 71 19.10 -28.84 16.05
CA SER N 71 20.00 -29.23 14.98
C SER N 71 19.95 -30.73 14.70
N ALA N 72 19.25 -31.51 15.52
CA ALA N 72 19.13 -32.94 15.31
C ALA N 72 17.69 -33.44 15.26
N ILE N 73 16.70 -32.62 15.63
CA ILE N 73 15.32 -33.03 15.52
C ILE N 73 14.90 -33.07 14.05
N SER N 74 14.23 -34.14 13.66
CA SER N 74 13.83 -34.33 12.27
C SER N 74 12.66 -35.31 12.22
N ASP N 75 12.33 -35.77 11.02
CA ASP N 75 11.25 -36.74 10.86
C ASP N 75 11.57 -38.07 11.52
N LYS N 76 12.86 -38.43 11.60
CA LYS N 76 13.26 -39.66 12.26
C LYS N 76 12.98 -39.65 13.76
N TRP N 77 12.67 -38.49 14.33
CA TRP N 77 12.28 -38.37 15.73
C TRP N 77 10.78 -38.50 15.93
N PHE N 78 10.09 -39.19 15.02
CA PHE N 78 8.66 -39.46 15.24
C PHE N 78 8.47 -40.29 16.50
N LEU N 79 9.28 -41.32 16.68
CA LEU N 79 9.29 -42.10 17.91
C LEU N 79 10.45 -41.66 18.80
N SER N 80 10.27 -41.91 20.10
CA SER N 80 11.29 -41.67 21.13
C SER N 80 11.56 -40.19 21.36
N PHE N 81 10.99 -39.30 20.54
CA PHE N 81 10.94 -37.90 20.96
C PHE N 81 9.77 -37.68 21.91
N PRO N 82 8.53 -38.02 21.54
CA PRO N 82 7.45 -37.89 22.53
C PRO N 82 7.59 -38.88 23.66
N LEU N 83 8.16 -40.05 23.41
CA LEU N 83 8.35 -41.03 24.47
C LEU N 83 9.42 -40.57 25.45
N SER N 84 10.42 -39.81 24.99
CA SER N 84 11.38 -39.21 25.91
C SER N 84 10.72 -38.19 26.83
N ILE N 85 9.82 -37.37 26.28
CA ILE N 85 9.12 -36.37 27.07
C ILE N 85 8.19 -37.06 28.08
N PHE N 86 7.55 -38.15 27.65
CA PHE N 86 6.70 -38.94 28.56
C PHE N 86 7.52 -39.62 29.66
N VAL N 87 8.69 -40.18 29.31
CA VAL N 87 9.49 -40.84 30.34
C VAL N 87 10.07 -39.81 31.29
N ILE N 88 10.32 -38.59 30.81
CA ILE N 88 10.67 -37.50 31.71
C ILE N 88 9.53 -37.23 32.68
N VAL N 89 8.29 -37.21 32.18
CA VAL N 89 7.13 -37.07 33.06
C VAL N 89 7.13 -38.16 34.12
N MET N 90 7.33 -39.42 33.71
CA MET N 90 7.16 -40.49 34.68
C MET N 90 8.31 -40.52 35.69
N VAL N 91 9.54 -40.23 35.27
CA VAL N 91 10.63 -40.15 36.24
C VAL N 91 10.42 -39.01 37.20
N MET N 92 9.90 -37.86 36.71
CA MET N 92 9.63 -36.75 37.63
C MET N 92 8.52 -37.10 38.62
N PHE N 93 7.45 -37.73 38.13
CA PHE N 93 6.33 -38.08 39.00
C PHE N 93 6.76 -39.10 40.05
N LEU N 94 7.58 -40.07 39.66
CA LEU N 94 8.09 -41.04 40.64
C LEU N 94 9.10 -40.41 41.59
N SER N 95 9.86 -39.40 41.13
CA SER N 95 10.80 -38.73 42.01
C SER N 95 10.06 -37.91 43.06
N LEU N 96 8.91 -37.33 42.70
CA LEU N 96 8.07 -36.69 43.70
C LEU N 96 7.42 -37.67 44.66
N ARG N 97 7.79 -38.94 44.62
CA ARG N 97 7.32 -39.93 45.59
C ARG N 97 8.47 -40.64 46.29
N VAL N 98 9.58 -40.88 45.59
CA VAL N 98 10.70 -41.61 46.17
C VAL N 98 11.87 -40.70 46.54
N TYR N 99 11.86 -39.44 46.09
CA TYR N 99 12.88 -38.48 46.50
C TYR N 99 12.28 -37.30 47.24
N TRP N 100 11.27 -36.63 46.67
CA TRP N 100 10.66 -35.46 47.27
C TRP N 100 9.34 -35.85 47.91
N GLU N 101 9.18 -35.52 49.19
CA GLU N 101 7.97 -35.86 49.95
C GLU N 101 7.71 -37.36 49.87
N LYS N 102 8.64 -38.11 50.47
CA LYS N 102 8.65 -39.57 50.39
C LYS N 102 7.27 -40.17 50.58
N GLY N 103 6.65 -39.89 51.72
CA GLY N 103 5.36 -40.46 52.04
C GLY N 103 4.23 -39.47 51.87
N ARG N 104 3.15 -39.71 52.58
CA ARG N 104 2.01 -38.80 52.65
C ARG N 104 1.99 -38.16 54.03
N THR N 105 1.59 -36.89 54.08
CA THR N 105 1.66 -36.15 55.33
C THR N 105 0.76 -36.75 56.39
N THR N 106 1.37 -37.33 57.43
CA THR N 106 0.66 -37.87 58.57
C THR N 106 1.29 -37.30 59.84
N THR N 107 0.49 -37.22 60.89
CA THR N 107 0.98 -36.70 62.16
C THR N 107 2.00 -37.68 62.75
N VAL N 108 2.60 -37.25 63.88
CA VAL N 108 3.52 -38.13 64.59
C VAL N 108 2.80 -39.37 65.10
N ASP N 109 1.49 -39.27 65.34
CA ASP N 109 0.70 -40.44 65.70
C ASP N 109 0.41 -41.33 64.48
N GLY N 110 0.21 -40.73 63.32
CA GLY N 110 0.00 -41.49 62.10
C GLY N 110 -1.42 -41.42 61.57
N LYS N 111 -2.15 -40.38 61.92
CA LYS N 111 -3.53 -40.21 61.50
C LYS N 111 -3.60 -39.32 60.25
N TYR N 112 -4.30 -39.79 59.23
CA TYR N 112 -4.48 -39.03 58.00
C TYR N 112 -5.60 -38.01 58.20
N ILE N 113 -5.23 -36.73 58.24
CA ILE N 113 -6.23 -35.66 58.29
C ILE N 113 -6.55 -35.32 56.84
N ARG N 114 -7.45 -36.10 56.25
CA ARG N 114 -7.81 -35.94 54.85
C ARG N 114 -9.14 -35.24 54.64
N THR N 115 -9.80 -34.82 55.71
CA THR N 115 -11.08 -34.10 55.62
C THR N 115 -11.08 -32.98 56.66
N THR N 116 -12.18 -32.26 56.74
CA THR N 116 -12.31 -31.13 57.65
C THR N 116 -12.53 -31.61 59.08
N ALA N 117 -11.56 -32.37 59.58
CA ALA N 117 -11.55 -32.87 60.94
C ALA N 117 -10.47 -32.21 61.79
N GLU N 118 -9.95 -31.07 61.36
CA GLU N 118 -8.88 -30.39 62.08
C GLU N 118 -9.39 -29.11 62.73
#